data_7KGF
#
_entry.id   7KGF
#
_cell.length_a   1.00
_cell.length_b   1.00
_cell.length_c   1.00
_cell.angle_alpha   90.00
_cell.angle_beta   90.00
_cell.angle_gamma   90.00
#
_symmetry.space_group_name_H-M   'P 1'
#
_entity_poly.entity_id   1
_entity_poly.type   'polypeptide(L)'
_entity_poly.pdbx_seq_one_letter_code
;MSQFFIRRPVFAWVIAIFIIIFGLLSIPKLPIARFPSVAPPQVNISATYPGATAKTINDSVVTLIERELSGVKNLLYYSA
TTDTSGTAEITATFKPGTDVEMAQVDVQNKIKAVEARLPQVVRQQGLQVEASSSGFLMLVGINSPNNQYSEVDLSDYLVR
NVVEELKRVEGVGKVQSFGAEKAMRIWVDPNKLVSYGLSISDVNNAIRENNVEIAPGRLGDLPAEKGQLITIPLSAQGQL
SSLEQFKNISLKSKTNGSVIKLSDVANVEIGSQAYNFAILENGKPATAAAIQLSPGANAVKTAEGVRAKIEELKLNLPEG
MEFSIPYDTAPFVKISIEKVIHTLLEAMVLVFIVMYLFLHNVRYTLIPAIVAPIALLGTFTVMLLAGFSINVLTMFGMVL
AIGIIVDDAIVVVENVERIMATEGLSPKDATSKAMKEITSPIIGITLVLAAVFLPMAFASGSVGVIYKQFTLTMSVSILF
SALLALILTPALCATILKPIDGHHQKKGFFAWFDRSFDKVTKKYELMLLKIIKHTVPMMVIFLVITGITFAGMKYWPTAF
MPEEDQGWFMTSFQLPSDATAERTRNVVNQFENNLKDNPDVKSNTAILGWGFSGAGQNVAVAFTTLKDFKERTSSASKMT
SDVNSSMANSTEGETMAVLPPAIDELGTFSGFSLRLQDRANLGMPALLAAQDELMAMAAKNKKFYMVWNEGLPQGDNISL
KIDREKLSALGVKFSDVSDIISTSMGSMYINDFPNQGRMQQVIVQVEAKSRMQLKDILNLKVMGSSGQLVSLSEVVTPQW
NKAPQQYNRYNGRPSLSIAGIPNFDTSSGEAMREMEQLIAKLPKGIGYEWTGISLQEKQSESQMAFLLGLSMLVVFLVLA
ALYESWAIPLSVMLVVPLGIFGAIIAIMSRGLMNDVFFKIGLITIIGLSAKNAILIVEFAKMLKEEGMSLIEATVAAAKL
RLRPILMTSLAFTCGVIPLVIATGASSETQHALGTGVFGGMISATILAIFFVPVFFIFILGAVEKLFSSKKKISS
;
_entity_poly.pdbx_strand_id   A,B,C
#
# COMPACT_ATOMS: atom_id res chain seq x y z
N MET A 1 -35.70 35.71 8.57
CA MET A 1 -36.53 36.14 9.74
C MET A 1 -35.87 35.71 11.05
N SER A 2 -35.46 34.45 11.12
CA SER A 2 -34.82 33.91 12.32
C SER A 2 -35.70 34.11 13.55
N GLN A 3 -37.01 33.92 13.37
CA GLN A 3 -37.98 34.09 14.43
C GLN A 3 -38.78 32.82 14.72
N PHE A 4 -38.48 31.72 14.02
CA PHE A 4 -39.26 30.50 14.20
C PHE A 4 -39.17 30.00 15.64
N PHE A 5 -37.95 29.95 16.19
CA PHE A 5 -37.78 29.44 17.54
C PHE A 5 -38.24 30.45 18.58
N ILE A 6 -38.23 31.74 18.23
CA ILE A 6 -38.80 32.75 19.11
C ILE A 6 -40.30 32.55 19.25
N ARG A 7 -40.96 32.15 18.15
CA ARG A 7 -42.40 31.92 18.19
C ARG A 7 -42.75 30.80 19.15
N ARG A 8 -42.00 29.70 19.10
CA ARG A 8 -42.26 28.53 19.93
C ARG A 8 -41.02 28.20 20.75
N PRO A 9 -41.06 28.32 22.09
CA PRO A 9 -39.86 27.99 22.88
C PRO A 9 -39.52 26.51 22.87
N VAL A 10 -40.50 25.64 22.61
CA VAL A 10 -40.30 24.21 22.78
C VAL A 10 -39.21 23.70 21.85
N PHE A 11 -39.17 24.21 20.62
CA PHE A 11 -38.18 23.71 19.66
C PHE A 11 -36.76 24.05 20.10
N ALA A 12 -36.54 25.30 20.50
CA ALA A 12 -35.22 25.69 21.00
C ALA A 12 -34.86 24.90 22.25
N TRP A 13 -35.82 24.70 23.14
CA TRP A 13 -35.55 23.95 24.36
C TRP A 13 -35.14 22.52 24.05
N VAL A 14 -35.84 21.86 23.13
CA VAL A 14 -35.52 20.48 22.80
C VAL A 14 -34.17 20.39 22.09
N ILE A 15 -33.86 21.39 21.25
CA ILE A 15 -32.54 21.42 20.64
C ILE A 15 -31.46 21.50 21.70
N ALA A 16 -31.64 22.40 22.68
CA ALA A 16 -30.66 22.53 23.76
C ALA A 16 -30.55 21.23 24.56
N ILE A 17 -31.69 20.58 24.82
CA ILE A 17 -31.66 19.32 25.56
C ILE A 17 -30.86 18.28 24.77
N PHE A 18 -31.07 18.20 23.46
CA PHE A 18 -30.30 17.25 22.66
C PHE A 18 -28.81 17.55 22.71
N ILE A 19 -28.44 18.83 22.57
CA ILE A 19 -27.02 19.18 22.61
C ILE A 19 -26.42 18.81 23.97
N ILE A 20 -27.14 19.10 25.05
CA ILE A 20 -26.63 18.78 26.39
C ILE A 20 -26.48 17.28 26.55
N ILE A 21 -27.49 16.51 26.14
CA ILE A 21 -27.48 15.07 26.35
C ILE A 21 -26.35 14.42 25.56
N PHE A 22 -26.18 14.83 24.30
CA PHE A 22 -25.16 14.21 23.47
C PHE A 22 -23.77 14.53 24.00
N GLY A 23 -23.57 15.75 24.51
CA GLY A 23 -22.28 16.08 25.11
C GLY A 23 -22.01 15.30 26.38
N LEU A 24 -23.03 15.17 27.24
CA LEU A 24 -22.87 14.37 28.44
C LEU A 24 -22.51 12.92 28.09
N LEU A 25 -23.15 12.39 27.05
CA LEU A 25 -22.82 11.04 26.60
C LEU A 25 -21.40 10.99 26.04
N SER A 26 -20.99 12.03 25.33
CA SER A 26 -19.71 12.00 24.62
C SER A 26 -18.53 12.09 25.57
N ILE A 27 -18.65 12.92 26.61
CA ILE A 27 -17.49 13.15 27.51
C ILE A 27 -16.88 11.85 28.00
N PRO A 28 -17.66 10.87 28.49
CA PRO A 28 -17.02 9.65 29.03
C PRO A 28 -16.10 8.95 28.04
N LYS A 29 -16.47 8.87 26.76
CA LYS A 29 -15.70 8.09 25.79
C LYS A 29 -14.45 8.80 25.31
N LEU A 30 -14.31 10.11 25.50
CA LEU A 30 -13.17 10.82 24.97
C LEU A 30 -11.88 10.35 25.65
N PRO A 31 -10.82 10.12 24.88
CA PRO A 31 -9.52 9.81 25.50
C PRO A 31 -8.97 11.02 26.23
N ILE A 32 -8.14 10.72 27.24
CA ILE A 32 -7.53 11.74 28.08
C ILE A 32 -6.01 11.54 28.04
N ALA A 33 -5.28 12.64 27.82
CA ALA A 33 -3.84 12.61 27.82
C ALA A 33 -3.32 14.02 28.07
N ARG A 34 -2.08 14.11 28.55
CA ARG A 34 -1.50 15.41 28.84
C ARG A 34 -1.34 16.23 27.56
N PHE A 35 -0.70 15.66 26.56
CA PHE A 35 -0.48 16.32 25.28
C PHE A 35 -0.76 15.37 24.12
N PRO A 36 -1.13 15.91 22.95
CA PRO A 36 -1.39 15.03 21.79
C PRO A 36 -0.10 14.49 21.18
N SER A 37 -0.22 13.79 20.06
CA SER A 37 0.93 13.21 19.37
C SER A 37 1.65 14.26 18.52
N VAL A 38 2.11 15.31 19.20
CA VAL A 38 2.81 16.39 18.52
C VAL A 38 4.18 15.94 18.02
N ALA A 39 4.86 15.11 18.80
CA ALA A 39 6.24 14.78 18.51
C ALA A 39 6.35 14.06 17.17
N PRO A 40 7.43 14.28 16.42
CA PRO A 40 7.61 13.58 15.14
C PRO A 40 7.71 12.08 15.36
N PRO A 41 7.02 11.28 14.55
CA PRO A 41 7.19 9.82 14.64
C PRO A 41 8.60 9.39 14.32
N GLN A 42 9.05 8.34 15.00
CA GLN A 42 10.39 7.79 14.82
C GLN A 42 10.27 6.31 14.50
N VAL A 43 11.08 5.85 13.54
CA VAL A 43 11.18 4.44 13.19
C VAL A 43 12.64 4.03 13.30
N ASN A 44 12.91 2.94 14.01
CA ASN A 44 14.26 2.49 14.28
C ASN A 44 14.56 1.19 13.53
N ILE A 45 15.77 1.11 13.00
CA ILE A 45 16.27 -0.02 12.26
C ILE A 45 17.52 -0.52 12.98
N SER A 46 17.55 -1.80 13.30
CA SER A 46 18.65 -2.42 14.05
C SER A 46 19.27 -3.52 13.21
N ALA A 47 20.59 -3.44 13.02
CA ALA A 47 21.35 -4.45 12.31
C ALA A 47 22.56 -4.83 13.16
N THR A 48 22.84 -6.12 13.23
CA THR A 48 23.93 -6.65 14.07
C THR A 48 24.96 -7.31 13.17
N TYR A 49 26.23 -6.94 13.36
CA TYR A 49 27.33 -7.56 12.64
C TYR A 49 28.32 -8.12 13.65
N PRO A 50 28.12 -9.35 14.13
CA PRO A 50 29.00 -9.88 15.17
C PRO A 50 30.43 -10.07 14.65
N GLY A 51 31.38 -9.93 15.58
CA GLY A 51 32.79 -9.99 15.24
C GLY A 51 33.34 -8.69 14.68
N ALA A 52 32.58 -7.60 14.74
CA ALA A 52 32.98 -6.32 14.20
C ALA A 52 32.88 -5.25 15.29
N THR A 53 33.89 -4.38 15.35
CA THR A 53 33.88 -3.28 16.32
C THR A 53 32.98 -2.16 15.83
N ALA A 54 32.98 -1.03 16.54
CA ALA A 54 32.14 0.09 16.13
C ALA A 54 32.53 0.59 14.75
N LYS A 55 33.82 0.84 14.52
CA LYS A 55 34.26 1.30 13.22
C LYS A 55 33.98 0.27 12.13
N THR A 56 34.24 -1.01 12.43
CA THR A 56 34.04 -2.05 11.42
C THR A 56 32.58 -2.16 11.01
N ILE A 57 31.68 -2.23 12.03
CA ILE A 57 30.20 -2.36 11.76
C ILE A 57 29.75 -1.07 11.11
N ASN A 58 30.26 0.07 11.41
CA ASN A 58 29.90 1.31 10.75
C ASN A 58 30.29 1.28 9.28
N ASP A 59 31.50 0.79 8.99
CA ASP A 59 31.93 0.68 7.60
C ASP A 59 31.09 -0.33 6.83
N SER A 60 30.67 -1.41 7.49
CA SER A 60 30.06 -2.53 6.81
C SER A 60 28.58 -2.38 6.50
N VAL A 61 27.77 -1.86 7.42
CA VAL A 61 26.32 -1.94 7.27
C VAL A 61 25.66 -0.57 7.32
N VAL A 62 26.05 0.27 8.27
CA VAL A 62 25.30 1.51 8.54
C VAL A 62 25.24 2.39 7.29
N THR A 63 26.40 2.64 6.68
CA THR A 63 26.43 3.53 5.52
C THR A 63 25.63 2.93 4.37
N LEU A 64 25.62 1.61 4.25
CA LEU A 64 24.87 0.96 3.18
C LEU A 64 23.38 1.16 3.35
N ILE A 65 22.88 1.00 4.57
CA ILE A 65 21.43 1.13 4.82
C ILE A 65 21.00 2.58 4.73
N GLU A 66 21.89 3.52 5.10
CA GLU A 66 21.49 4.92 5.21
C GLU A 66 20.96 5.47 3.89
N ARG A 67 21.64 5.19 2.77
CA ARG A 67 21.36 5.89 1.53
C ARG A 67 19.94 5.65 1.06
N GLU A 68 19.51 4.38 1.02
CA GLU A 68 18.17 4.08 0.52
C GLU A 68 17.11 4.61 1.48
N LEU A 69 17.35 4.52 2.79
CA LEU A 69 16.44 5.09 3.76
C LEU A 69 16.29 6.60 3.58
N SER A 70 17.32 7.27 3.06
CA SER A 70 17.27 8.72 2.95
C SER A 70 16.06 9.21 2.15
N GLY A 71 15.51 8.38 1.27
CA GLY A 71 14.50 8.81 0.32
C GLY A 71 13.06 8.52 0.68
N VAL A 72 12.73 8.29 1.95
CA VAL A 72 11.36 7.97 2.31
C VAL A 72 10.52 9.24 2.30
N LYS A 73 9.22 9.09 2.06
CA LYS A 73 8.32 10.23 2.03
C LYS A 73 8.14 10.83 3.42
N ASN A 74 7.94 12.14 3.48
CA ASN A 74 7.65 12.84 4.73
C ASN A 74 8.76 12.69 5.74
N LEU A 75 9.95 12.30 5.29
CA LEU A 75 11.10 12.20 6.19
C LEU A 75 11.53 13.59 6.64
N LEU A 76 11.84 13.71 7.93
CA LEU A 76 12.31 14.97 8.50
C LEU A 76 13.82 14.97 8.69
N TYR A 77 14.37 13.98 9.38
CA TYR A 77 15.80 13.74 9.40
C TYR A 77 16.06 12.27 9.66
N TYR A 78 17.29 11.84 9.38
CA TYR A 78 17.71 10.47 9.62
C TYR A 78 19.09 10.49 10.26
N SER A 79 19.28 9.60 11.23
CA SER A 79 20.52 9.54 11.98
C SER A 79 20.92 8.09 12.18
N ALA A 80 22.13 7.88 12.69
CA ALA A 80 22.65 6.55 12.91
C ALA A 80 23.65 6.58 14.07
N THR A 81 23.67 5.50 14.84
CA THR A 81 24.52 5.38 16.01
C THR A 81 25.22 4.04 16.00
N THR A 82 26.50 4.02 16.35
CA THR A 82 27.30 2.81 16.36
C THR A 82 28.25 2.82 17.56
N ASP A 83 28.34 1.68 18.24
CA ASP A 83 29.22 1.52 19.39
C ASP A 83 29.69 0.08 19.47
N THR A 84 30.48 -0.21 20.51
CA THR A 84 31.05 -1.54 20.70
C THR A 84 30.02 -2.58 21.11
N SER A 85 28.77 -2.18 21.39
CA SER A 85 27.74 -3.16 21.70
C SER A 85 27.55 -4.15 20.56
N GLY A 86 27.98 -3.80 19.36
CA GLY A 86 27.96 -4.71 18.23
C GLY A 86 26.77 -4.56 17.31
N THR A 87 25.93 -3.56 17.51
CA THR A 87 24.73 -3.36 16.70
C THR A 87 24.66 -1.92 16.21
N ALA A 88 23.98 -1.74 15.09
CA ALA A 88 23.70 -0.42 14.55
C ALA A 88 22.28 -0.01 14.93
N GLU A 89 22.08 1.30 15.05
CA GLU A 89 20.78 1.86 15.42
C GLU A 89 20.52 3.06 14.51
N ILE A 90 19.90 2.79 13.36
CA ILE A 90 19.48 3.87 12.47
C ILE A 90 18.10 4.34 12.88
N THR A 91 17.89 5.66 12.82
CA THR A 91 16.61 6.25 13.19
C THR A 91 16.14 7.16 12.06
N ALA A 92 14.84 7.09 11.77
CA ALA A 92 14.21 7.93 10.75
C ALA A 92 13.06 8.66 11.42
N THR A 93 13.21 9.98 11.50
CA THR A 93 12.15 10.83 12.10
C THR A 93 11.32 11.38 10.95
N PHE A 94 10.00 11.37 11.09
CA PHE A 94 9.11 11.79 10.03
C PHE A 94 8.35 13.05 10.44
N LYS A 95 7.91 13.79 9.44
CA LYS A 95 7.23 15.09 9.70
C LYS A 95 6.03 14.84 10.61
N PRO A 96 5.81 15.71 11.62
CA PRO A 96 4.69 15.53 12.55
C PRO A 96 3.37 15.43 11.81
N GLY A 97 2.52 14.51 12.28
CA GLY A 97 1.25 14.23 11.64
C GLY A 97 1.28 13.03 10.70
N THR A 98 2.46 12.54 10.35
CA THR A 98 2.56 11.39 9.46
C THR A 98 2.02 10.14 10.16
N ASP A 99 1.44 9.25 9.36
CA ASP A 99 0.90 7.99 9.85
C ASP A 99 2.06 7.06 10.17
N VAL A 100 2.09 6.54 11.41
CA VAL A 100 3.21 5.71 11.85
C VAL A 100 3.26 4.40 11.07
N GLU A 101 2.11 3.77 10.85
CA GLU A 101 2.09 2.50 10.14
C GLU A 101 2.58 2.68 8.70
N MET A 102 2.12 3.74 8.04
CA MET A 102 2.57 4.01 6.67
C MET A 102 4.08 4.24 6.63
N ALA A 103 4.60 5.00 7.60
CA ALA A 103 6.03 5.24 7.65
C ALA A 103 6.80 3.93 7.85
N GLN A 104 6.32 3.08 8.75
CA GLN A 104 7.02 1.82 9.01
C GLN A 104 7.02 0.92 7.79
N VAL A 105 5.87 0.82 7.10
CA VAL A 105 5.81 -0.04 5.93
C VAL A 105 6.69 0.53 4.81
N ASP A 106 6.72 1.85 4.66
CA ASP A 106 7.60 2.46 3.66
C ASP A 106 9.06 2.15 3.97
N VAL A 107 9.45 2.29 5.25
CA VAL A 107 10.82 2.01 5.64
C VAL A 107 11.16 0.55 5.38
N GLN A 108 10.25 -0.36 5.70
CA GLN A 108 10.50 -1.77 5.43
C GLN A 108 10.61 -2.04 3.94
N ASN A 109 9.79 -1.38 3.13
CA ASN A 109 9.89 -1.53 1.68
C ASN A 109 11.26 -1.09 1.18
N LYS A 110 11.73 0.06 1.67
CA LYS A 110 13.06 0.60 1.23
C LYS A 110 14.20 -0.24 1.79
N ILE A 111 14.02 -0.91 2.92
CA ILE A 111 15.05 -1.80 3.45
C ILE A 111 15.11 -3.10 2.65
N LYS A 112 13.96 -3.67 2.30
CA LYS A 112 13.98 -4.87 1.47
C LYS A 112 14.44 -4.53 0.06
N ALA A 113 14.24 -3.29 -0.37
CA ALA A 113 14.82 -2.85 -1.65
C ALA A 113 16.34 -2.86 -1.59
N VAL A 114 16.92 -2.41 -0.47
CA VAL A 114 18.37 -2.41 -0.32
C VAL A 114 18.89 -3.69 0.31
N GLU A 115 18.01 -4.55 0.83
CA GLU A 115 18.45 -5.75 1.53
C GLU A 115 19.35 -6.60 0.65
N ALA A 116 19.07 -6.64 -0.65
CA ALA A 116 19.84 -7.50 -1.56
C ALA A 116 21.31 -7.11 -1.59
N ARG A 117 21.61 -5.82 -1.39
CA ARG A 117 22.99 -5.36 -1.51
C ARG A 117 23.80 -5.53 -0.23
N LEU A 118 23.15 -5.91 0.87
CA LEU A 118 23.83 -5.97 2.16
C LEU A 118 24.64 -7.25 2.29
N PRO A 119 25.60 -7.29 3.22
CA PRO A 119 26.43 -8.48 3.37
C PRO A 119 25.64 -9.68 3.89
N GLN A 120 26.19 -10.87 3.63
CA GLN A 120 25.53 -12.10 4.06
C GLN A 120 25.43 -12.18 5.58
N VAL A 121 26.50 -11.80 6.29
CA VAL A 121 26.49 -11.87 7.74
C VAL A 121 25.41 -10.97 8.32
N VAL A 122 25.26 -9.77 7.74
CA VAL A 122 24.20 -8.87 8.19
C VAL A 122 22.83 -9.51 7.95
N ARG A 123 22.66 -10.14 6.80
CA ARG A 123 21.37 -10.74 6.46
C ARG A 123 21.02 -11.88 7.42
N GLN A 124 22.00 -12.71 7.77
CA GLN A 124 21.71 -13.90 8.56
C GLN A 124 21.05 -13.56 9.88
N GLN A 125 21.64 -12.64 10.65
CA GLN A 125 21.05 -12.28 11.93
C GLN A 125 19.70 -11.60 11.75
N GLY A 126 19.52 -10.90 10.65
CA GLY A 126 18.29 -10.19 10.37
C GLY A 126 18.33 -8.76 10.89
N LEU A 127 17.46 -7.93 10.32
CA LEU A 127 17.36 -6.52 10.67
C LEU A 127 15.97 -6.25 11.22
N GLN A 128 15.91 -5.61 12.39
CA GLN A 128 14.65 -5.35 13.08
C GLN A 128 14.20 -3.92 12.80
N VAL A 129 12.99 -3.77 12.26
CA VAL A 129 12.39 -2.48 11.99
C VAL A 129 11.20 -2.32 12.94
N GLU A 130 11.23 -1.28 13.77
CA GLU A 130 10.20 -1.11 14.78
C GLU A 130 9.97 0.36 15.06
N ALA A 131 8.72 0.71 15.35
CA ALA A 131 8.33 2.08 15.66
C ALA A 131 8.15 2.21 17.16
N SER A 132 8.94 3.09 17.78
CA SER A 132 8.88 3.33 19.22
C SER A 132 8.96 4.83 19.46
N SER A 133 8.88 5.22 20.73
CA SER A 133 8.87 6.62 21.11
C SER A 133 10.17 7.09 21.76
N SER A 134 11.07 6.17 22.12
CA SER A 134 12.34 6.53 22.75
C SER A 134 12.09 7.32 24.04
N GLY A 135 11.04 6.95 24.76
CA GLY A 135 10.74 7.58 26.03
C GLY A 135 10.01 6.62 26.96
N PHE A 136 10.53 6.44 28.16
CA PHE A 136 9.95 5.49 29.09
C PHE A 136 8.60 5.98 29.60
N LEU A 137 7.63 5.08 29.62
CA LEU A 137 6.33 5.33 30.24
C LEU A 137 6.29 4.86 31.69
N MET A 138 6.89 3.70 31.97
CA MET A 138 6.97 3.19 33.32
C MET A 138 8.07 2.14 33.39
N LEU A 139 8.48 1.82 34.61
CA LEU A 139 9.43 0.75 34.88
C LEU A 139 8.78 -0.24 35.83
N VAL A 140 8.70 -1.50 35.41
CA VAL A 140 8.07 -2.56 36.19
C VAL A 140 9.15 -3.54 36.61
N GLY A 141 9.29 -3.75 37.92
CA GLY A 141 10.36 -4.59 38.43
C GLY A 141 9.83 -5.60 39.43
N ILE A 142 10.68 -6.58 39.74
CA ILE A 142 10.36 -7.62 40.70
C ILE A 142 11.47 -7.61 41.74
N ASN A 143 11.17 -7.07 42.91
CA ASN A 143 12.12 -7.00 44.02
C ASN A 143 11.93 -8.22 44.91
N SER A 144 12.94 -8.49 45.74
CA SER A 144 12.95 -9.61 46.68
C SER A 144 13.20 -9.04 48.07
N PRO A 145 12.19 -8.43 48.70
CA PRO A 145 12.41 -7.85 50.04
C PRO A 145 12.86 -8.88 51.06
N ASN A 146 12.39 -10.13 50.93
CA ASN A 146 12.81 -11.17 51.86
C ASN A 146 14.19 -11.70 51.52
N ASN A 147 14.74 -11.34 50.36
CA ASN A 147 16.12 -11.62 49.93
C ASN A 147 16.35 -13.09 49.61
N GLN A 148 15.30 -13.91 49.45
CA GLN A 148 15.52 -15.31 49.11
C GLN A 148 16.18 -15.46 47.75
N TYR A 149 15.73 -14.67 46.77
CA TYR A 149 16.14 -14.81 45.38
C TYR A 149 17.12 -13.70 45.01
N SER A 150 18.21 -14.07 44.36
CA SER A 150 19.21 -13.11 43.93
C SER A 150 18.82 -12.48 42.59
N GLU A 151 19.69 -11.68 42.03
CA GLU A 151 19.36 -10.96 40.78
C GLU A 151 19.18 -11.95 39.63
N VAL A 152 19.94 -13.04 39.56
CA VAL A 152 19.82 -13.97 38.44
C VAL A 152 18.43 -14.59 38.40
N ASP A 153 17.93 -15.05 39.55
CA ASP A 153 16.62 -15.68 39.59
C ASP A 153 15.52 -14.68 39.24
N LEU A 154 15.61 -13.46 39.78
CA LEU A 154 14.64 -12.44 39.44
C LEU A 154 14.65 -12.16 37.95
N SER A 155 15.83 -12.04 37.35
CA SER A 155 15.92 -11.76 35.92
C SER A 155 15.33 -12.89 35.10
N ASP A 156 15.64 -14.14 35.45
CA ASP A 156 15.13 -15.27 34.68
C ASP A 156 13.61 -15.34 34.77
N TYR A 157 13.06 -15.14 35.98
CA TYR A 157 11.62 -15.14 36.13
C TYR A 157 10.98 -14.02 35.33
N LEU A 158 11.56 -12.82 35.38
CA LEU A 158 11.00 -11.68 34.67
C LEU A 158 11.01 -11.91 33.17
N VAL A 159 12.13 -12.40 32.62
CA VAL A 159 12.22 -12.62 31.19
C VAL A 159 11.28 -13.74 30.75
N ARG A 160 11.31 -14.86 31.47
CA ARG A 160 10.48 -16.00 31.09
C ARG A 160 8.99 -15.67 31.19
N ASN A 161 8.58 -15.01 32.28
CA ASN A 161 7.16 -14.83 32.59
C ASN A 161 6.67 -13.44 32.25
N VAL A 162 7.28 -12.39 32.83
CA VAL A 162 6.62 -11.09 32.87
C VAL A 162 6.79 -10.35 31.54
N VAL A 163 7.98 -10.42 30.94
CA VAL A 163 8.24 -9.63 29.74
C VAL A 163 7.27 -10.00 28.63
N GLU A 164 7.10 -11.30 28.39
CA GLU A 164 6.22 -11.74 27.32
C GLU A 164 4.78 -11.35 27.58
N GLU A 165 4.32 -11.48 28.82
CA GLU A 165 2.95 -11.10 29.15
C GLU A 165 2.74 -9.60 28.93
N LEU A 166 3.69 -8.78 29.38
CA LEU A 166 3.53 -7.33 29.29
C LEU A 166 3.59 -6.85 27.85
N LYS A 167 4.45 -7.45 27.03
CA LYS A 167 4.64 -6.96 25.63
C LYS A 167 3.38 -7.22 24.80
N ARG A 168 2.46 -8.06 25.28
CA ARG A 168 1.20 -8.35 24.55
C ARG A 168 0.20 -7.25 24.82
N VAL A 169 0.31 -6.56 25.95
CA VAL A 169 -0.69 -5.57 26.34
C VAL A 169 -0.77 -4.46 25.29
N GLU A 170 -1.97 -3.91 25.13
CA GLU A 170 -2.21 -2.88 24.14
C GLU A 170 -1.39 -1.64 24.43
N GLY A 171 -0.88 -1.02 23.36
CA GLY A 171 -0.15 0.23 23.46
C GLY A 171 1.33 0.08 23.78
N VAL A 172 1.79 -1.12 24.13
CA VAL A 172 3.19 -1.32 24.48
C VAL A 172 4.02 -1.36 23.20
N GLY A 173 4.72 -0.26 22.91
CA GLY A 173 5.57 -0.22 21.73
C GLY A 173 6.68 -1.24 21.81
N LYS A 174 7.39 -1.22 22.94
CA LYS A 174 8.48 -2.20 23.17
C LYS A 174 8.73 -2.37 24.66
N VAL A 175 9.13 -3.57 25.09
CA VAL A 175 9.51 -3.82 26.47
C VAL A 175 11.01 -4.06 26.51
N GLN A 176 11.75 -3.13 27.12
CA GLN A 176 13.20 -3.22 27.22
C GLN A 176 13.55 -3.89 28.55
N SER A 177 14.00 -5.13 28.48
CA SER A 177 14.38 -5.85 29.68
C SER A 177 15.82 -5.54 30.07
N PHE A 178 16.03 -5.31 31.36
CA PHE A 178 17.36 -5.04 31.91
C PHE A 178 17.89 -6.26 32.66
N GLY A 179 17.41 -7.44 32.28
CA GLY A 179 17.92 -8.69 32.82
C GLY A 179 18.03 -9.71 31.71
N ALA A 180 18.72 -10.80 32.01
CA ALA A 180 19.01 -11.82 31.02
C ALA A 180 18.57 -13.19 31.53
N GLU A 181 18.27 -14.08 30.58
CA GLU A 181 17.81 -15.41 30.91
C GLU A 181 18.93 -16.25 31.52
N LYS A 182 18.54 -17.25 32.30
CA LYS A 182 19.52 -18.20 32.80
C LYS A 182 20.09 -19.03 31.66
N ALA A 183 21.35 -19.42 31.83
CA ALA A 183 22.06 -20.20 30.84
C ALA A 183 23.27 -20.83 31.51
N MET A 184 23.74 -21.94 30.95
CA MET A 184 24.86 -22.67 31.55
C MET A 184 26.16 -22.07 31.04
N ARG A 185 26.93 -21.49 31.96
CA ARG A 185 28.18 -20.81 31.65
C ARG A 185 29.34 -21.71 32.05
N ILE A 186 30.26 -21.93 31.11
CA ILE A 186 31.46 -22.72 31.35
C ILE A 186 32.62 -21.74 31.46
N TRP A 187 33.12 -21.55 32.68
CA TRP A 187 34.26 -20.67 32.94
C TRP A 187 35.53 -21.49 32.92
N VAL A 188 36.32 -21.32 31.86
CA VAL A 188 37.46 -22.16 31.56
C VAL A 188 38.72 -21.50 32.11
N ASP A 189 39.50 -22.27 32.87
CA ASP A 189 40.79 -21.80 33.35
C ASP A 189 41.85 -22.13 32.30
N PRO A 190 42.44 -21.14 31.63
CA PRO A 190 43.36 -21.46 30.52
C PRO A 190 44.64 -22.13 30.95
N ASN A 191 45.06 -21.96 32.21
CA ASN A 191 46.33 -22.56 32.65
C ASN A 191 46.26 -24.07 32.59
N LYS A 192 45.15 -24.65 33.01
CA LYS A 192 44.98 -26.13 33.01
C LYS A 192 44.90 -26.64 31.58
N LEU A 193 44.32 -25.87 30.65
CA LEU A 193 44.12 -26.35 29.29
C LEU A 193 45.43 -26.76 28.64
N VAL A 194 46.45 -25.90 28.72
CA VAL A 194 47.72 -26.18 28.06
C VAL A 194 48.43 -27.35 28.75
N SER A 195 48.37 -27.40 30.09
CA SER A 195 49.02 -28.47 30.81
C SER A 195 48.42 -29.82 30.45
N TYR A 196 47.10 -29.88 30.31
CA TYR A 196 46.40 -31.14 29.96
C TYR A 196 46.49 -31.37 28.45
N GLY A 197 46.99 -30.43 27.69
CA GLY A 197 47.11 -30.59 26.25
C GLY A 197 45.85 -30.32 25.46
N LEU A 198 44.84 -29.71 26.06
CA LEU A 198 43.58 -29.43 25.39
C LEU A 198 43.53 -27.98 24.93
N SER A 199 42.55 -27.70 24.06
CA SER A 199 42.30 -26.35 23.56
C SER A 199 40.80 -26.09 23.62
N ILE A 200 40.43 -24.81 23.59
CA ILE A 200 39.03 -24.43 23.63
C ILE A 200 38.21 -25.12 22.55
N SER A 201 38.83 -25.45 21.41
CA SER A 201 38.12 -26.19 20.38
C SER A 201 37.65 -27.54 20.90
N ASP A 202 38.50 -28.21 21.69
CA ASP A 202 38.11 -29.51 22.25
C ASP A 202 36.89 -29.38 23.15
N VAL A 203 36.88 -28.35 24.02
CA VAL A 203 35.75 -28.15 24.91
C VAL A 203 34.48 -27.87 24.12
N ASN A 204 34.58 -26.98 23.12
CA ASN A 204 33.41 -26.65 22.33
C ASN A 204 32.89 -27.88 21.58
N ASN A 205 33.79 -28.69 21.01
CA ASN A 205 33.38 -29.86 20.27
C ASN A 205 32.74 -30.90 21.19
N ALA A 206 33.29 -31.07 22.39
CA ALA A 206 32.69 -32.00 23.35
C ALA A 206 31.28 -31.55 23.73
N ILE A 207 31.11 -30.26 23.98
CA ILE A 207 29.78 -29.75 24.33
C ILE A 207 28.83 -29.92 23.15
N ARG A 208 29.32 -29.74 21.91
CA ARG A 208 28.47 -29.97 20.75
C ARG A 208 28.02 -31.41 20.66
N GLU A 209 28.96 -32.35 20.79
CA GLU A 209 28.64 -33.75 20.51
C GLU A 209 27.80 -34.36 21.62
N ASN A 210 28.12 -34.07 22.88
CA ASN A 210 27.39 -34.70 23.97
C ASN A 210 25.97 -34.16 24.08
N ASN A 211 25.75 -32.91 23.69
CA ASN A 211 24.42 -32.33 23.59
C ASN A 211 24.08 -32.26 22.11
N VAL A 212 23.31 -33.24 21.63
CA VAL A 212 23.21 -33.51 20.21
C VAL A 212 21.83 -33.23 19.62
N GLU A 213 20.76 -33.25 20.41
CA GLU A 213 19.42 -33.06 19.87
C GLU A 213 19.10 -34.11 18.81
N ILE A 214 18.99 -35.37 19.23
CA ILE A 214 18.62 -36.44 18.31
C ILE A 214 17.27 -36.11 17.67
N ALA A 215 17.09 -36.57 16.44
CA ALA A 215 15.91 -36.23 15.66
C ALA A 215 14.75 -37.18 15.95
N PRO A 216 13.52 -36.67 16.02
CA PRO A 216 12.37 -37.55 16.24
C PRO A 216 12.06 -38.40 15.01
N GLY A 217 11.41 -39.55 15.25
CA GLY A 217 11.00 -40.43 14.18
C GLY A 217 9.75 -41.20 14.56
N ARG A 218 9.37 -42.13 13.69
CA ARG A 218 8.17 -42.93 13.88
C ARG A 218 8.44 -44.39 13.57
N LEU A 219 7.65 -45.27 14.17
CA LEU A 219 7.71 -46.69 13.87
C LEU A 219 6.59 -47.07 12.90
N GLY A 220 6.90 -48.02 12.01
CA GLY A 220 5.91 -48.47 11.05
C GLY A 220 5.45 -47.40 10.09
N ASP A 221 6.36 -46.59 9.58
CA ASP A 221 6.00 -45.54 8.63
C ASP A 221 6.02 -46.09 7.20
N LEU A 222 5.27 -45.41 6.33
CA LEU A 222 5.17 -45.83 4.94
C LEU A 222 6.51 -45.60 4.22
N PRO A 223 6.96 -46.53 3.38
CA PRO A 223 6.32 -47.81 3.05
C PRO A 223 6.39 -48.81 4.20
N ALA A 224 5.38 -49.68 4.30
CA ALA A 224 5.23 -50.57 5.44
C ALA A 224 5.09 -52.01 4.96
N GLU A 225 5.42 -52.94 5.86
CA GLU A 225 5.27 -54.35 5.55
C GLU A 225 3.80 -54.74 5.48
N LYS A 226 3.52 -55.84 4.80
CA LYS A 226 2.17 -56.38 4.79
C LYS A 226 1.85 -57.01 6.14
N GLY A 227 0.74 -56.57 6.74
CA GLY A 227 0.33 -57.07 8.03
C GLY A 227 0.72 -56.21 9.21
N GLN A 228 1.21 -54.99 8.98
CA GLN A 228 1.53 -54.09 10.08
C GLN A 228 0.26 -53.42 10.58
N LEU A 229 -0.01 -53.55 11.89
CA LEU A 229 -1.23 -53.02 12.48
C LEU A 229 -0.99 -51.88 13.46
N ILE A 230 0.25 -51.63 13.88
CA ILE A 230 0.55 -50.63 14.89
C ILE A 230 1.63 -49.70 14.38
N THR A 231 1.41 -48.40 14.53
CA THR A 231 2.40 -47.37 14.26
C THR A 231 2.50 -46.46 15.48
N ILE A 232 3.72 -46.20 15.93
CA ILE A 232 3.94 -45.45 17.16
C ILE A 232 5.09 -44.46 17.00
N PRO A 233 4.89 -43.17 17.28
CA PRO A 233 6.03 -42.25 17.29
C PRO A 233 7.03 -42.63 18.36
N LEU A 234 8.31 -42.39 18.07
CA LEU A 234 9.39 -42.69 19.01
C LEU A 234 10.40 -41.55 18.98
N SER A 235 10.95 -41.24 20.15
CA SER A 235 11.97 -40.20 20.29
C SER A 235 13.05 -40.71 21.21
N ALA A 236 14.24 -40.11 21.09
CA ALA A 236 15.38 -40.46 21.92
C ALA A 236 15.98 -39.18 22.51
N GLN A 237 16.13 -39.16 23.84
CA GLN A 237 16.72 -38.02 24.51
C GLN A 237 18.24 -38.15 24.48
N GLY A 238 18.90 -37.12 23.94
CA GLY A 238 20.34 -37.12 23.85
C GLY A 238 20.97 -35.88 24.44
N GLN A 239 20.14 -35.02 25.04
CA GLN A 239 20.63 -33.77 25.60
C GLN A 239 20.99 -33.94 27.08
N LEU A 240 21.99 -33.20 27.51
CA LEU A 240 22.33 -33.15 28.94
C LEU A 240 21.22 -32.42 29.70
N SER A 241 20.87 -32.95 30.86
CA SER A 241 19.72 -32.47 31.62
C SER A 241 20.05 -31.32 32.58
N SER A 242 21.05 -31.50 33.44
CA SER A 242 21.30 -30.53 34.50
C SER A 242 22.81 -30.35 34.65
N LEU A 243 23.19 -29.71 35.77
CA LEU A 243 24.59 -29.37 35.99
C LEU A 243 25.47 -30.61 36.03
N GLU A 244 25.01 -31.66 36.71
CA GLU A 244 25.87 -32.81 36.98
C GLU A 244 26.44 -33.40 35.69
N GLN A 245 25.58 -33.59 34.69
CA GLN A 245 26.04 -34.18 33.43
C GLN A 245 27.07 -33.28 32.75
N PHE A 246 26.85 -31.96 32.77
CA PHE A 246 27.79 -31.05 32.15
C PHE A 246 29.14 -31.08 32.85
N LYS A 247 29.14 -31.13 34.19
CA LYS A 247 30.41 -31.25 34.91
C LYS A 247 31.07 -32.59 34.64
N ASN A 248 30.30 -33.58 34.18
CA ASN A 248 30.78 -34.93 33.93
C ASN A 248 31.08 -35.19 32.46
N ILE A 249 31.08 -34.15 31.62
CA ILE A 249 31.33 -34.33 30.20
C ILE A 249 32.72 -34.92 30.00
N SER A 250 32.79 -36.00 29.24
CA SER A 250 34.05 -36.68 28.98
C SER A 250 34.86 -35.92 27.92
N LEU A 251 36.16 -35.81 28.17
CA LEU A 251 37.09 -35.17 27.23
C LEU A 251 38.37 -35.99 27.18
N LYS A 252 38.85 -36.29 25.98
CA LYS A 252 40.07 -37.05 25.85
C LYS A 252 41.28 -36.14 26.01
N SER A 253 42.17 -36.50 26.93
CA SER A 253 43.36 -35.70 27.26
C SER A 253 44.55 -36.31 26.54
N LYS A 254 45.30 -35.45 25.85
CA LYS A 254 46.41 -35.93 25.02
C LYS A 254 47.55 -36.47 25.88
N THR A 255 47.97 -35.72 26.88
CA THR A 255 49.19 -36.06 27.61
C THR A 255 49.04 -37.35 28.40
N ASN A 256 48.00 -37.44 29.20
CA ASN A 256 47.85 -38.62 30.10
C ASN A 256 47.34 -39.83 29.32
N GLY A 257 46.57 -39.63 28.24
CA GLY A 257 46.01 -40.73 27.48
C GLY A 257 44.74 -41.32 28.05
N SER A 258 44.17 -40.71 29.08
CA SER A 258 42.95 -41.19 29.71
C SER A 258 41.91 -40.08 29.72
N VAL A 259 40.64 -40.48 29.80
CA VAL A 259 39.55 -39.53 29.74
C VAL A 259 39.50 -38.71 31.03
N ILE A 260 39.24 -37.41 30.88
CA ILE A 260 39.04 -36.49 31.99
C ILE A 260 37.64 -35.91 31.89
N LYS A 261 37.30 -35.08 32.87
CA LYS A 261 35.96 -34.51 32.97
C LYS A 261 36.02 -33.00 32.78
N LEU A 262 34.90 -32.42 32.33
CA LEU A 262 34.84 -30.99 32.08
C LEU A 262 35.14 -30.19 33.34
N SER A 263 34.77 -30.71 34.51
CA SER A 263 35.06 -30.00 35.75
C SER A 263 36.55 -29.78 35.93
N ASP A 264 37.38 -30.64 35.34
CA ASP A 264 38.83 -30.51 35.50
C ASP A 264 39.32 -29.22 34.84
N VAL A 265 38.78 -28.86 33.68
CA VAL A 265 39.29 -27.76 32.88
C VAL A 265 38.33 -26.58 32.85
N ALA A 266 37.31 -26.57 33.70
CA ALA A 266 36.35 -25.49 33.72
C ALA A 266 35.40 -25.66 34.89
N ASN A 267 34.78 -24.55 35.30
CA ASN A 267 33.73 -24.55 36.30
C ASN A 267 32.41 -24.27 35.58
N VAL A 268 31.43 -25.14 35.79
CA VAL A 268 30.14 -25.03 35.14
C VAL A 268 29.14 -24.46 36.13
N GLU A 269 28.45 -23.38 35.72
CA GLU A 269 27.48 -22.73 36.59
C GLU A 269 26.27 -22.34 35.78
N ILE A 270 25.23 -21.87 36.47
CA ILE A 270 24.03 -21.33 35.85
C ILE A 270 23.98 -19.84 36.18
N GLY A 271 23.91 -19.02 35.14
CA GLY A 271 23.93 -17.58 35.35
C GLY A 271 23.33 -16.85 34.17
N SER A 272 23.32 -15.53 34.28
CA SER A 272 22.70 -14.70 33.25
C SER A 272 23.38 -14.94 31.90
N GLN A 273 22.57 -14.94 30.84
CA GLN A 273 23.12 -15.05 29.49
C GLN A 273 24.04 -13.88 29.18
N ALA A 274 23.64 -12.68 29.58
CA ALA A 274 24.46 -11.49 29.44
C ALA A 274 24.48 -10.74 30.77
N TYR A 275 25.62 -10.11 31.06
CA TYR A 275 25.81 -9.36 32.30
C TYR A 275 25.93 -7.86 32.04
N ASN A 276 25.27 -7.36 31.00
CA ASN A 276 25.49 -5.99 30.57
C ASN A 276 24.89 -4.99 31.55
N PHE A 277 23.64 -5.22 31.97
CA PHE A 277 22.87 -4.22 32.69
C PHE A 277 22.56 -4.68 34.12
N ALA A 278 22.30 -3.70 34.98
CA ALA A 278 21.95 -3.96 36.37
C ALA A 278 20.98 -2.89 36.84
N ILE A 279 20.30 -3.16 37.94
CA ILE A 279 19.26 -2.27 38.46
C ILE A 279 19.46 -2.08 39.95
N LEU A 280 19.15 -0.88 40.43
CA LEU A 280 19.13 -0.56 41.87
C LEU A 280 17.84 0.19 42.13
N GLU A 281 16.88 -0.43 42.84
CA GLU A 281 15.53 0.17 43.05
C GLU A 281 15.58 1.29 44.07
N ASN A 282 16.14 1.08 45.23
CA ASN A 282 16.36 2.11 46.23
C ASN A 282 17.70 1.83 46.92
N GLY A 283 18.72 1.52 46.12
CA GLY A 283 19.98 1.03 46.63
C GLY A 283 19.98 -0.46 46.90
N LYS A 284 18.88 -1.16 46.65
CA LYS A 284 18.76 -2.59 46.82
C LYS A 284 18.71 -3.27 45.47
N PRO A 285 19.59 -4.22 45.17
CA PRO A 285 19.58 -4.85 43.85
C PRO A 285 18.21 -5.47 43.54
N ALA A 286 17.81 -5.33 42.28
CA ALA A 286 16.53 -5.85 41.82
C ALA A 286 16.59 -5.98 40.31
N THR A 287 15.45 -6.25 39.68
CA THR A 287 15.34 -6.34 38.24
C THR A 287 14.15 -5.51 37.78
N ALA A 288 14.26 -4.94 36.58
CA ALA A 288 13.22 -4.07 36.06
C ALA A 288 13.22 -4.14 34.54
N ALA A 289 12.07 -3.77 33.98
CA ALA A 289 11.91 -3.64 32.54
C ALA A 289 11.15 -2.35 32.25
N ALA A 290 11.57 -1.67 31.19
CA ALA A 290 11.00 -0.38 30.80
C ALA A 290 9.93 -0.60 29.73
N ILE A 291 8.79 0.06 29.92
CA ILE A 291 7.66 -0.04 29.02
C ILE A 291 7.58 1.25 28.22
N GLN A 292 7.66 1.12 26.90
CA GLN A 292 7.47 2.23 25.98
C GLN A 292 6.15 2.07 25.23
N LEU A 293 5.67 3.17 24.67
CA LEU A 293 4.41 3.19 23.96
C LEU A 293 4.64 3.50 22.49
N SER A 294 3.82 2.88 21.64
CA SER A 294 3.94 3.10 20.22
C SER A 294 3.58 4.55 19.89
N PRO A 295 4.22 5.17 18.90
CA PRO A 295 3.89 6.56 18.56
C PRO A 295 2.42 6.69 18.18
N GLY A 296 1.70 7.49 18.94
CA GLY A 296 0.28 7.72 18.72
C GLY A 296 -0.65 6.91 19.61
N ALA A 297 -0.22 6.55 20.82
CA ALA A 297 -1.04 5.79 21.76
C ALA A 297 -1.28 6.64 22.99
N ASN A 298 -2.23 6.19 23.82
CA ASN A 298 -2.60 6.92 25.03
C ASN A 298 -1.82 6.35 26.21
N ALA A 299 -1.19 7.24 26.98
CA ALA A 299 -0.34 6.80 28.09
C ALA A 299 -1.16 6.21 29.22
N VAL A 300 -2.28 6.85 29.57
CA VAL A 300 -3.04 6.42 30.74
C VAL A 300 -3.62 5.02 30.51
N LYS A 301 -4.20 4.78 29.33
CA LYS A 301 -4.81 3.48 29.07
C LYS A 301 -3.75 2.38 29.01
N THR A 302 -2.61 2.67 28.38
CA THR A 302 -1.55 1.67 28.32
C THR A 302 -1.01 1.36 29.71
N ALA A 303 -0.82 2.38 30.55
CA ALA A 303 -0.38 2.14 31.92
C ALA A 303 -1.42 1.34 32.71
N GLU A 304 -2.71 1.64 32.53
CA GLU A 304 -3.75 0.87 33.20
C GLU A 304 -3.72 -0.59 32.76
N GLY A 305 -3.54 -0.84 31.46
CA GLY A 305 -3.46 -2.21 30.98
C GLY A 305 -2.25 -2.94 31.54
N VAL A 306 -1.11 -2.27 31.58
CA VAL A 306 0.10 -2.89 32.12
C VAL A 306 -0.10 -3.23 33.60
N ARG A 307 -0.67 -2.31 34.36
CA ARG A 307 -0.90 -2.57 35.78
C ARG A 307 -1.91 -3.69 35.97
N ALA A 308 -2.93 -3.76 35.11
CA ALA A 308 -3.89 -4.85 35.19
C ALA A 308 -3.23 -6.19 34.91
N LYS A 309 -2.36 -6.25 33.89
CA LYS A 309 -1.65 -7.48 33.62
C LYS A 309 -0.75 -7.87 34.78
N ILE A 310 -0.08 -6.88 35.38
CA ILE A 310 0.73 -7.16 36.56
C ILE A 310 -0.13 -7.75 37.67
N GLU A 311 -1.30 -7.14 37.92
CA GLU A 311 -2.22 -7.65 38.93
C GLU A 311 -2.60 -9.10 38.64
N GLU A 312 -2.86 -9.42 37.36
CA GLU A 312 -3.14 -10.79 36.99
C GLU A 312 -1.96 -11.69 37.34
N LEU A 313 -0.74 -11.22 37.11
CA LEU A 313 0.44 -12.03 37.41
C LEU A 313 0.76 -12.08 38.90
N LYS A 314 0.07 -11.33 39.72
CA LYS A 314 0.32 -11.39 41.17
C LYS A 314 -0.36 -12.63 41.73
N LEU A 315 -1.19 -13.34 40.94
CA LEU A 315 -1.78 -14.59 41.39
C LEU A 315 -0.75 -15.72 41.42
N ASN A 316 0.08 -15.80 40.39
CA ASN A 316 1.06 -16.87 40.26
C ASN A 316 2.45 -16.45 40.72
N LEU A 317 2.57 -15.29 41.36
CA LEU A 317 3.87 -14.85 41.85
C LEU A 317 4.38 -15.83 42.90
N PRO A 318 5.56 -16.43 42.70
CA PRO A 318 6.12 -17.28 43.76
C PRO A 318 6.49 -16.46 44.99
N GLU A 319 6.36 -17.10 46.15
CA GLU A 319 6.66 -16.40 47.40
C GLU A 319 8.11 -15.93 47.41
N GLY A 320 8.32 -14.70 47.89
CA GLY A 320 9.63 -14.09 47.91
C GLY A 320 9.86 -13.04 46.84
N MET A 321 8.96 -12.95 45.85
CA MET A 321 9.04 -11.96 44.80
C MET A 321 7.87 -11.01 44.91
N GLU A 322 8.14 -9.71 44.74
CA GLU A 322 7.12 -8.67 44.86
C GLU A 322 7.23 -7.71 43.69
N PHE A 323 6.12 -7.46 43.02
CA PHE A 323 6.10 -6.50 41.92
C PHE A 323 6.18 -5.07 42.44
N SER A 324 6.81 -4.21 41.66
CA SER A 324 6.94 -2.80 42.00
C SER A 324 6.93 -1.98 40.72
N ILE A 325 6.42 -0.75 40.84
CA ILE A 325 6.40 0.20 39.72
C ILE A 325 6.98 1.51 40.24
N PRO A 326 8.30 1.59 40.46
CA PRO A 326 8.86 2.82 41.05
C PRO A 326 8.63 4.05 40.20
N TYR A 327 8.64 3.93 38.88
CA TYR A 327 8.55 5.06 37.96
C TYR A 327 7.31 4.89 37.10
N ASP A 328 6.45 5.92 37.09
CA ASP A 328 5.23 5.92 36.30
C ASP A 328 4.83 7.35 36.02
N THR A 329 4.66 7.68 34.74
CA THR A 329 4.29 9.03 34.34
C THR A 329 2.79 9.20 34.12
N ALA A 330 2.05 8.10 33.97
CA ALA A 330 0.60 8.17 33.75
C ALA A 330 -0.09 8.92 34.88
N PRO A 331 0.25 8.68 36.15
CA PRO A 331 -0.46 9.36 37.24
C PRO A 331 -0.47 10.88 37.11
N PHE A 332 0.60 11.46 36.55
CA PHE A 332 0.63 12.90 36.38
C PHE A 332 -0.51 13.40 35.49
N VAL A 333 -0.83 12.65 34.43
CA VAL A 333 -1.78 13.14 33.44
C VAL A 333 -3.03 13.69 34.13
N LYS A 334 -3.70 12.85 34.90
CA LYS A 334 -4.96 13.27 35.53
C LYS A 334 -4.76 14.53 36.36
N ILE A 335 -3.71 14.56 37.20
CA ILE A 335 -3.57 15.70 38.10
C ILE A 335 -3.44 16.99 37.31
N SER A 336 -2.87 16.92 36.11
CA SER A 336 -2.83 18.11 35.27
C SER A 336 -4.22 18.54 34.85
N ILE A 337 -4.98 17.60 34.26
CA ILE A 337 -6.30 17.97 33.71
C ILE A 337 -7.18 18.56 34.79
N GLU A 338 -7.10 17.98 35.95
CA GLU A 338 -7.96 18.37 37.08
C GLU A 338 -7.66 19.80 37.51
N LYS A 339 -6.45 20.30 37.38
CA LYS A 339 -6.12 21.69 37.63
C LYS A 339 -6.74 22.59 36.57
N VAL A 340 -6.64 22.19 35.30
CA VAL A 340 -7.23 23.00 34.24
C VAL A 340 -8.73 23.14 34.48
N ILE A 341 -9.40 22.05 34.80
CA ILE A 341 -10.83 22.11 35.08
C ILE A 341 -11.07 23.03 36.28
N HIS A 342 -10.18 23.00 37.27
CA HIS A 342 -10.32 23.92 38.39
C HIS A 342 -10.23 25.37 37.91
N THR A 343 -9.31 25.64 36.98
CA THR A 343 -9.26 26.97 36.38
C THR A 343 -10.44 27.19 35.45
N LEU A 344 -11.04 26.11 34.94
CA LEU A 344 -12.20 26.25 34.07
C LEU A 344 -13.41 26.74 34.84
N LEU A 345 -13.88 25.93 35.80
CA LEU A 345 -15.06 26.30 36.56
C LEU A 345 -14.89 27.68 37.18
N GLU A 346 -13.74 27.93 37.82
CA GLU A 346 -13.51 29.24 38.41
C GLU A 346 -13.76 30.34 37.38
N ALA A 347 -13.16 30.23 36.20
CA ALA A 347 -13.39 31.24 35.18
C ALA A 347 -14.87 31.48 34.99
N MET A 348 -15.65 30.42 34.83
CA MET A 348 -17.08 30.56 34.60
C MET A 348 -17.70 31.47 35.66
N VAL A 349 -17.44 31.19 36.94
CA VAL A 349 -18.11 31.96 37.98
C VAL A 349 -17.70 33.43 37.86
N LEU A 350 -16.41 33.69 37.64
CA LEU A 350 -16.00 35.07 37.43
C LEU A 350 -16.71 35.66 36.24
N VAL A 351 -16.76 34.91 35.12
CA VAL A 351 -17.49 35.40 33.95
C VAL A 351 -18.93 35.68 34.34
N PHE A 352 -19.52 34.82 35.17
CA PHE A 352 -20.86 35.09 35.66
C PHE A 352 -20.88 36.35 36.53
N ILE A 353 -19.99 36.40 37.52
CA ILE A 353 -20.09 37.41 38.57
C ILE A 353 -20.22 38.79 37.96
N VAL A 354 -19.21 39.20 37.19
CA VAL A 354 -19.16 40.55 36.65
C VAL A 354 -20.43 40.85 35.85
N MET A 355 -20.91 39.88 35.07
CA MET A 355 -22.13 40.13 34.31
C MET A 355 -23.24 40.62 35.22
N TYR A 356 -23.50 39.89 36.31
CA TYR A 356 -24.54 40.34 37.23
C TYR A 356 -24.22 41.74 37.75
N LEU A 357 -22.95 41.98 38.09
CA LEU A 357 -22.57 43.28 38.63
C LEU A 357 -22.99 44.41 37.70
N PHE A 358 -22.99 44.13 36.42
CA PHE A 358 -23.37 45.13 35.40
C PHE A 358 -24.89 45.10 35.21
N LEU A 359 -25.50 43.90 35.17
CA LEU A 359 -26.92 43.78 34.91
C LEU A 359 -27.74 44.18 36.12
N HIS A 360 -27.17 44.03 37.32
CA HIS A 360 -27.77 44.32 38.61
C HIS A 360 -29.12 43.61 38.78
N ASN A 361 -29.41 42.61 37.96
CA ASN A 361 -30.61 41.80 38.09
C ASN A 361 -30.25 40.37 37.68
N VAL A 362 -30.56 39.41 38.56
CA VAL A 362 -30.11 38.04 38.34
C VAL A 362 -30.75 37.45 37.08
N ARG A 363 -32.05 37.67 36.90
CA ARG A 363 -32.76 36.99 35.83
C ARG A 363 -32.20 37.38 34.46
N TYR A 364 -31.77 38.64 34.31
CA TYR A 364 -31.08 39.01 33.08
C TYR A 364 -29.77 38.25 32.92
N THR A 365 -29.06 38.04 34.03
CA THR A 365 -27.76 37.38 33.95
C THR A 365 -27.87 35.89 33.68
N LEU A 366 -29.04 35.30 33.96
CA LEU A 366 -29.20 33.86 33.72
C LEU A 366 -29.02 33.51 32.24
N ILE A 367 -29.60 34.30 31.34
CA ILE A 367 -29.61 33.92 29.93
C ILE A 367 -28.21 33.72 29.37
N PRO A 368 -27.26 34.64 29.54
CA PRO A 368 -25.91 34.38 29.01
C PRO A 368 -25.27 33.13 29.60
N ALA A 369 -25.54 32.82 30.87
CA ALA A 369 -24.84 31.74 31.54
C ALA A 369 -25.13 30.39 30.89
N ILE A 370 -26.39 30.13 30.55
CA ILE A 370 -26.76 28.81 30.04
C ILE A 370 -26.11 28.56 28.68
N VAL A 371 -25.76 29.62 27.96
CA VAL A 371 -25.19 29.45 26.62
C VAL A 371 -23.89 28.68 26.69
N ALA A 372 -23.02 29.03 27.64
CA ALA A 372 -21.69 28.43 27.68
C ALA A 372 -21.72 26.92 27.85
N PRO A 373 -22.34 26.35 28.88
CA PRO A 373 -22.26 24.89 29.06
C PRO A 373 -22.70 24.11 27.83
N ILE A 374 -23.75 24.57 27.15
CA ILE A 374 -24.22 23.88 25.96
C ILE A 374 -23.16 23.95 24.86
N ALA A 375 -22.52 25.11 24.70
CA ALA A 375 -21.48 25.25 23.69
C ALA A 375 -20.30 24.33 23.98
N LEU A 376 -19.88 24.27 25.25
CA LEU A 376 -18.77 23.38 25.61
C LEU A 376 -19.15 21.92 25.41
N LEU A 377 -20.38 21.54 25.72
CA LEU A 377 -20.81 20.17 25.51
C LEU A 377 -20.82 19.83 24.02
N GLY A 378 -21.31 20.74 23.18
CA GLY A 378 -21.25 20.52 21.75
C GLY A 378 -19.82 20.44 21.24
N THR A 379 -18.92 21.22 21.84
CA THR A 379 -17.51 21.12 21.49
C THR A 379 -16.97 19.74 21.84
N PHE A 380 -17.36 19.20 23.00
CA PHE A 380 -16.98 17.84 23.35
C PHE A 380 -17.50 16.83 22.34
N THR A 381 -18.74 17.01 21.89
CA THR A 381 -19.30 16.10 20.88
C THR A 381 -18.50 16.17 19.59
N VAL A 382 -18.15 17.39 19.15
CA VAL A 382 -17.38 17.54 17.92
C VAL A 382 -16.00 16.93 18.08
N MET A 383 -15.40 17.05 19.27
CA MET A 383 -14.14 16.39 19.52
C MET A 383 -14.27 14.88 19.44
N LEU A 384 -15.34 14.32 20.00
CA LEU A 384 -15.56 12.88 19.90
C LEU A 384 -15.67 12.45 18.45
N LEU A 385 -16.45 13.18 17.65
CA LEU A 385 -16.60 12.83 16.25
C LEU A 385 -15.28 12.94 15.50
N ALA A 386 -14.50 13.99 15.78
CA ALA A 386 -13.24 14.20 15.07
C ALA A 386 -12.17 13.24 15.56
N GLY A 387 -12.28 12.78 16.80
CA GLY A 387 -11.28 11.92 17.39
C GLY A 387 -10.30 12.59 18.32
N PHE A 388 -10.45 13.89 18.55
CA PHE A 388 -9.59 14.59 19.48
C PHE A 388 -9.79 14.05 20.90
N SER A 389 -8.71 14.04 21.67
CA SER A 389 -8.73 13.59 23.05
C SER A 389 -8.91 14.80 23.97
N ILE A 390 -9.00 14.57 25.27
CA ILE A 390 -9.07 15.62 26.26
C ILE A 390 -7.65 15.94 26.68
N ASN A 391 -7.08 16.98 26.08
CA ASN A 391 -5.71 17.41 26.35
C ASN A 391 -5.72 18.68 27.19
N VAL A 392 -4.57 18.96 27.81
CA VAL A 392 -4.40 20.22 28.50
C VAL A 392 -4.55 21.38 27.52
N LEU A 393 -4.15 21.18 26.26
CA LEU A 393 -4.26 22.22 25.26
C LEU A 393 -5.72 22.56 24.97
N THR A 394 -6.54 21.54 24.74
CA THR A 394 -7.96 21.77 24.46
C THR A 394 -8.66 22.39 25.66
N MET A 395 -8.34 21.92 26.87
CA MET A 395 -8.95 22.50 28.06
C MET A 395 -8.53 23.95 28.25
N PHE A 396 -7.26 24.27 27.98
CA PHE A 396 -6.84 25.66 28.03
C PHE A 396 -7.57 26.51 27.01
N GLY A 397 -7.76 25.97 25.80
CA GLY A 397 -8.55 26.68 24.81
C GLY A 397 -9.98 26.92 25.27
N MET A 398 -10.57 25.93 25.93
CA MET A 398 -11.91 26.09 26.49
C MET A 398 -11.94 27.16 27.59
N VAL A 399 -10.91 27.19 28.44
CA VAL A 399 -10.83 28.23 29.46
C VAL A 399 -10.76 29.61 28.82
N LEU A 400 -9.95 29.75 27.76
CA LEU A 400 -9.91 31.00 27.02
C LEU A 400 -11.28 31.32 26.43
N ALA A 401 -11.98 30.30 25.92
CA ALA A 401 -13.25 30.52 25.25
C ALA A 401 -14.32 31.00 26.22
N ILE A 402 -14.30 30.53 27.46
CA ILE A 402 -15.39 30.84 28.40
C ILE A 402 -15.83 32.30 28.25
N GLY A 403 -14.88 33.23 28.17
CA GLY A 403 -15.23 34.63 28.01
C GLY A 403 -15.88 34.93 26.67
N ILE A 404 -15.32 34.38 25.59
CA ILE A 404 -15.79 34.71 24.24
C ILE A 404 -17.18 34.13 23.99
N ILE A 405 -17.44 32.94 24.55
CA ILE A 405 -18.66 32.21 24.24
C ILE A 405 -19.89 33.03 24.60
N VAL A 406 -19.83 33.75 25.73
CA VAL A 406 -21.01 34.46 26.24
C VAL A 406 -21.22 35.83 25.61
N ASP A 407 -20.30 36.30 24.77
CA ASP A 407 -20.41 37.65 24.23
C ASP A 407 -21.67 37.82 23.39
N ASP A 408 -22.00 36.82 22.58
CA ASP A 408 -23.17 36.91 21.71
C ASP A 408 -24.44 37.07 22.53
N ALA A 409 -24.57 36.29 23.61
CA ALA A 409 -25.73 36.42 24.48
C ALA A 409 -25.72 37.75 25.20
N ILE A 410 -24.55 38.21 25.65
CA ILE A 410 -24.48 39.46 26.40
C ILE A 410 -24.90 40.64 25.55
N VAL A 411 -24.51 40.67 24.27
CA VAL A 411 -24.88 41.79 23.42
C VAL A 411 -26.39 41.91 23.31
N VAL A 412 -27.06 40.80 22.99
CA VAL A 412 -28.50 40.82 22.83
C VAL A 412 -29.18 41.12 24.17
N VAL A 413 -28.65 40.59 25.26
CA VAL A 413 -29.25 40.84 26.57
C VAL A 413 -29.18 42.33 26.90
N GLU A 414 -28.02 42.96 26.67
CA GLU A 414 -27.89 44.38 26.94
C GLU A 414 -28.82 45.18 26.05
N ASN A 415 -28.88 44.85 24.76
CA ASN A 415 -29.75 45.59 23.85
C ASN A 415 -31.20 45.50 24.27
N VAL A 416 -31.68 44.29 24.55
CA VAL A 416 -33.09 44.11 24.92
C VAL A 416 -33.38 44.81 26.23
N GLU A 417 -32.49 44.68 27.23
CA GLU A 417 -32.74 45.33 28.51
C GLU A 417 -32.81 46.84 28.35
N ARG A 418 -31.85 47.42 27.64
CA ARG A 418 -31.82 48.87 27.49
C ARG A 418 -33.04 49.36 26.73
N ILE A 419 -33.40 48.70 25.64
CA ILE A 419 -34.52 49.16 24.83
C ILE A 419 -35.83 49.01 25.59
N MET A 420 -35.97 47.92 26.36
CA MET A 420 -37.16 47.75 27.19
C MET A 420 -37.24 48.84 28.25
N ALA A 421 -36.13 49.12 28.91
CA ALA A 421 -36.14 50.13 29.97
C ALA A 421 -36.47 51.50 29.42
N THR A 422 -35.94 51.84 28.24
CA THR A 422 -36.14 53.18 27.70
C THR A 422 -37.51 53.31 27.04
N GLU A 423 -37.80 52.50 26.02
CA GLU A 423 -39.07 52.63 25.31
C GLU A 423 -40.24 52.16 26.15
N GLY A 424 -40.05 51.09 26.93
CA GLY A 424 -41.11 50.58 27.76
C GLY A 424 -42.13 49.71 27.04
N LEU A 425 -41.83 49.25 25.84
CA LEU A 425 -42.76 48.41 25.10
C LEU A 425 -42.91 47.06 25.77
N SER A 426 -43.77 46.22 25.19
CA SER A 426 -44.01 44.90 25.76
C SER A 426 -42.72 44.07 25.68
N PRO A 427 -42.46 43.19 26.66
CA PRO A 427 -41.22 42.41 26.62
C PRO A 427 -41.04 41.62 25.34
N LYS A 428 -42.10 41.01 24.83
CA LYS A 428 -41.97 40.10 23.68
C LYS A 428 -41.68 40.87 22.40
N ASP A 429 -42.49 41.88 22.11
CA ASP A 429 -42.24 42.72 20.94
C ASP A 429 -40.91 43.43 21.06
N ALA A 430 -40.59 43.92 22.26
CA ALA A 430 -39.32 44.62 22.47
C ALA A 430 -38.14 43.70 22.18
N THR A 431 -38.18 42.46 22.66
CA THR A 431 -37.06 41.55 22.45
C THR A 431 -36.97 41.11 20.99
N SER A 432 -38.13 40.92 20.33
CA SER A 432 -38.09 40.60 18.91
C SER A 432 -37.45 41.74 18.12
N LYS A 433 -37.84 42.98 18.42
CA LYS A 433 -37.23 44.13 17.76
C LYS A 433 -35.73 44.17 18.02
N ALA A 434 -35.33 44.10 19.29
CA ALA A 434 -33.91 44.14 19.63
C ALA A 434 -33.14 43.06 18.89
N MET A 435 -33.71 41.88 18.76
CA MET A 435 -33.10 40.83 17.94
C MET A 435 -32.96 41.30 16.50
N LYS A 436 -33.98 42.00 15.98
CA LYS A 436 -33.90 42.49 14.61
C LYS A 436 -32.73 43.45 14.44
N GLU A 437 -32.52 44.37 15.38
CA GLU A 437 -31.42 45.32 15.22
C GLU A 437 -30.06 44.64 15.32
N ILE A 438 -29.90 43.72 16.28
CA ILE A 438 -28.57 43.27 16.68
C ILE A 438 -28.17 41.96 15.97
N THR A 439 -28.90 41.57 14.94
CA THR A 439 -28.56 40.32 14.23
C THR A 439 -27.22 40.44 13.52
N SER A 440 -27.05 41.50 12.72
CA SER A 440 -25.86 41.62 11.89
C SER A 440 -24.59 41.74 12.71
N PRO A 441 -24.50 42.60 13.72
CA PRO A 441 -23.27 42.64 14.53
C PRO A 441 -22.94 41.30 15.16
N ILE A 442 -23.95 40.59 15.66
CA ILE A 442 -23.71 39.29 16.30
C ILE A 442 -23.16 38.30 15.29
N ILE A 443 -23.78 38.22 14.11
CA ILE A 443 -23.32 37.25 13.12
C ILE A 443 -21.92 37.59 12.65
N GLY A 444 -21.64 38.89 12.45
CA GLY A 444 -20.30 39.28 12.02
C GLY A 444 -19.25 38.96 13.05
N ILE A 445 -19.53 39.26 14.32
CA ILE A 445 -18.60 38.95 15.39
C ILE A 445 -18.34 37.46 15.44
N THR A 446 -19.39 36.66 15.38
CA THR A 446 -19.22 35.21 15.46
C THR A 446 -18.39 34.70 14.30
N LEU A 447 -18.69 35.15 13.08
CA LEU A 447 -17.94 34.68 11.92
C LEU A 447 -16.47 35.06 12.01
N VAL A 448 -16.18 36.32 12.33
CA VAL A 448 -14.79 36.75 12.39
C VAL A 448 -14.03 35.99 13.49
N LEU A 449 -14.66 35.86 14.67
CA LEU A 449 -13.98 35.18 15.76
C LEU A 449 -13.74 33.71 15.42
N ALA A 450 -14.67 33.07 14.72
CA ALA A 450 -14.49 31.68 14.34
C ALA A 450 -13.48 31.52 13.21
N ALA A 451 -13.27 32.55 12.39
CA ALA A 451 -12.41 32.44 11.22
C ALA A 451 -10.97 32.91 11.47
N VAL A 452 -10.74 33.73 12.49
CA VAL A 452 -9.36 34.18 12.73
C VAL A 452 -8.47 33.05 13.19
N PHE A 453 -9.03 32.00 13.79
CA PHE A 453 -8.22 30.90 14.28
C PHE A 453 -7.92 29.84 13.22
N LEU A 454 -8.54 29.92 12.05
CA LEU A 454 -8.33 28.90 11.02
C LEU A 454 -6.88 28.89 10.53
N PRO A 455 -6.31 30.05 10.16
CA PRO A 455 -4.97 30.03 9.54
C PRO A 455 -3.91 29.35 10.40
N MET A 456 -3.91 29.59 11.71
CA MET A 456 -2.89 29.00 12.57
C MET A 456 -3.05 27.48 12.63
N ALA A 457 -4.26 26.99 12.38
CA ALA A 457 -4.50 25.55 12.45
C ALA A 457 -3.74 24.77 11.38
N PHE A 458 -3.33 25.44 10.31
CA PHE A 458 -2.70 24.78 9.17
C PHE A 458 -1.18 24.88 9.19
N ALA A 459 -0.59 25.39 10.27
CA ALA A 459 0.86 25.50 10.35
C ALA A 459 1.49 24.12 10.42
N SER A 460 2.79 24.07 10.11
CA SER A 460 3.54 22.83 10.09
C SER A 460 4.29 22.63 11.41
N GLY A 461 4.68 21.39 11.66
CA GLY A 461 5.43 21.05 12.86
C GLY A 461 4.53 20.85 14.06
N SER A 462 5.18 20.60 15.20
CA SER A 462 4.45 20.39 16.45
C SER A 462 3.66 21.61 16.87
N VAL A 463 4.20 22.82 16.64
CA VAL A 463 3.44 24.03 16.93
C VAL A 463 2.14 24.05 16.11
N GLY A 464 2.19 23.48 14.90
CA GLY A 464 0.97 23.36 14.12
C GLY A 464 -0.05 22.45 14.79
N VAL A 465 0.41 21.36 15.39
CA VAL A 465 -0.50 20.46 16.10
C VAL A 465 -1.11 21.17 17.30
N ILE A 466 -0.29 21.91 18.05
CA ILE A 466 -0.81 22.66 19.19
C ILE A 466 -1.85 23.68 18.73
N TYR A 467 -1.56 24.38 17.62
CA TYR A 467 -2.52 25.33 17.08
C TYR A 467 -3.82 24.63 16.68
N LYS A 468 -3.73 23.44 16.08
CA LYS A 468 -4.93 22.70 15.71
C LYS A 468 -5.75 22.36 16.95
N GLN A 469 -5.08 21.88 18.00
CA GLN A 469 -5.79 21.56 19.25
C GLN A 469 -6.52 22.78 19.79
N PHE A 470 -5.85 23.92 19.83
CA PHE A 470 -6.51 25.13 20.33
C PHE A 470 -7.67 25.54 19.42
N THR A 471 -7.43 25.58 18.11
CA THR A 471 -8.39 26.14 17.17
C THR A 471 -9.66 25.32 17.13
N LEU A 472 -9.56 23.99 17.19
CA LEU A 472 -10.77 23.18 17.16
C LEU A 472 -11.76 23.72 18.19
N THR A 473 -11.35 23.70 19.46
CA THR A 473 -12.24 24.13 20.54
C THR A 473 -12.63 25.60 20.37
N MET A 474 -11.65 26.47 20.09
CA MET A 474 -11.95 27.89 20.03
C MET A 474 -13.01 28.20 18.99
N SER A 475 -12.88 27.62 17.79
CA SER A 475 -13.81 27.94 16.71
C SER A 475 -15.15 27.27 16.92
N VAL A 476 -15.15 25.99 17.34
CA VAL A 476 -16.41 25.27 17.47
C VAL A 476 -17.25 25.86 18.59
N SER A 477 -16.61 26.24 19.71
CA SER A 477 -17.36 26.82 20.82
C SER A 477 -18.03 28.12 20.40
N ILE A 478 -17.32 28.99 19.68
CA ILE A 478 -17.92 30.25 19.26
C ILE A 478 -19.00 30.02 18.21
N LEU A 479 -18.83 29.07 17.30
CA LEU A 479 -19.90 28.80 16.34
C LEU A 479 -21.15 28.30 17.05
N PHE A 480 -20.98 27.38 18.00
CA PHE A 480 -22.12 26.92 18.78
C PHE A 480 -22.73 28.05 19.60
N SER A 481 -21.90 28.98 20.08
CA SER A 481 -22.41 30.15 20.77
C SER A 481 -23.26 31.02 19.85
N ALA A 482 -22.82 31.20 18.60
CA ALA A 482 -23.62 31.94 17.63
C ALA A 482 -24.96 31.26 17.41
N LEU A 483 -24.94 29.93 17.23
CA LEU A 483 -26.17 29.19 17.05
C LEU A 483 -27.10 29.37 18.25
N LEU A 484 -26.56 29.21 19.45
CA LEU A 484 -27.37 29.37 20.65
C LEU A 484 -27.95 30.78 20.75
N ALA A 485 -27.13 31.79 20.51
CA ALA A 485 -27.61 33.16 20.60
C ALA A 485 -28.73 33.43 19.60
N LEU A 486 -28.60 32.90 18.39
CA LEU A 486 -29.62 33.17 17.37
C LEU A 486 -30.88 32.35 17.62
N ILE A 487 -30.76 31.20 18.29
CA ILE A 487 -31.88 30.26 18.38
C ILE A 487 -32.57 30.32 19.75
N LEU A 488 -31.83 29.98 20.81
CA LEU A 488 -32.47 29.76 22.11
C LEU A 488 -32.57 31.04 22.93
N THR A 489 -31.50 31.83 22.96
CA THR A 489 -31.47 33.00 23.85
C THR A 489 -32.68 33.91 23.67
N PRO A 490 -33.16 34.20 22.45
CA PRO A 490 -34.30 35.11 22.34
C PRO A 490 -35.56 34.58 23.00
N ALA A 491 -35.94 33.33 22.70
CA ALA A 491 -37.14 32.77 23.30
C ALA A 491 -37.01 32.62 24.82
N LEU A 492 -35.84 32.17 25.28
CA LEU A 492 -35.64 32.04 26.72
C LEU A 492 -35.75 33.38 27.41
N CYS A 493 -35.16 34.43 26.83
CA CYS A 493 -35.27 35.77 27.40
C CYS A 493 -36.72 36.24 27.41
N ALA A 494 -37.43 36.01 26.31
CA ALA A 494 -38.82 36.44 26.23
C ALA A 494 -39.66 35.77 27.31
N THR A 495 -39.45 34.47 27.52
CA THR A 495 -40.23 33.74 28.52
C THR A 495 -39.86 34.18 29.93
N ILE A 496 -38.57 34.24 30.24
CA ILE A 496 -38.13 34.50 31.61
C ILE A 496 -38.42 35.95 32.00
N LEU A 497 -38.18 36.89 31.10
CA LEU A 497 -38.33 38.30 31.45
C LEU A 497 -39.75 38.61 31.89
N LYS A 498 -39.86 39.42 32.94
CA LYS A 498 -41.13 39.88 33.47
C LYS A 498 -41.15 41.40 33.44
N PRO A 499 -42.27 42.02 33.06
CA PRO A 499 -42.33 43.49 33.07
C PRO A 499 -42.08 44.05 34.47
N ILE A 500 -41.39 45.19 34.52
CA ILE A 500 -41.09 45.85 35.78
C ILE A 500 -41.54 47.31 35.71
N GLY A 508 -29.63 51.72 45.84
CA GLY A 508 -28.43 51.57 46.64
C GLY A 508 -27.20 51.33 45.80
N PHE A 509 -26.62 50.12 45.93
CA PHE A 509 -25.43 49.79 45.17
C PHE A 509 -25.71 49.82 43.67
N PHE A 510 -26.84 49.25 43.24
CA PHE A 510 -27.18 49.25 41.83
C PHE A 510 -27.48 50.67 41.34
N ALA A 511 -28.14 51.49 42.17
CA ALA A 511 -28.38 52.88 41.81
C ALA A 511 -27.07 53.64 41.66
N TRP A 512 -26.14 53.43 42.60
CA TRP A 512 -24.83 54.05 42.49
C TRP A 512 -24.14 53.62 41.19
N PHE A 513 -24.23 52.34 40.85
CA PHE A 513 -23.59 51.84 39.64
C PHE A 513 -24.21 52.49 38.40
N ASP A 514 -25.54 52.60 38.37
CA ASP A 514 -26.21 53.17 37.20
C ASP A 514 -25.85 54.65 37.04
N ARG A 515 -25.85 55.40 38.13
CA ARG A 515 -25.49 56.81 38.03
C ARG A 515 -24.02 56.98 37.65
N SER A 516 -23.16 56.08 38.14
CA SER A 516 -21.76 56.12 37.72
C SER A 516 -21.64 55.87 36.23
N PHE A 517 -22.41 54.92 35.70
CA PHE A 517 -22.38 54.67 34.26
C PHE A 517 -22.88 55.88 33.48
N ASP A 518 -23.92 56.55 33.98
CA ASP A 518 -24.42 57.74 33.30
C ASP A 518 -23.36 58.85 33.28
N LYS A 519 -22.69 59.06 34.42
CA LYS A 519 -21.61 60.05 34.45
C LYS A 519 -20.48 59.64 33.50
N VAL A 520 -20.18 58.35 33.46
CA VAL A 520 -19.11 57.86 32.58
C VAL A 520 -19.45 58.14 31.13
N THR A 521 -20.70 57.90 30.73
CA THR A 521 -21.06 58.11 29.33
C THR A 521 -21.09 59.61 28.99
N LYS A 522 -21.50 60.46 29.94
CA LYS A 522 -21.44 61.90 29.70
C LYS A 522 -20.00 62.35 29.48
N LYS A 523 -19.10 61.97 30.40
CA LYS A 523 -17.69 62.30 30.24
C LYS A 523 -17.14 61.69 28.96
N TYR A 524 -17.64 60.52 28.57
CA TYR A 524 -17.19 59.87 27.35
C TYR A 524 -17.57 60.69 26.13
N GLU A 525 -18.79 61.20 26.09
CA GLU A 525 -19.21 62.05 24.97
C GLU A 525 -18.33 63.30 24.90
N LEU A 526 -18.12 63.94 26.05
CA LEU A 526 -17.30 65.16 26.06
C LEU A 526 -15.88 64.86 25.58
N MET A 527 -15.27 63.81 26.11
CA MET A 527 -13.91 63.45 25.74
C MET A 527 -13.82 63.07 24.27
N LEU A 528 -14.83 62.35 23.77
CA LEU A 528 -14.82 61.97 22.36
C LEU A 528 -14.87 63.20 21.47
N LEU A 529 -15.72 64.18 21.79
CA LEU A 529 -15.74 65.40 21.01
C LEU A 529 -14.38 66.09 21.07
N LYS A 530 -13.78 66.16 22.26
CA LYS A 530 -12.48 66.80 22.40
C LYS A 530 -11.43 66.11 21.53
N ILE A 531 -11.44 64.77 21.51
CA ILE A 531 -10.51 64.03 20.65
C ILE A 531 -10.78 64.34 19.19
N ILE A 532 -12.06 64.39 18.80
CA ILE A 532 -12.38 64.69 17.42
C ILE A 532 -11.81 66.05 17.02
N LYS A 533 -11.75 66.99 17.97
CA LYS A 533 -11.10 68.27 17.67
C LYS A 533 -9.65 68.05 17.26
N HIS A 534 -8.94 67.15 17.93
CA HIS A 534 -7.55 66.83 17.61
C HIS A 534 -7.45 65.47 16.92
N THR A 535 -7.40 65.51 15.58
CA THR A 535 -7.40 64.27 14.80
C THR A 535 -5.97 63.89 14.39
N VAL A 536 -5.26 64.81 13.75
CA VAL A 536 -3.91 64.50 13.27
C VAL A 536 -2.99 64.06 14.40
N PRO A 537 -3.00 64.70 15.58
CA PRO A 537 -2.19 64.18 16.69
C PRO A 537 -2.54 62.75 17.06
N MET A 538 -3.83 62.40 17.04
CA MET A 538 -4.21 61.00 17.31
C MET A 538 -3.68 60.06 16.25
N MET A 539 -3.72 60.47 14.98
CA MET A 539 -3.18 59.61 13.92
C MET A 539 -1.69 59.40 14.11
N VAL A 540 -0.96 60.47 14.43
CA VAL A 540 0.49 60.36 14.64
C VAL A 540 0.76 59.45 15.84
N ILE A 541 -0.03 59.60 16.90
CA ILE A 541 0.15 58.75 18.08
C ILE A 541 -0.13 57.29 17.73
N PHE A 542 -1.12 57.04 16.89
CA PHE A 542 -1.40 55.68 16.45
C PHE A 542 -0.20 55.10 15.71
N LEU A 543 0.39 55.89 14.81
CA LEU A 543 1.59 55.42 14.11
C LEU A 543 2.72 55.14 15.09
N VAL A 544 2.90 56.01 16.08
CA VAL A 544 3.96 55.82 17.07
C VAL A 544 3.73 54.54 17.86
N ILE A 545 2.48 54.29 18.26
CA ILE A 545 2.17 53.08 19.01
C ILE A 545 2.42 51.85 18.15
N THR A 546 2.08 51.92 16.86
CA THR A 546 2.38 50.80 15.97
C THR A 546 3.88 50.55 15.88
N GLY A 547 4.68 51.62 15.79
CA GLY A 547 6.12 51.45 15.74
C GLY A 547 6.67 50.83 17.00
N ILE A 548 6.19 51.30 18.16
CA ILE A 548 6.62 50.73 19.44
C ILE A 548 6.22 49.25 19.51
N THR A 549 5.02 48.93 19.02
CA THR A 549 4.55 47.55 19.03
C THR A 549 5.47 46.67 18.19
N PHE A 550 5.84 47.14 17.00
CA PHE A 550 6.74 46.35 16.16
C PHE A 550 8.10 46.19 16.80
N ALA A 551 8.62 47.25 17.43
CA ALA A 551 9.91 47.15 18.12
C ALA A 551 9.85 46.11 19.24
N GLY A 552 8.77 46.13 20.03
CA GLY A 552 8.61 45.14 21.07
C GLY A 552 8.48 43.73 20.51
N MET A 553 7.74 43.59 19.40
CA MET A 553 7.65 42.31 18.72
C MET A 553 9.04 41.76 18.39
N LYS A 554 9.88 42.61 17.78
CA LYS A 554 11.15 42.11 17.25
C LYS A 554 12.17 41.89 18.37
N TYR A 555 12.19 42.76 19.38
CA TYR A 555 13.33 42.79 20.29
C TYR A 555 13.25 41.69 21.35
N TRP A 556 12.10 41.55 22.01
CA TRP A 556 12.02 40.64 23.14
C TRP A 556 12.32 39.21 22.70
N PRO A 557 13.12 38.47 23.48
CA PRO A 557 13.49 37.11 23.06
C PRO A 557 12.29 36.19 22.96
N THR A 558 12.56 34.97 22.50
CA THR A 558 11.52 33.99 22.23
C THR A 558 11.93 32.63 22.77
N ALA A 559 10.93 31.79 23.03
CA ALA A 559 11.14 30.41 23.44
C ALA A 559 9.97 29.57 22.91
N PHE A 560 10.04 28.26 23.15
CA PHE A 560 8.99 27.37 22.66
C PHE A 560 7.93 27.10 23.71
N MET A 561 8.31 26.50 24.84
CA MET A 561 7.37 26.11 25.87
C MET A 561 7.94 26.42 27.25
N PRO A 562 7.08 26.68 28.24
CA PRO A 562 7.59 26.84 29.61
C PRO A 562 7.91 25.49 30.23
N GLU A 563 8.92 25.48 31.10
CA GLU A 563 9.27 24.27 31.84
C GLU A 563 8.20 23.99 32.90
N GLU A 564 8.20 22.76 33.41
CA GLU A 564 7.19 22.33 34.35
C GLU A 564 7.78 21.35 35.35
N ASP A 565 7.11 21.23 36.49
CA ASP A 565 7.46 20.27 37.52
C ASP A 565 6.50 19.09 37.42
N GLN A 566 6.95 18.03 36.74
CA GLN A 566 6.10 16.87 36.47
C GLN A 566 6.26 15.77 37.50
N GLY A 567 6.97 16.02 38.59
CA GLY A 567 7.08 15.07 39.68
C GLY A 567 8.28 14.16 39.65
N TRP A 568 9.19 14.34 38.70
CA TRP A 568 10.38 13.50 38.63
C TRP A 568 11.48 14.24 37.89
N PHE A 569 12.69 13.72 38.03
CA PHE A 569 13.84 14.28 37.28
C PHE A 569 14.74 13.12 36.87
N MET A 570 15.67 13.34 35.98
CA MET A 570 16.55 12.30 35.46
C MET A 570 18.00 12.71 35.60
N THR A 571 18.82 11.82 36.16
CA THR A 571 20.24 12.03 36.30
C THR A 571 20.99 11.07 35.38
N SER A 572 21.95 11.59 34.64
CA SER A 572 22.76 10.80 33.72
C SER A 572 24.22 10.87 34.17
N PHE A 573 24.85 9.70 34.31
CA PHE A 573 26.24 9.59 34.70
C PHE A 573 27.03 9.05 33.51
N GLN A 574 28.07 9.78 33.10
CA GLN A 574 28.91 9.42 31.96
C GLN A 574 30.36 9.47 32.43
N LEU A 575 30.85 8.39 32.99
CA LEU A 575 32.27 8.35 33.46
C LEU A 575 33.20 8.17 32.24
N PRO A 576 34.53 8.22 32.44
CA PRO A 576 35.49 8.05 31.34
C PRO A 576 35.48 6.63 30.77
N SER A 577 35.97 6.43 29.55
CA SER A 577 35.89 5.09 28.90
C SER A 577 36.63 4.02 29.70
N ASP A 578 37.74 4.36 30.33
CA ASP A 578 38.53 3.36 31.09
C ASP A 578 37.70 2.83 32.27
N ALA A 579 36.71 3.57 32.71
CA ALA A 579 35.92 3.20 33.92
C ALA A 579 35.18 1.87 33.82
N THR A 580 35.28 1.01 34.82
CA THR A 580 34.49 -0.20 34.92
C THR A 580 33.16 0.08 35.61
N ALA A 581 32.33 -0.95 35.73
CA ALA A 581 31.02 -0.79 36.35
C ALA A 581 31.12 -0.50 37.85
N GLU A 582 32.22 -0.85 38.49
CA GLU A 582 32.34 -0.61 39.92
C GLU A 582 32.41 0.88 40.22
N ARG A 583 33.15 1.65 39.42
CA ARG A 583 33.25 3.09 39.66
C ARG A 583 31.91 3.78 39.41
N THR A 584 31.19 3.39 38.36
CA THR A 584 29.85 3.91 38.13
C THR A 584 28.89 3.53 39.26
N ARG A 585 29.00 2.32 39.79
CA ARG A 585 28.20 1.94 40.94
C ARG A 585 28.54 2.81 42.15
N ASN A 586 29.82 3.13 42.33
CA ASN A 586 30.20 4.02 43.43
C ASN A 586 29.57 5.39 43.27
N VAL A 587 29.60 5.93 42.05
CA VAL A 587 29.01 7.24 41.82
C VAL A 587 27.50 7.20 42.05
N VAL A 588 26.84 6.15 41.57
CA VAL A 588 25.39 6.04 41.78
C VAL A 588 25.08 5.86 43.27
N ASN A 589 25.95 5.17 44.00
CA ASN A 589 25.76 5.04 45.44
C ASN A 589 25.91 6.37 46.14
N GLN A 590 26.85 7.20 45.69
CA GLN A 590 26.97 8.55 46.23
C GLN A 590 25.70 9.35 45.95
N PHE A 591 25.14 9.21 44.77
CA PHE A 591 23.87 9.91 44.43
C PHE A 591 22.75 9.38 45.32
N GLU A 592 22.67 8.06 45.57
CA GLU A 592 21.64 7.52 46.45
C GLU A 592 21.80 8.03 47.87
N ASN A 593 23.03 8.06 48.37
CA ASN A 593 23.29 8.57 49.72
C ASN A 593 22.91 10.03 49.82
N ASN A 594 23.25 10.84 48.83
CA ASN A 594 22.97 12.27 48.89
C ASN A 594 21.49 12.58 48.68
N LEU A 595 20.73 11.66 48.10
CA LEU A 595 19.30 11.89 47.90
C LEU A 595 18.43 11.30 49.00
N LYS A 596 18.86 10.24 49.68
CA LYS A 596 18.02 9.66 50.73
C LYS A 596 17.78 10.66 51.85
N ASP A 597 18.74 11.57 52.09
CA ASP A 597 18.58 12.55 53.16
C ASP A 597 17.44 13.51 52.86
N ASN A 598 17.25 13.86 51.59
CA ASN A 598 16.20 14.81 51.24
C ASN A 598 14.84 14.20 51.57
N PRO A 599 13.90 15.00 52.10
CA PRO A 599 12.57 14.47 52.42
C PRO A 599 11.59 14.41 51.26
N ASP A 600 11.96 14.95 50.10
CA ASP A 600 11.07 14.98 48.94
C ASP A 600 11.28 13.82 47.98
N VAL A 601 12.18 12.90 48.29
CA VAL A 601 12.52 11.80 47.38
C VAL A 601 11.64 10.61 47.74
N LYS A 602 10.62 10.35 46.92
CA LYS A 602 9.81 9.16 47.12
C LYS A 602 10.61 7.90 46.79
N SER A 603 11.28 7.90 45.62
CA SER A 603 12.04 6.74 45.20
C SER A 603 12.92 7.12 44.01
N ASN A 604 14.17 6.69 44.02
CA ASN A 604 15.09 6.89 42.92
C ASN A 604 15.60 5.53 42.45
N THR A 605 15.36 5.22 41.18
CA THR A 605 15.75 3.94 40.58
C THR A 605 16.87 4.18 39.58
N ALA A 606 17.94 3.40 39.70
CA ALA A 606 19.14 3.56 38.88
C ALA A 606 19.32 2.36 37.97
N ILE A 607 19.48 2.63 36.67
CA ILE A 607 19.82 1.63 35.68
C ILE A 607 21.31 1.79 35.39
N LEU A 608 22.08 0.76 35.71
CA LEU A 608 23.53 0.77 35.54
C LEU A 608 23.90 -0.05 34.30
N GLY A 609 24.78 0.51 33.46
CA GLY A 609 25.20 -0.12 32.24
C GLY A 609 24.40 0.26 31.02
N TRP A 610 23.32 1.02 31.18
CA TRP A 610 22.50 1.46 30.06
C TRP A 610 22.15 2.93 30.25
N GLY A 611 22.03 3.65 29.15
CA GLY A 611 21.62 5.04 29.18
C GLY A 611 21.22 5.51 27.80
N PHE A 612 20.56 6.66 27.77
CA PHE A 612 20.19 7.25 26.49
C PHE A 612 21.43 7.82 25.81
N SER A 613 21.57 7.54 24.54
CA SER A 613 22.69 8.13 23.78
C SER A 613 23.96 7.37 24.08
N GLY A 614 23.91 6.21 24.67
CA GLY A 614 25.09 5.40 24.88
C GLY A 614 24.81 4.27 25.84
N ALA A 615 25.63 3.22 25.73
CA ALA A 615 25.49 2.05 26.58
C ALA A 615 26.87 1.45 26.84
N GLY A 616 27.20 1.26 28.10
CA GLY A 616 28.48 0.68 28.48
C GLY A 616 28.64 0.68 29.98
N GLN A 617 29.77 0.13 30.42
CA GLN A 617 30.08 0.06 31.85
C GLN A 617 30.29 1.43 32.48
N ASN A 618 30.48 2.47 31.67
CA ASN A 618 30.71 3.82 32.17
C ASN A 618 29.50 4.72 31.97
N VAL A 619 28.31 4.14 31.82
CA VAL A 619 27.09 4.88 31.59
C VAL A 619 26.04 4.43 32.59
N ALA A 620 25.31 5.39 33.15
CA ALA A 620 24.24 5.07 34.08
C ALA A 620 23.15 6.13 33.99
N VAL A 621 21.93 5.74 34.33
CA VAL A 621 20.80 6.64 34.37
C VAL A 621 20.08 6.44 35.69
N ALA A 622 19.35 7.45 36.15
CA ALA A 622 18.59 7.38 37.38
C ALA A 622 17.34 8.24 37.26
N PHE A 623 16.19 7.64 37.56
CA PHE A 623 14.91 8.34 37.59
C PHE A 623 14.53 8.55 39.05
N THR A 624 14.43 9.81 39.46
CA THR A 624 14.08 10.15 40.83
C THR A 624 12.69 10.78 40.83
N THR A 625 11.74 10.13 41.49
CA THR A 625 10.40 10.66 41.67
C THR A 625 10.33 11.45 42.96
N LEU A 626 9.33 12.34 43.04
CA LEU A 626 9.16 13.20 44.19
C LEU A 626 7.74 13.07 44.73
N LYS A 627 7.61 13.27 46.04
CA LYS A 627 6.31 13.15 46.68
C LYS A 627 5.31 14.11 46.05
N ASP A 628 4.03 13.87 46.32
CA ASP A 628 2.97 14.70 45.76
C ASP A 628 3.26 16.16 46.03
N PHE A 629 2.74 17.03 45.15
CA PHE A 629 3.17 18.42 45.15
C PHE A 629 2.85 19.11 46.46
N LYS A 630 1.65 18.88 47.00
CA LYS A 630 1.24 19.57 48.22
C LYS A 630 2.14 19.20 49.39
N GLU A 631 2.80 18.05 49.31
CA GLU A 631 3.57 17.54 50.45
C GLU A 631 5.07 17.58 50.19
N ARG A 632 5.46 18.67 49.54
CA ARG A 632 6.88 18.88 49.21
C ARG A 632 7.31 20.19 49.83
N THR A 633 8.63 20.43 50.04
CA THR A 633 9.14 21.70 50.51
C THR A 633 10.21 22.20 49.54
N SER A 634 10.05 21.90 48.27
CA SER A 634 11.04 22.30 47.25
C SER A 634 10.46 22.07 45.87
N SER A 635 11.17 22.44 44.81
CA SER A 635 10.82 22.17 43.43
C SER A 635 11.93 21.37 42.78
N ALA A 636 11.58 20.65 41.71
CA ALA A 636 12.54 19.76 41.06
C ALA A 636 13.76 20.52 40.57
N SER A 637 13.60 21.79 40.18
CA SER A 637 14.74 22.56 39.69
C SER A 637 15.79 22.72 40.79
N LYS A 638 15.35 23.01 42.01
CA LYS A 638 16.30 23.17 43.12
C LYS A 638 17.06 21.87 43.38
N MET A 639 16.34 20.74 43.38
CA MET A 639 16.99 19.46 43.60
C MET A 639 18.00 19.16 42.51
N THR A 640 17.63 19.43 41.26
CA THR A 640 18.55 19.23 40.15
C THR A 640 19.80 20.09 40.32
N SER A 641 19.63 21.35 40.72
CA SER A 641 20.78 22.23 40.91
C SER A 641 21.68 21.71 42.02
N ASP A 642 21.10 21.29 43.15
CA ASP A 642 21.92 20.81 44.26
C ASP A 642 22.67 19.54 43.89
N VAL A 643 22.00 18.60 43.23
CA VAL A 643 22.69 17.37 42.85
C VAL A 643 23.78 17.66 41.84
N ASN A 644 23.52 18.56 40.88
CA ASN A 644 24.56 18.92 39.92
C ASN A 644 25.77 19.51 40.64
N SER A 645 25.53 20.42 41.60
CA SER A 645 26.63 21.04 42.32
C SER A 645 27.44 19.99 43.07
N SER A 646 26.78 19.12 43.83
CA SER A 646 27.50 18.12 44.61
C SER A 646 28.29 17.17 43.70
N MET A 647 27.66 16.71 42.67
CA MET A 647 28.36 15.72 41.83
C MET A 647 29.51 16.41 41.10
N ALA A 648 29.40 17.66 40.58
CA ALA A 648 30.54 18.35 40.03
C ALA A 648 31.62 18.54 41.10
N ASN A 649 31.21 18.69 42.36
CA ASN A 649 32.17 18.82 43.44
C ASN A 649 33.02 17.57 43.57
N SER A 650 32.38 16.40 43.70
CA SER A 650 33.18 15.18 43.82
C SER A 650 32.44 13.90 43.45
N THR A 651 32.66 13.40 42.23
CA THR A 651 32.32 12.01 41.89
C THR A 651 33.29 11.37 40.91
N GLU A 652 34.36 12.06 40.52
CA GLU A 652 35.31 11.52 39.54
C GLU A 652 34.59 11.15 38.25
N GLY A 653 33.61 11.96 37.85
CA GLY A 653 32.86 11.69 36.63
C GLY A 653 31.91 12.83 36.34
N GLU A 654 31.28 12.75 35.17
CA GLU A 654 30.36 13.77 34.71
C GLU A 654 28.93 13.32 34.98
N THR A 655 28.25 14.02 35.89
CA THR A 655 26.86 13.73 36.24
C THR A 655 26.02 14.95 35.94
N MET A 656 24.90 14.83 35.28
CA MET A 656 24.10 16.02 34.94
C MET A 656 22.65 15.70 35.17
N ALA A 657 21.99 16.40 36.00
CA ALA A 657 20.60 16.26 36.43
C ALA A 657 19.73 17.19 35.60
N VAL A 658 18.68 16.65 35.00
CA VAL A 658 17.82 17.38 34.08
C VAL A 658 16.36 17.16 34.46
N LEU A 659 15.54 18.14 34.10
CA LEU A 659 14.11 18.10 34.29
C LEU A 659 13.45 17.32 33.16
N PRO A 660 12.21 16.86 33.36
CA PRO A 660 11.54 16.11 32.31
C PRO A 660 11.37 16.97 31.07
N PRO A 661 11.34 16.35 29.89
CA PRO A 661 11.26 17.14 28.65
C PRO A 661 10.02 18.00 28.61
N ALA A 662 10.14 19.15 27.94
CA ALA A 662 9.03 20.09 27.83
C ALA A 662 7.79 19.40 27.26
N ILE A 663 8.00 18.56 26.24
CA ILE A 663 6.92 17.79 25.65
C ILE A 663 7.28 16.31 25.76
N ASP A 664 6.24 15.47 25.76
CA ASP A 664 6.40 14.08 26.16
C ASP A 664 7.51 13.38 25.38
N GLU A 665 7.48 13.46 24.05
CA GLU A 665 8.33 12.61 23.23
C GLU A 665 9.16 13.40 22.22
N LEU A 666 9.22 14.73 22.34
CA LEU A 666 10.14 15.49 21.49
C LEU A 666 11.59 15.17 21.84
N GLY A 667 11.89 15.05 23.12
CA GLY A 667 13.23 14.70 23.57
C GLY A 667 13.18 14.01 24.90
N THR A 668 14.33 13.52 25.34
CA THR A 668 14.42 12.79 26.61
C THR A 668 14.72 13.72 27.78
N PHE A 669 15.04 14.98 27.53
CA PHE A 669 15.29 15.94 28.61
C PHE A 669 15.06 17.35 28.08
N SER A 670 15.04 18.31 29.01
CA SER A 670 14.76 19.70 28.68
C SER A 670 16.08 20.43 28.40
N GLY A 671 16.10 21.18 27.30
CA GLY A 671 17.29 21.90 26.91
C GLY A 671 17.31 22.08 25.41
N PHE A 672 18.45 22.55 24.91
CA PHE A 672 18.67 22.67 23.48
C PHE A 672 19.67 21.62 23.02
N SER A 673 19.34 20.96 21.91
CA SER A 673 20.14 19.88 21.35
C SER A 673 20.66 20.32 19.98
N LEU A 674 21.88 19.89 19.67
CA LEU A 674 22.55 20.29 18.44
C LEU A 674 23.33 19.12 17.89
N ARG A 675 23.54 19.11 16.57
CA ARG A 675 24.35 18.11 15.91
C ARG A 675 25.47 18.82 15.15
N LEU A 676 26.71 18.55 15.53
CA LEU A 676 27.88 19.15 14.90
C LEU A 676 28.41 18.17 13.87
N GLN A 677 28.43 18.58 12.60
CA GLN A 677 28.67 17.71 11.46
C GLN A 677 29.89 18.16 10.67
N ASP A 678 30.53 17.19 10.01
CA ASP A 678 31.67 17.44 9.13
C ASP A 678 31.15 17.47 7.70
N ARG A 679 31.02 18.66 7.14
CA ARG A 679 30.42 18.85 5.82
C ARG A 679 31.46 18.91 4.70
N ALA A 680 32.74 18.70 5.00
CA ALA A 680 33.78 18.77 3.99
C ALA A 680 34.79 17.62 4.11
N ASN A 681 34.37 16.49 4.70
CA ASN A 681 35.26 15.35 4.87
C ASN A 681 36.53 15.76 5.61
N LEU A 682 36.41 16.65 6.59
CA LEU A 682 37.58 17.19 7.32
C LEU A 682 38.21 16.12 8.17
N GLY A 683 37.48 15.06 8.43
CA GLY A 683 38.00 14.00 9.26
C GLY A 683 37.34 13.99 10.63
N MET A 684 37.27 12.79 11.21
CA MET A 684 36.68 12.67 12.54
C MET A 684 37.45 13.51 13.56
N PRO A 685 38.78 13.35 13.71
CA PRO A 685 39.49 14.14 14.74
C PRO A 685 39.38 15.64 14.53
N ALA A 686 39.28 16.12 13.30
CA ALA A 686 39.13 17.56 13.08
C ALA A 686 37.81 18.07 13.66
N LEU A 687 36.72 17.33 13.44
CA LEU A 687 35.45 17.72 14.04
C LEU A 687 35.47 17.53 15.55
N LEU A 688 36.21 16.55 16.05
CA LEU A 688 36.31 16.39 17.50
C LEU A 688 37.07 17.55 18.14
N ALA A 689 38.12 18.03 17.46
CA ALA A 689 38.80 19.25 17.91
C ALA A 689 37.87 20.45 17.83
N ALA A 690 37.04 20.52 16.79
CA ALA A 690 36.04 21.58 16.71
C ALA A 690 35.07 21.51 17.89
N GLN A 691 34.66 20.30 18.28
CA GLN A 691 33.80 20.16 19.45
C GLN A 691 34.50 20.65 20.70
N ASP A 692 35.77 20.30 20.88
CA ASP A 692 36.50 20.79 22.05
C ASP A 692 36.57 22.31 22.06
N GLU A 693 36.84 22.91 20.90
CA GLU A 693 36.87 24.37 20.81
C GLU A 693 35.52 24.97 21.15
N LEU A 694 34.44 24.37 20.65
CA LEU A 694 33.10 24.88 20.94
C LEU A 694 32.78 24.81 22.43
N MET A 695 33.12 23.71 23.08
CA MET A 695 32.90 23.59 24.52
C MET A 695 33.76 24.56 25.32
N ALA A 696 34.99 24.84 24.88
CA ALA A 696 35.82 25.81 25.57
C ALA A 696 35.15 27.18 25.59
N MET A 697 34.59 27.59 24.45
CA MET A 697 33.86 28.86 24.38
C MET A 697 32.54 28.80 25.15
N ALA A 698 31.86 27.67 25.13
CA ALA A 698 30.59 27.56 25.84
C ALA A 698 30.79 27.70 27.35
N ALA A 699 31.88 27.12 27.87
CA ALA A 699 32.09 27.16 29.32
C ALA A 699 32.20 28.59 29.83
N LYS A 700 32.94 29.45 29.11
CA LYS A 700 33.16 30.81 29.59
C LYS A 700 31.90 31.65 29.46
N ASN A 701 31.07 31.38 28.45
CA ASN A 701 29.89 32.19 28.21
C ASN A 701 28.96 32.18 29.43
N LYS A 702 28.39 33.35 29.74
CA LYS A 702 27.52 33.51 30.89
C LYS A 702 26.06 33.21 30.59
N LYS A 703 25.72 32.98 29.32
CA LYS A 703 24.35 32.64 28.93
C LYS A 703 24.11 31.14 28.88
N PHE A 704 25.09 30.33 29.27
CA PHE A 704 24.99 28.88 29.22
C PHE A 704 25.25 28.34 30.61
N TYR A 705 24.23 27.74 31.23
CA TYR A 705 24.43 27.11 32.52
C TYR A 705 25.49 26.03 32.43
N MET A 706 25.21 24.97 31.68
CA MET A 706 26.21 23.92 31.39
C MET A 706 25.98 23.43 29.97
N VAL A 707 27.00 23.06 29.20
CA VAL A 707 26.89 22.46 27.88
C VAL A 707 27.85 21.28 27.82
N TRP A 708 27.40 20.18 27.23
CA TRP A 708 28.20 18.96 27.21
C TRP A 708 27.89 18.16 25.96
N ASN A 709 28.60 17.04 25.80
CA ASN A 709 28.40 16.13 24.69
C ASN A 709 27.60 14.93 25.17
N GLU A 710 26.47 14.66 24.50
CA GLU A 710 25.60 13.55 24.88
C GLU A 710 25.94 12.31 24.05
N GLY A 711 27.11 11.76 24.35
CA GLY A 711 27.58 10.56 23.67
C GLY A 711 28.76 9.98 24.43
N LEU A 712 29.11 8.76 24.05
CA LEU A 712 30.21 8.07 24.72
C LEU A 712 31.52 8.82 24.45
N PRO A 713 32.45 8.85 25.41
CA PRO A 713 33.71 9.56 25.20
C PRO A 713 34.74 8.72 24.44
N GLN A 714 35.91 9.33 24.20
CA GLN A 714 37.01 8.66 23.53
C GLN A 714 37.47 7.45 24.32
N GLY A 715 38.42 6.72 23.75
CA GLY A 715 38.98 5.57 24.44
C GLY A 715 40.32 5.16 23.85
N ASP A 716 41.12 4.55 24.70
CA ASP A 716 42.37 3.95 24.31
C ASP A 716 42.17 2.47 24.01
N ASN A 717 42.77 2.01 22.91
CA ASN A 717 42.60 0.66 22.41
C ASN A 717 43.97 0.02 22.20
N ILE A 718 44.02 -1.30 22.32
CA ILE A 718 45.25 -2.06 22.16
C ILE A 718 45.13 -2.90 20.89
N SER A 719 46.25 -3.03 20.18
CA SER A 719 46.33 -3.84 18.98
C SER A 719 47.55 -4.75 19.09
N LEU A 720 47.35 -6.04 18.83
CA LEU A 720 48.42 -7.02 18.87
C LEU A 720 48.81 -7.39 17.44
N LYS A 721 50.04 -7.07 17.07
CA LYS A 721 50.53 -7.39 15.71
C LYS A 721 51.36 -8.68 15.80
N ILE A 722 50.93 -9.73 15.11
CA ILE A 722 51.61 -11.01 15.13
C ILE A 722 52.85 -10.96 14.24
N ASP A 723 53.92 -11.58 14.69
CA ASP A 723 55.17 -11.70 13.94
C ASP A 723 55.20 -13.09 13.32
N ARG A 724 54.89 -13.17 12.02
CA ARG A 724 54.77 -14.48 11.38
C ARG A 724 56.14 -15.10 11.11
N GLU A 725 57.17 -14.28 10.91
CA GLU A 725 58.50 -14.82 10.65
C GLU A 725 58.99 -15.63 11.84
N LYS A 726 58.96 -15.04 13.04
CA LYS A 726 59.35 -15.77 14.23
C LYS A 726 58.38 -16.90 14.55
N LEU A 727 57.10 -16.72 14.22
CA LEU A 727 56.13 -17.79 14.46
C LEU A 727 56.48 -19.03 13.64
N SER A 728 56.88 -18.83 12.38
CA SER A 728 57.32 -19.95 11.56
C SER A 728 58.66 -20.49 12.05
N ALA A 729 59.55 -19.60 12.51
CA ALA A 729 60.84 -20.04 13.01
C ALA A 729 60.68 -20.98 14.21
N LEU A 730 59.73 -20.66 15.10
CA LEU A 730 59.51 -21.48 16.28
C LEU A 730 58.58 -22.66 16.01
N GLY A 731 58.14 -22.84 14.77
CA GLY A 731 57.34 -23.99 14.40
C GLY A 731 55.97 -24.03 15.05
N VAL A 732 55.27 -22.91 15.04
CA VAL A 732 53.89 -22.83 15.51
C VAL A 732 53.05 -22.26 14.37
N LYS A 733 51.91 -22.90 14.11
CA LYS A 733 51.07 -22.48 13.00
C LYS A 733 50.26 -21.24 13.39
N PHE A 734 50.09 -20.34 12.43
CA PHE A 734 49.31 -19.13 12.66
C PHE A 734 47.88 -19.43 13.07
N SER A 735 47.34 -20.57 12.63
CA SER A 735 45.96 -20.93 12.99
C SER A 735 45.82 -21.06 14.50
N ASP A 736 46.81 -21.65 15.17
CA ASP A 736 46.72 -21.80 16.62
C ASP A 736 46.66 -20.44 17.30
N VAL A 737 47.51 -19.50 16.87
CA VAL A 737 47.52 -18.17 17.48
C VAL A 737 46.19 -17.47 17.25
N SER A 738 45.68 -17.53 16.02
CA SER A 738 44.41 -16.88 15.72
C SER A 738 43.28 -17.47 16.55
N ASP A 739 43.25 -18.80 16.68
CA ASP A 739 42.20 -19.45 17.46
C ASP A 739 42.30 -19.08 18.94
N ILE A 740 43.51 -19.08 19.50
CA ILE A 740 43.64 -18.82 20.93
C ILE A 740 43.28 -17.37 21.23
N ILE A 741 43.64 -16.44 20.34
CA ILE A 741 43.19 -15.06 20.50
C ILE A 741 41.67 -15.00 20.41
N SER A 742 41.08 -15.70 19.45
CA SER A 742 39.63 -15.64 19.26
C SER A 742 38.90 -16.19 20.48
N THR A 743 39.47 -17.17 21.16
CA THR A 743 38.85 -17.83 22.30
C THR A 743 39.55 -17.44 23.60
N SER A 744 39.96 -16.17 23.71
CA SER A 744 40.65 -15.66 24.89
C SER A 744 39.82 -14.66 25.67
N MET A 745 39.13 -13.75 24.99
CA MET A 745 38.44 -12.63 25.61
C MET A 745 37.08 -12.39 24.96
N GLY A 746 36.34 -13.46 24.69
CA GLY A 746 35.01 -13.35 24.12
C GLY A 746 34.16 -14.54 24.45
N SER A 747 32.84 -14.34 24.40
CA SER A 747 31.88 -15.38 24.70
C SER A 747 31.62 -16.23 23.47
N MET A 748 31.18 -17.46 23.69
CA MET A 748 30.97 -18.44 22.63
C MET A 748 29.72 -19.25 22.92
N TYR A 749 28.67 -19.00 22.15
CA TYR A 749 27.41 -19.74 22.26
C TYR A 749 27.52 -21.00 21.41
N ILE A 750 27.24 -22.13 22.03
CA ILE A 750 27.42 -23.43 21.32
C ILE A 750 26.05 -24.02 20.99
N ASN A 751 25.18 -24.18 21.98
CA ASN A 751 23.91 -24.85 21.76
C ASN A 751 23.03 -24.70 22.99
N ASP A 752 21.77 -25.10 22.84
CA ASP A 752 20.80 -24.99 23.92
C ASP A 752 20.68 -26.31 24.69
N PHE A 753 20.20 -26.18 25.91
CA PHE A 753 19.97 -27.38 26.76
C PHE A 753 18.57 -27.23 27.37
N PRO A 754 17.90 -28.33 27.76
CA PRO A 754 16.52 -28.27 28.24
C PRO A 754 16.38 -28.05 29.74
N ASN A 755 16.40 -26.80 30.20
CA ASN A 755 16.25 -26.49 31.62
C ASN A 755 14.79 -26.17 31.91
N GLN A 756 14.18 -26.95 32.80
CA GLN A 756 12.85 -26.65 33.34
C GLN A 756 11.87 -26.26 32.24
N GLY A 757 11.82 -27.08 31.20
CA GLY A 757 10.83 -26.92 30.15
C GLY A 757 11.14 -25.88 29.09
N ARG A 758 12.29 -25.22 29.17
CA ARG A 758 12.68 -24.24 28.15
C ARG A 758 14.12 -24.47 27.74
N MET A 759 14.42 -24.07 26.50
CA MET A 759 15.74 -24.26 25.90
C MET A 759 16.60 -23.05 26.27
N GLN A 760 17.59 -23.27 27.12
CA GLN A 760 18.47 -22.20 27.58
C GLN A 760 19.87 -22.37 27.01
N GLN A 761 20.52 -21.24 26.73
CA GLN A 761 21.78 -21.26 26.01
C GLN A 761 22.88 -21.91 26.85
N VAL A 762 23.91 -22.37 26.17
CA VAL A 762 25.14 -22.86 26.78
C VAL A 762 26.28 -22.03 26.21
N ILE A 763 26.99 -21.32 27.08
CA ILE A 763 28.00 -20.36 26.66
C ILE A 763 29.32 -20.74 27.32
N VAL A 764 30.39 -20.79 26.52
CA VAL A 764 31.73 -21.10 26.98
C VAL A 764 32.57 -19.84 26.95
N GLN A 765 33.24 -19.54 28.05
CA GLN A 765 34.10 -18.37 28.12
C GLN A 765 35.19 -18.63 29.16
N VAL A 766 36.26 -17.85 29.09
CA VAL A 766 37.37 -18.00 30.02
C VAL A 766 36.98 -17.38 31.37
N GLU A 767 37.68 -17.76 32.43
CA GLU A 767 37.42 -17.21 33.74
C GLU A 767 37.71 -15.71 33.76
N ALA A 768 36.94 -14.98 34.57
CA ALA A 768 37.15 -13.54 34.68
C ALA A 768 38.53 -13.22 35.24
N LYS A 769 39.15 -14.18 35.94
CA LYS A 769 40.48 -13.94 36.50
C LYS A 769 41.57 -13.92 35.44
N SER A 770 41.26 -14.35 34.21
CA SER A 770 42.25 -14.49 33.17
C SER A 770 42.00 -13.54 31.99
N ARG A 771 41.17 -12.52 32.22
CA ARG A 771 40.90 -11.52 31.16
C ARG A 771 40.72 -10.15 31.81
N MET A 772 41.43 -9.86 32.90
CA MET A 772 41.39 -8.54 33.50
C MET A 772 42.46 -7.60 32.96
N GLN A 773 43.69 -8.08 32.82
CA GLN A 773 44.80 -7.25 32.37
C GLN A 773 45.47 -7.88 31.16
N LEU A 774 46.32 -7.09 30.51
CA LEU A 774 47.05 -7.55 29.34
C LEU A 774 48.01 -8.70 29.66
N LYS A 775 48.44 -8.81 30.92
CA LYS A 775 49.36 -9.89 31.28
C LYS A 775 48.73 -11.25 31.03
N ASP A 776 47.44 -11.40 31.37
CA ASP A 776 46.78 -12.68 31.18
C ASP A 776 46.76 -13.08 29.70
N ILE A 777 46.48 -12.12 28.82
CA ILE A 777 46.48 -12.43 27.39
C ILE A 777 47.87 -12.79 26.91
N LEU A 778 48.88 -11.98 27.27
CA LEU A 778 50.24 -12.28 26.83
C LEU A 778 50.84 -13.50 27.51
N ASN A 779 50.19 -14.03 28.54
CA ASN A 779 50.66 -15.27 29.17
C ASN A 779 49.99 -16.51 28.59
N LEU A 780 49.10 -16.36 27.61
CA LEU A 780 48.52 -17.52 26.95
C LEU A 780 49.59 -18.26 26.17
N LYS A 781 49.55 -19.59 26.22
CA LYS A 781 50.61 -20.45 25.68
C LYS A 781 50.06 -21.26 24.53
N VAL A 782 50.88 -21.46 23.50
CA VAL A 782 50.54 -22.28 22.35
C VAL A 782 51.61 -23.34 22.16
N MET A 783 51.19 -24.57 21.84
CA MET A 783 52.09 -25.69 21.59
C MET A 783 52.44 -25.74 20.11
N GLY A 784 53.73 -25.87 19.83
CA GLY A 784 54.22 -26.15 18.49
C GLY A 784 54.65 -27.60 18.34
N SER A 785 55.36 -27.85 17.26
CA SER A 785 55.91 -29.18 16.96
C SER A 785 57.29 -29.39 17.58
N SER A 786 57.82 -28.39 18.29
CA SER A 786 59.13 -28.51 18.92
C SER A 786 59.07 -29.07 20.33
N GLY A 787 57.88 -29.45 20.82
CA GLY A 787 57.76 -29.93 22.18
C GLY A 787 57.84 -28.84 23.22
N GLN A 788 57.56 -27.60 22.84
CA GLN A 788 57.67 -26.46 23.75
C GLN A 788 56.47 -25.56 23.57
N LEU A 789 56.21 -24.75 24.60
CA LEU A 789 55.15 -23.75 24.56
C LEU A 789 55.74 -22.38 24.30
N VAL A 790 55.04 -21.60 23.48
CA VAL A 790 55.40 -20.21 23.23
C VAL A 790 54.28 -19.34 23.78
N SER A 791 54.64 -18.34 24.54
CA SER A 791 53.65 -17.37 25.06
C SER A 791 53.25 -16.49 23.90
N LEU A 792 52.15 -15.82 23.97
CA LEU A 792 51.76 -14.87 22.94
C LEU A 792 52.73 -13.68 22.89
N SER A 793 53.25 -13.29 24.06
CA SER A 793 54.17 -12.15 24.11
C SER A 793 55.36 -12.35 23.17
N GLU A 794 55.76 -13.61 22.96
CA GLU A 794 56.92 -13.88 22.11
C GLU A 794 56.65 -13.46 20.67
N VAL A 795 55.40 -13.61 20.21
CA VAL A 795 55.07 -13.40 18.80
C VAL A 795 54.04 -12.31 18.62
N VAL A 796 53.92 -11.40 19.58
CA VAL A 796 53.03 -10.25 19.45
C VAL A 796 53.69 -9.07 20.14
N THR A 797 53.29 -7.86 19.73
CA THR A 797 53.81 -6.62 20.32
C THR A 797 52.62 -5.71 20.57
N PRO A 798 52.26 -5.41 21.82
CA PRO A 798 51.14 -4.51 22.06
C PRO A 798 51.43 -3.11 21.55
N GLN A 799 50.43 -2.56 20.84
CA GLN A 799 50.54 -1.17 20.31
C GLN A 799 49.30 -0.40 20.77
N TRP A 800 49.46 0.75 21.41
CA TRP A 800 48.35 1.53 21.93
C TRP A 800 47.95 2.61 20.93
N ASN A 801 46.64 2.87 20.88
CA ASN A 801 46.09 3.92 20.03
C ASN A 801 44.95 4.58 20.80
N LYS A 802 44.62 5.80 20.38
CA LYS A 802 43.50 6.53 20.97
C LYS A 802 42.52 6.83 19.86
N ALA A 803 41.30 6.31 19.98
CA ALA A 803 40.33 6.42 18.91
C ALA A 803 38.96 6.74 19.49
N PRO A 804 38.08 7.39 18.73
CA PRO A 804 36.72 7.62 19.21
C PRO A 804 36.04 6.29 19.51
N GLN A 805 35.34 6.23 20.64
CA GLN A 805 34.77 4.97 21.08
C GLN A 805 33.41 4.73 20.44
N GLN A 806 32.82 5.77 19.85
CA GLN A 806 31.47 5.74 19.32
C GLN A 806 31.46 6.50 18.00
N TYR A 807 30.54 6.13 17.11
CA TYR A 807 30.41 6.79 15.81
C TYR A 807 28.95 7.15 15.57
N ASN A 808 28.68 8.44 15.44
CA ASN A 808 27.34 8.96 15.18
C ASN A 808 27.29 9.63 13.82
N ARG A 809 26.10 9.65 13.23
CA ARG A 809 25.87 10.28 11.95
C ARG A 809 24.49 10.93 11.98
N TYR A 810 24.37 12.06 11.29
CA TYR A 810 23.09 12.78 11.24
C TYR A 810 22.91 13.42 9.88
N ASN A 811 21.89 12.98 9.14
CA ASN A 811 21.57 13.44 7.79
C ASN A 811 22.67 13.07 6.81
N GLY A 812 23.52 12.10 7.14
CA GLY A 812 24.52 11.60 6.22
C GLY A 812 25.91 12.18 6.40
N ARG A 813 26.16 12.88 7.49
CA ARG A 813 27.47 13.47 7.76
C ARG A 813 27.95 13.03 9.13
N PRO A 814 29.19 12.57 9.26
CA PRO A 814 29.69 12.23 10.60
C PRO A 814 29.50 13.39 11.56
N SER A 815 28.99 13.09 12.74
CA SER A 815 28.53 14.13 13.64
C SER A 815 28.64 13.69 15.09
N LEU A 816 28.62 14.68 15.98
CA LEU A 816 28.46 14.46 17.41
C LEU A 816 27.28 15.26 17.92
N SER A 817 26.61 14.76 18.93
CA SER A 817 25.35 15.35 19.41
C SER A 817 25.61 16.13 20.65
N ILE A 818 25.29 17.40 20.80
CA ILE A 818 25.67 18.30 21.92
C ILE A 818 24.39 18.60 22.68
N ALA A 819 24.42 18.95 23.94
CA ALA A 819 23.25 19.35 24.71
C ALA A 819 23.61 20.50 25.63
N GLY A 820 22.62 21.33 25.93
CA GLY A 820 22.83 22.43 26.86
C GLY A 820 21.53 22.91 27.46
N ILE A 821 21.67 23.73 28.49
CA ILE A 821 20.55 24.35 29.19
C ILE A 821 20.72 25.86 29.09
N PRO A 822 19.66 26.64 28.86
CA PRO A 822 19.79 28.09 28.87
C PRO A 822 19.87 28.61 30.31
N ASN A 823 20.86 29.45 30.58
CA ASN A 823 21.02 30.01 31.91
C ASN A 823 19.86 30.95 32.23
N PHE A 824 19.66 31.20 33.53
CA PHE A 824 18.63 32.14 33.95
C PHE A 824 18.94 33.53 33.42
N ASP A 825 17.92 34.20 32.92
CA ASP A 825 18.00 35.54 32.30
C ASP A 825 18.10 35.30 30.80
N THR A 826 18.39 34.06 30.40
CA THR A 826 18.61 33.71 29.01
C THR A 826 17.50 32.78 28.55
N SER A 827 16.82 33.14 27.47
CA SER A 827 15.79 32.30 26.91
C SER A 827 16.41 31.25 25.99
N SER A 828 15.61 30.27 25.58
CA SER A 828 16.11 29.25 24.68
C SER A 828 16.58 29.85 23.36
N GLY A 829 15.81 30.80 22.82
CA GLY A 829 16.21 31.43 21.57
C GLY A 829 17.54 32.14 21.67
N GLU A 830 17.78 32.85 22.77
CA GLU A 830 19.04 33.55 22.95
C GLU A 830 20.21 32.57 23.07
N ALA A 831 20.00 31.47 23.79
CA ALA A 831 21.05 30.47 23.90
C ALA A 831 21.38 29.86 22.55
N MET A 832 20.36 29.53 21.74
CA MET A 832 20.61 29.03 20.40
C MET A 832 21.34 30.06 19.55
N ARG A 833 20.94 31.33 19.67
CA ARG A 833 21.61 32.40 18.92
C ARG A 833 23.09 32.44 19.26
N GLU A 834 23.42 32.49 20.56
CA GLU A 834 24.82 32.61 20.94
C GLU A 834 25.61 31.35 20.61
N MET A 835 24.94 30.25 20.62
CA MET A 835 25.61 28.98 20.33
C MET A 835 25.88 29.01 18.84
N GLU A 836 25.04 29.56 17.96
CA GLU A 836 25.34 29.74 16.54
C GLU A 836 26.49 30.72 16.34
N GLN A 837 26.49 31.83 17.08
CA GLN A 837 27.59 32.78 16.97
C GLN A 837 28.93 32.12 17.27
N LEU A 838 28.99 31.35 18.35
CA LEU A 838 30.24 30.68 18.71
C LEU A 838 30.61 29.57 17.74
N ILE A 839 29.64 28.88 17.13
CA ILE A 839 29.93 27.90 16.10
C ILE A 839 30.45 28.56 14.82
N ALA A 840 30.04 29.78 14.52
CA ALA A 840 30.55 30.46 13.33
C ALA A 840 32.07 30.55 13.36
N LYS A 841 32.65 30.62 14.55
CA LYS A 841 34.10 30.72 14.71
C LYS A 841 34.68 29.31 14.90
N LEU A 842 34.57 28.51 13.85
CA LEU A 842 35.07 27.14 13.87
C LEU A 842 35.77 26.81 12.56
N PRO A 843 36.59 25.77 12.52
CA PRO A 843 37.32 25.43 11.29
C PRO A 843 36.38 25.31 10.10
N LYS A 844 36.98 25.41 8.91
CA LYS A 844 36.21 25.28 7.68
C LYS A 844 35.67 23.87 7.51
N GLY A 845 34.49 23.77 6.92
CA GLY A 845 33.86 22.49 6.66
C GLY A 845 33.09 21.92 7.83
N ILE A 846 33.01 22.63 8.95
CA ILE A 846 32.28 22.18 10.13
C ILE A 846 30.98 22.96 10.21
N GLY A 847 29.86 22.24 10.28
CA GLY A 847 28.56 22.87 10.35
C GLY A 847 27.75 22.33 11.51
N TYR A 848 26.56 22.90 11.68
CA TYR A 848 25.67 22.55 12.77
C TYR A 848 24.25 22.38 12.24
N GLU A 849 23.46 21.59 12.99
CA GLU A 849 22.03 21.37 12.63
C GLU A 849 21.23 21.24 13.92
N TRP A 850 20.15 22.00 14.07
CA TRP A 850 19.30 21.94 15.25
C TRP A 850 18.28 20.82 15.09
N THR A 851 18.15 20.00 16.13
CA THR A 851 17.34 18.79 16.08
C THR A 851 16.36 18.76 17.25
N GLY A 852 15.30 17.98 17.07
CA GLY A 852 14.34 17.80 18.16
C GLY A 852 13.65 19.10 18.53
N ILE A 853 13.68 19.41 19.83
CA ILE A 853 12.97 20.59 20.32
C ILE A 853 13.49 21.86 19.65
N SER A 854 14.79 21.93 19.41
CA SER A 854 15.38 23.14 18.81
C SER A 854 14.84 23.36 17.40
N LEU A 855 14.72 22.29 16.61
CA LEU A 855 14.22 22.44 15.25
C LEU A 855 12.80 22.99 15.24
N GLN A 856 11.93 22.46 16.10
CA GLN A 856 10.56 22.95 16.17
C GLN A 856 10.49 24.37 16.71
N GLU A 857 11.36 24.71 17.67
CA GLU A 857 11.41 26.08 18.16
C GLU A 857 11.82 27.05 17.06
N LYS A 858 12.82 26.70 16.26
CA LYS A 858 13.21 27.56 15.14
C LYS A 858 12.08 27.66 14.13
N GLN A 859 11.41 26.55 13.83
CA GLN A 859 10.31 26.57 12.89
C GLN A 859 9.17 27.45 13.37
N SER A 860 8.87 27.44 14.67
CA SER A 860 7.78 28.26 15.19
C SER A 860 8.03 29.74 14.93
N GLU A 861 9.26 30.20 15.15
CA GLU A 861 9.62 31.59 14.89
C GLU A 861 9.91 31.86 13.42
N SER A 862 10.00 30.82 12.59
CA SER A 862 10.25 30.99 11.17
C SER A 862 8.97 31.13 10.36
N GLN A 863 7.81 31.15 11.01
CA GLN A 863 6.54 31.28 10.31
C GLN A 863 5.60 32.30 10.96
N MET A 864 5.97 32.86 12.11
CA MET A 864 5.03 33.70 12.85
C MET A 864 4.57 34.88 12.01
N ALA A 865 5.48 35.49 11.26
CA ALA A 865 5.09 36.60 10.39
C ALA A 865 4.06 36.15 9.37
N PHE A 866 4.28 34.99 8.75
CA PHE A 866 3.32 34.48 7.77
C PHE A 866 1.97 34.18 8.42
N LEU A 867 1.99 33.58 9.61
CA LEU A 867 0.73 33.28 10.29
C LEU A 867 -0.05 34.56 10.60
N LEU A 868 0.64 35.57 11.15
CA LEU A 868 -0.04 36.82 11.45
C LEU A 868 -0.57 37.48 10.19
N GLY A 869 0.23 37.49 9.11
CA GLY A 869 -0.24 38.09 7.87
C GLY A 869 -1.44 37.38 7.31
N LEU A 870 -1.43 36.04 7.34
CA LEU A 870 -2.56 35.29 6.82
C LEU A 870 -3.81 35.51 7.66
N SER A 871 -3.66 35.55 8.99
CA SER A 871 -4.83 35.81 9.84
C SER A 871 -5.40 37.19 9.57
N MET A 872 -4.51 38.14 9.39
CA MET A 872 -4.99 39.52 9.15
C MET A 872 -5.55 39.64 7.75
N LEU A 873 -5.14 38.96 6.79
CA LEU A 873 -5.77 38.96 5.48
C LEU A 873 -7.11 38.24 5.50
N VAL A 874 -7.19 37.13 6.24
CA VAL A 874 -8.44 36.38 6.32
C VAL A 874 -9.52 37.23 6.96
N VAL A 875 -9.21 37.88 8.09
CA VAL A 875 -10.22 38.71 8.73
C VAL A 875 -10.61 39.87 7.83
N PHE A 876 -9.63 40.50 7.18
CA PHE A 876 -9.92 41.60 6.26
C PHE A 876 -10.90 41.16 5.18
N LEU A 877 -10.60 40.04 4.51
CA LEU A 877 -11.44 39.60 3.40
C LEU A 877 -12.83 39.20 3.90
N VAL A 878 -12.90 38.50 5.03
CA VAL A 878 -14.21 38.09 5.55
C VAL A 878 -15.06 39.30 5.88
N LEU A 879 -14.48 40.29 6.57
CA LEU A 879 -15.25 41.47 6.93
C LEU A 879 -15.68 42.25 5.68
N ALA A 880 -14.76 42.41 4.72
CA ALA A 880 -15.09 43.15 3.50
C ALA A 880 -16.23 42.47 2.75
N ALA A 881 -16.15 41.15 2.59
CA ALA A 881 -17.20 40.43 1.89
C ALA A 881 -18.53 40.51 2.65
N LEU A 882 -18.48 40.36 3.97
CA LEU A 882 -19.71 40.37 4.76
C LEU A 882 -20.39 41.73 4.70
N TYR A 883 -19.62 42.81 4.77
CA TYR A 883 -20.17 44.16 4.83
C TYR A 883 -20.02 44.92 3.53
N GLU A 884 -19.32 44.36 2.54
CA GLU A 884 -19.24 44.94 1.20
C GLU A 884 -18.80 46.39 1.24
N SER A 885 -17.77 46.67 2.05
CA SER A 885 -17.21 48.01 2.17
C SER A 885 -15.72 47.92 2.44
N TRP A 886 -15.02 49.01 2.12
CA TRP A 886 -13.58 49.08 2.33
C TRP A 886 -13.18 49.82 3.61
N ALA A 887 -13.99 50.79 4.04
CA ALA A 887 -13.66 51.53 5.25
C ALA A 887 -13.70 50.64 6.48
N ILE A 888 -14.70 49.75 6.55
CA ILE A 888 -14.86 48.92 7.75
C ILE A 888 -13.65 48.02 7.98
N PRO A 889 -13.17 47.24 7.00
CA PRO A 889 -12.01 46.37 7.27
C PRO A 889 -10.76 47.13 7.66
N LEU A 890 -10.46 48.23 6.97
CA LEU A 890 -9.27 48.99 7.32
C LEU A 890 -9.38 49.60 8.72
N SER A 891 -10.56 50.15 9.05
CA SER A 891 -10.77 50.67 10.39
C SER A 891 -10.61 49.58 11.43
N VAL A 892 -11.05 48.36 11.12
CA VAL A 892 -10.85 47.23 12.03
C VAL A 892 -9.36 46.93 12.17
N MET A 893 -8.60 47.10 11.08
CA MET A 893 -7.16 46.92 11.15
C MET A 893 -6.45 48.00 11.95
N LEU A 894 -7.01 49.21 12.04
CA LEU A 894 -6.29 50.28 12.72
C LEU A 894 -6.31 50.14 14.25
N VAL A 895 -6.77 49.00 14.77
CA VAL A 895 -6.87 48.82 16.22
C VAL A 895 -6.02 47.66 16.75
N VAL A 896 -5.71 46.67 15.92
CA VAL A 896 -5.02 45.48 16.41
C VAL A 896 -3.58 45.80 16.82
N PRO A 897 -2.92 46.83 16.26
CA PRO A 897 -1.68 47.29 16.88
C PRO A 897 -1.80 47.52 18.37
N LEU A 898 -2.91 48.10 18.83
CA LEU A 898 -3.07 48.36 20.26
C LEU A 898 -3.23 47.06 21.04
N GLY A 899 -3.94 46.09 20.48
CA GLY A 899 -4.05 44.80 21.13
C GLY A 899 -2.71 44.12 21.29
N ILE A 900 -1.87 44.18 20.25
CA ILE A 900 -0.52 43.63 20.37
C ILE A 900 0.29 44.44 21.38
N PHE A 901 0.12 45.76 21.40
CA PHE A 901 0.87 46.62 22.31
C PHE A 901 0.60 46.24 23.76
N GLY A 902 -0.66 46.05 24.11
CA GLY A 902 -1.00 45.72 25.48
C GLY A 902 -0.34 44.44 25.95
N ALA A 903 -0.44 43.39 25.15
CA ALA A 903 0.16 42.11 25.51
C ALA A 903 1.67 42.23 25.61
N ILE A 904 2.29 42.96 24.68
CA ILE A 904 3.74 43.11 24.70
C ILE A 904 4.19 43.81 25.97
N ILE A 905 3.51 44.90 26.34
CA ILE A 905 3.91 45.63 27.53
C ILE A 905 3.69 44.77 28.77
N ALA A 906 2.61 44.00 28.79
CA ALA A 906 2.36 43.14 29.94
C ALA A 906 3.44 42.09 30.08
N ILE A 907 3.84 41.45 28.99
CA ILE A 907 4.85 40.39 29.09
C ILE A 907 6.20 40.97 29.47
N MET A 908 6.53 42.16 28.95
CA MET A 908 7.77 42.80 29.38
C MET A 908 7.72 43.12 30.85
N SER A 909 6.57 43.60 31.34
CA SER A 909 6.44 43.93 32.75
C SER A 909 6.65 42.70 33.63
N ARG A 910 6.05 41.57 33.25
CA ARG A 910 6.18 40.35 34.04
C ARG A 910 7.41 39.55 33.67
N GLY A 911 8.08 39.88 32.57
CA GLY A 911 9.31 39.20 32.18
C GLY A 911 9.12 37.90 31.44
N LEU A 912 7.89 37.45 31.24
CA LEU A 912 7.66 36.21 30.50
C LEU A 912 8.09 36.38 29.05
N MET A 913 8.75 35.34 28.52
CA MET A 913 9.29 35.39 27.17
C MET A 913 8.18 35.16 26.15
N ASN A 914 8.49 35.46 24.89
CA ASN A 914 7.57 35.23 23.78
C ASN A 914 7.59 33.74 23.43
N ASP A 915 6.45 33.07 23.61
CA ASP A 915 6.34 31.65 23.35
C ASP A 915 5.06 31.38 22.58
N VAL A 916 4.77 30.09 22.37
CA VAL A 916 3.62 29.72 21.56
C VAL A 916 2.34 30.25 22.20
N PHE A 917 2.18 30.06 23.52
CA PHE A 917 0.98 30.53 24.18
C PHE A 917 0.77 32.03 23.93
N PHE A 918 1.85 32.80 23.93
CA PHE A 918 1.75 34.21 23.57
C PHE A 918 1.24 34.37 22.14
N LYS A 919 1.65 33.48 21.23
CA LYS A 919 1.19 33.57 19.85
C LYS A 919 -0.31 33.30 19.74
N ILE A 920 -0.80 32.27 20.44
CA ILE A 920 -2.24 32.02 20.48
C ILE A 920 -2.95 33.23 21.07
N GLY A 921 -2.35 33.85 22.10
CA GLY A 921 -2.93 35.07 22.65
C GLY A 921 -3.03 36.18 21.63
N LEU A 922 -1.98 36.37 20.82
CA LEU A 922 -2.02 37.38 19.78
C LEU A 922 -3.13 37.10 18.77
N ILE A 923 -3.25 35.83 18.35
CA ILE A 923 -4.29 35.49 17.38
C ILE A 923 -5.67 35.75 17.99
N THR A 924 -5.87 35.38 19.25
CA THR A 924 -7.14 35.62 19.90
C THR A 924 -7.45 37.12 19.99
N ILE A 925 -6.47 37.93 20.40
CA ILE A 925 -6.64 39.37 20.49
C ILE A 925 -6.90 40.01 19.14
N ILE A 926 -6.41 39.43 18.04
CA ILE A 926 -6.77 39.95 16.73
C ILE A 926 -8.28 39.91 16.56
N GLY A 927 -8.90 38.76 16.84
CA GLY A 927 -10.34 38.66 16.70
C GLY A 927 -11.09 39.51 17.72
N LEU A 928 -10.56 39.59 18.94
CA LEU A 928 -11.22 40.41 19.96
C LEU A 928 -11.23 41.88 19.56
N SER A 929 -10.09 42.40 19.08
CA SER A 929 -10.06 43.78 18.61
C SER A 929 -10.93 43.97 17.38
N ALA A 930 -11.00 42.94 16.52
CA ALA A 930 -11.92 43.03 15.39
C ALA A 930 -13.35 43.17 15.86
N LYS A 931 -13.71 42.43 16.92
CA LYS A 931 -15.08 42.47 17.49
C LYS A 931 -15.32 43.84 18.12
N ASN A 932 -14.33 44.46 18.73
CA ASN A 932 -14.46 45.78 19.31
C ASN A 932 -14.66 46.84 18.23
N ALA A 933 -13.88 46.75 17.15
CA ALA A 933 -14.00 47.72 16.07
C ALA A 933 -15.33 47.57 15.33
N ILE A 934 -15.78 46.33 15.11
CA ILE A 934 -17.04 46.11 14.42
C ILE A 934 -18.20 46.72 15.19
N LEU A 935 -18.27 46.46 16.49
CA LEU A 935 -19.45 46.90 17.23
C LEU A 935 -19.70 48.40 17.11
N ILE A 936 -18.68 49.21 16.86
CA ILE A 936 -18.82 50.65 16.76
C ILE A 936 -18.91 51.10 15.30
N VAL A 937 -18.03 50.57 14.43
CA VAL A 937 -18.03 51.02 13.04
C VAL A 937 -19.34 50.64 12.37
N GLU A 938 -19.92 49.49 12.74
CA GLU A 938 -21.21 49.11 12.18
C GLU A 938 -22.25 50.20 12.40
N PHE A 939 -22.50 50.56 13.66
CA PHE A 939 -23.55 51.52 13.93
C PHE A 939 -23.20 52.89 13.38
N ALA A 940 -21.90 53.22 13.32
CA ALA A 940 -21.51 54.47 12.68
C ALA A 940 -21.91 54.48 11.21
N LYS A 941 -21.62 53.39 10.48
CA LYS A 941 -21.96 53.31 9.07
C LYS A 941 -23.47 53.34 8.87
N MET A 942 -24.22 52.65 9.72
CA MET A 942 -25.67 52.70 9.60
C MET A 942 -26.18 54.12 9.83
N LEU A 943 -25.73 54.79 10.89
CA LEU A 943 -26.16 56.16 11.14
C LEU A 943 -25.82 57.07 9.96
N LYS A 944 -24.69 56.81 9.31
CA LYS A 944 -24.40 57.50 8.05
C LYS A 944 -25.47 57.18 7.02
N GLU A 945 -25.90 55.91 6.95
CA GLU A 945 -26.91 55.52 5.97
C GLU A 945 -28.21 56.28 6.18
N GLU A 946 -28.65 56.43 7.43
CA GLU A 946 -29.86 57.21 7.67
C GLU A 946 -29.65 58.69 7.38
N GLY A 947 -28.41 59.13 7.18
CA GLY A 947 -28.12 60.51 6.86
C GLY A 947 -27.55 61.33 7.99
N MET A 948 -27.33 60.72 9.16
CA MET A 948 -26.69 61.45 10.26
C MET A 948 -25.28 61.85 9.86
N SER A 949 -24.87 63.03 10.32
CA SER A 949 -23.53 63.51 10.03
C SER A 949 -22.50 62.50 10.52
N LEU A 950 -21.45 62.30 9.72
CA LEU A 950 -20.51 61.22 10.00
C LEU A 950 -19.87 61.37 11.37
N ILE A 951 -19.43 62.58 11.73
CA ILE A 951 -18.81 62.79 13.03
C ILE A 951 -19.85 62.63 14.14
N GLU A 952 -20.99 63.30 13.98
CA GLU A 952 -22.06 63.18 14.98
C GLU A 952 -22.63 61.77 15.02
N ALA A 953 -22.63 61.09 13.88
CA ALA A 953 -23.03 59.69 13.85
C ALA A 953 -22.08 58.83 14.66
N THR A 954 -20.76 59.00 14.44
CA THR A 954 -19.78 58.17 15.11
C THR A 954 -19.77 58.41 16.61
N VAL A 955 -19.86 59.67 17.04
CA VAL A 955 -19.81 59.96 18.47
C VAL A 955 -21.02 59.35 19.16
N ALA A 956 -22.20 59.50 18.57
CA ALA A 956 -23.41 58.93 19.15
C ALA A 956 -23.36 57.40 19.15
N ALA A 957 -22.81 56.81 18.08
CA ALA A 957 -22.67 55.36 18.02
C ALA A 957 -21.75 54.87 19.13
N ALA A 958 -20.64 55.58 19.35
CA ALA A 958 -19.74 55.22 20.43
C ALA A 958 -20.44 55.32 21.79
N LYS A 959 -21.19 56.41 21.99
CA LYS A 959 -21.89 56.57 23.26
C LYS A 959 -22.88 55.44 23.49
N LEU A 960 -23.60 55.03 22.44
CA LEU A 960 -24.62 53.99 22.58
C LEU A 960 -23.99 52.62 22.80
N ARG A 961 -22.93 52.30 22.04
CA ARG A 961 -22.34 50.97 22.03
C ARG A 961 -21.20 50.84 23.03
N LEU A 962 -20.91 51.87 23.82
CA LEU A 962 -19.86 51.75 24.83
C LEU A 962 -20.15 50.61 25.79
N ARG A 963 -21.41 50.43 26.19
CA ARG A 963 -21.71 49.43 27.21
C ARG A 963 -21.36 48.02 26.74
N PRO A 964 -21.90 47.49 25.64
CA PRO A 964 -21.60 46.09 25.30
C PRO A 964 -20.12 45.82 25.05
N ILE A 965 -19.40 46.79 24.50
CA ILE A 965 -17.96 46.61 24.30
C ILE A 965 -17.28 46.34 25.65
N LEU A 966 -17.60 47.16 26.65
CA LEU A 966 -17.08 46.92 28.00
C LEU A 966 -17.56 45.58 28.54
N MET A 967 -18.79 45.26 28.26
CA MET A 967 -19.36 44.03 28.85
C MET A 967 -18.63 42.81 28.30
N THR A 968 -18.24 42.77 27.03
CA THR A 968 -17.55 41.62 26.41
C THR A 968 -16.05 41.67 26.62
N SER A 969 -15.44 42.84 26.80
CA SER A 969 -14.02 42.95 27.14
C SER A 969 -13.77 42.52 28.58
N LEU A 970 -14.56 43.04 29.51
CA LEU A 970 -14.34 42.72 30.91
C LEU A 970 -14.74 41.28 31.21
N ALA A 971 -15.72 40.74 30.49
CA ALA A 971 -16.04 39.32 30.66
C ALA A 971 -14.87 38.44 30.26
N PHE A 972 -14.21 38.76 29.15
CA PHE A 972 -13.02 37.98 28.74
C PHE A 972 -11.89 38.16 29.75
N THR A 973 -11.69 39.39 30.22
CA THR A 973 -10.63 39.61 31.21
C THR A 973 -10.89 38.79 32.47
N CYS A 974 -12.15 38.70 32.89
CA CYS A 974 -12.48 37.90 34.06
C CYS A 974 -12.12 36.43 33.82
N GLY A 975 -12.39 35.94 32.62
CA GLY A 975 -12.00 34.58 32.29
C GLY A 975 -10.50 34.36 32.38
N VAL A 976 -9.71 35.37 31.99
CA VAL A 976 -8.26 35.17 31.97
C VAL A 976 -7.63 35.40 33.35
N ILE A 977 -8.29 36.16 34.23
CA ILE A 977 -7.72 36.40 35.57
C ILE A 977 -7.36 35.11 36.30
N PRO A 978 -8.18 34.05 36.26
CA PRO A 978 -7.76 32.82 36.98
C PRO A 978 -6.39 32.34 36.54
N LEU A 979 -6.04 32.51 35.27
CA LEU A 979 -4.74 32.04 34.79
C LEU A 979 -3.61 32.92 35.27
N VAL A 980 -3.77 34.25 35.20
CA VAL A 980 -2.66 35.16 35.49
C VAL A 980 -2.24 35.02 36.95
N ILE A 981 -3.20 34.98 37.86
CA ILE A 981 -2.92 34.81 39.29
C ILE A 981 -3.11 33.32 39.60
N ALA A 982 -2.02 32.57 39.45
CA ALA A 982 -2.01 31.13 39.67
C ALA A 982 -0.90 30.76 40.64
N THR A 983 -1.21 29.83 41.55
CA THR A 983 -0.26 29.35 42.55
C THR A 983 0.03 27.86 42.42
N GLY A 984 -0.53 27.20 41.41
CA GLY A 984 -0.34 25.77 41.27
C GLY A 984 0.95 25.41 40.57
N ALA A 985 1.16 24.10 40.42
CA ALA A 985 2.35 23.61 39.72
C ALA A 985 2.34 24.03 38.26
N SER A 986 1.16 24.15 37.66
CA SER A 986 1.03 24.62 36.28
C SER A 986 0.99 26.13 36.19
N SER A 987 1.52 26.84 37.19
CA SER A 987 1.42 28.30 37.20
C SER A 987 2.13 28.91 36.01
N GLU A 988 3.30 28.39 35.64
CA GLU A 988 4.05 28.97 34.53
C GLU A 988 3.27 28.88 33.23
N THR A 989 2.71 27.71 32.93
CA THR A 989 1.97 27.53 31.68
C THR A 989 0.75 28.43 31.65
N GLN A 990 0.03 28.53 32.77
CA GLN A 990 -1.16 29.39 32.81
C GLN A 990 -0.79 30.85 32.66
N HIS A 991 0.31 31.28 33.29
CA HIS A 991 0.74 32.66 33.14
C HIS A 991 1.11 32.97 31.70
N ALA A 992 1.86 32.08 31.05
CA ALA A 992 2.29 32.33 29.68
C ALA A 992 1.10 32.52 28.75
N LEU A 993 -0.02 31.88 29.06
CA LEU A 993 -1.22 31.96 28.23
C LEU A 993 -2.18 33.06 28.68
N GLY A 994 -2.07 33.54 29.92
CA GLY A 994 -3.01 34.51 30.44
C GLY A 994 -2.53 35.94 30.48
N THR A 995 -1.25 36.15 30.81
CA THR A 995 -0.75 37.52 30.96
C THR A 995 -0.86 38.30 29.66
N GLY A 996 -0.43 37.70 28.55
CA GLY A 996 -0.47 38.41 27.29
C GLY A 996 -1.88 38.77 26.87
N VAL A 997 -2.80 37.81 27.00
CA VAL A 997 -4.19 38.08 26.61
C VAL A 997 -4.81 39.13 27.52
N PHE A 998 -4.52 39.08 28.81
CA PHE A 998 -5.05 40.09 29.73
C PHE A 998 -4.59 41.49 29.33
N GLY A 999 -3.27 41.65 29.15
CA GLY A 999 -2.76 42.95 28.75
C GLY A 999 -3.31 43.39 27.40
N GLY A 1000 -3.40 42.47 26.45
CA GLY A 1000 -3.90 42.82 25.13
C GLY A 1000 -5.34 43.28 25.16
N MET A 1001 -6.20 42.56 25.91
CA MET A 1001 -7.58 43.00 26.05
C MET A 1001 -7.68 44.36 26.73
N ILE A 1002 -6.94 44.56 27.81
CA ILE A 1002 -7.02 45.84 28.52
C ILE A 1002 -6.65 46.98 27.58
N SER A 1003 -5.49 46.86 26.92
CA SER A 1003 -5.04 47.92 26.04
C SER A 1003 -6.00 48.10 24.87
N ALA A 1004 -6.39 46.99 24.23
CA ALA A 1004 -7.26 47.09 23.07
C ALA A 1004 -8.54 47.84 23.41
N THR A 1005 -9.24 47.42 24.47
CA THR A 1005 -10.50 48.06 24.79
C THR A 1005 -10.28 49.52 25.18
N ILE A 1006 -9.35 49.78 26.11
CA ILE A 1006 -9.22 51.14 26.64
C ILE A 1006 -8.81 52.10 25.55
N LEU A 1007 -7.86 51.71 24.70
CA LEU A 1007 -7.41 52.61 23.64
C LEU A 1007 -8.42 52.67 22.50
N ALA A 1008 -9.16 51.59 22.26
CA ALA A 1008 -10.09 51.56 21.15
C ALA A 1008 -11.28 52.47 21.39
N ILE A 1009 -11.86 52.42 22.60
CA ILE A 1009 -13.02 53.26 22.88
C ILE A 1009 -12.71 54.73 22.57
N PHE A 1010 -11.42 55.10 22.57
CA PHE A 1010 -11.06 56.48 22.28
C PHE A 1010 -10.66 56.66 20.82
N PHE A 1011 -9.95 55.69 20.24
CA PHE A 1011 -9.30 55.88 18.95
C PHE A 1011 -10.11 55.36 17.77
N VAL A 1012 -10.85 54.26 17.94
CA VAL A 1012 -11.52 53.63 16.79
C VAL A 1012 -12.43 54.62 16.09
N PRO A 1013 -13.24 55.44 16.78
CA PRO A 1013 -13.99 56.48 16.05
C PRO A 1013 -13.08 57.39 15.24
N VAL A 1014 -11.91 57.74 15.78
CA VAL A 1014 -10.99 58.58 15.03
C VAL A 1014 -10.50 57.88 13.78
N PHE A 1015 -10.18 56.58 13.90
CA PHE A 1015 -9.74 55.82 12.74
C PHE A 1015 -10.84 55.76 11.68
N PHE A 1016 -12.08 55.54 12.10
CA PHE A 1016 -13.19 55.48 11.14
C PHE A 1016 -13.37 56.83 10.45
N ILE A 1017 -13.31 57.92 11.21
CA ILE A 1017 -13.48 59.25 10.62
C ILE A 1017 -12.36 59.54 9.64
N PHE A 1018 -11.12 59.16 9.98
CA PHE A 1018 -10.00 59.44 9.09
C PHE A 1018 -10.05 58.58 7.83
N ILE A 1019 -10.47 57.33 7.94
CA ILE A 1019 -10.58 56.50 6.75
C ILE A 1019 -11.71 57.00 5.85
N LEU A 1020 -12.82 57.45 6.44
CA LEU A 1020 -13.85 58.09 5.64
C LEU A 1020 -13.32 59.37 4.98
N GLY A 1021 -12.49 60.12 5.69
CA GLY A 1021 -11.87 61.29 5.10
C GLY A 1021 -11.06 60.92 3.86
N ALA A 1022 -10.23 59.88 3.97
CA ALA A 1022 -9.52 59.38 2.80
C ALA A 1022 -10.50 58.94 1.72
N VAL A 1023 -11.67 58.44 2.13
CA VAL A 1023 -12.67 58.00 1.15
C VAL A 1023 -13.13 59.16 0.30
N GLU A 1024 -13.53 60.28 0.91
CA GLU A 1024 -13.97 61.40 0.07
C GLU A 1024 -12.77 62.07 -0.60
N LYS A 1025 -11.57 61.86 -0.07
CA LYS A 1025 -10.37 62.28 -0.79
C LYS A 1025 -10.28 61.54 -2.13
N LEU A 1026 -10.54 60.22 -2.11
CA LEU A 1026 -10.61 59.48 -3.35
C LEU A 1026 -11.75 59.97 -4.23
N PHE A 1027 -12.92 60.22 -3.63
CA PHE A 1027 -14.09 60.66 -4.37
C PHE A 1027 -14.58 62.01 -3.85
N MET B 1 -25.39 39.93 -19.60
CA MET B 1 -25.02 41.26 -20.17
C MET B 1 -23.57 41.25 -20.67
N SER B 2 -22.66 40.75 -19.83
CA SER B 2 -21.24 40.70 -20.18
C SER B 2 -20.71 42.07 -20.57
N GLN B 3 -21.17 43.10 -19.85
CA GLN B 3 -20.76 44.47 -20.11
C GLN B 3 -20.08 45.12 -18.91
N PHE B 4 -19.88 44.40 -17.81
CA PHE B 4 -19.30 45.00 -16.62
C PHE B 4 -17.90 45.53 -16.90
N PHE B 5 -17.07 44.72 -17.57
CA PHE B 5 -15.70 45.14 -17.84
C PHE B 5 -15.64 46.16 -18.96
N ILE B 6 -16.64 46.16 -19.84
CA ILE B 6 -16.73 47.21 -20.85
C ILE B 6 -17.00 48.55 -20.19
N ARG B 7 -17.80 48.55 -19.12
CA ARG B 7 -18.12 49.79 -18.43
C ARG B 7 -16.86 50.41 -17.82
N ARG B 8 -16.02 49.59 -17.19
CA ARG B 8 -14.81 50.04 -16.52
C ARG B 8 -13.60 49.31 -17.09
N PRO B 9 -12.67 50.00 -17.78
CA PRO B 9 -11.50 49.28 -18.32
C PRO B 9 -10.56 48.78 -17.25
N VAL B 10 -10.58 49.40 -16.06
CA VAL B 10 -9.56 49.10 -15.04
C VAL B 10 -9.62 47.64 -14.62
N PHE B 11 -10.82 47.09 -14.48
CA PHE B 11 -10.96 45.71 -14.01
C PHE B 11 -10.36 44.74 -15.01
N ALA B 12 -10.70 44.90 -16.30
CA ALA B 12 -10.13 44.04 -17.32
C ALA B 12 -8.61 44.20 -17.37
N TRP B 13 -8.13 45.44 -17.27
CA TRP B 13 -6.70 45.68 -17.31
C TRP B 13 -5.98 44.98 -16.17
N VAL B 14 -6.53 45.07 -14.95
CA VAL B 14 -5.87 44.44 -13.80
C VAL B 14 -5.93 42.94 -13.92
N ILE B 15 -7.04 42.40 -14.45
CA ILE B 15 -7.10 40.95 -14.69
C ILE B 15 -5.99 40.53 -15.65
N ALA B 16 -5.82 41.28 -16.74
CA ALA B 16 -4.77 40.94 -17.70
C ALA B 16 -3.39 41.05 -17.06
N ILE B 17 -3.18 42.08 -16.23
CA ILE B 17 -1.90 42.23 -15.55
C ILE B 17 -1.63 41.02 -14.65
N PHE B 18 -2.65 40.58 -13.91
CA PHE B 18 -2.47 39.40 -13.06
C PHE B 18 -2.12 38.17 -13.88
N ILE B 19 -2.84 37.95 -14.99
CA ILE B 19 -2.55 36.78 -15.81
C ILE B 19 -1.13 36.84 -16.35
N ILE B 20 -0.70 38.02 -16.81
CA ILE B 20 0.64 38.16 -17.35
C ILE B 20 1.69 37.92 -16.27
N ILE B 21 1.49 38.50 -15.08
CA ILE B 21 2.48 38.40 -14.01
C ILE B 21 2.61 36.95 -13.55
N PHE B 22 1.48 36.27 -13.36
CA PHE B 22 1.54 34.90 -12.87
C PHE B 22 2.20 33.98 -13.89
N GLY B 23 1.94 34.21 -15.18
CA GLY B 23 2.62 33.41 -16.19
C GLY B 23 4.12 33.67 -16.25
N LEU B 24 4.51 34.95 -16.15
CA LEU B 24 5.93 35.27 -16.11
C LEU B 24 6.61 34.60 -14.91
N LEU B 25 5.92 34.59 -13.76
CA LEU B 25 6.46 33.91 -12.59
C LEU B 25 6.53 32.41 -12.82
N SER B 26 5.51 31.84 -13.49
CA SER B 26 5.41 30.39 -13.62
C SER B 26 6.46 29.83 -14.57
N ILE B 27 6.74 30.53 -15.67
CA ILE B 27 7.65 29.98 -16.68
C ILE B 27 8.96 29.51 -16.08
N PRO B 28 9.64 30.28 -15.23
CA PRO B 28 10.95 29.81 -14.72
C PRO B 28 10.91 28.45 -14.04
N LYS B 29 9.86 28.16 -13.26
CA LYS B 29 9.82 26.94 -12.47
C LYS B 29 9.45 25.70 -13.29
N LEU B 30 8.90 25.86 -14.48
CA LEU B 30 8.46 24.71 -15.25
C LEU B 30 9.65 23.84 -15.65
N PRO B 31 9.54 22.52 -15.51
CA PRO B 31 10.60 21.63 -16.01
C PRO B 31 10.65 21.66 -17.54
N ILE B 32 11.84 21.38 -18.05
CA ILE B 32 12.09 21.37 -19.50
C ILE B 32 12.66 20.01 -19.88
N ALA B 33 12.10 19.42 -20.93
CA ALA B 33 12.58 18.15 -21.45
C ALA B 33 12.13 18.01 -22.89
N ARG B 34 12.84 17.16 -23.64
CA ARG B 34 12.51 16.96 -25.04
C ARG B 34 11.12 16.33 -25.19
N PHE B 35 10.89 15.23 -24.50
CA PHE B 35 9.62 14.52 -24.53
C PHE B 35 9.20 14.09 -23.14
N PRO B 36 7.88 13.94 -22.90
CA PRO B 36 7.42 13.49 -21.57
C PRO B 36 7.69 12.01 -21.34
N SER B 37 7.20 11.49 -20.20
CA SER B 37 7.38 10.09 -19.85
C SER B 37 6.37 9.20 -20.58
N VAL B 38 6.44 9.26 -21.92
CA VAL B 38 5.52 8.48 -22.73
C VAL B 38 5.85 6.99 -22.65
N ALA B 39 7.13 6.65 -22.59
CA ALA B 39 7.54 5.26 -22.70
C ALA B 39 6.98 4.44 -21.55
N PRO B 40 6.63 3.17 -21.78
CA PRO B 40 6.12 2.32 -20.71
C PRO B 40 7.17 2.14 -19.62
N PRO B 41 6.80 2.25 -18.35
CA PRO B 41 7.76 1.95 -17.28
C PRO B 41 8.21 0.51 -17.30
N GLN B 42 9.48 0.30 -16.93
CA GLN B 42 10.09 -1.02 -16.89
C GLN B 42 10.64 -1.27 -15.50
N VAL B 43 10.44 -2.49 -15.00
CA VAL B 43 11.02 -2.92 -13.73
C VAL B 43 11.80 -4.21 -13.99
N ASN B 44 13.06 -4.25 -13.53
CA ASN B 44 13.95 -5.36 -13.78
C ASN B 44 14.22 -6.14 -12.51
N ILE B 45 14.25 -7.46 -12.66
CA ILE B 45 14.50 -8.41 -11.58
C ILE B 45 15.73 -9.22 -11.97
N SER B 46 16.72 -9.26 -11.08
CA SER B 46 17.98 -9.95 -11.33
C SER B 46 18.18 -11.03 -10.29
N ALA B 47 18.41 -12.26 -10.76
CA ALA B 47 18.70 -13.40 -9.90
C ALA B 47 19.94 -14.10 -10.43
N THR B 48 20.83 -14.49 -9.52
CA THR B 48 22.10 -15.11 -9.87
C THR B 48 22.13 -16.52 -9.30
N TYR B 49 22.48 -17.48 -10.16
CA TYR B 49 22.65 -18.87 -9.75
C TYR B 49 24.05 -19.33 -10.11
N PRO B 50 25.05 -19.09 -9.27
CA PRO B 50 26.42 -19.45 -9.64
C PRO B 50 26.60 -20.96 -9.78
N GLY B 51 27.51 -21.33 -10.65
CA GLY B 51 27.75 -22.72 -10.98
C GLY B 51 26.76 -23.29 -11.98
N ALA B 52 25.94 -22.46 -12.60
CA ALA B 52 24.93 -22.90 -13.56
C ALA B 52 25.10 -22.15 -14.87
N THR B 53 24.97 -22.88 -15.99
CA THR B 53 25.08 -22.28 -17.30
C THR B 53 23.78 -21.56 -17.66
N ALA B 54 23.68 -21.09 -18.90
CA ALA B 54 22.46 -20.39 -19.32
C ALA B 54 21.24 -21.31 -19.24
N LYS B 55 21.36 -22.52 -19.81
CA LYS B 55 20.25 -23.46 -19.75
C LYS B 55 19.93 -23.85 -18.31
N THR B 56 20.96 -24.11 -17.51
CA THR B 56 20.73 -24.56 -16.14
C THR B 56 20.02 -23.49 -15.32
N ILE B 57 20.53 -22.24 -15.39
CA ILE B 57 19.93 -21.10 -14.61
C ILE B 57 18.55 -20.83 -15.19
N ASN B 58 18.30 -20.98 -16.45
CA ASN B 58 16.97 -20.81 -17.02
C ASN B 58 16.01 -21.86 -16.47
N ASP B 59 16.46 -23.11 -16.38
CA ASP B 59 15.60 -24.16 -15.83
C ASP B 59 15.33 -23.92 -14.35
N SER B 60 16.31 -23.39 -13.61
CA SER B 60 16.24 -23.34 -12.17
C SER B 60 15.44 -22.16 -11.61
N VAL B 61 15.59 -20.95 -12.15
CA VAL B 61 15.05 -19.77 -11.48
C VAL B 61 14.09 -18.99 -12.36
N VAL B 62 14.46 -18.77 -13.63
CA VAL B 62 13.72 -17.82 -14.47
C VAL B 62 12.25 -18.25 -14.59
N THR B 63 12.01 -19.51 -14.95
CA THR B 63 10.65 -19.96 -15.15
C THR B 63 9.86 -19.89 -13.85
N LEU B 64 10.53 -20.11 -12.71
CA LEU B 64 9.84 -20.05 -11.43
C LEU B 64 9.37 -18.63 -11.12
N ILE B 65 10.23 -17.64 -11.36
CA ILE B 65 9.88 -16.26 -11.04
C ILE B 65 8.85 -15.73 -12.02
N GLU B 66 8.87 -16.20 -13.26
CA GLU B 66 8.03 -15.61 -14.30
C GLU B 66 6.54 -15.70 -13.95
N ARG B 67 6.08 -16.86 -13.47
CA ARG B 67 4.66 -17.11 -13.37
C ARG B 67 3.98 -16.12 -12.42
N GLU B 68 4.53 -15.94 -11.23
CA GLU B 68 3.90 -15.04 -10.27
C GLU B 68 3.98 -13.60 -10.73
N LEU B 69 5.09 -13.21 -11.35
CA LEU B 69 5.21 -11.87 -11.91
C LEU B 69 4.17 -11.62 -12.99
N SER B 70 3.72 -12.68 -13.68
CA SER B 70 2.80 -12.50 -14.79
C SER B 70 1.53 -11.75 -14.37
N GLY B 71 1.15 -11.81 -13.10
CA GLY B 71 -0.13 -11.31 -12.65
C GLY B 71 -0.16 -9.92 -12.04
N VAL B 72 0.83 -9.07 -12.30
CA VAL B 72 0.85 -7.74 -11.71
C VAL B 72 -0.16 -6.85 -12.42
N LYS B 73 -0.67 -5.85 -11.71
CA LYS B 73 -1.64 -4.92 -12.28
C LYS B 73 -0.99 -4.03 -13.33
N ASN B 74 -1.76 -3.66 -14.35
CA ASN B 74 -1.31 -2.71 -15.38
C ASN B 74 -0.10 -3.24 -16.13
N LEU B 75 0.16 -4.54 -16.05
CA LEU B 75 1.27 -5.12 -16.80
C LEU B 75 0.96 -5.10 -18.29
N LEU B 76 1.96 -4.75 -19.09
CA LEU B 76 1.82 -4.72 -20.54
C LEU B 76 2.46 -5.94 -21.19
N TYR B 77 3.72 -6.23 -20.90
CA TYR B 77 4.33 -7.51 -21.25
C TYR B 77 5.45 -7.80 -20.26
N TYR B 78 5.88 -9.06 -20.25
CA TYR B 78 6.98 -9.50 -19.42
C TYR B 78 7.89 -10.41 -20.22
N SER B 79 9.19 -10.23 -20.02
CA SER B 79 10.19 -10.97 -20.78
C SER B 79 11.30 -11.41 -19.84
N ALA B 80 12.18 -12.25 -20.35
CA ALA B 80 13.29 -12.78 -19.56
C ALA B 80 14.46 -13.10 -20.48
N THR B 81 15.67 -12.90 -19.96
CA THR B 81 16.89 -13.10 -20.73
C THR B 81 17.88 -13.89 -19.88
N THR B 82 18.58 -14.84 -20.51
CA THR B 82 19.53 -15.70 -19.83
C THR B 82 20.73 -15.96 -20.73
N ASP B 83 21.92 -15.88 -20.15
CA ASP B 83 23.16 -16.12 -20.88
C ASP B 83 24.20 -16.68 -19.91
N THR B 84 25.40 -16.92 -20.44
CA THR B 84 26.48 -17.51 -19.66
C THR B 84 27.06 -16.56 -18.62
N SER B 85 26.64 -15.29 -18.62
CA SER B 85 27.11 -14.36 -17.59
C SER B 85 26.76 -14.87 -16.19
N GLY B 86 25.78 -15.77 -16.08
CA GLY B 86 25.44 -16.40 -14.83
C GLY B 86 24.28 -15.77 -14.08
N THR B 87 23.58 -14.82 -14.69
CA THR B 87 22.48 -14.12 -14.02
C THR B 87 21.27 -14.10 -14.94
N ALA B 88 20.10 -14.02 -14.34
CA ALA B 88 18.84 -13.85 -15.05
C ALA B 88 18.43 -12.39 -15.03
N GLU B 89 17.72 -11.98 -16.07
CA GLU B 89 17.26 -10.59 -16.21
C GLU B 89 15.80 -10.64 -16.67
N ILE B 90 14.89 -10.67 -15.70
CA ILE B 90 13.46 -10.59 -16.02
C ILE B 90 13.06 -9.12 -16.08
N THR B 91 12.20 -8.79 -17.03
CA THR B 91 11.72 -7.42 -17.22
C THR B 91 10.20 -7.42 -17.26
N ALA B 92 9.60 -6.44 -16.58
CA ALA B 92 8.16 -6.25 -16.58
C ALA B 92 7.88 -4.84 -17.05
N THR B 93 7.23 -4.76 -18.20
CA THR B 93 6.86 -3.44 -18.77
C THR B 93 5.40 -3.18 -18.39
N PHE B 94 5.09 -1.97 -17.96
CA PHE B 94 3.76 -1.63 -17.48
C PHE B 94 3.11 -0.61 -18.41
N LYS B 95 1.79 -0.60 -18.39
CA LYS B 95 1.03 0.29 -19.31
C LYS B 95 1.47 1.73 -19.09
N PRO B 96 1.67 2.51 -20.16
CA PRO B 96 2.12 3.90 -20.03
C PRO B 96 1.19 4.69 -19.11
N GLY B 97 1.79 5.53 -18.26
CA GLY B 97 1.07 6.31 -17.27
C GLY B 97 1.05 5.68 -15.89
N THR B 98 1.44 4.41 -15.77
CA THR B 98 1.47 3.76 -14.47
C THR B 98 2.53 4.39 -13.57
N ASP B 99 2.25 4.40 -12.28
CA ASP B 99 3.17 4.93 -11.29
C ASP B 99 4.32 3.94 -11.10
N VAL B 100 5.55 4.43 -11.26
CA VAL B 100 6.72 3.56 -11.20
C VAL B 100 6.90 2.97 -9.81
N GLU B 101 6.72 3.79 -8.77
CA GLU B 101 6.90 3.29 -7.41
C GLU B 101 5.87 2.22 -7.08
N MET B 102 4.62 2.44 -7.46
CA MET B 102 3.58 1.44 -7.23
C MET B 102 3.90 0.15 -7.95
N ALA B 103 4.36 0.24 -9.20
CA ALA B 103 4.72 -0.95 -9.95
C ALA B 103 5.86 -1.70 -9.27
N GLN B 104 6.88 -0.97 -8.81
CA GLN B 104 8.02 -1.63 -8.18
C GLN B 104 7.61 -2.31 -6.88
N VAL B 105 6.78 -1.65 -6.06
CA VAL B 105 6.37 -2.27 -4.81
C VAL B 105 5.48 -3.49 -5.09
N ASP B 106 4.62 -3.42 -6.11
CA ASP B 106 3.81 -4.57 -6.46
C ASP B 106 4.68 -5.74 -6.91
N VAL B 107 5.70 -5.45 -7.72
CA VAL B 107 6.59 -6.50 -8.20
C VAL B 107 7.33 -7.12 -7.02
N GLN B 108 7.80 -6.30 -6.09
CA GLN B 108 8.49 -6.82 -4.92
C GLN B 108 7.55 -7.67 -4.06
N ASN B 109 6.29 -7.24 -3.93
CA ASN B 109 5.32 -8.03 -3.18
C ASN B 109 5.13 -9.40 -3.81
N LYS B 110 4.99 -9.44 -5.15
CA LYS B 110 4.78 -10.72 -5.88
C LYS B 110 6.05 -11.56 -5.88
N ILE B 111 7.23 -10.96 -5.78
CA ILE B 111 8.47 -11.73 -5.67
C ILE B 111 8.62 -12.34 -4.29
N LYS B 112 8.32 -11.57 -3.24
CA LYS B 112 8.39 -12.14 -1.90
C LYS B 112 7.27 -13.17 -1.69
N ALA B 113 6.17 -13.03 -2.44
CA ALA B 113 5.15 -14.07 -2.43
C ALA B 113 5.68 -15.37 -3.00
N VAL B 114 6.46 -15.29 -4.09
CA VAL B 114 7.04 -16.48 -4.70
C VAL B 114 8.41 -16.81 -4.15
N GLU B 115 9.01 -15.91 -3.36
CA GLU B 115 10.37 -16.13 -2.87
C GLU B 115 10.48 -17.45 -2.11
N ALA B 116 9.43 -17.82 -1.38
CA ALA B 116 9.48 -19.02 -0.56
C ALA B 116 9.70 -20.27 -1.40
N ARG B 117 9.22 -20.27 -2.65
CA ARG B 117 9.30 -21.46 -3.48
C ARG B 117 10.62 -21.58 -4.22
N LEU B 118 11.47 -20.56 -4.18
CA LEU B 118 12.69 -20.55 -4.97
C LEU B 118 13.78 -21.36 -4.29
N PRO B 119 14.82 -21.76 -5.04
CA PRO B 119 15.89 -22.57 -4.44
C PRO B 119 16.70 -21.80 -3.41
N GLN B 120 17.37 -22.56 -2.53
CA GLN B 120 18.18 -21.94 -1.49
C GLN B 120 19.35 -21.16 -2.09
N VAL B 121 20.00 -21.71 -3.11
CA VAL B 121 21.14 -21.02 -3.71
C VAL B 121 20.71 -19.69 -4.31
N VAL B 122 19.55 -19.66 -4.96
CA VAL B 122 19.02 -18.42 -5.49
C VAL B 122 18.77 -17.42 -4.37
N ARG B 123 18.20 -17.90 -3.26
CA ARG B 123 17.88 -17.01 -2.15
C ARG B 123 19.14 -16.40 -1.53
N GLN B 124 20.20 -17.20 -1.38
CA GLN B 124 21.38 -16.74 -0.66
C GLN B 124 21.97 -15.50 -1.30
N GLN B 125 22.21 -15.53 -2.61
CA GLN B 125 22.79 -14.35 -3.27
C GLN B 125 21.83 -13.18 -3.25
N GLY B 126 20.53 -13.45 -3.23
CA GLY B 126 19.53 -12.40 -3.23
C GLY B 126 19.11 -12.01 -4.64
N LEU B 127 17.94 -11.41 -4.73
CA LEU B 127 17.36 -10.97 -6.00
C LEU B 127 17.18 -9.46 -5.95
N GLN B 128 17.66 -8.78 -6.98
CA GLN B 128 17.64 -7.31 -7.03
C GLN B 128 16.46 -6.86 -7.90
N VAL B 129 15.59 -6.05 -7.32
CA VAL B 129 14.45 -5.47 -8.04
C VAL B 129 14.71 -3.98 -8.15
N GLU B 130 14.75 -3.46 -9.38
CA GLU B 130 15.08 -2.06 -9.61
C GLU B 130 14.37 -1.54 -10.84
N ALA B 131 13.99 -0.27 -10.77
CA ALA B 131 13.33 0.41 -11.89
C ALA B 131 14.33 1.29 -12.61
N SER B 132 14.54 1.01 -13.90
CA SER B 132 15.47 1.77 -14.72
C SER B 132 14.81 2.01 -16.08
N SER B 133 15.53 2.73 -16.95
CA SER B 133 15.01 3.11 -18.25
C SER B 133 15.66 2.35 -19.40
N SER B 134 16.73 1.61 -19.15
CA SER B 134 17.42 0.85 -20.20
C SER B 134 17.86 1.77 -21.34
N GLY B 135 18.28 2.98 -20.98
CA GLY B 135 18.78 3.93 -21.95
C GLY B 135 19.80 4.87 -21.34
N PHE B 136 20.99 4.96 -21.92
CA PHE B 136 22.04 5.78 -21.36
C PHE B 136 21.71 7.26 -21.51
N LEU B 137 21.93 8.00 -20.42
CA LEU B 137 21.83 9.46 -20.42
C LEU B 137 23.18 10.11 -20.67
N MET B 138 24.25 9.57 -20.09
CA MET B 138 25.60 10.06 -20.32
C MET B 138 26.60 9.01 -19.90
N LEU B 139 27.84 9.17 -20.36
CA LEU B 139 28.95 8.33 -19.96
C LEU B 139 30.03 9.21 -19.36
N VAL B 140 30.40 8.92 -18.11
CA VAL B 140 31.39 9.69 -17.38
C VAL B 140 32.62 8.82 -17.18
N GLY B 141 33.77 9.28 -17.65
CA GLY B 141 34.98 8.49 -17.60
C GLY B 141 36.14 9.28 -17.04
N ILE B 142 37.20 8.55 -16.70
CA ILE B 142 38.43 9.14 -16.18
C ILE B 142 39.56 8.67 -17.08
N ASN B 143 40.04 9.56 -17.93
CA ASN B 143 41.14 9.26 -18.84
C ASN B 143 42.46 9.68 -18.19
N SER B 144 43.56 9.15 -18.73
CA SER B 144 44.91 9.45 -18.25
C SER B 144 45.72 9.96 -19.43
N PRO B 145 45.51 11.22 -19.84
CA PRO B 145 46.26 11.74 -21.00
C PRO B 145 47.77 11.69 -20.80
N ASN B 146 48.23 11.87 -19.56
CA ASN B 146 49.67 11.80 -19.29
C ASN B 146 50.16 10.36 -19.21
N ASN B 147 49.25 9.39 -19.18
CA ASN B 147 49.54 7.96 -19.26
C ASN B 147 50.21 7.39 -18.02
N GLN B 148 50.21 8.13 -16.90
CA GLN B 148 50.84 7.59 -15.68
C GLN B 148 50.09 6.35 -15.20
N TYR B 149 48.76 6.38 -15.23
CA TYR B 149 47.93 5.34 -14.62
C TYR B 149 47.32 4.48 -15.72
N SER B 150 47.39 3.16 -15.53
CA SER B 150 46.85 2.22 -16.48
C SER B 150 45.34 2.02 -16.23
N GLU B 151 44.74 1.09 -16.95
CA GLU B 151 43.28 0.89 -16.84
C GLU B 151 42.92 0.38 -15.45
N VAL B 152 43.74 -0.46 -14.82
CA VAL B 152 43.38 -1.02 -13.52
C VAL B 152 43.27 0.09 -12.48
N ASP B 153 44.23 1.01 -12.45
CA ASP B 153 44.19 2.09 -11.46
C ASP B 153 43.01 3.01 -11.71
N LEU B 154 42.76 3.34 -12.97
CA LEU B 154 41.60 4.17 -13.29
C LEU B 154 40.31 3.50 -12.84
N SER B 155 40.18 2.21 -13.11
CA SER B 155 38.96 1.50 -12.71
C SER B 155 38.81 1.46 -11.20
N ASP B 156 39.89 1.20 -10.47
CA ASP B 156 39.78 1.13 -9.02
C ASP B 156 39.41 2.48 -8.43
N TYR B 157 40.02 3.57 -8.95
CA TYR B 157 39.67 4.90 -8.48
C TYR B 157 38.22 5.22 -8.78
N LEU B 158 37.76 4.89 -10.00
CA LEU B 158 36.39 5.21 -10.38
C LEU B 158 35.39 4.45 -9.52
N VAL B 159 35.63 3.16 -9.29
CA VAL B 159 34.69 2.37 -8.49
C VAL B 159 34.70 2.83 -7.04
N ARG B 160 35.90 3.01 -6.47
CA ARG B 160 35.99 3.39 -5.06
C ARG B 160 35.40 4.78 -4.83
N ASN B 161 35.71 5.75 -5.70
CA ASN B 161 35.39 7.15 -5.46
C ASN B 161 34.18 7.60 -6.26
N VAL B 162 34.22 7.49 -7.59
CA VAL B 162 33.28 8.25 -8.42
C VAL B 162 31.92 7.57 -8.49
N VAL B 163 31.89 6.25 -8.58
CA VAL B 163 30.61 5.56 -8.78
C VAL B 163 29.68 5.83 -7.62
N GLU B 164 30.18 5.69 -6.39
CA GLU B 164 29.33 5.89 -5.21
C GLU B 164 28.84 7.33 -5.12
N GLU B 165 29.72 8.29 -5.41
CA GLU B 165 29.31 9.70 -5.36
C GLU B 165 28.22 9.99 -6.40
N LEU B 166 28.40 9.46 -7.62
CA LEU B 166 27.45 9.76 -8.69
C LEU B 166 26.10 9.09 -8.45
N LYS B 167 26.10 7.88 -7.91
CA LYS B 167 24.83 7.12 -7.74
C LYS B 167 23.94 7.79 -6.69
N ARG B 168 24.49 8.71 -5.88
CA ARG B 168 23.70 9.41 -4.84
C ARG B 168 22.96 10.57 -5.49
N VAL B 169 23.45 11.09 -6.60
CA VAL B 169 22.86 12.28 -7.22
C VAL B 169 21.41 12.00 -7.61
N GLU B 170 20.59 13.05 -7.53
CA GLU B 170 19.17 12.93 -7.83
C GLU B 170 18.95 12.51 -9.28
N GLY B 171 17.95 11.65 -9.48
CA GLY B 171 17.55 11.23 -10.80
C GLY B 171 18.35 10.07 -11.38
N VAL B 172 19.43 9.67 -10.74
CA VAL B 172 20.27 8.59 -11.25
C VAL B 172 19.59 7.26 -10.94
N GLY B 173 18.96 6.65 -11.96
CA GLY B 173 18.33 5.37 -11.76
C GLY B 173 19.33 4.30 -11.38
N LYS B 174 20.40 4.22 -12.18
CA LYS B 174 21.48 3.24 -11.89
C LYS B 174 22.80 3.70 -12.52
N VAL B 175 23.93 3.39 -11.91
CA VAL B 175 25.24 3.69 -12.47
C VAL B 175 25.87 2.36 -12.85
N GLN B 176 26.05 2.14 -14.14
CA GLN B 176 26.64 0.90 -14.66
C GLN B 176 28.14 1.14 -14.85
N SER B 177 28.95 0.54 -13.99
CA SER B 177 30.39 0.68 -14.08
C SER B 177 30.96 -0.35 -15.04
N PHE B 178 31.88 0.11 -15.90
CA PHE B 178 32.56 -0.75 -16.85
C PHE B 178 33.99 -1.03 -16.41
N GLY B 179 34.23 -0.95 -15.10
CA GLY B 179 35.51 -1.31 -14.53
C GLY B 179 35.29 -2.05 -13.24
N ALA B 180 36.37 -2.67 -12.74
CA ALA B 180 36.30 -3.53 -11.57
C ALA B 180 37.31 -3.08 -10.53
N GLU B 181 37.01 -3.38 -9.27
CA GLU B 181 37.87 -3.00 -8.16
C GLU B 181 39.17 -3.80 -8.18
N LYS B 182 40.21 -3.23 -7.59
CA LYS B 182 41.45 -3.97 -7.41
C LYS B 182 41.24 -5.11 -6.43
N ALA B 183 41.99 -6.19 -6.65
CA ALA B 183 41.92 -7.39 -5.82
C ALA B 183 43.18 -8.20 -6.08
N MET B 184 43.55 -9.02 -5.10
CA MET B 184 44.77 -9.82 -5.19
C MET B 184 44.45 -11.11 -5.93
N ARG B 185 45.06 -11.27 -7.10
CA ARG B 185 44.84 -12.41 -7.98
C ARG B 185 46.04 -13.36 -7.85
N ILE B 186 45.75 -14.63 -7.59
CA ILE B 186 46.76 -15.67 -7.50
C ILE B 186 46.66 -16.50 -8.78
N TRP B 187 47.63 -16.33 -9.68
CA TRP B 187 47.69 -17.08 -10.92
C TRP B 187 48.55 -18.31 -10.72
N VAL B 188 47.91 -19.47 -10.68
CA VAL B 188 48.53 -20.73 -10.27
C VAL B 188 48.97 -21.47 -11.53
N ASP B 189 50.23 -21.90 -11.54
CA ASP B 189 50.73 -22.74 -12.62
C ASP B 189 50.48 -24.20 -12.26
N PRO B 190 49.60 -24.90 -12.98
CA PRO B 190 49.24 -26.26 -12.55
C PRO B 190 50.36 -27.27 -12.69
N ASN B 191 51.34 -27.02 -13.55
CA ASN B 191 52.42 -28.00 -13.73
C ASN B 191 53.23 -28.17 -12.46
N LYS B 192 53.51 -27.08 -11.76
CA LYS B 192 54.31 -27.14 -10.52
C LYS B 192 53.49 -27.80 -9.41
N LEU B 193 52.16 -27.63 -9.40
CA LEU B 193 51.35 -28.16 -8.31
C LEU B 193 51.51 -29.66 -8.17
N VAL B 194 51.40 -30.40 -9.28
CA VAL B 194 51.48 -31.86 -9.22
C VAL B 194 52.90 -32.30 -8.85
N SER B 195 53.91 -31.63 -9.40
CA SER B 195 55.28 -32.00 -9.10
C SER B 195 55.58 -31.83 -7.62
N TYR B 196 55.09 -30.75 -7.03
CA TYR B 196 55.32 -30.48 -5.59
C TYR B 196 54.34 -31.29 -4.74
N GLY B 197 53.38 -31.97 -5.34
CA GLY B 197 52.43 -32.77 -4.60
C GLY B 197 51.27 -32.01 -4.00
N LEU B 198 51.06 -30.75 -4.39
CA LEU B 198 49.98 -29.94 -3.84
C LEU B 198 48.79 -29.92 -4.79
N SER B 199 47.66 -29.44 -4.26
CA SER B 199 46.44 -29.27 -5.03
C SER B 199 45.85 -27.90 -4.72
N ILE B 200 44.97 -27.43 -5.60
CA ILE B 200 44.34 -26.14 -5.41
C ILE B 200 43.66 -26.02 -4.05
N SER B 201 43.18 -27.14 -3.51
CA SER B 201 42.60 -27.11 -2.17
C SER B 201 43.60 -26.64 -1.14
N ASP B 202 44.86 -27.09 -1.27
CA ASP B 202 45.90 -26.67 -0.33
C ASP B 202 46.11 -25.16 -0.39
N VAL B 203 46.17 -24.61 -1.61
CA VAL B 203 46.38 -23.17 -1.76
C VAL B 203 45.21 -22.40 -1.16
N ASN B 204 43.99 -22.83 -1.47
CA ASN B 204 42.82 -22.14 -0.93
C ASN B 204 42.80 -22.21 0.59
N ASN B 205 43.11 -23.37 1.17
CA ASN B 205 43.09 -23.52 2.61
C ASN B 205 44.17 -22.67 3.26
N ALA B 206 45.36 -22.60 2.66
CA ALA B 206 46.42 -21.75 3.20
C ALA B 206 46.00 -20.29 3.18
N ILE B 207 45.39 -19.85 2.08
CA ILE B 207 44.94 -18.46 2.01
C ILE B 207 43.84 -18.21 3.02
N ARG B 208 42.96 -19.19 3.27
CA ARG B 208 41.93 -19.04 4.29
C ARG B 208 42.55 -18.87 5.67
N GLU B 209 43.48 -19.76 6.03
CA GLU B 209 43.97 -19.80 7.40
C GLU B 209 44.89 -18.62 7.71
N ASN B 210 45.78 -18.27 6.78
CA ASN B 210 46.73 -17.20 7.06
C ASN B 210 46.05 -15.85 7.11
N ASN B 211 44.98 -15.67 6.35
CA ASN B 211 44.13 -14.48 6.41
C ASN B 211 42.86 -14.87 7.16
N VAL B 212 42.81 -14.55 8.45
CA VAL B 212 41.85 -15.17 9.35
C VAL B 212 40.82 -14.21 9.90
N GLU B 213 41.08 -12.90 9.95
CA GLU B 213 40.13 -11.97 10.54
C GLU B 213 39.83 -12.32 12.00
N ILE B 214 40.84 -12.21 12.87
CA ILE B 214 40.62 -12.46 14.29
C ILE B 214 39.52 -11.54 14.82
N ALA B 215 38.80 -12.02 15.83
CA ALA B 215 37.63 -11.32 16.33
C ALA B 215 38.02 -10.30 17.40
N PRO B 216 37.38 -9.12 17.41
CA PRO B 216 37.69 -8.13 18.45
C PRO B 216 37.15 -8.55 19.82
N GLY B 217 37.78 -8.03 20.87
CA GLY B 217 37.34 -8.30 22.22
C GLY B 217 37.66 -7.13 23.14
N ARG B 218 37.42 -7.33 24.43
CA ARG B 218 37.63 -6.31 25.43
C ARG B 218 38.31 -6.88 26.66
N LEU B 219 39.03 -6.02 27.39
CA LEU B 219 39.63 -6.40 28.65
C LEU B 219 38.74 -5.94 29.82
N GLY B 220 38.72 -6.76 30.86
CA GLY B 220 37.93 -6.42 32.04
C GLY B 220 36.45 -6.32 31.78
N ASP B 221 35.89 -7.26 31.02
CA ASP B 221 34.47 -7.25 30.74
C ASP B 221 33.70 -7.99 31.83
N LEU B 222 32.42 -7.67 31.95
CA LEU B 222 31.57 -8.30 32.96
C LEU B 222 31.33 -9.77 32.60
N PRO B 223 31.36 -10.69 33.58
CA PRO B 223 31.64 -10.45 35.00
C PRO B 223 33.10 -10.10 35.26
N ALA B 224 33.35 -9.29 36.29
CA ALA B 224 34.67 -8.75 36.55
C ALA B 224 35.09 -9.05 37.99
N GLU B 225 36.40 -9.03 38.21
CA GLU B 225 36.94 -9.23 39.54
C GLU B 225 36.63 -8.03 40.43
N LYS B 226 36.65 -8.25 41.74
CA LYS B 226 36.52 -7.15 42.68
C LYS B 226 37.80 -6.32 42.70
N GLY B 227 37.64 -5.02 42.48
CA GLY B 227 38.77 -4.12 42.45
C GLY B 227 39.30 -3.78 41.07
N GLN B 228 38.59 -4.16 40.01
CA GLN B 228 39.00 -3.80 38.65
C GLN B 228 38.59 -2.36 38.37
N LEU B 229 39.55 -1.54 37.97
CA LEU B 229 39.32 -0.12 37.71
C LEU B 229 39.48 0.28 36.26
N ILE B 230 40.05 -0.56 35.42
CA ILE B 230 40.35 -0.21 34.03
C ILE B 230 39.78 -1.27 33.11
N THR B 231 39.07 -0.83 32.06
CA THR B 231 38.60 -1.69 30.99
C THR B 231 39.03 -1.08 29.67
N ILE B 232 39.62 -1.91 28.80
CA ILE B 232 40.20 -1.40 27.55
C ILE B 232 39.87 -2.35 26.40
N PRO B 233 39.28 -1.87 25.30
CA PRO B 233 39.12 -2.74 24.12
C PRO B 233 40.47 -3.17 23.57
N LEU B 234 40.53 -4.38 23.04
CA LEU B 234 41.75 -4.91 22.45
C LEU B 234 41.41 -5.66 21.17
N SER B 235 42.29 -5.55 20.18
CA SER B 235 42.13 -6.23 18.91
C SER B 235 43.47 -6.81 18.49
N ALA B 236 43.42 -7.82 17.62
CA ALA B 236 44.62 -8.47 17.10
C ALA B 236 44.53 -8.55 15.58
N GLN B 237 45.56 -8.04 14.90
CA GLN B 237 45.60 -8.09 13.46
C GLN B 237 46.14 -9.44 13.00
N GLY B 238 45.36 -10.14 12.18
CA GLY B 238 45.75 -11.44 11.68
C GLY B 238 45.70 -11.54 10.17
N GLN B 239 45.38 -10.42 9.51
CA GLN B 239 45.25 -10.42 8.06
C GLN B 239 46.57 -10.06 7.41
N LEU B 240 46.81 -10.62 6.23
CA LEU B 240 47.96 -10.24 5.42
C LEU B 240 47.77 -8.83 4.89
N SER B 241 48.84 -8.04 4.91
CA SER B 241 48.76 -6.61 4.61
C SER B 241 48.94 -6.30 3.12
N SER B 242 50.01 -6.78 2.50
CA SER B 242 50.34 -6.37 1.14
C SER B 242 50.84 -7.59 0.37
N LEU B 243 51.44 -7.31 -0.79
CA LEU B 243 51.86 -8.38 -1.69
C LEU B 243 52.88 -9.30 -1.03
N GLU B 244 53.85 -8.72 -0.32
CA GLU B 244 54.98 -9.49 0.17
C GLU B 244 54.53 -10.67 1.03
N GLN B 245 53.61 -10.43 1.96
CA GLN B 245 53.15 -11.50 2.83
C GLN B 245 52.45 -12.59 2.03
N PHE B 246 51.63 -12.21 1.04
CA PHE B 246 50.94 -13.21 0.23
C PHE B 246 51.93 -14.06 -0.56
N LYS B 247 52.97 -13.43 -1.13
CA LYS B 247 53.98 -14.21 -1.82
C LYS B 247 54.76 -15.10 -0.86
N ASN B 248 54.73 -14.77 0.43
CA ASN B 248 55.48 -15.50 1.45
C ASN B 248 54.60 -16.49 2.22
N ILE B 249 53.37 -16.73 1.76
CA ILE B 249 52.49 -17.65 2.47
C ILE B 249 53.12 -19.03 2.53
N SER B 250 53.18 -19.60 3.72
CA SER B 250 53.78 -20.91 3.92
C SER B 250 52.81 -22.01 3.49
N LEU B 251 53.35 -23.02 2.80
CA LEU B 251 52.57 -24.18 2.37
C LEU B 251 53.41 -25.43 2.57
N LYS B 252 52.83 -26.45 3.19
CA LYS B 252 53.56 -27.68 3.42
C LYS B 252 53.55 -28.54 2.16
N SER B 253 54.74 -28.92 1.70
CA SER B 253 54.91 -29.70 0.48
C SER B 253 55.09 -31.17 0.84
N LYS B 254 54.32 -32.04 0.18
CA LYS B 254 54.33 -33.45 0.54
C LYS B 254 55.65 -34.11 0.17
N THR B 255 56.12 -33.91 -1.07
CA THR B 255 57.25 -34.67 -1.57
C THR B 255 58.53 -34.33 -0.82
N ASN B 256 58.86 -33.06 -0.72
CA ASN B 256 60.17 -32.67 -0.13
C ASN B 256 60.11 -32.75 1.40
N GLY B 257 58.93 -32.56 2.01
CA GLY B 257 58.80 -32.58 3.45
C GLY B 257 59.15 -31.29 4.14
N SER B 258 59.41 -30.22 3.39
CA SER B 258 59.76 -28.92 3.95
C SER B 258 58.81 -27.86 3.42
N VAL B 259 58.69 -26.77 4.19
CA VAL B 259 57.75 -25.72 3.84
C VAL B 259 58.23 -24.96 2.61
N ILE B 260 57.29 -24.63 1.72
CA ILE B 260 57.55 -23.81 0.55
C ILE B 260 56.69 -22.56 0.64
N LYS B 261 56.85 -21.69 -0.35
CA LYS B 261 56.16 -20.41 -0.37
C LYS B 261 55.18 -20.34 -1.53
N LEU B 262 54.15 -19.50 -1.36
CA LEU B 262 53.12 -19.38 -2.39
C LEU B 262 53.71 -18.94 -3.73
N SER B 263 54.77 -18.13 -3.69
CA SER B 263 55.40 -17.71 -4.94
C SER B 263 55.89 -18.89 -5.76
N ASP B 264 56.20 -20.00 -5.10
CA ASP B 264 56.70 -21.18 -5.82
C ASP B 264 55.65 -21.75 -6.74
N VAL B 265 54.39 -21.78 -6.30
CA VAL B 265 53.32 -22.45 -7.02
C VAL B 265 52.31 -21.46 -7.61
N ALA B 266 52.62 -20.17 -7.62
CA ALA B 266 51.70 -19.19 -8.17
C ALA B 266 52.38 -17.83 -8.19
N ASN B 267 51.86 -16.96 -9.05
CA ASN B 267 52.27 -15.56 -9.13
C ASN B 267 51.15 -14.72 -8.52
N VAL B 268 51.49 -13.87 -7.56
CA VAL B 268 50.52 -13.04 -6.86
C VAL B 268 50.62 -11.63 -7.42
N GLU B 269 49.48 -11.07 -7.85
CA GLU B 269 49.45 -9.73 -8.41
C GLU B 269 48.23 -9.00 -7.90
N ILE B 270 48.14 -7.72 -8.22
CA ILE B 270 46.99 -6.88 -7.94
C ILE B 270 46.36 -6.49 -9.26
N GLY B 271 45.08 -6.81 -9.43
CA GLY B 271 44.43 -6.53 -10.71
C GLY B 271 42.93 -6.47 -10.54
N SER B 272 42.25 -6.23 -11.65
CA SER B 272 40.80 -6.07 -11.62
C SER B 272 40.13 -7.33 -11.06
N GLN B 273 39.08 -7.13 -10.28
CA GLN B 273 38.30 -8.25 -9.78
C GLN B 273 37.69 -9.05 -10.93
N ALA B 274 37.18 -8.35 -11.94
CA ALA B 274 36.66 -8.97 -13.14
C ALA B 274 37.24 -8.26 -14.36
N TYR B 275 37.46 -9.03 -15.42
CA TYR B 275 38.03 -8.52 -16.66
C TYR B 275 37.03 -8.54 -17.80
N ASN B 276 35.74 -8.39 -17.49
CA ASN B 276 34.69 -8.60 -18.50
C ASN B 276 34.67 -7.48 -19.52
N PHE B 277 34.73 -6.23 -19.08
CA PHE B 277 34.45 -5.08 -19.92
C PHE B 277 35.69 -4.20 -20.09
N ALA B 278 35.70 -3.43 -21.17
CA ALA B 278 36.79 -2.50 -21.47
C ALA B 278 36.21 -1.30 -22.19
N ILE B 279 36.99 -0.21 -22.22
CA ILE B 279 36.54 1.05 -22.78
C ILE B 279 37.62 1.60 -23.70
N LEU B 280 37.19 2.26 -24.77
CA LEU B 280 38.08 2.99 -25.67
C LEU B 280 37.45 4.35 -25.93
N GLU B 281 38.03 5.43 -25.39
CA GLU B 281 37.41 6.78 -25.47
C GLU B 281 37.55 7.37 -26.86
N ASN B 282 38.74 7.40 -27.43
CA ASN B 282 38.98 7.82 -28.80
C ASN B 282 40.09 6.94 -29.38
N GLY B 283 39.98 5.64 -29.15
CA GLY B 283 41.06 4.72 -29.43
C GLY B 283 42.11 4.64 -28.36
N LYS B 284 41.96 5.39 -27.27
CA LYS B 284 42.88 5.38 -26.16
C LYS B 284 42.22 4.70 -24.97
N PRO B 285 42.82 3.67 -24.39
CA PRO B 285 42.18 2.97 -23.26
C PRO B 285 41.86 3.93 -22.12
N ALA B 286 40.71 3.71 -21.51
CA ALA B 286 40.24 4.54 -20.41
C ALA B 286 39.20 3.75 -19.63
N THR B 287 38.51 4.42 -18.72
CA THR B 287 37.43 3.81 -17.95
C THR B 287 36.23 4.75 -17.96
N ALA B 288 35.04 4.16 -17.92
CA ALA B 288 33.81 4.95 -18.00
C ALA B 288 32.70 4.22 -17.26
N ALA B 289 31.70 4.99 -16.87
CA ALA B 289 30.48 4.48 -16.26
C ALA B 289 29.28 5.18 -16.89
N ALA B 290 28.22 4.40 -17.12
CA ALA B 290 27.02 4.88 -17.77
C ALA B 290 25.99 5.29 -16.72
N ILE B 291 25.39 6.46 -16.92
CA ILE B 291 24.40 7.01 -16.00
C ILE B 291 23.04 6.87 -16.65
N GLN B 292 22.13 6.16 -15.98
CA GLN B 292 20.75 6.04 -16.39
C GLN B 292 19.85 6.80 -15.43
N LEU B 293 18.64 7.11 -15.89
CA LEU B 293 17.69 7.89 -15.12
C LEU B 293 16.48 7.03 -14.77
N SER B 294 15.93 7.26 -13.58
CA SER B 294 14.76 6.52 -13.16
C SER B 294 13.58 6.87 -14.06
N PRO B 295 12.68 5.92 -14.35
CA PRO B 295 11.52 6.24 -15.20
C PRO B 295 10.69 7.35 -14.58
N GLY B 296 10.58 8.45 -15.31
CA GLY B 296 9.83 9.61 -14.87
C GLY B 296 10.66 10.74 -14.27
N ALA B 297 11.92 10.88 -14.68
CA ALA B 297 12.80 11.94 -14.20
C ALA B 297 13.16 12.85 -15.36
N ASN B 298 13.73 14.00 -15.03
CA ASN B 298 14.13 15.00 -16.03
C ASN B 298 15.59 14.81 -16.39
N ALA B 299 15.86 14.74 -17.69
CA ALA B 299 17.22 14.45 -18.15
C ALA B 299 18.15 15.63 -17.89
N VAL B 300 17.69 16.84 -18.16
CA VAL B 300 18.58 18.01 -18.05
C VAL B 300 19.02 18.22 -16.61
N LYS B 301 18.08 18.14 -15.66
CA LYS B 301 18.42 18.36 -14.27
C LYS B 301 19.34 17.27 -13.73
N THR B 302 19.08 16.01 -14.10
CA THR B 302 19.94 14.93 -13.67
C THR B 302 21.34 15.08 -14.23
N ALA B 303 21.45 15.45 -15.51
CA ALA B 303 22.77 15.68 -16.11
C ALA B 303 23.49 16.83 -15.43
N GLU B 304 22.76 17.92 -15.12
CA GLU B 304 23.38 19.04 -14.42
C GLU B 304 23.89 18.62 -13.05
N GLY B 305 23.11 17.81 -12.33
CA GLY B 305 23.55 17.34 -11.03
C GLY B 305 24.78 16.45 -11.12
N VAL B 306 24.80 15.56 -12.12
CA VAL B 306 25.94 14.67 -12.31
C VAL B 306 27.18 15.50 -12.63
N ARG B 307 27.06 16.49 -13.51
CA ARG B 307 28.20 17.31 -13.86
C ARG B 307 28.67 18.14 -12.66
N ALA B 308 27.72 18.61 -11.84
CA ALA B 308 28.10 19.35 -10.65
C ALA B 308 28.87 18.45 -9.67
N LYS B 309 28.41 17.21 -9.48
CA LYS B 309 29.14 16.30 -8.62
C LYS B 309 30.53 16.01 -9.18
N ILE B 310 30.64 15.84 -10.49
CA ILE B 310 31.95 15.65 -11.11
C ILE B 310 32.84 16.85 -10.82
N GLU B 311 32.30 18.06 -10.99
CA GLU B 311 33.07 19.27 -10.69
C GLU B 311 33.54 19.27 -9.25
N GLU B 312 32.68 18.85 -8.31
CA GLU B 312 33.09 18.73 -6.92
C GLU B 312 34.26 17.77 -6.79
N LEU B 313 34.20 16.65 -7.52
CA LEU B 313 35.27 15.66 -7.44
C LEU B 313 36.53 16.07 -8.19
N LYS B 314 36.49 17.16 -8.92
CA LYS B 314 37.71 17.61 -9.62
C LYS B 314 38.63 18.31 -8.62
N LEU B 315 38.16 18.56 -7.38
CA LEU B 315 39.03 19.13 -6.35
C LEU B 315 40.03 18.10 -5.84
N ASN B 316 39.55 16.87 -5.60
CA ASN B 316 40.39 15.81 -5.05
C ASN B 316 40.95 14.87 -6.11
N LEU B 317 40.81 15.23 -7.39
CA LEU B 317 41.34 14.38 -8.44
C LEU B 317 42.87 14.30 -8.31
N PRO B 318 43.43 13.10 -8.18
CA PRO B 318 44.89 13.00 -8.17
C PRO B 318 45.47 13.37 -9.53
N GLU B 319 46.67 13.94 -9.51
CA GLU B 319 47.32 14.35 -10.74
C GLU B 319 47.52 13.16 -11.67
N GLY B 320 47.25 13.37 -12.96
CA GLY B 320 47.33 12.32 -13.96
C GLY B 320 46.00 11.75 -14.39
N MET B 321 44.92 12.08 -13.69
CA MET B 321 43.57 11.65 -14.05
C MET B 321 42.73 12.85 -14.42
N GLU B 322 41.96 12.71 -15.49
CA GLU B 322 41.13 13.80 -16.01
C GLU B 322 39.73 13.27 -16.31
N PHE B 323 38.72 13.95 -15.79
CA PHE B 323 37.34 13.58 -16.06
C PHE B 323 36.95 13.95 -17.48
N SER B 324 36.06 13.15 -18.06
CA SER B 324 35.55 13.38 -19.41
C SER B 324 34.11 12.90 -19.50
N ILE B 325 33.35 13.56 -20.35
CA ILE B 325 31.95 13.18 -20.60
C ILE B 325 31.77 13.09 -22.11
N PRO B 326 32.32 12.06 -22.76
CA PRO B 326 32.24 12.02 -24.23
C PRO B 326 30.83 11.97 -24.77
N TYR B 327 29.91 11.33 -24.06
CA TYR B 327 28.54 11.13 -24.53
C TYR B 327 27.58 11.78 -23.55
N ASP B 328 26.71 12.66 -24.06
CA ASP B 328 25.72 13.35 -23.24
C ASP B 328 24.56 13.76 -24.12
N THR B 329 23.35 13.35 -23.75
CA THR B 329 22.16 13.66 -24.52
C THR B 329 21.41 14.89 -24.01
N ALA B 330 21.69 15.32 -22.77
CA ALA B 330 21.04 16.48 -22.19
C ALA B 330 21.22 17.72 -23.06
N PRO B 331 22.43 17.98 -23.57
CA PRO B 331 22.63 19.21 -24.36
C PRO B 331 21.67 19.36 -25.53
N PHE B 332 21.25 18.25 -26.13
CA PHE B 332 20.32 18.33 -27.24
C PHE B 332 18.99 18.97 -26.81
N VAL B 333 18.52 18.65 -25.60
CA VAL B 333 17.19 19.08 -25.20
C VAL B 333 16.99 20.57 -25.49
N LYS B 334 17.84 21.41 -24.91
CA LYS B 334 17.66 22.84 -25.08
C LYS B 334 17.64 23.23 -26.56
N ILE B 335 18.58 22.72 -27.34
CA ILE B 335 18.67 23.17 -28.73
C ILE B 335 17.37 22.87 -29.46
N SER B 336 16.69 21.79 -29.07
CA SER B 336 15.39 21.51 -29.66
C SER B 336 14.38 22.59 -29.30
N ILE B 337 14.22 22.86 -28.00
CA ILE B 337 13.19 23.78 -27.56
C ILE B 337 13.38 25.15 -28.20
N GLU B 338 14.61 25.55 -28.29
CA GLU B 338 14.96 26.88 -28.80
C GLU B 338 14.57 27.01 -30.26
N LYS B 339 14.58 25.97 -31.06
CA LYS B 339 14.07 25.98 -32.43
C LYS B 339 12.55 26.14 -32.44
N VAL B 340 11.86 25.40 -31.57
CA VAL B 340 10.41 25.52 -31.54
C VAL B 340 10.02 26.95 -31.20
N ILE B 341 10.68 27.54 -30.20
CA ILE B 341 10.39 28.94 -29.86
C ILE B 341 10.69 29.84 -31.05
N HIS B 342 11.75 29.52 -31.81
CA HIS B 342 12.02 30.29 -33.01
C HIS B 342 10.87 30.18 -34.01
N THR B 343 10.30 28.98 -34.14
CA THR B 343 9.10 28.83 -34.97
C THR B 343 7.89 29.45 -34.28
N LEU B 344 7.93 29.58 -32.96
CA LEU B 344 6.83 30.20 -32.24
C LEU B 344 6.74 31.68 -32.54
N LEU B 345 7.78 32.44 -32.15
CA LEU B 345 7.76 33.88 -32.36
C LEU B 345 7.50 34.22 -33.82
N GLU B 346 8.20 33.54 -34.73
CA GLU B 346 7.97 33.78 -36.15
C GLU B 346 6.49 33.68 -36.48
N ALA B 347 5.86 32.58 -36.07
CA ALA B 347 4.43 32.43 -36.35
C ALA B 347 3.67 33.67 -35.91
N MET B 348 3.91 34.13 -34.68
CA MET B 348 3.20 35.29 -34.18
C MET B 348 3.28 36.45 -35.15
N VAL B 349 4.49 36.80 -35.60
CA VAL B 349 4.61 37.97 -36.46
C VAL B 349 3.83 37.76 -37.74
N LEU B 350 3.92 36.55 -38.33
CA LEU B 350 3.11 36.28 -39.51
C LEU B 350 1.63 36.42 -39.17
N VAL B 351 1.20 35.83 -38.05
CA VAL B 351 -0.18 35.98 -37.63
C VAL B 351 -0.52 37.46 -37.51
N PHE B 352 0.40 38.25 -36.97
CA PHE B 352 0.19 39.69 -36.92
C PHE B 352 0.12 40.28 -38.32
N ILE B 353 1.13 39.97 -39.15
CA ILE B 353 1.31 40.70 -40.40
C ILE B 353 0.02 40.70 -41.20
N VAL B 354 -0.47 39.52 -41.55
CA VAL B 354 -1.63 39.40 -42.42
C VAL B 354 -2.81 40.17 -41.83
N MET B 355 -3.00 40.10 -40.51
CA MET B 355 -4.11 40.84 -39.91
C MET B 355 -4.06 42.29 -40.32
N TYR B 356 -2.91 42.94 -40.12
CA TYR B 356 -2.80 44.33 -40.52
C TYR B 356 -3.10 44.49 -42.01
N LEU B 357 -2.58 43.57 -42.83
CA LEU B 357 -2.79 43.67 -44.27
C LEU B 357 -4.28 43.75 -44.61
N PHE B 358 -5.08 43.11 -43.79
CA PHE B 358 -6.55 43.09 -44.01
C PHE B 358 -7.16 44.32 -43.33
N LEU B 359 -6.70 44.67 -42.12
CA LEU B 359 -7.28 45.78 -41.36
C LEU B 359 -6.86 47.12 -41.94
N HIS B 360 -5.69 47.16 -42.58
CA HIS B 360 -5.07 48.34 -43.18
C HIS B 360 -4.96 49.49 -42.18
N ASN B 361 -5.11 49.23 -40.89
CA ASN B 361 -4.93 50.23 -39.84
C ASN B 361 -4.31 49.53 -38.64
N VAL B 362 -3.20 50.08 -38.14
CA VAL B 362 -2.44 49.40 -37.10
C VAL B 362 -3.25 49.30 -35.82
N ARG B 363 -3.93 50.37 -35.43
CA ARG B 363 -4.59 50.39 -34.12
C ARG B 363 -5.67 49.31 -34.03
N TYR B 364 -6.35 49.03 -35.14
CA TYR B 364 -7.28 47.90 -35.14
C TYR B 364 -6.54 46.59 -34.92
N THR B 365 -5.36 46.45 -35.53
CA THR B 365 -4.62 45.19 -35.44
C THR B 365 -4.00 44.98 -34.07
N LEU B 366 -3.84 46.04 -33.29
CA LEU B 366 -3.25 45.87 -31.95
C LEU B 366 -4.10 44.98 -31.06
N ILE B 367 -5.43 45.15 -31.08
CA ILE B 367 -6.28 44.46 -30.11
C ILE B 367 -6.14 42.94 -30.22
N PRO B 368 -6.23 42.32 -31.40
CA PRO B 368 -6.05 40.86 -31.45
C PRO B 368 -4.68 40.41 -30.95
N ALA B 369 -3.63 41.21 -31.17
CA ALA B 369 -2.28 40.77 -30.85
C ALA B 369 -2.10 40.53 -29.36
N ILE B 370 -2.60 41.44 -28.53
CA ILE B 370 -2.36 41.34 -27.08
C ILE B 370 -3.03 40.10 -26.51
N VAL B 371 -4.08 39.60 -27.17
CA VAL B 371 -4.81 38.45 -26.63
C VAL B 371 -3.88 37.24 -26.53
N ALA B 372 -3.08 36.98 -27.56
CA ALA B 372 -2.30 35.75 -27.59
C ALA B 372 -1.32 35.66 -26.43
N PRO B 373 -0.41 36.61 -26.21
CA PRO B 373 0.59 36.43 -25.14
C PRO B 373 -0.04 36.13 -23.79
N ILE B 374 -1.16 36.79 -23.46
CA ILE B 374 -1.81 36.54 -22.18
C ILE B 374 -2.33 35.11 -22.13
N ALA B 375 -2.91 34.64 -23.23
CA ALA B 375 -3.43 33.27 -23.27
C ALA B 375 -2.30 32.26 -23.10
N LEU B 376 -1.17 32.47 -23.78
CA LEU B 376 -0.04 31.57 -23.64
C LEU B 376 0.52 31.60 -22.22
N LEU B 377 0.58 32.78 -21.60
CA LEU B 377 1.07 32.86 -20.23
C LEU B 377 0.13 32.13 -19.27
N GLY B 378 -1.18 32.28 -19.45
CA GLY B 378 -2.12 31.52 -18.65
C GLY B 378 -1.99 30.03 -18.87
N THR B 379 -1.70 29.63 -20.11
CA THR B 379 -1.45 28.22 -20.39
C THR B 379 -0.23 27.73 -19.64
N PHE B 380 0.83 28.54 -19.58
CA PHE B 380 2.00 28.19 -18.79
C PHE B 380 1.64 28.04 -17.32
N THR B 381 0.80 28.94 -16.79
CA THR B 381 0.37 28.82 -15.39
C THR B 381 -0.39 27.53 -15.15
N VAL B 382 -1.29 27.17 -16.07
CA VAL B 382 -2.07 25.95 -15.92
C VAL B 382 -1.15 24.74 -16.00
N MET B 383 -0.13 24.79 -16.87
CA MET B 383 0.84 23.72 -16.92
C MET B 383 1.60 23.59 -15.61
N LEU B 384 2.00 24.72 -15.02
CA LEU B 384 2.68 24.68 -13.72
C LEU B 384 1.79 24.02 -12.67
N LEU B 385 0.52 24.42 -12.62
CA LEU B 385 -0.39 23.85 -11.64
C LEU B 385 -0.59 22.35 -11.88
N ALA B 386 -0.73 21.95 -13.14
CA ALA B 386 -0.98 20.55 -13.46
C ALA B 386 0.29 19.72 -13.29
N GLY B 387 1.45 20.33 -13.45
CA GLY B 387 2.71 19.62 -13.38
C GLY B 387 3.34 19.30 -14.71
N PHE B 388 2.72 19.72 -15.82
CA PHE B 388 3.32 19.49 -17.13
C PHE B 388 4.62 20.26 -17.27
N SER B 389 5.55 19.68 -18.00
CA SER B 389 6.85 20.30 -18.25
C SER B 389 6.79 21.05 -19.59
N ILE B 390 7.87 21.71 -19.95
CA ILE B 390 8.01 22.38 -21.24
C ILE B 390 8.59 21.38 -22.21
N ASN B 391 7.73 20.74 -22.99
CA ASN B 391 8.13 19.73 -23.97
C ASN B 391 8.03 20.30 -25.37
N VAL B 392 8.70 19.62 -26.31
CA VAL B 392 8.56 19.98 -27.72
C VAL B 392 7.11 19.80 -28.16
N LEU B 393 6.41 18.83 -27.56
CA LEU B 393 5.01 18.59 -27.91
C LEU B 393 4.15 19.77 -27.51
N THR B 394 4.28 20.25 -26.27
CA THR B 394 3.48 21.38 -25.82
C THR B 394 3.81 22.64 -26.60
N MET B 395 5.10 22.87 -26.89
CA MET B 395 5.47 24.04 -27.67
C MET B 395 4.92 23.96 -29.09
N PHE B 396 4.94 22.77 -29.69
CA PHE B 396 4.32 22.61 -31.01
C PHE B 396 2.82 22.87 -30.95
N GLY B 397 2.15 22.39 -29.90
CA GLY B 397 0.75 22.72 -29.73
C GLY B 397 0.51 24.20 -29.60
N MET B 398 1.39 24.90 -28.89
CA MET B 398 1.28 26.36 -28.77
C MET B 398 1.49 27.04 -30.12
N VAL B 399 2.45 26.55 -30.92
CA VAL B 399 2.65 27.10 -32.26
C VAL B 399 1.39 26.92 -33.10
N LEU B 400 0.79 25.74 -33.04
CA LEU B 400 -0.48 25.53 -33.72
C LEU B 400 -1.55 26.48 -33.20
N ALA B 401 -1.58 26.71 -31.90
CA ALA B 401 -2.61 27.53 -31.30
C ALA B 401 -2.50 28.99 -31.72
N ILE B 402 -1.28 29.49 -31.92
CA ILE B 402 -1.11 30.93 -32.20
C ILE B 402 -2.19 31.44 -33.15
N GLY B 403 -2.48 30.69 -34.22
CA GLY B 403 -3.52 31.11 -35.14
C GLY B 403 -4.91 31.08 -34.54
N ILE B 404 -5.22 30.01 -33.82
CA ILE B 404 -6.59 29.83 -33.29
C ILE B 404 -6.88 30.85 -32.19
N ILE B 405 -5.88 31.18 -31.39
CA ILE B 405 -6.09 32.00 -30.20
C ILE B 405 -6.67 33.35 -30.58
N VAL B 406 -6.21 33.93 -31.69
CA VAL B 406 -6.61 35.28 -32.06
C VAL B 406 -7.94 35.36 -32.81
N ASP B 407 -8.55 34.23 -33.14
CA ASP B 407 -9.76 34.24 -33.96
C ASP B 407 -10.90 34.97 -33.24
N ASP B 408 -11.04 34.73 -31.94
CA ASP B 408 -12.13 35.36 -31.20
C ASP B 408 -12.00 36.88 -31.22
N ALA B 409 -10.79 37.39 -31.03
CA ALA B 409 -10.57 38.83 -31.10
C ALA B 409 -10.78 39.35 -32.51
N ILE B 410 -10.33 38.60 -33.52
CA ILE B 410 -10.46 39.06 -34.90
C ILE B 410 -11.92 39.18 -35.31
N VAL B 411 -12.76 38.24 -34.90
CA VAL B 411 -14.17 38.30 -35.29
C VAL B 411 -14.80 39.59 -34.77
N VAL B 412 -14.62 39.87 -33.48
CA VAL B 412 -15.22 41.06 -32.89
C VAL B 412 -14.61 42.32 -33.49
N VAL B 413 -13.30 42.30 -33.76
CA VAL B 413 -12.65 43.48 -34.35
C VAL B 413 -13.23 43.77 -35.72
N GLU B 414 -13.38 42.74 -36.55
CA GLU B 414 -13.95 42.94 -37.87
C GLU B 414 -15.39 43.44 -37.77
N ASN B 415 -16.18 42.84 -36.89
CA ASN B 415 -17.58 43.27 -36.76
C ASN B 415 -17.67 44.73 -36.34
N VAL B 416 -16.93 45.11 -35.30
CA VAL B 416 -16.99 46.48 -34.81
C VAL B 416 -16.51 47.45 -35.87
N GLU B 417 -15.39 47.13 -36.54
CA GLU B 417 -14.87 48.04 -37.55
C GLU B 417 -15.87 48.22 -38.68
N ARG B 418 -16.44 47.12 -39.19
CA ARG B 418 -17.37 47.22 -40.31
C ARG B 418 -18.62 48.00 -39.91
N ILE B 419 -19.18 47.71 -38.73
CA ILE B 419 -20.41 48.37 -38.33
C ILE B 419 -20.17 49.86 -38.06
N MET B 420 -19.01 50.18 -37.48
CA MET B 420 -18.68 51.59 -37.27
C MET B 420 -18.52 52.31 -38.61
N ALA B 421 -17.81 51.69 -39.56
CA ALA B 421 -17.60 52.33 -40.85
C ALA B 421 -18.91 52.55 -41.59
N THR B 422 -19.81 51.57 -41.51
CA THR B 422 -21.06 51.67 -42.28
C THR B 422 -22.07 52.57 -41.59
N GLU B 423 -22.47 52.23 -40.37
CA GLU B 423 -23.49 53.01 -39.68
C GLU B 423 -22.96 54.38 -39.25
N GLY B 424 -21.70 54.43 -38.80
CA GLY B 424 -21.11 55.68 -38.37
C GLY B 424 -21.50 56.12 -36.97
N LEU B 425 -22.05 55.23 -36.15
CA LEU B 425 -22.43 55.57 -34.79
C LEU B 425 -21.19 55.85 -33.94
N SER B 426 -21.43 56.21 -32.69
CA SER B 426 -20.31 56.50 -31.78
C SER B 426 -19.49 55.24 -31.56
N PRO B 427 -18.17 55.36 -31.38
CA PRO B 427 -17.36 54.15 -31.19
C PRO B 427 -17.81 53.28 -30.05
N LYS B 428 -18.19 53.88 -28.92
CA LYS B 428 -18.49 53.10 -27.72
C LYS B 428 -19.81 52.36 -27.86
N ASP B 429 -20.87 53.06 -28.25
CA ASP B 429 -22.15 52.40 -28.48
C ASP B 429 -22.04 51.40 -29.61
N ALA B 430 -21.30 51.74 -30.66
CA ALA B 430 -21.14 50.84 -31.79
C ALA B 430 -20.45 49.55 -31.36
N THR B 431 -19.39 49.65 -30.56
CA THR B 431 -18.68 48.44 -30.15
C THR B 431 -19.50 47.62 -29.15
N SER B 432 -20.26 48.29 -28.27
CA SER B 432 -21.14 47.54 -27.38
C SER B 432 -22.18 46.77 -28.18
N LYS B 433 -22.79 47.41 -29.18
CA LYS B 433 -23.75 46.72 -30.03
C LYS B 433 -23.09 45.54 -30.74
N ALA B 434 -21.95 45.78 -31.40
CA ALA B 434 -21.28 44.71 -32.12
C ALA B 434 -20.97 43.54 -31.21
N MET B 435 -20.56 43.82 -29.97
CA MET B 435 -20.40 42.76 -28.98
C MET B 435 -21.71 42.03 -28.75
N LYS B 436 -22.82 42.77 -28.70
CA LYS B 436 -24.12 42.12 -28.51
C LYS B 436 -24.42 41.14 -29.63
N GLU B 437 -24.17 41.53 -30.89
CA GLU B 437 -24.48 40.62 -32.00
C GLU B 437 -23.58 39.39 -31.98
N ILE B 438 -22.28 39.57 -31.74
CA ILE B 438 -21.29 38.54 -32.05
C ILE B 438 -20.95 37.69 -30.82
N THR B 439 -21.74 37.79 -29.76
CA THR B 439 -21.45 36.99 -28.56
C THR B 439 -21.63 35.50 -28.82
N SER B 440 -22.78 35.12 -29.38
CA SER B 440 -23.09 33.70 -29.54
C SER B 440 -22.14 33.00 -30.49
N PRO B 441 -21.84 33.52 -31.68
CA PRO B 441 -20.85 32.82 -32.53
C PRO B 441 -19.50 32.67 -31.85
N ILE B 442 -19.05 33.69 -31.13
CA ILE B 442 -17.75 33.60 -30.46
C ILE B 442 -17.77 32.51 -29.40
N ILE B 443 -18.81 32.48 -28.57
CA ILE B 443 -18.85 31.49 -27.50
C ILE B 443 -18.96 30.08 -28.09
N GLY B 444 -19.76 29.92 -29.15
CA GLY B 444 -19.88 28.61 -29.76
C GLY B 444 -18.57 28.14 -30.36
N ILE B 445 -17.88 29.02 -31.08
CA ILE B 445 -16.59 28.67 -31.67
C ILE B 445 -15.62 28.27 -30.57
N THR B 446 -15.55 29.06 -29.50
CA THR B 446 -14.61 28.75 -28.42
C THR B 446 -14.93 27.41 -27.79
N LEU B 447 -16.20 27.15 -27.49
CA LEU B 447 -16.57 25.89 -26.87
C LEU B 447 -16.24 24.70 -27.75
N VAL B 448 -16.63 24.76 -29.03
CA VAL B 448 -16.38 23.64 -29.93
C VAL B 448 -14.87 23.41 -30.08
N LEU B 449 -14.11 24.48 -30.29
CA LEU B 449 -12.67 24.32 -30.47
C LEU B 449 -12.02 23.75 -29.22
N ALA B 450 -12.48 24.15 -28.04
CA ALA B 450 -11.92 23.63 -26.81
C ALA B 450 -12.35 22.19 -26.54
N ALA B 451 -13.50 21.76 -27.09
CA ALA B 451 -14.03 20.44 -26.77
C ALA B 451 -13.65 19.37 -27.79
N VAL B 452 -13.28 19.75 -29.02
CA VAL B 452 -12.92 18.73 -30.01
C VAL B 452 -11.63 18.01 -29.63
N PHE B 453 -10.76 18.65 -28.85
CA PHE B 453 -9.50 18.03 -28.47
C PHE B 453 -9.61 17.12 -27.25
N LEU B 454 -10.74 17.12 -26.55
CA LEU B 454 -10.86 16.31 -25.34
C LEU B 454 -10.76 14.82 -25.64
N PRO B 455 -11.51 14.31 -26.62
CA PRO B 455 -11.54 12.84 -26.83
C PRO B 455 -10.17 12.23 -27.05
N MET B 456 -9.31 12.89 -27.84
CA MET B 456 -7.99 12.33 -28.13
C MET B 456 -7.13 12.29 -26.88
N ALA B 457 -7.43 13.16 -25.91
CA ALA B 457 -6.64 13.21 -24.68
C ALA B 457 -6.75 11.94 -23.86
N PHE B 458 -7.82 11.15 -24.05
CA PHE B 458 -8.09 9.98 -23.24
C PHE B 458 -7.65 8.68 -23.89
N ALA B 459 -6.93 8.75 -25.01
CA ALA B 459 -6.47 7.55 -25.68
C ALA B 459 -5.43 6.84 -24.82
N SER B 460 -5.21 5.56 -25.12
CA SER B 460 -4.28 4.72 -24.39
C SER B 460 -2.93 4.66 -25.10
N GLY B 461 -1.91 4.27 -24.36
CA GLY B 461 -0.57 4.14 -24.91
C GLY B 461 0.16 5.48 -24.96
N SER B 462 1.38 5.40 -25.51
CA SER B 462 2.21 6.60 -25.65
C SER B 462 1.56 7.65 -26.53
N VAL B 463 0.89 7.24 -27.60
CA VAL B 463 0.17 8.20 -28.43
C VAL B 463 -0.88 8.94 -27.59
N GLY B 464 -1.46 8.25 -26.60
CA GLY B 464 -2.37 8.94 -25.69
C GLY B 464 -1.67 10.01 -24.89
N VAL B 465 -0.44 9.76 -24.44
CA VAL B 465 0.31 10.76 -23.70
C VAL B 465 0.63 11.96 -24.60
N ILE B 466 1.02 11.69 -25.85
CA ILE B 466 1.30 12.79 -26.78
C ILE B 466 0.03 13.61 -27.02
N TYR B 467 -1.11 12.94 -27.19
CA TYR B 467 -2.37 13.64 -27.34
C TYR B 467 -2.69 14.49 -26.12
N LYS B 468 -2.45 13.96 -24.91
CA LYS B 468 -2.68 14.75 -23.71
C LYS B 468 -1.81 16.00 -23.69
N GLN B 469 -0.53 15.85 -24.03
CA GLN B 469 0.37 17.01 -24.07
C GLN B 469 -0.16 18.06 -25.03
N PHE B 470 -0.56 17.65 -26.22
CA PHE B 470 -1.09 18.63 -27.19
C PHE B 470 -2.38 19.26 -26.68
N THR B 471 -3.31 18.43 -26.20
CA THR B 471 -4.65 18.90 -25.87
C THR B 471 -4.62 19.89 -24.72
N LEU B 472 -3.79 19.64 -23.71
CA LEU B 472 -3.74 20.57 -22.59
C LEU B 472 -3.58 22.00 -23.13
N THR B 473 -2.48 22.24 -23.84
CA THR B 473 -2.20 23.58 -24.35
C THR B 473 -3.29 24.04 -25.31
N MET B 474 -3.68 23.17 -26.26
CA MET B 474 -4.63 23.60 -27.27
C MET B 474 -5.95 24.06 -26.66
N SER B 475 -6.47 23.31 -25.70
CA SER B 475 -7.76 23.64 -25.11
C SER B 475 -7.66 24.83 -24.16
N VAL B 476 -6.62 24.85 -23.33
CA VAL B 476 -6.51 25.92 -22.34
C VAL B 476 -6.26 27.26 -23.01
N SER B 477 -5.44 27.27 -24.06
CA SER B 477 -5.17 28.53 -24.76
C SER B 477 -6.44 29.10 -25.38
N ILE B 478 -7.25 28.25 -26.02
CA ILE B 478 -8.48 28.74 -26.63
C ILE B 478 -9.50 29.16 -25.57
N LEU B 479 -9.59 28.45 -24.43
CA LEU B 479 -10.50 28.89 -23.39
C LEU B 479 -10.08 30.26 -22.83
N PHE B 480 -8.78 30.44 -22.60
CA PHE B 480 -8.29 31.74 -22.15
C PHE B 480 -8.52 32.80 -23.21
N SER B 481 -8.42 32.43 -24.50
CA SER B 481 -8.73 33.36 -25.57
C SER B 481 -10.20 33.78 -25.53
N ALA B 482 -11.10 32.84 -25.28
CA ALA B 482 -12.51 33.17 -25.15
C ALA B 482 -12.73 34.14 -23.99
N LEU B 483 -12.09 33.86 -22.85
CA LEU B 483 -12.20 34.75 -21.71
C LEU B 483 -11.70 36.15 -22.06
N LEU B 484 -10.53 36.22 -22.68
CA LEU B 484 -9.96 37.52 -23.04
C LEU B 484 -10.88 38.27 -24.02
N ALA B 485 -11.38 37.57 -25.03
CA ALA B 485 -12.25 38.21 -26.01
C ALA B 485 -13.51 38.76 -25.36
N LEU B 486 -14.09 37.99 -24.42
CA LEU B 486 -15.33 38.45 -23.80
C LEU B 486 -15.08 39.55 -22.78
N ILE B 487 -13.89 39.61 -22.20
CA ILE B 487 -13.64 40.50 -21.07
C ILE B 487 -12.86 41.75 -21.48
N LEU B 488 -11.62 41.56 -21.97
CA LEU B 488 -10.72 42.70 -22.14
C LEU B 488 -10.86 43.34 -23.51
N THR B 489 -10.96 42.54 -24.57
CA THR B 489 -10.94 43.09 -25.91
C THR B 489 -11.98 44.17 -26.12
N PRO B 490 -13.21 44.06 -25.63
CA PRO B 490 -14.20 45.13 -25.91
C PRO B 490 -13.79 46.47 -25.30
N ALA B 491 -13.43 46.49 -24.02
CA ALA B 491 -13.04 47.74 -23.38
C ALA B 491 -11.77 48.32 -24.00
N LEU B 492 -10.79 47.46 -24.29
CA LEU B 492 -9.56 47.94 -24.91
C LEU B 492 -9.84 48.55 -26.27
N CYS B 493 -10.69 47.90 -27.07
CA CYS B 493 -11.06 48.44 -28.37
C CYS B 493 -11.78 49.76 -28.22
N ALA B 494 -12.72 49.85 -27.27
CA ALA B 494 -13.46 51.08 -27.07
C ALA B 494 -12.53 52.23 -26.70
N THR B 495 -11.57 51.97 -25.83
CA THR B 495 -10.65 53.02 -25.41
C THR B 495 -9.72 53.43 -26.54
N ILE B 496 -9.10 52.44 -27.21
CA ILE B 496 -8.08 52.75 -28.20
C ILE B 496 -8.70 53.38 -29.45
N LEU B 497 -9.85 52.87 -29.89
CA LEU B 497 -10.44 53.35 -31.13
C LEU B 497 -10.73 54.85 -31.07
N LYS B 498 -10.43 55.54 -32.16
CA LYS B 498 -10.69 56.96 -32.30
C LYS B 498 -11.60 57.18 -33.51
N PRO B 499 -12.61 58.05 -33.42
CA PRO B 499 -13.45 58.30 -34.60
C PRO B 499 -12.64 58.82 -35.77
N ILE B 500 -13.03 58.40 -36.97
CA ILE B 500 -12.36 58.82 -38.20
C ILE B 500 -13.39 59.36 -39.18
N GLY B 508 -4.44 54.35 -51.77
CA GLY B 508 -3.35 53.66 -52.45
C GLY B 508 -3.45 52.15 -52.34
N PHE B 509 -2.49 51.56 -51.63
CA PHE B 509 -2.49 50.11 -51.46
C PHE B 509 -3.73 49.66 -50.69
N PHE B 510 -4.08 50.36 -49.62
CA PHE B 510 -5.27 50.00 -48.86
C PHE B 510 -6.54 50.22 -49.67
N ALA B 511 -6.59 51.30 -50.46
CA ALA B 511 -7.74 51.52 -51.33
C ALA B 511 -7.86 50.41 -52.37
N TRP B 512 -6.74 50.01 -52.97
CA TRP B 512 -6.76 48.89 -53.90
C TRP B 512 -7.27 47.63 -53.22
N PHE B 513 -6.82 47.38 -51.99
CA PHE B 513 -7.25 46.18 -51.28
C PHE B 513 -8.74 46.22 -51.01
N ASP B 514 -9.27 47.38 -50.60
CA ASP B 514 -10.69 47.49 -50.29
C ASP B 514 -11.54 47.30 -51.54
N ARG B 515 -11.14 47.92 -52.65
CA ARG B 515 -11.91 47.74 -53.88
C ARG B 515 -11.82 46.31 -54.39
N SER B 516 -10.66 45.66 -54.19
CA SER B 516 -10.55 44.25 -54.55
C SER B 516 -11.49 43.41 -53.72
N PHE B 517 -11.60 43.71 -52.42
CA PHE B 517 -12.54 42.97 -51.57
C PHE B 517 -13.98 43.19 -52.02
N ASP B 518 -14.31 44.43 -52.40
CA ASP B 518 -15.67 44.70 -52.88
C ASP B 518 -15.98 43.91 -54.15
N LYS B 519 -15.03 43.90 -55.09
CA LYS B 519 -15.21 43.11 -56.30
C LYS B 519 -15.33 41.63 -55.96
N VAL B 520 -14.54 41.15 -55.00
CA VAL B 520 -14.57 39.76 -54.61
C VAL B 520 -15.94 39.40 -54.04
N THR B 521 -16.51 40.27 -53.21
CA THR B 521 -17.81 39.95 -52.61
C THR B 521 -18.92 40.02 -53.65
N LYS B 522 -18.82 40.94 -54.62
CA LYS B 522 -19.80 40.96 -55.70
C LYS B 522 -19.77 39.66 -56.50
N LYS B 523 -18.56 39.27 -56.95
CA LYS B 523 -18.43 38.00 -57.66
C LYS B 523 -18.87 36.83 -56.79
N TYR B 524 -18.65 36.93 -55.47
CA TYR B 524 -19.06 35.88 -54.57
C TYR B 524 -20.57 35.74 -54.53
N GLU B 525 -21.29 36.86 -54.47
CA GLU B 525 -22.74 36.80 -54.50
C GLU B 525 -23.23 36.18 -55.80
N LEU B 526 -22.66 36.62 -56.93
CA LEU B 526 -23.09 36.07 -58.22
C LEU B 526 -22.83 34.56 -58.28
N MET B 527 -21.62 34.15 -57.90
CA MET B 527 -21.27 32.73 -57.95
C MET B 527 -22.13 31.92 -57.00
N LEU B 528 -22.43 32.46 -55.82
CA LEU B 528 -23.27 31.74 -54.87
C LEU B 528 -24.66 31.53 -55.44
N LEU B 529 -25.24 32.56 -56.07
CA LEU B 529 -26.54 32.36 -56.70
C LEU B 529 -26.45 31.30 -57.79
N LYS B 530 -25.40 31.35 -58.61
CA LYS B 530 -25.24 30.36 -59.66
C LYS B 530 -25.17 28.94 -59.10
N ILE B 531 -24.42 28.76 -58.00
CA ILE B 531 -24.35 27.45 -57.36
C ILE B 531 -25.72 27.04 -56.84
N ILE B 532 -26.45 27.97 -56.23
CA ILE B 532 -27.78 27.65 -55.72
C ILE B 532 -28.66 27.14 -56.86
N LYS B 533 -28.47 27.66 -58.08
CA LYS B 533 -29.21 27.13 -59.21
C LYS B 533 -28.94 25.64 -59.39
N HIS B 534 -27.68 25.22 -59.22
CA HIS B 534 -27.30 23.80 -59.34
C HIS B 534 -27.01 23.21 -57.96
N THR B 535 -28.02 22.55 -57.40
CA THR B 535 -27.91 22.01 -56.04
C THR B 535 -27.54 20.53 -56.07
N VAL B 536 -28.32 19.72 -56.80
CA VAL B 536 -28.07 18.27 -56.82
C VAL B 536 -26.67 17.96 -57.33
N PRO B 537 -26.15 18.60 -58.38
CA PRO B 537 -24.76 18.35 -58.76
C PRO B 537 -23.77 18.63 -57.63
N MET B 538 -23.99 19.71 -56.86
CA MET B 538 -23.11 19.98 -55.72
C MET B 538 -23.21 18.89 -54.67
N MET B 539 -24.42 18.39 -54.41
CA MET B 539 -24.56 17.30 -53.43
C MET B 539 -23.82 16.05 -53.90
N VAL B 540 -23.96 15.72 -55.18
CA VAL B 540 -23.26 14.54 -55.71
C VAL B 540 -21.75 14.74 -55.64
N ILE B 541 -21.28 15.96 -55.94
CA ILE B 541 -19.85 16.24 -55.85
C ILE B 541 -19.37 16.13 -54.42
N PHE B 542 -20.19 16.56 -53.46
CA PHE B 542 -19.82 16.42 -52.06
C PHE B 542 -19.67 14.94 -51.69
N LEU B 543 -20.61 14.11 -52.14
CA LEU B 543 -20.49 12.67 -51.89
C LEU B 543 -19.23 12.10 -52.53
N VAL B 544 -18.92 12.53 -53.75
CA VAL B 544 -17.72 12.06 -54.44
C VAL B 544 -16.46 12.45 -53.68
N ILE B 545 -16.42 13.71 -53.19
CA ILE B 545 -15.26 14.16 -52.43
C ILE B 545 -15.13 13.37 -51.13
N THR B 546 -16.25 13.07 -50.49
CA THR B 546 -16.20 12.24 -49.28
C THR B 546 -15.63 10.86 -49.60
N GLY B 547 -16.05 10.26 -50.71
CA GLY B 547 -15.53 8.96 -51.09
C GLY B 547 -14.04 8.99 -51.36
N ILE B 548 -13.59 10.02 -52.10
CA ILE B 548 -12.17 10.16 -52.37
C ILE B 548 -11.40 10.36 -51.07
N THR B 549 -11.97 11.13 -50.14
CA THR B 549 -11.33 11.35 -48.86
C THR B 549 -11.15 10.05 -48.09
N PHE B 550 -12.20 9.23 -48.07
CA PHE B 550 -12.10 7.94 -47.38
C PHE B 550 -11.09 7.03 -48.06
N ALA B 551 -11.05 7.02 -49.39
CA ALA B 551 -10.06 6.21 -50.08
C ALA B 551 -8.64 6.65 -49.73
N GLY B 552 -8.41 7.96 -49.71
CA GLY B 552 -7.10 8.46 -49.32
C GLY B 552 -6.76 8.12 -47.88
N MET B 553 -7.76 8.22 -46.99
CA MET B 553 -7.57 7.81 -45.60
C MET B 553 -7.06 6.37 -45.54
N LYS B 554 -7.73 5.47 -46.25
CA LYS B 554 -7.44 4.05 -46.08
C LYS B 554 -6.14 3.64 -46.78
N TYR B 555 -5.87 4.22 -47.95
CA TYR B 555 -4.83 3.66 -48.82
C TYR B 555 -3.43 4.08 -48.39
N TRP B 556 -3.23 5.38 -48.15
CA TRP B 556 -1.88 5.87 -47.89
C TRP B 556 -1.29 5.20 -46.64
N PRO B 557 -0.04 4.77 -46.69
CA PRO B 557 0.56 4.07 -45.55
C PRO B 557 0.62 4.95 -44.30
N THR B 558 1.07 4.34 -43.21
CA THR B 558 1.08 4.98 -41.90
C THR B 558 2.40 4.70 -41.19
N ALA B 559 2.76 5.59 -40.27
CA ALA B 559 3.92 5.41 -39.41
C ALA B 559 3.62 6.07 -38.07
N PHE B 560 4.57 5.95 -37.14
CA PHE B 560 4.37 6.50 -35.80
C PHE B 560 4.97 7.89 -35.67
N MET B 561 6.29 8.01 -35.84
CA MET B 561 7.00 9.27 -35.64
C MET B 561 8.04 9.45 -36.73
N PRO B 562 8.37 10.71 -37.08
CA PRO B 562 9.48 10.93 -38.02
C PRO B 562 10.83 10.76 -37.32
N GLU B 563 11.81 10.30 -38.09
CA GLU B 563 13.16 10.18 -37.58
C GLU B 563 13.78 11.57 -37.44
N GLU B 564 14.87 11.64 -36.67
CA GLU B 564 15.50 12.92 -36.36
C GLU B 564 17.01 12.74 -36.25
N ASP B 565 17.72 13.85 -36.41
CA ASP B 565 19.17 13.90 -36.25
C ASP B 565 19.44 14.52 -34.89
N GLN B 566 19.68 13.68 -33.88
CA GLN B 566 19.87 14.13 -32.51
C GLN B 566 21.32 14.34 -32.14
N GLY B 567 22.24 14.26 -33.11
CA GLY B 567 23.63 14.56 -32.88
C GLY B 567 24.52 13.37 -32.57
N TRP B 568 24.00 12.15 -32.62
CA TRP B 568 24.81 10.97 -32.34
C TRP B 568 24.17 9.76 -33.01
N PHE B 569 24.97 8.70 -33.11
CA PHE B 569 24.46 7.43 -33.65
C PHE B 569 25.09 6.30 -32.85
N MET B 570 24.60 5.09 -32.98
CA MET B 570 25.07 3.94 -32.21
C MET B 570 25.41 2.80 -33.16
N THR B 571 26.61 2.23 -32.99
CA THR B 571 27.04 1.08 -33.76
C THR B 571 27.15 -0.13 -32.83
N SER B 572 26.58 -1.25 -33.27
CA SER B 572 26.61 -2.49 -32.51
C SER B 572 27.38 -3.54 -33.31
N PHE B 573 28.36 -4.18 -32.66
CA PHE B 573 29.16 -5.23 -33.28
C PHE B 573 28.83 -6.54 -32.59
N GLN B 574 28.43 -7.55 -33.37
CA GLN B 574 28.04 -8.87 -32.87
C GLN B 574 28.83 -9.91 -33.67
N LEU B 575 30.04 -10.22 -33.22
CA LEU B 575 30.86 -11.23 -33.92
C LEU B 575 30.36 -12.64 -33.58
N PRO B 576 30.89 -13.71 -34.20
CA PRO B 576 30.47 -15.08 -33.92
C PRO B 576 30.85 -15.53 -32.50
N SER B 577 30.21 -16.55 -31.96
CA SER B 577 30.45 -16.98 -30.56
C SER B 577 31.90 -17.38 -30.32
N ASP B 578 32.55 -18.00 -31.29
CA ASP B 578 33.95 -18.47 -31.13
C ASP B 578 34.86 -17.27 -30.93
N ALA B 579 34.46 -16.09 -31.37
CA ALA B 579 35.33 -14.89 -31.32
C ALA B 579 35.77 -14.47 -29.92
N THR B 580 37.05 -14.19 -29.72
CA THR B 580 37.57 -13.62 -28.49
C THR B 580 37.50 -12.10 -28.54
N ALA B 581 37.92 -11.46 -27.45
CA ALA B 581 37.87 -10.00 -27.39
C ALA B 581 38.86 -9.34 -28.33
N GLU B 582 39.91 -10.05 -28.75
CA GLU B 582 40.89 -9.44 -29.64
C GLU B 582 40.29 -9.16 -31.01
N ARG B 583 39.49 -10.08 -31.53
CA ARG B 583 38.87 -9.86 -32.84
C ARG B 583 37.86 -8.72 -32.80
N THR B 584 37.06 -8.64 -31.74
CA THR B 584 36.16 -7.52 -31.56
C THR B 584 36.91 -6.20 -31.42
N ARG B 585 38.04 -6.20 -30.70
CA ARG B 585 38.87 -5.01 -30.63
C ARG B 585 39.40 -4.62 -32.01
N ASN B 586 39.77 -5.61 -32.83
CA ASN B 586 40.22 -5.31 -34.19
C ASN B 586 39.10 -4.65 -34.99
N VAL B 587 37.89 -5.17 -34.89
CA VAL B 587 36.77 -4.60 -35.63
C VAL B 587 36.48 -3.17 -35.14
N VAL B 588 36.51 -2.96 -33.83
CA VAL B 588 36.26 -1.62 -33.29
C VAL B 588 37.39 -0.67 -33.71
N ASN B 589 38.63 -1.18 -33.82
CA ASN B 589 39.72 -0.37 -34.28
C ASN B 589 39.53 0.02 -35.74
N GLN B 590 39.03 -0.91 -36.56
CA GLN B 590 38.70 -0.57 -37.94
C GLN B 590 37.63 0.52 -38.00
N PHE B 591 36.63 0.43 -37.13
CA PHE B 591 35.57 1.47 -37.07
C PHE B 591 36.19 2.80 -36.63
N GLU B 592 37.10 2.80 -35.66
CA GLU B 592 37.74 4.04 -35.23
C GLU B 592 38.57 4.65 -36.35
N ASN B 593 39.33 3.81 -37.06
CA ASN B 593 40.14 4.28 -38.18
C ASN B 593 39.26 4.87 -39.28
N ASN B 594 38.16 4.21 -39.60
CA ASN B 594 37.30 4.68 -40.68
C ASN B 594 36.49 5.90 -40.29
N LEU B 595 36.33 6.17 -39.00
CA LEU B 595 35.60 7.35 -38.57
C LEU B 595 36.48 8.55 -38.27
N LYS B 596 37.74 8.35 -37.88
CA LYS B 596 38.58 9.51 -37.58
C LYS B 596 38.79 10.38 -38.81
N ASP B 597 38.76 9.77 -40.00
CA ASP B 597 38.95 10.54 -41.22
C ASP B 597 37.81 11.54 -41.43
N ASN B 598 36.59 11.15 -41.09
CA ASN B 598 35.45 12.02 -41.30
C ASN B 598 35.61 13.29 -40.46
N PRO B 599 35.25 14.45 -41.00
CA PRO B 599 35.37 15.69 -40.22
C PRO B 599 34.21 15.99 -39.29
N ASP B 600 33.14 15.20 -39.33
CA ASP B 600 31.96 15.43 -38.50
C ASP B 600 31.97 14.65 -37.20
N VAL B 601 33.03 13.88 -36.92
CA VAL B 601 33.07 13.01 -35.75
C VAL B 601 33.75 13.79 -34.63
N LYS B 602 32.94 14.25 -33.67
CA LYS B 602 33.51 14.89 -32.48
C LYS B 602 34.23 13.87 -31.61
N SER B 603 33.58 12.74 -31.33
CA SER B 603 34.16 11.72 -30.48
C SER B 603 33.32 10.44 -30.57
N ASN B 604 33.99 9.31 -30.69
CA ASN B 604 33.33 8.01 -30.69
C ASN B 604 33.92 7.16 -29.57
N THR B 605 33.06 6.72 -28.64
CA THR B 605 33.46 5.94 -27.49
C THR B 605 32.93 4.52 -27.64
N ALA B 606 33.81 3.54 -27.46
CA ALA B 606 33.48 2.13 -27.66
C ALA B 606 33.53 1.38 -26.33
N ILE B 607 32.46 0.67 -26.03
CA ILE B 607 32.38 -0.23 -24.89
C ILE B 607 32.55 -1.65 -25.44
N LEU B 608 33.63 -2.31 -25.04
CA LEU B 608 33.96 -3.65 -25.49
C LEU B 608 33.61 -4.66 -24.42
N GLY B 609 32.94 -5.74 -24.81
CA GLY B 609 32.52 -6.78 -23.90
C GLY B 609 31.12 -6.60 -23.36
N TRP B 610 30.47 -5.48 -23.64
CA TRP B 610 29.10 -5.25 -23.20
C TRP B 610 28.29 -4.65 -24.34
N GLY B 611 27.00 -4.97 -24.36
CA GLY B 611 26.11 -4.40 -25.36
C GLY B 611 24.67 -4.64 -24.95
N PHE B 612 23.78 -3.93 -25.63
CA PHE B 612 22.35 -4.14 -25.40
C PHE B 612 21.91 -5.47 -26.01
N SER B 613 21.15 -6.22 -25.26
CA SER B 613 20.61 -7.48 -25.80
C SER B 613 21.67 -8.55 -25.79
N GLY B 614 22.77 -8.37 -25.10
CA GLY B 614 23.77 -9.41 -24.98
C GLY B 614 25.05 -8.87 -24.40
N ALA B 615 25.82 -9.78 -23.80
CA ALA B 615 27.10 -9.41 -23.19
C ALA B 615 28.07 -10.57 -23.34
N GLY B 616 29.25 -10.29 -23.87
CA GLY B 616 30.27 -11.31 -24.05
C GLY B 616 31.46 -10.73 -24.79
N GLN B 617 32.47 -11.59 -24.96
CA GLN B 617 33.68 -11.19 -25.66
C GLN B 617 33.45 -10.89 -27.14
N ASN B 618 32.30 -11.30 -27.70
CA ASN B 618 31.99 -11.08 -29.10
C ASN B 618 30.93 -10.00 -29.29
N VAL B 619 30.77 -9.12 -28.31
CA VAL B 619 29.77 -8.07 -28.35
C VAL B 619 30.45 -6.73 -28.05
N ALA B 620 30.09 -5.71 -28.82
CA ALA B 620 30.63 -4.38 -28.58
C ALA B 620 29.61 -3.33 -29.00
N VAL B 621 29.70 -2.15 -28.38
CA VAL B 621 28.85 -1.03 -28.71
C VAL B 621 29.73 0.20 -28.88
N ALA B 622 29.25 1.17 -29.64
CA ALA B 622 29.99 2.41 -29.87
C ALA B 622 29.00 3.56 -30.04
N PHE B 623 29.21 4.62 -29.27
CA PHE B 623 28.42 5.85 -29.37
C PHE B 623 29.28 6.88 -30.07
N THR B 624 28.84 7.35 -31.24
CA THR B 624 29.57 8.34 -32.01
C THR B 624 28.76 9.64 -32.02
N THR B 625 29.33 10.69 -31.42
CA THR B 625 28.72 12.01 -31.44
C THR B 625 29.23 12.79 -32.64
N LEU B 626 28.46 13.81 -33.03
CA LEU B 626 28.78 14.62 -34.19
C LEU B 626 28.81 16.09 -33.81
N LYS B 627 29.64 16.85 -34.50
CA LYS B 627 29.78 18.27 -34.22
C LYS B 627 28.43 18.98 -34.35
N ASP B 628 28.36 20.19 -33.79
CA ASP B 628 27.12 20.96 -33.82
C ASP B 628 26.58 21.02 -35.24
N PHE B 629 25.26 21.17 -35.35
CA PHE B 629 24.60 20.99 -36.64
C PHE B 629 25.09 21.98 -37.67
N LYS B 630 25.25 23.25 -37.28
CA LYS B 630 25.64 24.27 -38.24
C LYS B 630 27.03 23.99 -38.81
N GLU B 631 27.85 23.23 -38.08
CA GLU B 631 29.23 23.02 -38.47
C GLU B 631 29.49 21.59 -38.95
N ARG B 632 28.51 21.09 -39.67
CA ARG B 632 28.59 19.73 -40.23
C ARG B 632 28.47 19.82 -41.73
N THR B 633 28.90 18.80 -42.50
CA THR B 633 28.70 18.75 -43.94
C THR B 633 28.02 17.43 -44.30
N SER B 634 27.19 16.92 -43.40
CA SER B 634 26.51 15.63 -43.64
C SER B 634 25.40 15.45 -42.62
N SER B 635 24.61 14.39 -42.70
CA SER B 635 23.62 14.01 -41.72
C SER B 635 23.94 12.63 -41.19
N ALA B 636 23.43 12.34 -39.98
CA ALA B 636 23.75 11.08 -39.32
C ALA B 636 23.34 9.88 -40.17
N SER B 637 22.27 10.00 -40.96
CA SER B 637 21.84 8.89 -41.78
C SER B 637 22.90 8.51 -42.80
N LYS B 638 23.52 9.50 -43.44
CA LYS B 638 24.57 9.22 -44.41
C LYS B 638 25.75 8.51 -43.75
N MET B 639 26.17 8.98 -42.58
CA MET B 639 27.29 8.34 -41.89
C MET B 639 26.95 6.92 -41.51
N THR B 640 25.73 6.68 -41.04
CA THR B 640 25.30 5.33 -40.70
C THR B 640 25.35 4.43 -41.94
N SER B 641 24.87 4.95 -43.07
CA SER B 641 24.88 4.15 -44.30
C SER B 641 26.31 3.82 -44.73
N ASP B 642 27.21 4.80 -44.69
CA ASP B 642 28.59 4.55 -45.10
C ASP B 642 29.28 3.54 -44.19
N VAL B 643 29.10 3.69 -42.87
CA VAL B 643 29.73 2.75 -41.95
C VAL B 643 29.15 1.36 -42.13
N ASN B 644 27.84 1.25 -42.33
CA ASN B 644 27.24 -0.05 -42.58
C ASN B 644 27.82 -0.69 -43.83
N SER B 645 27.96 0.10 -44.91
CA SER B 645 28.51 -0.44 -46.15
C SER B 645 29.92 -0.94 -45.95
N SER B 646 30.78 -0.12 -45.34
CA SER B 646 32.18 -0.52 -45.15
C SER B 646 32.29 -1.75 -44.26
N MET B 647 31.58 -1.76 -43.18
CA MET B 647 31.74 -2.90 -42.26
C MET B 647 31.15 -4.15 -42.91
N ALA B 648 30.01 -4.12 -43.64
CA ALA B 648 29.57 -5.30 -44.38
C ALA B 648 30.61 -5.70 -45.41
N ASN B 649 31.34 -4.73 -45.95
CA ASN B 649 32.39 -5.04 -46.92
C ASN B 649 33.49 -5.88 -46.28
N SER B 650 34.05 -5.42 -45.16
CA SER B 650 35.08 -6.23 -44.52
C SER B 650 35.31 -5.93 -43.03
N THR B 651 34.75 -6.76 -42.15
CA THR B 651 35.17 -6.81 -40.75
C THR B 651 35.10 -8.21 -40.15
N GLU B 652 34.75 -9.23 -40.92
CA GLU B 652 34.62 -10.59 -40.39
C GLU B 652 33.63 -10.62 -39.22
N GLY B 653 32.55 -9.85 -39.35
CA GLY B 653 31.55 -9.80 -38.29
C GLY B 653 30.36 -8.97 -38.74
N GLU B 654 29.33 -8.98 -37.91
CA GLU B 654 28.10 -8.26 -38.18
C GLU B 654 28.10 -6.94 -37.41
N THR B 655 28.17 -5.82 -38.14
CA THR B 655 28.16 -4.49 -37.55
C THR B 655 26.97 -3.74 -38.09
N MET B 656 26.17 -3.09 -37.28
CA MET B 656 24.99 -2.39 -37.80
C MET B 656 24.87 -1.06 -37.10
N ALA B 657 24.89 0.00 -37.80
CA ALA B 657 24.84 1.40 -37.36
C ALA B 657 23.41 1.88 -37.42
N VAL B 658 22.93 2.45 -36.31
CA VAL B 658 21.54 2.86 -36.18
C VAL B 658 21.48 4.28 -35.63
N LEU B 659 20.38 4.95 -35.96
CA LEU B 659 20.09 6.29 -35.48
C LEU B 659 19.47 6.23 -34.09
N PRO B 660 19.49 7.34 -33.36
CA PRO B 660 18.91 7.32 -32.02
C PRO B 660 17.43 7.01 -32.09
N PRO B 661 16.88 6.40 -31.04
CA PRO B 661 15.47 5.99 -31.09
C PRO B 661 14.55 7.17 -31.30
N ALA B 662 13.42 6.89 -31.98
CA ALA B 662 12.45 7.94 -32.27
C ALA B 662 12.01 8.65 -31.00
N ILE B 663 11.79 7.89 -29.93
CA ILE B 663 11.43 8.44 -28.64
C ILE B 663 12.48 7.98 -27.63
N ASP B 664 12.62 8.77 -26.55
CA ASP B 664 13.78 8.64 -25.68
C ASP B 664 13.94 7.21 -25.16
N GLU B 665 12.88 6.63 -24.62
CA GLU B 665 13.01 5.38 -23.87
C GLU B 665 12.07 4.28 -24.36
N LEU B 666 11.42 4.46 -25.50
CA LEU B 666 10.64 3.36 -26.08
C LEU B 666 11.55 2.23 -26.51
N GLY B 667 12.70 2.55 -27.10
CA GLY B 667 13.65 1.54 -27.52
C GLY B 667 15.04 2.13 -27.55
N THR B 668 16.03 1.27 -27.77
CA THR B 668 17.42 1.68 -27.80
C THR B 668 17.87 2.10 -29.20
N PHE B 669 17.07 1.89 -30.22
CA PHE B 669 17.42 2.30 -31.57
C PHE B 669 16.14 2.43 -32.39
N SER B 670 16.28 3.01 -33.59
CA SER B 670 15.16 3.29 -34.46
C SER B 670 14.94 2.11 -35.41
N GLY B 671 13.70 1.68 -35.53
CA GLY B 671 13.37 0.55 -36.38
C GLY B 671 12.14 -0.15 -35.85
N PHE B 672 11.86 -1.32 -36.42
CA PHE B 672 10.79 -2.17 -35.95
C PHE B 672 11.36 -3.40 -35.26
N SER B 673 10.80 -3.72 -34.11
CA SER B 673 11.23 -4.83 -33.27
C SER B 673 10.12 -5.87 -33.19
N LEU B 674 10.52 -7.14 -33.15
CA LEU B 674 9.58 -8.25 -33.17
C LEU B 674 10.09 -9.35 -32.25
N ARG B 675 9.17 -10.15 -31.73
CA ARG B 675 9.50 -11.31 -30.92
C ARG B 675 8.87 -12.54 -31.56
N LEU B 676 9.71 -13.48 -31.97
CA LEU B 676 9.27 -14.71 -32.61
C LEU B 676 9.23 -15.80 -31.53
N GLN B 677 8.04 -16.35 -31.30
CA GLN B 677 7.75 -17.22 -30.16
C GLN B 677 7.28 -18.60 -30.62
N ASP B 678 7.55 -19.59 -29.78
CA ASP B 678 7.11 -20.97 -30.00
C ASP B 678 5.85 -21.19 -29.18
N ARG B 679 4.70 -21.18 -29.84
CA ARG B 679 3.41 -21.25 -29.17
C ARG B 679 2.85 -22.68 -29.09
N ALA B 680 3.61 -23.69 -29.54
CA ALA B 680 3.15 -25.06 -29.52
C ALA B 680 4.21 -26.03 -29.01
N ASN B 681 5.17 -25.55 -28.22
CA ASN B 681 6.24 -26.39 -27.70
C ASN B 681 6.97 -27.10 -28.83
N LEU B 682 7.16 -26.41 -29.95
CA LEU B 682 7.78 -27.00 -31.16
C LEU B 682 9.24 -27.30 -30.91
N GLY B 683 9.80 -26.68 -29.91
CA GLY B 683 11.20 -26.89 -29.61
C GLY B 683 12.03 -25.67 -29.99
N MET B 684 13.13 -25.49 -29.26
CA MET B 684 14.02 -24.37 -29.55
C MET B 684 14.56 -24.44 -30.97
N PRO B 685 15.18 -25.55 -31.41
CA PRO B 685 15.74 -25.58 -32.77
C PRO B 685 14.70 -25.38 -33.86
N ALA B 686 13.45 -25.80 -33.64
CA ALA B 686 12.42 -25.59 -34.65
C ALA B 686 12.14 -24.11 -34.84
N LEU B 687 12.04 -23.36 -33.74
CA LEU B 687 11.87 -21.92 -33.86
C LEU B 687 13.12 -21.24 -34.40
N LEU B 688 14.30 -21.78 -34.10
CA LEU B 688 15.52 -21.21 -34.67
C LEU B 688 15.59 -21.42 -36.18
N ALA B 689 15.13 -22.59 -36.66
CA ALA B 689 15.00 -22.80 -38.10
C ALA B 689 13.95 -21.87 -38.70
N ALA B 690 12.86 -21.63 -37.97
CA ALA B 690 11.87 -20.65 -38.41
C ALA B 690 12.49 -19.26 -38.54
N GLN B 691 13.34 -18.88 -37.58
CA GLN B 691 14.03 -17.60 -37.68
C GLN B 691 14.92 -17.55 -38.92
N ASP B 692 15.67 -18.62 -39.18
CA ASP B 692 16.51 -18.64 -40.38
C ASP B 692 15.66 -18.49 -41.64
N GLU B 693 14.53 -19.20 -41.70
CA GLU B 693 13.65 -19.07 -42.85
C GLU B 693 13.13 -17.65 -43.00
N LEU B 694 12.74 -17.02 -41.87
CA LEU B 694 12.24 -15.65 -41.93
C LEU B 694 13.30 -14.68 -42.43
N MET B 695 14.53 -14.82 -41.96
CA MET B 695 15.61 -13.96 -42.44
C MET B 695 15.94 -14.21 -43.91
N ALA B 696 15.85 -15.44 -44.38
CA ALA B 696 16.08 -15.71 -45.79
C ALA B 696 15.10 -14.94 -46.66
N MET B 697 13.82 -14.93 -46.26
CA MET B 697 12.81 -14.17 -46.99
C MET B 697 12.99 -12.67 -46.82
N ALA B 698 13.41 -12.22 -45.62
CA ALA B 698 13.60 -10.79 -45.39
C ALA B 698 14.72 -10.24 -46.27
N ALA B 699 15.80 -11.02 -46.44
CA ALA B 699 16.94 -10.52 -47.21
C ALA B 699 16.54 -10.19 -48.65
N LYS B 700 15.75 -11.05 -49.28
CA LYS B 700 15.40 -10.83 -50.68
C LYS B 700 14.41 -9.68 -50.85
N ASN B 701 13.55 -9.47 -49.86
CA ASN B 701 12.52 -8.45 -49.97
C ASN B 701 13.15 -7.07 -50.17
N LYS B 702 12.53 -6.27 -51.03
CA LYS B 702 13.03 -4.95 -51.39
C LYS B 702 12.50 -3.86 -50.45
N LYS B 703 11.57 -4.18 -49.56
CA LYS B 703 11.03 -3.23 -48.61
C LYS B 703 11.76 -3.25 -47.28
N PHE B 704 12.84 -4.02 -47.17
CA PHE B 704 13.60 -4.15 -45.93
C PHE B 704 15.04 -3.79 -46.23
N TYR B 705 15.52 -2.69 -45.64
CA TYR B 705 16.93 -2.33 -45.80
C TYR B 705 17.82 -3.45 -45.27
N MET B 706 17.76 -3.71 -43.97
CA MET B 706 18.47 -4.85 -43.35
C MET B 706 17.60 -5.38 -42.23
N VAL B 707 17.56 -6.68 -41.95
CA VAL B 707 16.86 -7.29 -40.82
C VAL B 707 17.80 -8.32 -40.20
N TRP B 708 17.84 -8.35 -38.88
CA TRP B 708 18.78 -9.21 -38.17
C TRP B 708 18.19 -9.64 -36.83
N ASN B 709 18.93 -10.48 -36.13
CA ASN B 709 18.56 -10.96 -34.80
C ASN B 709 19.35 -10.19 -33.76
N GLU B 710 18.64 -9.56 -32.81
CA GLU B 710 19.28 -8.77 -31.77
C GLU B 710 19.46 -9.63 -30.51
N GLY B 711 20.39 -10.58 -30.63
CA GLY B 711 20.71 -11.47 -29.53
C GLY B 711 21.99 -12.22 -29.84
N LEU B 712 22.51 -12.87 -28.81
CA LEU B 712 23.76 -13.60 -28.97
C LEU B 712 23.55 -14.77 -29.93
N PRO B 713 24.55 -15.12 -30.74
CA PRO B 713 24.40 -16.23 -31.68
C PRO B 713 24.64 -17.59 -31.04
N GLN B 714 24.48 -18.64 -31.86
CA GLN B 714 24.71 -20.01 -31.41
C GLN B 714 26.15 -20.20 -30.97
N GLY B 715 26.44 -21.40 -30.47
CA GLY B 715 27.80 -21.71 -30.05
C GLY B 715 28.02 -23.20 -29.96
N ASP B 716 29.27 -23.58 -30.14
CA ASP B 716 29.71 -24.95 -29.94
C ASP B 716 30.27 -25.11 -28.53
N ASN B 717 29.90 -26.20 -27.88
CA ASN B 717 30.23 -26.48 -26.49
C ASN B 717 30.88 -27.85 -26.40
N ILE B 718 31.73 -28.02 -25.40
CA ILE B 718 32.45 -29.27 -25.16
C ILE B 718 31.93 -29.88 -23.87
N SER B 719 31.83 -31.20 -23.85
CA SER B 719 31.41 -31.95 -22.67
C SER B 719 32.40 -33.08 -22.44
N LEU B 720 32.89 -33.20 -21.20
CA LEU B 720 33.81 -34.25 -20.83
C LEU B 720 33.06 -35.30 -20.01
N LYS B 721 33.00 -36.51 -20.56
CA LYS B 721 32.32 -37.63 -19.87
C LYS B 721 33.38 -38.47 -19.17
N ILE B 722 33.33 -38.57 -17.84
CA ILE B 722 34.29 -39.33 -17.06
C ILE B 722 33.98 -40.81 -17.16
N ASP B 723 35.03 -41.62 -17.26
CA ASP B 723 34.92 -43.07 -17.28
C ASP B 723 35.27 -43.59 -15.89
N ARG B 724 34.23 -43.94 -15.12
CA ARG B 724 34.46 -44.31 -13.73
C ARG B 724 35.05 -45.71 -13.60
N GLU B 725 34.76 -46.59 -14.56
CA GLU B 725 35.30 -47.94 -14.49
C GLU B 725 36.82 -47.93 -14.56
N LYS B 726 37.37 -47.26 -15.59
CA LYS B 726 38.82 -47.13 -15.68
C LYS B 726 39.39 -46.29 -14.55
N LEU B 727 38.63 -45.30 -14.06
CA LEU B 727 39.11 -44.49 -12.95
C LEU B 727 39.31 -45.34 -11.70
N SER B 728 38.37 -46.25 -11.43
CA SER B 728 38.53 -47.18 -10.32
C SER B 728 39.65 -48.19 -10.60
N ALA B 729 39.77 -48.63 -11.86
CA ALA B 729 40.82 -49.57 -12.21
C ALA B 729 42.19 -48.98 -11.94
N LEU B 730 42.39 -47.70 -12.25
CA LEU B 730 43.68 -47.06 -12.05
C LEU B 730 43.85 -46.54 -10.62
N GLY B 731 42.87 -46.76 -9.74
CA GLY B 731 43.00 -46.40 -8.35
C GLY B 731 43.07 -44.90 -8.09
N VAL B 732 42.20 -44.14 -8.76
CA VAL B 732 42.06 -42.71 -8.51
C VAL B 732 40.61 -42.43 -8.15
N LYS B 733 40.41 -41.66 -7.09
CA LYS B 733 39.07 -41.38 -6.61
C LYS B 733 38.39 -40.32 -7.49
N PHE B 734 37.09 -40.52 -7.72
CA PHE B 734 36.32 -39.56 -8.52
C PHE B 734 36.35 -38.17 -7.93
N SER B 735 36.49 -38.05 -6.61
CA SER B 735 36.52 -36.74 -5.98
C SER B 735 37.70 -35.91 -6.50
N ASP B 736 38.86 -36.53 -6.69
CA ASP B 736 40.01 -35.80 -7.20
C ASP B 736 39.73 -35.24 -8.59
N VAL B 737 39.14 -36.06 -9.47
CA VAL B 737 38.84 -35.60 -10.83
C VAL B 737 37.84 -34.46 -10.79
N SER B 738 36.79 -34.60 -9.99
CA SER B 738 35.78 -33.55 -9.91
C SER B 738 36.38 -32.25 -9.40
N ASP B 739 37.23 -32.34 -8.36
CA ASP B 739 37.85 -31.14 -7.82
C ASP B 739 38.79 -30.49 -8.82
N ILE B 740 39.60 -31.28 -9.53
CA ILE B 740 40.57 -30.68 -10.44
C ILE B 740 39.86 -30.03 -11.61
N ILE B 741 38.77 -30.64 -12.09
CA ILE B 741 37.97 -29.98 -13.11
C ILE B 741 37.36 -28.69 -12.56
N SER B 742 36.85 -28.73 -11.33
CA SER B 742 36.21 -27.55 -10.77
C SER B 742 37.21 -26.40 -10.60
N THR B 743 38.46 -26.72 -10.33
CA THR B 743 39.50 -25.73 -10.10
C THR B 743 40.49 -25.68 -11.26
N SER B 744 39.98 -25.81 -12.48
CA SER B 744 40.80 -25.79 -13.68
C SER B 744 40.55 -24.56 -14.54
N MET B 745 39.29 -24.17 -14.72
CA MET B 745 38.91 -23.11 -15.65
C MET B 745 37.84 -22.21 -15.04
N GLY B 746 38.02 -21.82 -13.78
CA GLY B 746 37.08 -20.93 -13.12
C GLY B 746 37.75 -20.19 -11.99
N SER B 747 37.17 -19.03 -11.65
CA SER B 747 37.69 -18.19 -10.59
C SER B 747 37.15 -18.66 -9.24
N MET B 748 37.88 -18.33 -8.18
CA MET B 748 37.57 -18.79 -6.83
C MET B 748 37.85 -17.66 -5.84
N TYR B 749 36.79 -17.08 -5.29
CA TYR B 749 36.90 -16.02 -4.29
C TYR B 749 37.01 -16.69 -2.92
N ILE B 750 38.04 -16.30 -2.17
CA ILE B 750 38.29 -16.97 -0.86
C ILE B 750 37.94 -16.01 0.26
N ASN B 751 38.50 -14.80 0.26
CA ASN B 751 38.31 -13.89 1.38
C ASN B 751 38.87 -12.53 1.03
N ASP B 752 38.58 -11.55 1.89
CA ASP B 752 39.03 -10.18 1.65
C ASP B 752 40.32 -9.89 2.43
N PHE B 753 41.02 -8.87 1.94
CA PHE B 753 42.27 -8.44 2.60
C PHE B 753 42.19 -6.91 2.72
N PRO B 754 42.90 -6.30 3.69
CA PRO B 754 42.79 -4.85 3.93
C PRO B 754 43.75 -3.99 3.13
N ASN B 755 43.39 -3.63 1.90
CA ASN B 755 44.23 -2.79 1.06
C ASN B 755 43.80 -1.33 1.20
N GLN B 756 44.71 -0.49 1.66
CA GLN B 756 44.54 0.97 1.66
C GLN B 756 43.17 1.36 2.21
N GLY B 757 42.82 0.79 3.37
CA GLY B 757 41.63 1.19 4.07
C GLY B 757 40.34 0.55 3.60
N ARG B 758 40.38 -0.33 2.60
CA ARG B 758 39.19 -1.01 2.13
C ARG B 758 39.47 -2.50 1.98
N MET B 759 38.40 -3.28 2.10
CA MET B 759 38.48 -4.74 2.04
C MET B 759 38.34 -5.16 0.58
N GLN B 760 39.42 -5.65 -0.01
CA GLN B 760 39.44 -6.05 -1.40
C GLN B 760 39.56 -7.56 -1.52
N GLN B 761 38.91 -8.11 -2.55
CA GLN B 761 38.78 -9.56 -2.68
C GLN B 761 40.15 -10.20 -2.94
N VAL B 762 40.22 -11.49 -2.63
CA VAL B 762 41.36 -12.33 -2.97
C VAL B 762 40.83 -13.48 -3.81
N ILE B 763 41.30 -13.60 -5.05
CA ILE B 763 40.76 -14.55 -6.01
C ILE B 763 41.90 -15.44 -6.50
N VAL B 764 41.66 -16.75 -6.48
CA VAL B 764 42.63 -17.74 -6.92
C VAL B 764 42.14 -18.33 -8.24
N GLN B 765 43.02 -18.36 -9.24
CA GLN B 765 42.69 -18.92 -10.55
C GLN B 765 43.97 -19.41 -11.20
N VAL B 766 43.82 -20.26 -12.21
CA VAL B 766 44.97 -20.82 -12.92
C VAL B 766 45.50 -19.77 -13.87
N GLU B 767 46.74 -19.93 -14.31
CA GLU B 767 47.34 -19.00 -15.27
C GLU B 767 46.58 -19.04 -16.59
N ALA B 768 46.53 -17.89 -17.26
CA ALA B 768 45.86 -17.83 -18.56
C ALA B 768 46.54 -18.73 -19.58
N LYS B 769 47.82 -19.06 -19.36
CA LYS B 769 48.54 -19.92 -20.29
C LYS B 769 48.07 -21.37 -20.23
N SER B 770 47.30 -21.74 -19.22
CA SER B 770 46.90 -23.12 -18.99
C SER B 770 45.39 -23.32 -19.14
N ARG B 771 44.71 -22.37 -19.76
CA ARG B 771 43.25 -22.49 -19.98
C ARG B 771 42.91 -21.84 -21.33
N MET B 772 43.79 -21.92 -22.31
CA MET B 772 43.47 -21.42 -23.65
C MET B 772 42.87 -22.48 -24.56
N GLN B 773 43.44 -23.68 -24.56
CA GLN B 773 42.98 -24.75 -25.44
C GLN B 773 42.64 -25.99 -24.62
N LEU B 774 41.97 -26.93 -25.29
CA LEU B 774 41.59 -28.18 -24.64
C LEU B 774 42.80 -29.02 -24.22
N LYS B 775 43.94 -28.82 -24.86
CA LYS B 775 45.13 -29.59 -24.50
C LYS B 775 45.51 -29.35 -23.04
N ASP B 776 45.44 -28.08 -22.61
CA ASP B 776 45.82 -27.76 -21.23
C ASP B 776 44.93 -28.50 -20.24
N ILE B 777 43.62 -28.55 -20.51
CA ILE B 777 42.72 -29.26 -19.60
C ILE B 777 43.01 -30.74 -19.61
N LEU B 778 43.14 -31.34 -20.79
CA LEU B 778 43.42 -32.78 -20.86
C LEU B 778 44.82 -33.14 -20.40
N ASN B 779 45.70 -32.17 -20.20
CA ASN B 779 47.03 -32.44 -19.65
C ASN B 779 47.08 -32.30 -18.13
N LEU B 780 45.97 -31.96 -17.48
CA LEU B 780 45.95 -31.92 -16.04
C LEU B 780 46.12 -33.33 -15.48
N LYS B 781 46.91 -33.44 -14.41
CA LYS B 781 47.34 -34.73 -13.87
C LYS B 781 46.75 -34.90 -12.47
N VAL B 782 46.35 -36.13 -12.15
CA VAL B 782 45.84 -36.49 -10.82
C VAL B 782 46.65 -37.65 -10.28
N MET B 783 46.97 -37.60 -8.99
CA MET B 783 47.71 -38.65 -8.30
C MET B 783 46.74 -39.67 -7.71
N GLY B 784 47.02 -40.94 -7.96
CA GLY B 784 46.32 -42.03 -7.30
C GLY B 784 47.17 -42.67 -6.22
N SER B 785 46.73 -43.84 -5.79
CA SER B 785 47.44 -44.62 -4.78
C SER B 785 48.47 -45.57 -5.40
N SER B 786 48.61 -45.57 -6.73
CA SER B 786 49.57 -46.43 -7.40
C SER B 786 50.94 -45.77 -7.58
N GLY B 787 51.14 -44.57 -7.04
CA GLY B 787 52.39 -43.88 -7.23
C GLY B 787 52.59 -43.32 -8.62
N GLN B 788 51.51 -43.09 -9.35
CA GLN B 788 51.58 -42.60 -10.72
C GLN B 788 50.53 -41.53 -10.93
N LEU B 789 50.76 -40.70 -11.95
CA LEU B 789 49.84 -39.65 -12.35
C LEU B 789 49.04 -40.11 -13.55
N VAL B 790 47.76 -39.79 -13.57
CA VAL B 790 46.89 -40.03 -14.71
C VAL B 790 46.43 -38.68 -15.25
N SER B 791 46.56 -38.50 -16.53
CA SER B 791 46.08 -37.26 -17.19
C SER B 791 44.57 -37.34 -17.23
N LEU B 792 43.88 -36.27 -17.39
CA LEU B 792 42.44 -36.29 -17.56
C LEU B 792 42.05 -36.99 -18.85
N SER B 793 42.87 -36.85 -19.90
CA SER B 793 42.54 -37.48 -21.18
C SER B 793 42.33 -38.97 -21.02
N GLU B 794 43.02 -39.59 -20.06
CA GLU B 794 42.90 -41.03 -19.89
C GLU B 794 41.50 -41.43 -19.47
N VAL B 795 40.83 -40.58 -18.69
CA VAL B 795 39.55 -40.93 -18.08
C VAL B 795 38.45 -39.96 -18.50
N VAL B 796 38.62 -39.28 -19.63
CA VAL B 796 37.58 -38.42 -20.18
C VAL B 796 37.63 -38.52 -21.69
N THR B 797 36.51 -38.20 -22.34
CA THR B 797 36.42 -38.20 -23.80
C THR B 797 35.70 -36.93 -24.21
N PRO B 798 36.36 -35.99 -24.89
CA PRO B 798 35.66 -34.77 -25.31
C PRO B 798 34.57 -35.08 -26.32
N GLN B 799 33.40 -34.47 -26.08
CA GLN B 799 32.24 -34.63 -27.00
C GLN B 799 31.75 -33.24 -27.38
N TRP B 800 31.63 -32.92 -28.66
CA TRP B 800 31.22 -31.60 -29.12
C TRP B 800 29.72 -31.58 -29.38
N ASN B 801 29.12 -30.43 -29.10
CA ASN B 801 27.70 -30.20 -29.34
C ASN B 801 27.53 -28.77 -29.81
N LYS B 802 26.42 -28.51 -30.49
CA LYS B 802 26.08 -27.16 -30.93
C LYS B 802 24.75 -26.78 -30.31
N ALA B 803 24.75 -25.73 -29.49
CA ALA B 803 23.56 -25.38 -28.72
C ALA B 803 23.39 -23.87 -28.75
N PRO B 804 22.15 -23.38 -28.61
CA PRO B 804 21.96 -21.93 -28.51
C PRO B 804 22.71 -21.38 -27.31
N GLN B 805 23.39 -20.24 -27.51
CA GLN B 805 24.26 -19.70 -26.49
C GLN B 805 23.47 -18.84 -25.49
N GLN B 806 22.25 -18.47 -25.85
CA GLN B 806 21.42 -17.55 -25.09
C GLN B 806 19.99 -18.06 -25.10
N TYR B 807 19.23 -17.74 -24.05
CA TYR B 807 17.83 -18.13 -23.94
C TYR B 807 16.97 -16.94 -23.59
N ASN B 808 16.04 -16.60 -24.47
CA ASN B 808 15.14 -15.47 -24.28
C ASN B 808 13.70 -15.99 -24.18
N ARG B 809 12.87 -15.22 -23.49
CA ARG B 809 11.45 -15.54 -23.33
C ARG B 809 10.67 -14.23 -23.35
N TYR B 810 9.47 -14.30 -23.91
CA TYR B 810 8.61 -13.12 -24.01
C TYR B 810 7.15 -13.52 -23.83
N ASN B 811 6.52 -13.03 -22.77
CA ASN B 811 5.14 -13.33 -22.41
C ASN B 811 4.96 -14.81 -22.07
N GLY B 812 6.03 -15.52 -21.75
CA GLY B 812 5.95 -16.89 -21.30
C GLY B 812 6.19 -17.94 -22.36
N ARG B 813 6.70 -17.55 -23.53
CA ARG B 813 6.98 -18.47 -24.60
C ARG B 813 8.43 -18.32 -25.05
N PRO B 814 9.19 -19.40 -25.20
CA PRO B 814 10.56 -19.25 -25.72
C PRO B 814 10.56 -18.48 -27.02
N SER B 815 11.46 -17.51 -27.12
CA SER B 815 11.39 -16.55 -28.22
C SER B 815 12.77 -16.01 -28.56
N LEU B 816 12.87 -15.45 -29.75
CA LEU B 816 14.03 -14.67 -30.16
C LEU B 816 13.58 -13.28 -30.61
N SER B 817 14.42 -12.30 -30.42
CA SER B 817 14.03 -10.90 -30.65
C SER B 817 14.61 -10.43 -31.94
N ILE B 818 13.90 -9.91 -32.92
CA ILE B 818 14.35 -9.59 -34.29
C ILE B 818 14.34 -8.08 -34.40
N ALA B 819 15.10 -7.46 -35.27
CA ALA B 819 15.08 -6.03 -35.52
C ALA B 819 15.24 -5.75 -37.00
N GLY B 820 14.67 -4.63 -37.44
CA GLY B 820 14.81 -4.24 -38.83
C GLY B 820 14.57 -2.76 -39.02
N ILE B 821 14.93 -2.28 -40.21
CA ILE B 821 14.74 -0.90 -40.61
C ILE B 821 13.86 -0.89 -41.85
N PRO B 822 12.90 0.03 -41.98
CA PRO B 822 12.12 0.12 -43.22
C PRO B 822 12.93 0.80 -44.31
N ASN B 823 12.98 0.17 -45.48
CA ASN B 823 13.72 0.74 -46.60
C ASN B 823 13.05 2.02 -47.08
N PHE B 824 13.82 2.84 -47.79
CA PHE B 824 13.26 4.06 -48.37
C PHE B 824 12.18 3.72 -49.37
N ASP B 825 11.09 4.48 -49.30
CA ASP B 825 9.88 4.29 -50.14
C ASP B 825 8.92 3.47 -49.29
N THR B 826 9.41 2.86 -48.22
CA THR B 826 8.63 1.96 -47.39
C THR B 826 8.46 2.58 -46.01
N SER B 827 7.23 2.72 -45.57
CA SER B 827 6.94 3.24 -44.24
C SER B 827 7.06 2.13 -43.21
N SER B 828 7.04 2.50 -41.93
CA SER B 828 7.11 1.50 -40.87
C SER B 828 5.93 0.55 -40.94
N GLY B 829 4.72 1.09 -41.18
CA GLY B 829 3.55 0.24 -41.26
C GLY B 829 3.65 -0.78 -42.38
N GLU B 830 4.15 -0.37 -43.54
CA GLU B 830 4.28 -1.30 -44.66
C GLU B 830 5.30 -2.38 -44.35
N ALA B 831 6.42 -2.01 -43.71
CA ALA B 831 7.41 -3.00 -43.34
C ALA B 831 6.84 -4.01 -42.35
N MET B 832 6.09 -3.55 -41.34
CA MET B 832 5.45 -4.47 -40.42
C MET B 832 4.45 -5.37 -41.15
N ARG B 833 3.69 -4.80 -42.08
CA ARG B 833 2.73 -5.58 -42.85
C ARG B 833 3.43 -6.71 -43.59
N GLU B 834 4.49 -6.38 -44.33
CA GLU B 834 5.16 -7.41 -45.13
C GLU B 834 5.88 -8.41 -44.24
N MET B 835 6.31 -7.97 -43.11
CA MET B 835 7.03 -8.87 -42.19
C MET B 835 5.98 -9.80 -41.64
N GLU B 836 4.73 -9.41 -41.38
CA GLU B 836 3.65 -10.31 -40.99
C GLU B 836 3.31 -11.28 -42.12
N GLN B 837 3.24 -10.79 -43.35
CA GLN B 837 2.96 -11.67 -44.49
C GLN B 837 3.99 -12.78 -44.58
N LEU B 838 5.27 -12.43 -44.46
CA LEU B 838 6.33 -13.43 -44.55
C LEU B 838 6.34 -14.37 -43.34
N ILE B 839 5.96 -13.89 -42.16
CA ILE B 839 5.84 -14.77 -41.00
C ILE B 839 4.67 -15.74 -41.14
N ALA B 840 3.60 -15.36 -41.84
CA ALA B 840 2.48 -16.28 -42.03
C ALA B 840 2.94 -17.57 -42.68
N LYS B 841 3.99 -17.50 -43.50
CA LYS B 841 4.53 -18.68 -44.19
C LYS B 841 5.66 -19.28 -43.36
N LEU B 842 5.28 -19.80 -42.19
CA LEU B 842 6.24 -20.40 -41.27
C LEU B 842 5.66 -21.68 -40.68
N PRO B 843 6.49 -22.55 -40.11
CA PRO B 843 5.99 -23.81 -39.55
C PRO B 843 4.85 -23.57 -38.55
N LYS B 844 4.09 -24.64 -38.31
CA LYS B 844 2.99 -24.57 -37.37
C LYS B 844 3.50 -24.36 -35.95
N GLY B 845 2.71 -23.63 -35.16
CA GLY B 845 3.06 -23.37 -33.78
C GLY B 845 4.02 -22.22 -33.56
N ILE B 846 4.44 -21.53 -34.61
CA ILE B 846 5.36 -20.40 -34.52
C ILE B 846 4.55 -19.12 -34.70
N GLY B 847 4.65 -18.21 -33.74
CA GLY B 847 3.93 -16.96 -33.80
C GLY B 847 4.85 -15.77 -33.59
N TYR B 848 4.26 -14.58 -33.69
CA TYR B 848 5.00 -13.33 -33.57
C TYR B 848 4.26 -12.37 -32.67
N GLU B 849 5.01 -11.44 -32.08
CA GLU B 849 4.40 -10.39 -31.22
C GLU B 849 5.20 -9.11 -31.39
N TRP B 850 4.54 -7.99 -31.67
CA TRP B 850 5.19 -6.69 -31.85
C TRP B 850 5.38 -6.03 -30.49
N THR B 851 6.59 -5.54 -30.24
CA THR B 851 6.98 -5.02 -28.95
C THR B 851 7.57 -3.62 -29.09
N GLY B 852 7.54 -2.88 -27.99
CA GLY B 852 8.15 -1.56 -27.98
C GLY B 852 7.47 -0.61 -28.94
N ILE B 853 8.28 0.02 -29.81
CA ILE B 853 7.76 1.03 -30.72
C ILE B 853 6.69 0.43 -31.63
N SER B 854 6.89 -0.81 -32.07
CA SER B 854 5.94 -1.43 -32.98
C SER B 854 4.56 -1.61 -32.33
N LEU B 855 4.54 -2.02 -31.06
CA LEU B 855 3.26 -2.21 -30.38
C LEU B 855 2.48 -0.89 -30.29
N GLN B 856 3.17 0.19 -29.94
CA GLN B 856 2.50 1.48 -29.85
C GLN B 856 2.07 1.99 -31.22
N GLU B 857 2.89 1.74 -32.25
CA GLU B 857 2.48 2.10 -33.61
C GLU B 857 1.23 1.35 -34.04
N LYS B 858 1.15 0.06 -33.76
CA LYS B 858 -0.06 -0.69 -34.09
C LYS B 858 -1.25 -0.17 -33.30
N GLN B 859 -1.05 0.12 -32.01
CA GLN B 859 -2.14 0.64 -31.19
C GLN B 859 -2.64 1.99 -31.70
N SER B 860 -1.74 2.85 -32.18
CA SER B 860 -2.17 4.16 -32.67
C SER B 860 -3.12 4.02 -33.85
N GLU B 861 -2.83 3.11 -34.77
CA GLU B 861 -3.70 2.86 -35.92
C GLU B 861 -4.88 1.94 -35.57
N SER B 862 -4.88 1.34 -34.39
CA SER B 862 -5.97 0.47 -33.97
C SER B 862 -7.08 1.22 -33.24
N GLN B 863 -6.97 2.54 -33.12
CA GLN B 863 -7.99 3.34 -32.44
C GLN B 863 -8.38 4.60 -33.21
N MET B 864 -7.70 4.89 -34.32
CA MET B 864 -7.92 6.17 -35.01
C MET B 864 -9.38 6.34 -35.40
N ALA B 865 -10.01 5.27 -35.90
CA ALA B 865 -11.42 5.35 -36.25
C ALA B 865 -12.27 5.71 -35.04
N PHE B 866 -12.00 5.07 -33.90
CA PHE B 866 -12.76 5.38 -32.69
C PHE B 866 -12.53 6.82 -32.23
N LEU B 867 -11.29 7.29 -32.30
CA LEU B 867 -11.00 8.67 -31.90
C LEU B 867 -11.75 9.66 -32.78
N LEU B 868 -11.69 9.46 -34.10
CA LEU B 868 -12.40 10.35 -35.01
C LEU B 868 -13.90 10.31 -34.77
N GLY B 869 -14.47 9.11 -34.59
CA GLY B 869 -15.89 9.01 -34.34
C GLY B 869 -16.29 9.70 -33.06
N LEU B 870 -15.50 9.53 -32.00
CA LEU B 870 -15.82 10.17 -30.72
C LEU B 870 -15.71 11.68 -30.83
N SER B 871 -14.69 12.18 -31.52
CA SER B 871 -14.57 13.63 -31.69
C SER B 871 -15.74 14.19 -32.47
N MET B 872 -16.14 13.46 -33.48
CA MET B 872 -17.26 13.94 -34.32
C MET B 872 -18.57 13.79 -33.58
N LEU B 873 -18.77 12.89 -32.73
CA LEU B 873 -19.97 12.81 -31.90
C LEU B 873 -19.96 13.90 -30.84
N VAL B 874 -18.80 14.17 -30.25
CA VAL B 874 -18.71 15.20 -29.21
C VAL B 874 -19.06 16.56 -29.79
N VAL B 875 -18.48 16.90 -30.94
CA VAL B 875 -18.80 18.20 -31.53
C VAL B 875 -20.27 18.27 -31.92
N PHE B 876 -20.80 17.18 -32.49
CA PHE B 876 -22.21 17.16 -32.86
C PHE B 876 -23.09 17.45 -31.64
N LEU B 877 -22.87 16.71 -30.56
CA LEU B 877 -23.73 16.87 -29.38
C LEU B 877 -23.57 18.25 -28.77
N VAL B 878 -22.33 18.77 -28.69
CA VAL B 878 -22.13 20.09 -28.11
C VAL B 878 -22.85 21.15 -28.92
N LEU B 879 -22.70 21.10 -30.26
CA LEU B 879 -23.36 22.10 -31.09
C LEU B 879 -24.88 21.99 -30.99
N ALA B 880 -25.40 20.76 -31.02
CA ALA B 880 -26.85 20.58 -30.95
C ALA B 880 -27.40 21.11 -29.64
N ALA B 881 -26.73 20.80 -28.52
CA ALA B 881 -27.19 21.29 -27.23
C ALA B 881 -27.09 22.81 -27.15
N LEU B 882 -25.99 23.37 -27.65
CA LEU B 882 -25.80 24.82 -27.56
C LEU B 882 -26.83 25.57 -28.38
N TYR B 883 -27.15 25.07 -29.57
CA TYR B 883 -28.05 25.76 -30.49
C TYR B 883 -29.43 25.11 -30.56
N GLU B 884 -29.63 23.96 -29.92
CA GLU B 884 -30.94 23.34 -29.80
C GLU B 884 -31.60 23.17 -31.18
N SER B 885 -30.82 22.69 -32.14
CA SER B 885 -31.31 22.45 -33.49
C SER B 885 -30.58 21.26 -34.09
N TRP B 886 -31.21 20.64 -35.08
CA TRP B 886 -30.64 19.49 -35.78
C TRP B 886 -29.97 19.85 -37.10
N ALA B 887 -30.46 20.88 -37.79
CA ALA B 887 -29.85 21.26 -39.06
C ALA B 887 -28.44 21.76 -38.88
N ILE B 888 -28.19 22.55 -37.83
CA ILE B 888 -26.87 23.14 -37.63
C ILE B 888 -25.79 22.07 -37.46
N PRO B 889 -25.93 21.09 -36.56
CA PRO B 889 -24.85 20.09 -36.41
C PRO B 889 -24.59 19.28 -37.67
N LEU B 890 -25.64 18.85 -38.36
CA LEU B 890 -25.43 18.07 -39.57
C LEU B 890 -24.76 18.91 -40.65
N SER B 891 -25.20 20.16 -40.82
CA SER B 891 -24.55 21.06 -41.77
C SER B 891 -23.09 21.26 -41.43
N VAL B 892 -22.77 21.33 -40.13
CA VAL B 892 -21.38 21.43 -39.70
C VAL B 892 -20.62 20.16 -40.07
N MET B 893 -21.29 19.02 -40.00
CA MET B 893 -20.67 17.77 -40.42
C MET B 893 -20.46 17.67 -41.93
N LEU B 894 -21.27 18.37 -42.73
CA LEU B 894 -21.13 18.20 -44.18
C LEU B 894 -19.91 18.91 -44.74
N VAL B 895 -19.01 19.42 -43.90
CA VAL B 895 -17.84 20.16 -44.37
C VAL B 895 -16.51 19.51 -43.99
N VAL B 896 -16.46 18.72 -42.92
CA VAL B 896 -15.19 18.19 -42.44
C VAL B 896 -14.60 17.17 -43.42
N PRO B 897 -15.40 16.47 -44.23
CA PRO B 897 -14.80 15.73 -45.35
C PRO B 897 -13.85 16.58 -46.18
N LEU B 898 -14.18 17.84 -46.44
CA LEU B 898 -13.31 18.69 -47.24
C LEU B 898 -12.03 19.02 -46.49
N GLY B 899 -12.12 19.25 -45.18
CA GLY B 899 -10.93 19.48 -44.38
C GLY B 899 -9.99 18.29 -44.40
N ILE B 900 -10.54 17.08 -44.30
CA ILE B 900 -9.70 15.89 -44.41
C ILE B 900 -9.13 15.77 -45.83
N PHE B 901 -9.93 16.10 -46.84
CA PHE B 901 -9.50 15.99 -48.22
C PHE B 901 -8.27 16.85 -48.48
N GLY B 902 -8.31 18.10 -48.01
CA GLY B 902 -7.19 19.00 -48.26
C GLY B 902 -5.89 18.46 -47.68
N ALA B 903 -5.93 18.03 -46.40
CA ALA B 903 -4.73 17.52 -45.77
C ALA B 903 -4.25 16.25 -46.47
N ILE B 904 -5.17 15.38 -46.86
CA ILE B 904 -4.77 14.15 -47.53
C ILE B 904 -4.06 14.45 -48.84
N ILE B 905 -4.63 15.35 -49.65
CA ILE B 905 -4.01 15.67 -50.93
C ILE B 905 -2.66 16.33 -50.72
N ALA B 906 -2.55 17.18 -49.70
CA ALA B 906 -1.27 17.82 -49.42
C ALA B 906 -0.21 16.81 -49.05
N ILE B 907 -0.54 15.86 -48.18
CA ILE B 907 0.46 14.88 -47.74
C ILE B 907 0.84 13.96 -48.88
N MET B 908 -0.13 13.58 -49.73
CA MET B 908 0.24 12.79 -50.90
C MET B 908 1.16 13.58 -51.82
N SER B 909 0.88 14.87 -52.00
CA SER B 909 1.72 15.69 -52.86
C SER B 909 3.15 15.76 -52.34
N ARG B 910 3.32 15.97 -51.04
CA ARG B 910 4.65 16.05 -50.46
C ARG B 910 5.22 14.69 -50.09
N GLY B 911 4.42 13.64 -50.11
CA GLY B 911 4.91 12.30 -49.84
C GLY B 911 5.03 11.94 -48.37
N LEU B 912 4.74 12.86 -47.46
CA LEU B 912 4.82 12.54 -46.04
C LEU B 912 3.76 11.51 -45.67
N MET B 913 4.17 10.55 -44.84
CA MET B 913 3.29 9.44 -44.47
C MET B 913 2.30 9.90 -43.40
N ASN B 914 1.27 9.07 -43.19
CA ASN B 914 0.27 9.32 -42.15
C ASN B 914 0.87 8.94 -40.80
N ASP B 915 1.02 9.93 -39.91
CA ASP B 915 1.60 9.71 -38.60
C ASP B 915 0.75 10.43 -37.56
N VAL B 916 1.24 10.40 -36.31
CA VAL B 916 0.48 10.99 -35.21
C VAL B 916 0.25 12.47 -35.46
N PHE B 917 1.29 13.20 -35.85
CA PHE B 917 1.14 14.63 -36.09
C PHE B 917 0.03 14.90 -37.10
N PHE B 918 -0.06 14.05 -38.13
CA PHE B 918 -1.18 14.15 -39.07
C PHE B 918 -2.51 13.95 -38.37
N LYS B 919 -2.56 13.05 -37.38
CA LYS B 919 -3.80 12.81 -36.66
C LYS B 919 -4.21 14.03 -35.83
N ILE B 920 -3.25 14.64 -35.14
CA ILE B 920 -3.54 15.89 -34.43
C ILE B 920 -4.01 16.95 -35.41
N GLY B 921 -3.39 17.00 -36.60
CA GLY B 921 -3.86 17.92 -37.61
C GLY B 921 -5.30 17.68 -38.02
N LEU B 922 -5.68 16.41 -38.19
CA LEU B 922 -7.06 16.08 -38.52
C LEU B 922 -8.01 16.54 -37.42
N ILE B 923 -7.65 16.27 -36.16
CA ILE B 923 -8.52 16.68 -35.06
C ILE B 923 -8.65 18.19 -35.03
N THR B 924 -7.55 18.92 -35.24
CA THR B 924 -7.61 20.37 -35.25
C THR B 924 -8.49 20.88 -36.40
N ILE B 925 -8.33 20.33 -37.60
CA ILE B 925 -9.14 20.71 -38.74
C ILE B 925 -10.61 20.38 -38.55
N ILE B 926 -10.95 19.35 -37.77
CA ILE B 926 -12.36 19.12 -37.45
C ILE B 926 -12.95 20.36 -36.79
N GLY B 927 -12.28 20.87 -35.76
CA GLY B 927 -12.78 22.06 -35.07
C GLY B 927 -12.74 23.30 -35.94
N LEU B 928 -11.69 23.43 -36.77
CA LEU B 928 -11.60 24.59 -37.65
C LEU B 928 -12.75 24.61 -38.66
N SER B 929 -13.05 23.46 -39.28
CA SER B 929 -14.18 23.39 -40.20
C SER B 929 -15.50 23.59 -39.47
N ALA B 930 -15.59 23.11 -38.22
CA ALA B 930 -16.78 23.39 -37.43
C ALA B 930 -16.97 24.88 -37.24
N LYS B 931 -15.86 25.60 -36.98
CA LYS B 931 -15.89 27.07 -36.77
C LYS B 931 -16.28 27.75 -38.07
N ASN B 932 -15.85 27.26 -39.22
CA ASN B 932 -16.20 27.83 -40.51
C ASN B 932 -17.69 27.63 -40.80
N ALA B 933 -18.20 26.43 -40.52
CA ALA B 933 -19.61 26.16 -40.78
C ALA B 933 -20.51 26.94 -39.82
N ILE B 934 -20.12 27.07 -38.56
CA ILE B 934 -20.92 27.81 -37.58
C ILE B 934 -21.06 29.27 -38.01
N LEU B 935 -19.95 29.91 -38.37
CA LEU B 935 -20.02 31.35 -38.62
C LEU B 935 -21.05 31.71 -39.68
N ILE B 936 -21.37 30.81 -40.60
CA ILE B 936 -22.32 31.08 -41.66
C ILE B 936 -23.70 30.52 -41.34
N VAL B 937 -23.77 29.28 -40.84
CA VAL B 937 -25.08 28.68 -40.58
C VAL B 937 -25.79 29.45 -39.47
N GLU B 938 -25.04 29.98 -38.50
CA GLU B 938 -25.65 30.80 -37.46
C GLU B 938 -26.45 31.94 -38.05
N PHE B 939 -25.79 32.80 -38.83
CA PHE B 939 -26.47 33.98 -39.34
C PHE B 939 -27.56 33.59 -40.33
N ALA B 940 -27.37 32.48 -41.05
CA ALA B 940 -28.44 32.00 -41.92
C ALA B 940 -29.69 31.66 -41.10
N LYS B 941 -29.52 30.92 -40.00
CA LYS B 941 -30.66 30.54 -39.17
C LYS B 941 -31.31 31.76 -38.54
N MET B 942 -30.51 32.73 -38.08
CA MET B 942 -31.10 33.95 -37.54
C MET B 942 -31.91 34.68 -38.61
N LEU B 943 -31.33 34.88 -39.80
CA LEU B 943 -32.06 35.56 -40.86
C LEU B 943 -33.36 34.83 -41.19
N LYS B 944 -33.35 33.50 -41.11
CA LYS B 944 -34.59 32.75 -41.19
C LYS B 944 -35.54 33.14 -40.07
N GLU B 945 -35.00 33.32 -38.86
CA GLU B 945 -35.84 33.68 -37.72
C GLU B 945 -36.54 35.01 -37.94
N GLU B 946 -35.82 36.02 -38.46
CA GLU B 946 -36.47 37.29 -38.76
C GLU B 946 -37.48 37.16 -39.91
N GLY B 947 -37.47 36.05 -40.63
CA GLY B 947 -38.41 35.83 -41.71
C GLY B 947 -37.84 35.98 -43.10
N MET B 948 -36.54 36.25 -43.22
CA MET B 948 -35.92 36.31 -44.54
C MET B 948 -36.00 34.95 -45.22
N SER B 949 -36.21 34.96 -46.53
CA SER B 949 -36.26 33.72 -47.28
C SER B 949 -34.98 32.92 -47.08
N LEU B 950 -35.13 31.61 -46.94
CA LEU B 950 -34.00 30.77 -46.53
C LEU B 950 -32.84 30.89 -47.52
N ILE B 951 -33.13 30.83 -48.82
CA ILE B 951 -32.06 30.93 -49.81
C ILE B 951 -31.46 32.33 -49.81
N GLU B 952 -32.33 33.35 -49.85
CA GLU B 952 -31.86 34.73 -49.82
C GLU B 952 -31.21 35.05 -48.48
N ALA B 953 -31.68 34.42 -47.42
CA ALA B 953 -31.03 34.58 -46.12
C ALA B 953 -29.62 34.01 -46.14
N THR B 954 -29.47 32.79 -46.66
CA THR B 954 -28.16 32.13 -46.66
C THR B 954 -27.16 32.87 -47.54
N VAL B 955 -27.59 33.31 -48.72
CA VAL B 955 -26.66 33.98 -49.62
C VAL B 955 -26.18 35.29 -49.00
N ALA B 956 -27.09 36.06 -48.41
CA ALA B 956 -26.70 37.31 -47.77
C ALA B 956 -25.83 37.05 -46.55
N ALA B 957 -26.12 35.99 -45.79
CA ALA B 957 -25.29 35.65 -44.64
C ALA B 957 -23.88 35.31 -45.09
N ALA B 958 -23.76 34.54 -46.17
CA ALA B 958 -22.43 34.21 -46.70
C ALA B 958 -21.71 35.48 -47.14
N LYS B 959 -22.41 36.38 -47.84
CA LYS B 959 -21.77 37.60 -48.29
C LYS B 959 -21.27 38.43 -47.10
N LEU B 960 -22.07 38.50 -46.04
CA LEU B 960 -21.68 39.32 -44.89
C LEU B 960 -20.55 38.68 -44.11
N ARG B 961 -20.59 37.37 -43.89
CA ARG B 961 -19.64 36.68 -43.03
C ARG B 961 -18.45 36.12 -43.80
N LEU B 962 -18.35 36.39 -45.11
CA LEU B 962 -17.18 35.94 -45.85
C LEU B 962 -15.89 36.49 -45.27
N ARG B 963 -15.90 37.75 -44.84
CA ARG B 963 -14.66 38.35 -44.37
C ARG B 963 -14.08 37.63 -43.15
N PRO B 964 -14.79 37.53 -42.01
CA PRO B 964 -14.15 36.91 -40.83
C PRO B 964 -13.72 35.47 -41.06
N ILE B 965 -14.45 34.71 -41.85
CA ILE B 965 -14.03 33.35 -42.15
C ILE B 965 -12.65 33.35 -42.79
N LEU B 966 -12.45 34.21 -43.81
CA LEU B 966 -11.14 34.36 -44.41
C LEU B 966 -10.12 34.86 -43.39
N MET B 967 -10.54 35.75 -42.55
CA MET B 967 -9.57 36.36 -41.61
C MET B 967 -9.06 35.30 -40.65
N THR B 968 -9.87 34.36 -40.18
CA THR B 968 -9.46 33.32 -39.22
C THR B 968 -8.84 32.11 -39.92
N SER B 969 -9.19 31.81 -41.17
CA SER B 969 -8.53 30.76 -41.93
C SER B 969 -7.13 31.15 -42.34
N LEU B 970 -6.97 32.36 -42.89
CA LEU B 970 -5.65 32.78 -43.35
C LEU B 970 -4.74 33.07 -42.17
N ALA B 971 -5.29 33.52 -41.04
CA ALA B 971 -4.45 33.69 -39.86
C ALA B 971 -3.88 32.36 -39.40
N PHE B 972 -4.68 31.30 -39.38
CA PHE B 972 -4.17 29.98 -39.02
C PHE B 972 -3.15 29.49 -40.03
N THR B 973 -3.42 29.71 -41.32
CA THR B 973 -2.47 29.28 -42.34
C THR B 973 -1.13 29.99 -42.15
N CYS B 974 -1.16 31.27 -41.81
CA CYS B 974 0.07 32.00 -41.56
C CYS B 974 0.85 31.38 -40.41
N GLY B 975 0.13 30.98 -39.36
CA GLY B 975 0.79 30.30 -38.25
C GLY B 975 1.46 29.01 -38.67
N VAL B 976 0.84 28.28 -39.61
CA VAL B 976 1.41 26.98 -39.97
C VAL B 976 2.52 27.11 -41.01
N ILE B 977 2.54 28.20 -41.78
CA ILE B 977 3.60 28.37 -42.80
C ILE B 977 5.00 28.22 -42.22
N PRO B 978 5.32 28.78 -41.04
CA PRO B 978 6.69 28.58 -40.53
C PRO B 978 7.08 27.11 -40.45
N LEU B 979 6.13 26.24 -40.14
CA LEU B 979 6.45 24.82 -40.01
C LEU B 979 6.68 24.17 -41.38
N VAL B 980 5.81 24.46 -42.36
CA VAL B 980 5.87 23.75 -43.63
C VAL B 980 7.19 24.05 -44.35
N ILE B 981 7.59 25.32 -44.37
CA ILE B 981 8.86 25.72 -44.98
C ILE B 981 9.88 25.82 -43.85
N ALA B 982 10.55 24.70 -43.57
CA ALA B 982 11.54 24.62 -42.51
C ALA B 982 12.85 24.07 -43.06
N THR B 983 13.96 24.64 -42.61
CA THR B 983 15.29 24.21 -43.03
C THR B 983 16.14 23.71 -41.87
N GLY B 984 15.58 23.62 -40.67
CA GLY B 984 16.35 23.20 -39.52
C GLY B 984 16.44 21.69 -39.38
N ALA B 985 17.14 21.26 -38.33
CA ALA B 985 17.27 19.84 -38.06
C ALA B 985 15.93 19.20 -37.73
N SER B 986 15.02 19.97 -37.12
CA SER B 986 13.68 19.51 -36.83
C SER B 986 12.73 19.70 -37.99
N SER B 987 13.25 19.80 -39.22
CA SER B 987 12.39 20.08 -40.37
C SER B 987 11.37 18.99 -40.58
N GLU B 988 11.76 17.72 -40.42
CA GLU B 988 10.84 16.62 -40.67
C GLU B 988 9.65 16.68 -39.72
N THR B 989 9.92 16.87 -38.42
CA THR B 989 8.84 16.90 -37.44
C THR B 989 7.91 18.08 -37.70
N GLN B 990 8.47 19.24 -38.02
CA GLN B 990 7.62 20.41 -38.29
C GLN B 990 6.80 20.21 -39.55
N HIS B 991 7.38 19.61 -40.59
CA HIS B 991 6.62 19.34 -41.80
C HIS B 991 5.47 18.38 -41.53
N ALA B 992 5.74 17.30 -40.79
CA ALA B 992 4.69 16.32 -40.53
C ALA B 992 3.50 16.95 -39.83
N LEU B 993 3.73 17.99 -39.03
CA LEU B 993 2.68 18.65 -38.28
C LEU B 993 2.08 19.84 -39.01
N GLY B 994 2.78 20.39 -40.01
CA GLY B 994 2.31 21.59 -40.67
C GLY B 994 1.69 21.37 -42.03
N THR B 995 2.22 20.45 -42.83
CA THR B 995 1.72 20.27 -44.19
C THR B 995 0.25 19.85 -44.19
N GLY B 996 -0.10 18.87 -43.37
CA GLY B 996 -1.48 18.41 -43.34
C GLY B 996 -2.45 19.49 -42.92
N VAL B 997 -2.10 20.23 -41.87
CA VAL B 997 -3.00 21.29 -41.39
C VAL B 997 -3.11 22.39 -42.42
N PHE B 998 -2.01 22.75 -43.09
CA PHE B 998 -2.07 23.78 -44.12
C PHE B 998 -3.01 23.37 -45.24
N GLY B 999 -2.82 22.16 -45.78
CA GLY B 999 -3.70 21.70 -46.84
C GLY B 999 -5.15 21.61 -46.39
N GLY B 1000 -5.37 21.11 -45.17
CA GLY B 1000 -6.73 20.97 -44.67
C GLY B 1000 -7.43 22.31 -44.52
N MET B 1001 -6.74 23.30 -43.97
CA MET B 1001 -7.33 24.63 -43.86
C MET B 1001 -7.62 25.22 -45.23
N ILE B 1002 -6.67 25.12 -46.17
CA ILE B 1002 -6.90 25.69 -47.49
C ILE B 1002 -8.14 25.07 -48.13
N SER B 1003 -8.19 23.74 -48.17
CA SER B 1003 -9.32 23.07 -48.79
C SER B 1003 -10.62 23.38 -48.04
N ALA B 1004 -10.60 23.27 -46.71
CA ALA B 1004 -11.81 23.50 -45.93
C ALA B 1004 -12.39 24.87 -46.23
N THR B 1005 -11.57 25.92 -46.11
CA THR B 1005 -12.09 27.26 -46.32
C THR B 1005 -12.56 27.46 -47.75
N ILE B 1006 -11.72 27.11 -48.73
CA ILE B 1006 -12.05 27.43 -50.12
C ILE B 1006 -13.29 26.68 -50.57
N LEU B 1007 -13.40 25.40 -50.20
CA LEU B 1007 -14.58 24.63 -50.62
C LEU B 1007 -15.79 24.99 -49.77
N ALA B 1008 -15.60 25.37 -48.51
CA ALA B 1008 -16.71 25.66 -47.63
C ALA B 1008 -17.44 26.93 -48.04
N ILE B 1009 -16.68 28.00 -48.35
CA ILE B 1009 -17.32 29.24 -48.73
C ILE B 1009 -18.30 29.03 -49.88
N PHE B 1010 -18.09 27.96 -50.66
CA PHE B 1010 -18.98 27.69 -51.78
C PHE B 1010 -20.06 26.67 -51.42
N PHE B 1011 -19.72 25.66 -50.63
CA PHE B 1011 -20.59 24.51 -50.43
C PHE B 1011 -21.45 24.58 -49.18
N VAL B 1012 -20.92 25.16 -48.08
CA VAL B 1012 -21.65 25.12 -46.81
C VAL B 1012 -23.05 25.72 -46.96
N PRO B 1013 -23.25 26.85 -47.63
CA PRO B 1013 -24.63 27.31 -47.87
C PRO B 1013 -25.47 26.26 -48.56
N VAL B 1014 -24.89 25.53 -49.52
CA VAL B 1014 -25.65 24.49 -50.22
C VAL B 1014 -26.03 23.38 -49.25
N PHE B 1015 -25.09 23.00 -48.38
CA PHE B 1015 -25.39 21.96 -47.40
C PHE B 1015 -26.51 22.40 -46.47
N PHE B 1016 -26.46 23.66 -46.01
CA PHE B 1016 -27.51 24.16 -45.12
C PHE B 1016 -28.86 24.17 -45.83
N ILE B 1017 -28.89 24.62 -47.09
CA ILE B 1017 -30.14 24.67 -47.83
C ILE B 1017 -30.70 23.26 -48.03
N PHE B 1018 -29.83 22.30 -48.32
CA PHE B 1018 -30.30 20.94 -48.57
C PHE B 1018 -30.78 20.28 -47.28
N ILE B 1019 -30.11 20.53 -46.16
CA ILE B 1019 -30.57 19.95 -44.91
C ILE B 1019 -31.90 20.58 -44.49
N LEU B 1020 -32.07 21.88 -44.71
CA LEU B 1020 -33.37 22.49 -44.48
C LEU B 1020 -34.42 21.89 -45.40
N GLY B 1021 -34.05 21.60 -46.65
CA GLY B 1021 -34.97 20.93 -47.55
C GLY B 1021 -35.43 19.60 -47.00
N ALA B 1022 -34.49 18.78 -46.51
CA ALA B 1022 -34.85 17.55 -45.84
C ALA B 1022 -35.73 17.84 -44.62
N VAL B 1023 -35.52 18.98 -43.97
CA VAL B 1023 -36.32 19.34 -42.80
C VAL B 1023 -37.78 19.49 -43.18
N GLU B 1024 -38.09 20.27 -44.23
CA GLU B 1024 -39.51 20.41 -44.57
C GLU B 1024 -40.01 19.14 -45.26
N LYS B 1025 -39.10 18.32 -45.79
CA LYS B 1025 -39.50 16.98 -46.23
C LYS B 1025 -40.05 16.17 -45.06
N LEU B 1026 -39.38 16.23 -43.91
CA LEU B 1026 -39.91 15.60 -42.71
C LEU B 1026 -41.23 16.26 -42.29
N PHE B 1027 -41.29 17.59 -42.34
CA PHE B 1027 -42.48 18.33 -41.92
C PHE B 1027 -43.00 19.18 -43.07
N MET C 1 -45.77 18.21 -14.02
CA MET C 1 -46.84 17.80 -14.98
C MET C 1 -46.74 16.31 -15.27
N SER C 2 -45.54 15.84 -15.59
CA SER C 2 -45.31 14.43 -15.92
C SER C 2 -46.21 13.98 -17.04
N GLN C 3 -46.41 14.85 -18.03
CA GLN C 3 -47.26 14.55 -19.18
C GLN C 3 -46.51 14.62 -20.50
N PHE C 4 -45.20 14.86 -20.48
CA PHE C 4 -44.45 14.99 -21.74
C PHE C 4 -44.52 13.71 -22.55
N PHE C 5 -44.29 12.57 -21.91
CA PHE C 5 -44.29 11.30 -22.63
C PHE C 5 -45.70 10.87 -22.97
N ILE C 6 -46.69 11.32 -22.20
CA ILE C 6 -48.09 11.06 -22.55
C ILE C 6 -48.44 11.78 -23.85
N ARG C 7 -47.90 12.99 -24.03
CA ARG C 7 -48.18 13.76 -25.23
C ARG C 7 -47.66 13.03 -26.48
N ARG C 8 -46.45 12.48 -26.40
CA ARG C 8 -45.83 11.80 -27.53
C ARG C 8 -45.45 10.39 -27.12
N PRO C 9 -46.05 9.35 -27.71
CA PRO C 9 -45.67 7.97 -27.32
C PRO C 9 -44.27 7.59 -27.76
N VAL C 10 -43.73 8.25 -28.79
CA VAL C 10 -42.49 7.80 -29.39
C VAL C 10 -41.34 7.86 -28.38
N PHE C 11 -41.31 8.90 -27.55
CA PHE C 11 -40.22 9.05 -26.60
C PHE C 11 -40.22 7.93 -25.57
N ALA C 12 -41.39 7.64 -25.00
CA ALA C 12 -41.48 6.54 -24.04
C ALA C 12 -41.14 5.22 -24.71
N TRP C 13 -41.61 5.02 -25.93
CA TRP C 13 -41.31 3.78 -26.65
C TRP C 13 -39.82 3.60 -26.87
N VAL C 14 -39.13 4.66 -27.29
CA VAL C 14 -37.70 4.55 -27.55
C VAL C 14 -36.94 4.34 -26.24
N ILE C 15 -37.38 4.98 -25.16
CA ILE C 15 -36.76 4.73 -23.86
C ILE C 15 -36.88 3.26 -23.50
N ALA C 16 -38.08 2.69 -23.66
CA ALA C 16 -38.28 1.28 -23.35
C ALA C 16 -37.42 0.39 -24.24
N ILE C 17 -37.30 0.75 -25.52
CA ILE C 17 -36.47 -0.03 -26.42
C ILE C 17 -35.01 0.01 -25.96
N PHE C 18 -34.53 1.18 -25.55
CA PHE C 18 -33.15 1.26 -25.06
C PHE C 18 -32.96 0.41 -23.81
N ILE C 19 -33.91 0.48 -22.87
CA ILE C 19 -33.77 -0.32 -21.65
C ILE C 19 -33.75 -1.80 -21.99
N ILE C 20 -34.63 -2.24 -22.90
CA ILE C 20 -34.69 -3.64 -23.26
C ILE C 20 -33.39 -4.07 -23.94
N ILE C 21 -32.90 -3.27 -24.87
CA ILE C 21 -31.72 -3.64 -25.65
C ILE C 21 -30.50 -3.73 -24.74
N PHE C 22 -30.33 -2.75 -23.84
CA PHE C 22 -29.15 -2.74 -22.98
C PHE C 22 -29.18 -3.92 -22.02
N GLY C 23 -30.37 -4.28 -21.52
CA GLY C 23 -30.47 -5.46 -20.67
C GLY C 23 -30.18 -6.75 -21.41
N LEU C 24 -30.70 -6.88 -22.63
CA LEU C 24 -30.40 -8.05 -23.43
C LEU C 24 -28.90 -8.17 -23.69
N LEU C 25 -28.24 -7.03 -23.95
CA LEU C 25 -26.80 -7.04 -24.13
C LEU C 25 -26.09 -7.40 -22.83
N SER C 26 -26.60 -6.91 -21.70
CA SER C 26 -25.90 -7.07 -20.43
C SER C 26 -25.96 -8.51 -19.92
N ILE C 27 -27.10 -9.18 -20.10
CA ILE C 27 -27.26 -10.52 -19.52
C ILE C 27 -26.11 -11.45 -19.90
N PRO C 28 -25.69 -11.53 -21.17
CA PRO C 28 -24.62 -12.50 -21.50
C PRO C 28 -23.35 -12.32 -20.70
N LYS C 29 -22.93 -11.08 -20.43
CA LYS C 29 -21.65 -10.84 -19.77
C LYS C 29 -21.68 -11.07 -18.27
N LEU C 30 -22.85 -11.13 -17.65
CA LEU C 30 -22.91 -11.26 -16.20
C LEU C 30 -22.33 -12.61 -15.76
N PRO C 31 -21.50 -12.62 -14.72
CA PRO C 31 -21.05 -13.89 -14.17
C PRO C 31 -22.20 -14.65 -13.52
N ILE C 32 -22.04 -15.98 -13.48
CA ILE C 32 -23.05 -16.88 -12.92
C ILE C 32 -22.37 -17.74 -11.86
N ALA C 33 -23.02 -17.83 -10.69
CA ALA C 33 -22.52 -18.65 -9.60
C ALA C 33 -23.67 -18.96 -8.67
N ARG C 34 -23.54 -20.05 -7.91
CA ARG C 34 -24.59 -20.45 -6.99
C ARG C 34 -24.78 -19.39 -5.89
N PHE C 35 -23.70 -19.02 -5.23
CA PHE C 35 -23.74 -18.02 -4.17
C PHE C 35 -22.57 -17.05 -4.30
N PRO C 36 -22.72 -15.81 -3.80
CA PRO C 36 -21.62 -14.85 -3.86
C PRO C 36 -20.50 -15.16 -2.88
N SER C 37 -19.51 -14.27 -2.78
CA SER C 37 -18.38 -14.45 -1.88
C SER C 37 -18.75 -14.03 -0.45
N VAL C 38 -19.77 -14.71 0.08
CA VAL C 38 -20.24 -14.41 1.43
C VAL C 38 -19.23 -14.85 2.47
N ALA C 39 -18.58 -15.99 2.25
CA ALA C 39 -17.73 -16.58 3.27
C ALA C 39 -16.56 -15.65 3.62
N PRO C 40 -16.14 -15.64 4.88
CA PRO C 40 -15.00 -14.80 5.27
C PRO C 40 -13.74 -15.22 4.53
N PRO C 41 -12.96 -14.28 4.01
CA PRO C 41 -11.68 -14.64 3.40
C PRO C 41 -10.72 -15.25 4.41
N GLN C 42 -9.92 -16.20 3.95
CA GLN C 42 -8.94 -16.90 4.77
C GLN C 42 -7.57 -16.76 4.14
N VAL C 43 -6.55 -16.51 4.96
CA VAL C 43 -5.16 -16.47 4.53
C VAL C 43 -4.37 -17.44 5.40
N ASN C 44 -3.60 -18.33 4.76
CA ASN C 44 -2.87 -19.38 5.45
C ASN C 44 -1.37 -19.11 5.40
N ILE C 45 -0.72 -19.39 6.52
CA ILE C 45 0.71 -19.23 6.71
C ILE C 45 1.28 -20.59 7.08
N SER C 46 2.29 -21.03 6.34
CA SER C 46 2.90 -22.35 6.55
C SER C 46 4.37 -22.17 6.89
N ALA C 47 4.79 -22.76 8.00
CA ALA C 47 6.18 -22.76 8.43
C ALA C 47 6.58 -24.18 8.77
N THR C 48 7.77 -24.58 8.35
CA THR C 48 8.27 -25.94 8.54
C THR C 48 9.52 -25.89 9.42
N TYR C 49 9.53 -26.72 10.45
CA TYR C 49 10.69 -26.86 11.33
C TYR C 49 11.12 -28.32 11.36
N PRO C 50 11.95 -28.75 10.41
CA PRO C 50 12.32 -30.17 10.35
C PRO C 50 13.13 -30.59 11.57
N GLY C 51 12.97 -31.86 11.93
CA GLY C 51 13.60 -32.40 13.13
C GLY C 51 12.85 -32.09 14.41
N ALA C 52 11.64 -31.55 14.32
CA ALA C 52 10.84 -31.18 15.48
C ALA C 52 9.48 -31.86 15.41
N THR C 53 9.01 -32.37 16.54
CA THR C 53 7.71 -33.00 16.62
C THR C 53 6.61 -31.94 16.68
N ALA C 54 5.37 -32.37 16.90
CA ALA C 54 4.27 -31.42 16.99
C ALA C 54 4.46 -30.44 18.15
N LYS C 55 4.76 -30.97 19.34
CA LYS C 55 4.99 -30.10 20.49
C LYS C 55 6.19 -29.20 20.27
N THR C 56 7.28 -29.75 19.73
CA THR C 56 8.49 -28.97 19.55
C THR C 56 8.28 -27.81 18.59
N ILE C 57 7.67 -28.13 17.41
CA ILE C 57 7.41 -27.09 16.35
C ILE C 57 6.38 -26.12 16.91
N ASN C 58 5.44 -26.51 17.70
CA ASN C 58 4.48 -25.60 18.32
C ASN C 58 5.18 -24.65 19.26
N ASP C 59 6.11 -25.16 20.07
CA ASP C 59 6.85 -24.30 20.99
C ASP C 59 7.74 -23.33 20.23
N SER C 60 8.31 -23.76 19.10
CA SER C 60 9.36 -23.01 18.42
C SER C 60 8.85 -21.89 17.51
N VAL C 61 7.80 -22.12 16.71
CA VAL C 61 7.45 -21.18 15.65
C VAL C 61 6.03 -20.66 15.79
N VAL C 62 5.07 -21.55 16.04
CA VAL C 62 3.65 -21.16 15.94
C VAL C 62 3.33 -20.01 16.87
N THR C 63 3.70 -20.13 18.15
CA THR C 63 3.38 -19.09 19.11
C THR C 63 4.07 -17.79 18.75
N LEU C 64 5.26 -17.86 18.17
CA LEU C 64 5.98 -16.65 17.79
C LEU C 64 5.25 -15.90 16.69
N ILE C 65 4.78 -16.63 15.67
CA ILE C 65 4.12 -15.99 14.54
C ILE C 65 2.75 -15.48 14.93
N GLU C 66 2.08 -16.16 15.88
CA GLU C 66 0.69 -15.83 16.18
C GLU C 66 0.52 -14.39 16.65
N ARG C 67 1.40 -13.92 17.53
CA ARG C 67 1.17 -12.65 18.22
C ARG C 67 1.09 -11.48 17.24
N GLU C 68 2.08 -11.38 16.34
CA GLU C 68 2.09 -10.25 15.41
C GLU C 68 0.94 -10.35 14.42
N LEU C 69 0.60 -11.56 13.97
CA LEU C 69 -0.55 -11.75 13.11
C LEU C 69 -1.84 -11.32 13.78
N SER C 70 -1.90 -11.39 15.12
CA SER C 70 -3.14 -11.09 15.81
C SER C 70 -3.66 -9.69 15.49
N GLY C 71 -2.78 -8.76 15.10
CA GLY C 71 -3.14 -7.37 14.96
C GLY C 71 -3.48 -6.87 13.57
N VAL C 72 -3.85 -7.74 12.64
CA VAL C 72 -4.16 -7.30 11.28
C VAL C 72 -5.53 -6.63 11.26
N LYS C 73 -5.72 -5.72 10.31
CA LYS C 73 -7.00 -5.02 10.19
C LYS C 73 -8.09 -5.97 9.69
N ASN C 74 -9.32 -5.72 10.14
CA ASN C 74 -10.49 -6.47 9.68
C ASN C 74 -10.37 -7.96 10.00
N LEU C 75 -9.48 -8.32 10.91
CA LEU C 75 -9.35 -9.71 11.31
C LEU C 75 -10.59 -10.15 12.09
N LEU C 76 -11.08 -11.35 11.80
CA LEU C 76 -12.24 -11.91 12.49
C LEU C 76 -11.83 -12.93 13.54
N TYR C 77 -11.04 -13.93 13.18
CA TYR C 77 -10.38 -14.80 14.13
C TYR C 77 -9.11 -15.35 13.51
N TYR C 78 -8.24 -15.89 14.37
CA TYR C 78 -7.00 -16.51 13.94
C TYR C 78 -6.80 -17.81 14.70
N SER C 79 -6.33 -18.82 13.99
CA SER C 79 -6.16 -20.15 14.55
C SER C 79 -4.84 -20.73 14.07
N ALA C 80 -4.47 -21.86 14.66
CA ALA C 80 -3.21 -22.52 14.33
C ALA C 80 -3.34 -24.02 14.57
N THR C 81 -2.68 -24.80 13.72
CA THR C 81 -2.75 -26.24 13.78
C THR C 81 -1.33 -26.82 13.67
N THR C 82 -1.05 -27.85 14.47
CA THR C 82 0.26 -28.47 14.50
C THR C 82 0.11 -29.97 14.67
N ASP C 83 0.89 -30.74 13.90
CA ASP C 83 0.88 -32.19 13.97
C ASP C 83 2.26 -32.71 13.61
N THR C 84 2.38 -34.04 13.60
CA THR C 84 3.66 -34.70 13.32
C THR C 84 4.08 -34.59 11.86
N SER C 85 3.22 -34.04 10.98
CA SER C 85 3.63 -33.84 9.59
C SER C 85 4.86 -32.94 9.50
N GLY C 86 5.14 -32.16 10.54
CA GLY C 86 6.33 -31.36 10.60
C GLY C 86 6.17 -29.91 10.19
N THR C 87 4.95 -29.46 9.95
CA THR C 87 4.69 -28.10 9.50
C THR C 87 3.60 -27.47 10.34
N ALA C 88 3.63 -26.15 10.43
CA ALA C 88 2.59 -25.38 11.09
C ALA C 88 1.64 -24.81 10.04
N GLU C 89 0.39 -24.63 10.45
CA GLU C 89 -0.65 -24.11 9.56
C GLU C 89 -1.45 -23.06 10.35
N ILE C 90 -0.99 -21.81 10.27
CA ILE C 90 -1.73 -20.70 10.87
C ILE C 90 -2.74 -20.19 9.86
N THR C 91 -3.92 -19.84 10.34
CA THR C 91 -4.99 -19.33 9.50
C THR C 91 -5.53 -18.03 10.08
N ALA C 92 -5.77 -17.05 9.20
CA ALA C 92 -6.33 -15.76 9.58
C ALA C 92 -7.59 -15.55 8.75
N THR C 93 -8.71 -15.52 9.45
CA THR C 93 -10.01 -15.29 8.78
C THR C 93 -10.34 -13.81 8.93
N PHE C 94 -10.81 -13.18 7.88
CA PHE C 94 -11.07 -11.75 7.88
C PHE C 94 -12.56 -11.48 7.72
N LYS C 95 -12.98 -10.32 8.18
CA LYS C 95 -14.43 -9.97 8.17
C LYS C 95 -14.93 -10.05 6.73
N PRO C 96 -16.13 -10.63 6.51
CA PRO C 96 -16.68 -10.77 5.16
C PRO C 96 -16.74 -9.43 4.45
N GLY C 97 -16.38 -9.44 3.17
CA GLY C 97 -16.31 -8.24 2.36
C GLY C 97 -14.91 -7.66 2.24
N THR C 98 -13.97 -8.11 3.06
CA THR C 98 -12.60 -7.60 3.00
C THR C 98 -11.95 -8.02 1.68
N ASP C 99 -11.06 -7.16 1.19
CA ASP C 99 -10.32 -7.42 -0.03
C ASP C 99 -9.25 -8.47 0.26
N VAL C 100 -9.25 -9.55 -0.53
CA VAL C 100 -8.33 -10.66 -0.27
C VAL C 100 -6.89 -10.24 -0.49
N GLU C 101 -6.63 -9.49 -1.57
CA GLU C 101 -5.25 -9.07 -1.85
C GLU C 101 -4.73 -8.15 -0.74
N MET C 102 -5.55 -7.22 -0.29
CA MET C 102 -5.13 -6.33 0.79
C MET C 102 -4.84 -7.14 2.06
N ALA C 103 -5.69 -8.11 2.38
CA ALA C 103 -5.46 -8.94 3.55
C ALA C 103 -4.15 -9.71 3.43
N GLN C 104 -3.90 -10.29 2.25
CA GLN C 104 -2.67 -11.07 2.07
C GLN C 104 -1.43 -10.19 2.19
N VAL C 105 -1.46 -9.00 1.59
CA VAL C 105 -0.29 -8.12 1.67
C VAL C 105 -0.09 -7.65 3.11
N ASP C 106 -1.18 -7.37 3.83
CA ASP C 106 -1.05 -6.98 5.23
C ASP C 106 -0.44 -8.11 6.05
N VAL C 107 -0.89 -9.33 5.82
CA VAL C 107 -0.37 -10.48 6.55
C VAL C 107 1.12 -10.65 6.25
N GLN C 108 1.50 -10.51 4.98
CA GLN C 108 2.91 -10.63 4.62
C GLN C 108 3.74 -9.52 5.26
N ASN C 109 3.19 -8.31 5.32
CA ASN C 109 3.89 -7.21 5.99
C ASN C 109 4.13 -7.53 7.45
N LYS C 110 3.10 -8.04 8.14
CA LYS C 110 3.22 -8.37 9.59
C LYS C 110 4.11 -9.59 9.79
N ILE C 111 4.22 -10.50 8.83
CA ILE C 111 5.13 -11.63 8.95
C ILE C 111 6.57 -11.19 8.76
N LYS C 112 6.83 -10.32 7.77
CA LYS C 112 8.20 -9.82 7.59
C LYS C 112 8.58 -8.90 8.74
N ALA C 113 7.59 -8.27 9.38
CA ALA C 113 7.86 -7.51 10.60
C ALA C 113 8.33 -8.43 11.71
N VAL C 114 7.72 -9.60 11.85
CA VAL C 114 8.12 -10.55 12.88
C VAL C 114 9.17 -11.54 12.39
N GLU C 115 9.44 -11.57 11.08
CA GLU C 115 10.37 -12.55 10.53
C GLU C 115 11.74 -12.45 11.21
N ALA C 116 12.16 -11.25 11.57
CA ALA C 116 13.49 -11.07 12.16
C ALA C 116 13.63 -11.83 13.47
N ARG C 117 12.53 -11.99 14.21
CA ARG C 117 12.61 -12.61 15.53
C ARG C 117 12.55 -14.15 15.47
N LEU C 118 12.27 -14.72 14.31
CA LEU C 118 12.06 -16.15 14.21
C LEU C 118 13.39 -16.89 14.15
N PRO C 119 13.38 -18.20 14.43
CA PRO C 119 14.64 -18.96 14.42
C PRO C 119 15.24 -19.08 13.03
N GLN C 120 16.55 -19.35 13.00
CA GLN C 120 17.24 -19.48 11.72
C GLN C 120 16.72 -20.67 10.92
N VAL C 121 16.47 -21.80 11.59
CA VAL C 121 16.00 -22.98 10.89
C VAL C 121 14.64 -22.71 10.24
N VAL C 122 13.77 -22.00 10.95
CA VAL C 122 12.47 -21.63 10.37
C VAL C 122 12.68 -20.75 9.14
N ARG C 123 13.60 -19.79 9.24
CA ARG C 123 13.83 -18.87 8.13
C ARG C 123 14.36 -19.59 6.90
N GLN C 124 15.27 -20.55 7.09
CA GLN C 124 15.93 -21.18 5.95
C GLN C 124 14.93 -21.83 5.00
N GLN C 125 14.03 -22.67 5.54
CA GLN C 125 13.05 -23.32 4.68
C GLN C 125 12.08 -22.32 4.07
N GLY C 126 11.84 -21.22 4.76
CA GLY C 126 10.92 -20.20 4.28
C GLY C 126 9.49 -20.45 4.76
N LEU C 127 8.70 -19.39 4.75
CA LEU C 127 7.31 -19.43 5.18
C LEU C 127 6.42 -19.05 4.01
N GLN C 128 5.40 -19.86 3.74
CA GLN C 128 4.53 -19.67 2.60
C GLN C 128 3.25 -18.99 3.05
N VAL C 129 2.93 -17.85 2.45
CA VAL C 129 1.70 -17.12 2.73
C VAL C 129 0.83 -17.19 1.48
N GLU C 130 -0.38 -17.73 1.62
CA GLU C 130 -1.23 -17.95 0.46
C GLU C 130 -2.69 -17.84 0.85
N ALA C 131 -3.49 -17.31 -0.06
CA ALA C 131 -4.93 -17.15 0.14
C ALA C 131 -5.66 -18.27 -0.61
N SER C 132 -6.40 -19.09 0.12
CA SER C 132 -7.16 -20.19 -0.46
C SER C 132 -8.53 -20.22 0.20
N SER C 133 -9.37 -21.17 -0.26
CA SER C 133 -10.73 -21.28 0.22
C SER C 133 -10.97 -22.49 1.12
N SER C 134 -10.01 -23.41 1.21
CA SER C 134 -10.14 -24.60 2.05
C SER C 134 -11.39 -25.40 1.65
N GLY C 135 -11.67 -25.43 0.36
CA GLY C 135 -12.79 -26.20 -0.16
C GLY C 135 -12.54 -26.66 -1.57
N PHE C 136 -12.65 -27.96 -1.81
CA PHE C 136 -12.36 -28.51 -3.13
C PHE C 136 -13.41 -28.09 -4.14
N LEU C 137 -12.95 -27.67 -5.31
CA LEU C 137 -13.81 -27.39 -6.46
C LEU C 137 -13.94 -28.60 -7.37
N MET C 138 -12.85 -29.33 -7.59
CA MET C 138 -12.88 -30.54 -8.39
C MET C 138 -11.63 -31.36 -8.09
N LEU C 139 -11.68 -32.63 -8.48
CA LEU C 139 -10.54 -33.54 -8.39
C LEU C 139 -10.24 -34.06 -9.79
N VAL C 140 -9.01 -33.85 -10.25
CA VAL C 140 -8.57 -34.26 -11.58
C VAL C 140 -7.53 -35.35 -11.41
N GLY C 141 -7.78 -36.52 -12.00
CA GLY C 141 -6.89 -37.65 -11.83
C GLY C 141 -6.56 -38.30 -13.16
N ILE C 142 -5.54 -39.16 -13.11
CA ILE C 142 -5.09 -39.90 -14.28
C ILE C 142 -5.13 -41.37 -13.91
N ASN C 143 -6.14 -42.08 -14.42
CA ASN C 143 -6.31 -43.50 -14.18
C ASN C 143 -5.63 -44.29 -15.30
N SER C 144 -5.38 -45.58 -15.03
CA SER C 144 -4.75 -46.48 -15.99
C SER C 144 -5.68 -47.69 -16.17
N PRO C 145 -6.77 -47.53 -16.92
CA PRO C 145 -7.69 -48.66 -17.09
C PRO C 145 -7.03 -49.88 -17.70
N ASN C 146 -6.06 -49.67 -18.59
CA ASN C 146 -5.34 -50.80 -19.18
C ASN C 146 -4.31 -51.39 -18.23
N ASN C 147 -4.02 -50.72 -17.13
CA ASN C 147 -3.17 -51.20 -16.03
C ASN C 147 -1.70 -51.26 -16.40
N GLN C 148 -1.27 -50.65 -17.49
CA GLN C 148 0.15 -50.69 -17.84
C GLN C 148 1.00 -49.98 -16.79
N TYR C 149 0.52 -48.83 -16.31
CA TYR C 149 1.30 -47.95 -15.44
C TYR C 149 0.78 -48.05 -14.01
N SER C 150 1.69 -48.20 -13.05
CA SER C 150 1.33 -48.30 -11.65
C SER C 150 1.16 -46.91 -11.06
N GLU C 151 0.94 -46.85 -9.75
CA GLU C 151 0.67 -45.54 -9.09
C GLU C 151 1.91 -44.64 -9.18
N VAL C 152 3.12 -45.18 -9.09
CA VAL C 152 4.31 -44.32 -9.10
C VAL C 152 4.42 -43.58 -10.43
N ASP C 153 4.24 -44.28 -11.54
CA ASP C 153 4.35 -43.64 -12.85
C ASP C 153 3.26 -42.60 -13.04
N LEU C 154 2.02 -42.93 -12.64
CA LEU C 154 0.94 -41.96 -12.75
C LEU C 154 1.26 -40.72 -11.93
N SER C 155 1.75 -40.90 -10.71
CA SER C 155 2.06 -39.76 -9.86
C SER C 155 3.17 -38.90 -10.47
N ASP C 156 4.23 -39.53 -10.99
CA ASP C 156 5.33 -38.77 -11.54
C ASP C 156 4.87 -37.98 -12.78
N TYR C 157 4.07 -38.62 -13.64
CA TYR C 157 3.55 -37.92 -14.81
C TYR C 157 2.67 -36.76 -14.39
N LEU C 158 1.79 -36.97 -13.40
CA LEU C 158 0.88 -35.92 -12.97
C LEU C 158 1.63 -34.73 -12.39
N VAL C 159 2.63 -35.00 -11.53
CA VAL C 159 3.38 -33.92 -10.90
C VAL C 159 4.22 -33.18 -11.95
N ARG C 160 4.94 -33.93 -12.79
CA ARG C 160 5.80 -33.30 -13.78
C ARG C 160 5.00 -32.49 -14.79
N ASN C 161 3.90 -33.04 -15.29
CA ASN C 161 3.17 -32.47 -16.42
C ASN C 161 1.92 -31.72 -15.96
N VAL C 162 0.98 -32.40 -15.28
CA VAL C 162 -0.38 -31.88 -15.18
C VAL C 162 -0.48 -30.81 -14.09
N VAL C 163 0.19 -31.01 -12.96
CA VAL C 163 0.03 -30.08 -11.85
C VAL C 163 0.45 -28.67 -12.25
N GLU C 164 1.62 -28.55 -12.88
CA GLU C 164 2.12 -27.24 -13.26
C GLU C 164 1.21 -26.58 -14.29
N GLU C 165 0.72 -27.34 -15.27
CA GLU C 165 -0.17 -26.77 -16.26
C GLU C 165 -1.46 -26.28 -15.62
N LEU C 166 -2.04 -27.07 -14.72
CA LEU C 166 -3.32 -26.71 -14.12
C LEU C 166 -3.18 -25.52 -13.19
N LYS C 167 -2.09 -25.43 -12.45
CA LYS C 167 -1.93 -24.34 -11.44
C LYS C 167 -1.81 -22.98 -12.14
N ARG C 168 -1.55 -22.96 -13.44
CA ARG C 168 -1.42 -21.68 -14.20
C ARG C 168 -2.80 -21.18 -14.56
N VAL C 169 -3.79 -22.07 -14.67
CA VAL C 169 -5.12 -21.68 -15.12
C VAL C 169 -5.72 -20.64 -14.19
N GLU C 170 -6.53 -19.75 -14.77
CA GLU C 170 -7.13 -18.66 -14.00
C GLU C 170 -8.07 -19.21 -12.93
N GLY C 171 -8.05 -18.56 -11.77
CA GLY C 171 -8.93 -18.89 -10.68
C GLY C 171 -8.45 -20.00 -9.78
N VAL C 172 -7.39 -20.71 -10.14
CA VAL C 172 -6.89 -21.82 -9.35
C VAL C 172 -6.11 -21.27 -8.15
N GLY C 173 -6.74 -21.28 -6.98
CA GLY C 173 -6.06 -20.80 -5.78
C GLY C 173 -4.85 -21.64 -5.45
N LYS C 174 -5.05 -22.96 -5.43
CA LYS C 174 -3.93 -23.90 -5.17
C LYS C 174 -4.25 -25.28 -5.74
N VAL C 175 -3.25 -26.01 -6.19
CA VAL C 175 -3.41 -27.38 -6.66
C VAL C 175 -2.73 -28.29 -5.65
N GLN C 176 -3.54 -29.09 -4.94
CA GLN C 176 -3.02 -30.01 -3.94
C GLN C 176 -2.82 -31.38 -4.59
N SER C 177 -1.58 -31.75 -4.79
CA SER C 177 -1.26 -33.03 -5.40
C SER C 177 -1.22 -34.12 -4.34
N PHE C 178 -1.83 -35.27 -4.67
CA PHE C 178 -1.84 -36.43 -3.79
C PHE C 178 -0.88 -37.50 -4.30
N GLY C 179 0.14 -37.08 -5.04
CA GLY C 179 1.18 -37.98 -5.49
C GLY C 179 2.51 -37.28 -5.38
N ALA C 180 3.57 -38.06 -5.51
CA ALA C 180 4.93 -37.56 -5.33
C ALA C 180 5.79 -37.90 -6.54
N GLU C 181 6.82 -37.08 -6.75
CA GLU C 181 7.71 -37.26 -7.88
C GLU C 181 8.57 -38.50 -7.70
N LYS C 182 9.03 -39.06 -8.83
CA LYS C 182 9.99 -40.15 -8.77
C LYS C 182 11.32 -39.65 -8.21
N ALA C 183 12.00 -40.55 -7.51
CA ALA C 183 13.29 -40.27 -6.89
C ALA C 183 13.97 -41.59 -6.59
N MET C 184 15.29 -41.55 -6.51
CA MET C 184 16.07 -42.78 -6.27
C MET C 184 16.15 -43.03 -4.77
N ARG C 185 15.55 -44.13 -4.33
CA ARG C 185 15.47 -44.51 -2.93
C ARG C 185 16.49 -45.61 -2.66
N ILE C 186 17.32 -45.40 -1.64
CA ILE C 186 18.30 -46.39 -1.21
C ILE C 186 17.78 -47.01 0.08
N TRP C 187 17.32 -48.26 -0.01
CA TRP C 187 16.82 -49.00 1.13
C TRP C 187 17.96 -49.82 1.73
N VAL C 188 18.45 -49.39 2.88
CA VAL C 188 19.66 -49.91 3.49
C VAL C 188 19.29 -50.99 4.49
N ASP C 189 19.93 -52.16 4.38
CA ASP C 189 19.76 -53.21 5.37
C ASP C 189 20.78 -53.01 6.48
N PRO C 190 20.35 -52.68 7.70
CA PRO C 190 21.34 -52.34 8.74
C PRO C 190 22.17 -53.52 9.20
N ASN C 191 21.69 -54.76 9.03
CA ASN C 191 22.46 -55.91 9.50
C ASN C 191 23.78 -56.03 8.76
N LYS C 192 23.77 -55.81 7.46
CA LYS C 192 25.00 -55.92 6.64
C LYS C 192 25.95 -54.78 6.99
N LEU C 193 25.44 -53.59 7.34
CA LEU C 193 26.30 -52.44 7.58
C LEU C 193 27.31 -52.71 8.67
N VAL C 194 26.86 -53.24 9.81
CA VAL C 194 27.77 -53.48 10.92
C VAL C 194 28.75 -54.59 10.60
N SER C 195 28.28 -55.65 9.93
CA SER C 195 29.16 -56.75 9.58
C SER C 195 30.28 -56.29 8.66
N TYR C 196 29.96 -55.44 7.70
CA TYR C 196 30.96 -54.92 6.73
C TYR C 196 31.75 -53.78 7.37
N GLY C 197 31.37 -53.32 8.54
CA GLY C 197 32.08 -52.25 9.21
C GLY C 197 31.73 -50.85 8.75
N LEU C 198 30.65 -50.68 8.00
CA LEU C 198 30.25 -49.37 7.49
C LEU C 198 29.14 -48.78 8.34
N SER C 199 28.90 -47.49 8.14
CA SER C 199 27.84 -46.76 8.80
C SER C 199 27.11 -45.92 7.76
N ILE C 200 25.88 -45.51 8.11
CA ILE C 200 25.08 -44.69 7.20
C ILE C 200 25.82 -43.44 6.75
N SER C 201 26.73 -42.91 7.59
CA SER C 201 27.53 -41.76 7.17
C SER C 201 28.37 -42.10 5.95
N ASP C 202 28.93 -43.32 5.90
CA ASP C 202 29.73 -43.72 4.75
C ASP C 202 28.88 -43.74 3.48
N VAL C 203 27.67 -44.30 3.56
CA VAL C 203 26.80 -44.35 2.40
C VAL C 203 26.45 -42.95 1.93
N ASN C 204 26.06 -42.08 2.87
CA ASN C 204 25.70 -40.72 2.50
C ASN C 204 26.88 -39.99 1.87
N ASN C 205 28.08 -40.15 2.44
CA ASN C 205 29.25 -39.47 1.91
C ASN C 205 29.60 -39.99 0.52
N ALA C 206 29.49 -41.30 0.30
CA ALA C 206 29.76 -41.84 -1.03
C ALA C 206 28.76 -41.29 -2.04
N ILE C 207 27.49 -41.23 -1.68
CA ILE C 207 26.50 -40.68 -2.60
C ILE C 207 26.76 -39.20 -2.86
N ARG C 208 27.23 -38.46 -1.85
CA ARG C 208 27.59 -37.07 -2.07
C ARG C 208 28.73 -36.93 -3.05
N GLU C 209 29.81 -37.69 -2.84
CA GLU C 209 31.03 -37.47 -3.61
C GLU C 209 30.88 -37.98 -5.04
N ASN C 210 30.26 -39.15 -5.24
CA ASN C 210 30.17 -39.70 -6.58
C ASN C 210 29.21 -38.89 -7.45
N ASN C 211 28.19 -38.29 -6.85
CA ASN C 211 27.29 -37.37 -7.53
C ASN C 211 27.68 -35.97 -7.08
N VAL C 212 28.45 -35.27 -7.91
CA VAL C 212 29.18 -34.09 -7.47
C VAL C 212 28.71 -32.80 -8.11
N GLU C 213 28.09 -32.83 -9.29
CA GLU C 213 27.70 -31.60 -9.96
C GLU C 213 28.90 -30.70 -10.22
N ILE C 214 29.81 -31.14 -11.09
CA ILE C 214 30.96 -30.32 -11.44
C ILE C 214 30.48 -29.00 -12.02
N ALA C 215 31.29 -27.95 -11.83
CA ALA C 215 30.90 -26.60 -12.19
C ALA C 215 31.24 -26.31 -13.65
N PRO C 216 30.38 -25.59 -14.38
CA PRO C 216 30.69 -25.23 -15.76
C PRO C 216 31.79 -24.17 -15.83
N GLY C 217 32.49 -24.15 -16.97
CA GLY C 217 33.52 -23.17 -17.21
C GLY C 217 33.65 -22.86 -18.69
N ARG C 218 34.67 -22.07 -19.02
CA ARG C 218 34.90 -21.64 -20.39
C ARG C 218 36.38 -21.72 -20.73
N LEU C 219 36.67 -21.90 -22.02
CA LEU C 219 38.04 -21.87 -22.52
C LEU C 219 38.37 -20.50 -23.09
N GLY C 220 39.62 -20.08 -22.90
CA GLY C 220 40.06 -18.80 -23.42
C GLY C 220 39.34 -17.62 -22.84
N ASP C 221 39.10 -17.61 -21.53
CA ASP C 221 38.43 -16.49 -20.87
C ASP C 221 39.44 -15.42 -20.47
N LEU C 222 38.94 -14.20 -20.32
CA LEU C 222 39.78 -13.08 -19.96
C LEU C 222 40.26 -13.22 -18.52
N PRO C 223 41.54 -12.92 -18.22
CA PRO C 223 42.57 -12.46 -19.17
C PRO C 223 43.04 -13.57 -20.11
N ALA C 224 43.44 -13.19 -21.32
CA ALA C 224 43.75 -14.15 -22.37
C ALA C 224 45.13 -13.86 -22.95
N GLU C 225 45.73 -14.90 -23.54
CA GLU C 225 47.01 -14.76 -24.19
C GLU C 225 46.89 -13.91 -25.44
N LYS C 226 48.02 -13.35 -25.86
CA LYS C 226 48.06 -12.65 -27.13
C LYS C 226 48.00 -13.64 -28.28
N GLY C 227 47.06 -13.43 -29.19
CA GLY C 227 46.87 -14.31 -30.32
C GLY C 227 45.82 -15.37 -30.16
N GLN C 228 45.00 -15.31 -29.12
CA GLN C 228 43.90 -16.26 -28.94
C GLN C 228 42.73 -15.84 -29.82
N LEU C 229 42.27 -16.76 -30.67
CA LEU C 229 41.20 -16.48 -31.61
C LEU C 229 39.91 -17.26 -31.34
N ILE C 230 39.95 -18.27 -30.48
CA ILE C 230 38.79 -19.13 -30.25
C ILE C 230 38.52 -19.22 -28.75
N THR C 231 37.25 -19.03 -28.38
CA THR C 231 36.78 -19.24 -27.01
C THR C 231 35.57 -20.17 -27.06
N ILE C 232 35.57 -21.19 -26.22
CA ILE C 232 34.53 -22.22 -26.27
C ILE C 232 34.10 -22.61 -24.86
N PRO C 233 32.80 -22.55 -24.53
CA PRO C 233 32.36 -23.08 -23.24
C PRO C 233 32.62 -24.58 -23.14
N LEU C 234 32.93 -25.04 -21.93
CA LEU C 234 33.18 -26.46 -21.69
C LEU C 234 32.53 -26.86 -20.37
N SER C 235 32.01 -28.08 -20.35
CA SER C 235 31.38 -28.63 -19.15
C SER C 235 31.82 -30.07 -18.98
N ALA C 236 31.73 -30.57 -17.75
CA ALA C 236 32.08 -31.94 -17.44
C ALA C 236 30.96 -32.59 -16.66
N GLN C 237 30.50 -33.74 -17.13
CA GLN C 237 29.44 -34.48 -16.45
C GLN C 237 30.04 -35.34 -15.35
N GLY C 238 29.57 -35.14 -14.13
CA GLY C 238 30.06 -35.89 -12.99
C GLY C 238 28.96 -36.56 -12.21
N GLN C 239 27.72 -36.46 -12.69
CA GLN C 239 26.59 -37.02 -11.99
C GLN C 239 26.30 -38.44 -12.47
N LEU C 240 25.82 -39.28 -11.56
CA LEU C 240 25.36 -40.61 -11.93
C LEU C 240 24.08 -40.50 -12.76
N SER C 241 24.00 -41.32 -13.81
CA SER C 241 22.93 -41.20 -14.80
C SER C 241 21.68 -42.02 -14.45
N SER C 242 21.84 -43.31 -14.17
CA SER C 242 20.68 -44.19 -14.00
C SER C 242 20.94 -45.14 -12.85
N LEU C 243 20.11 -46.18 -12.77
CA LEU C 243 20.17 -47.11 -11.65
C LEU C 243 21.52 -47.82 -11.59
N GLU C 244 22.04 -48.24 -12.73
CA GLU C 244 23.22 -49.11 -12.75
C GLU C 244 24.39 -48.46 -12.02
N GLN C 245 24.66 -47.18 -12.30
CA GLN C 245 25.78 -46.52 -11.66
C GLN C 245 25.58 -46.43 -10.15
N PHE C 246 24.36 -46.14 -9.70
CA PHE C 246 24.09 -46.05 -8.27
C PHE C 246 24.29 -47.40 -7.59
N LYS C 247 23.84 -48.49 -8.23
CA LYS C 247 24.08 -49.81 -7.65
C LYS C 247 25.57 -50.15 -7.66
N ASN C 248 26.35 -49.47 -8.50
CA ASN C 248 27.77 -49.73 -8.66
C ASN C 248 28.64 -48.74 -7.89
N ILE C 249 28.04 -47.92 -7.02
CA ILE C 249 28.80 -46.94 -6.26
C ILE C 249 29.84 -47.65 -5.41
N SER C 250 31.10 -47.21 -5.52
CA SER C 250 32.18 -47.82 -4.76
C SER C 250 32.17 -47.32 -3.32
N LEU C 251 32.40 -48.24 -2.38
CA LEU C 251 32.49 -47.93 -0.96
C LEU C 251 33.63 -48.73 -0.35
N LYS C 252 34.48 -48.07 0.40
CA LYS C 252 35.60 -48.77 1.03
C LYS C 252 35.14 -49.46 2.31
N SER C 253 35.39 -50.77 2.38
CA SER C 253 34.96 -51.60 3.50
C SER C 253 36.13 -51.78 4.46
N LYS C 254 35.88 -51.54 5.75
CA LYS C 254 36.97 -51.56 6.73
C LYS C 254 37.49 -52.98 6.94
N THR C 255 36.59 -53.94 7.17
CA THR C 255 37.01 -55.27 7.59
C THR C 255 37.80 -55.99 6.50
N ASN C 256 37.24 -56.06 5.30
CA ASN C 256 37.90 -56.86 4.24
C ASN C 256 39.07 -56.10 3.64
N GLY C 257 39.05 -54.76 3.64
CA GLY C 257 40.11 -53.97 3.04
C GLY C 257 40.00 -53.79 1.54
N SER C 258 38.90 -54.22 0.93
CA SER C 258 38.70 -54.10 -0.50
C SER C 258 37.39 -53.36 -0.77
N VAL C 259 37.31 -52.76 -1.95
CA VAL C 259 36.15 -51.95 -2.30
C VAL C 259 34.94 -52.85 -2.53
N ILE C 260 33.77 -52.41 -2.06
CA ILE C 260 32.50 -53.08 -2.28
C ILE C 260 31.59 -52.12 -3.01
N LYS C 261 30.38 -52.61 -3.33
CA LYS C 261 29.43 -51.84 -4.11
C LYS C 261 28.19 -51.53 -3.26
N LEU C 262 27.51 -50.44 -3.64
CA LEU C 262 26.33 -50.02 -2.90
C LEU C 262 25.26 -51.10 -2.86
N SER C 263 25.16 -51.91 -3.92
CA SER C 263 24.18 -52.98 -3.93
C SER C 263 24.40 -53.95 -2.78
N ASP C 264 25.63 -54.06 -2.29
CA ASP C 264 25.92 -54.99 -1.21
C ASP C 264 25.21 -54.58 0.07
N VAL C 265 25.15 -53.28 0.36
CA VAL C 265 24.65 -52.78 1.63
C VAL C 265 23.32 -52.04 1.47
N ALA C 266 22.67 -52.15 0.31
CA ALA C 266 21.41 -51.47 0.11
C ALA C 266 20.83 -51.90 -1.24
N ASN C 267 19.50 -51.73 -1.36
CA ASN C 267 18.79 -51.94 -2.61
C ASN C 267 18.39 -50.56 -3.15
N VAL C 268 18.76 -50.29 -4.40
CA VAL C 268 18.50 -49.01 -5.03
C VAL C 268 17.29 -49.16 -5.96
N GLU C 269 16.30 -48.30 -5.79
CA GLU C 269 15.09 -48.37 -6.61
C GLU C 269 14.67 -46.96 -6.97
N ILE C 270 13.67 -46.87 -7.85
CA ILE C 270 13.04 -45.61 -8.22
C ILE C 270 11.61 -45.64 -7.70
N GLY C 271 11.25 -44.65 -6.90
CA GLY C 271 9.92 -44.64 -6.29
C GLY C 271 9.53 -43.25 -5.87
N SER C 272 8.33 -43.15 -5.31
CA SER C 272 7.81 -41.85 -4.90
C SER C 272 8.73 -41.18 -3.89
N GLN C 273 8.86 -39.86 -4.03
CA GLN C 273 9.63 -39.10 -3.06
C GLN C 273 9.02 -39.22 -1.66
N ALA C 274 7.70 -39.15 -1.58
CA ALA C 274 6.97 -39.35 -0.33
C ALA C 274 5.83 -40.33 -0.58
N TYR C 275 5.54 -41.14 0.45
CA TYR C 275 4.49 -42.15 0.39
C TYR C 275 3.32 -41.81 1.30
N ASN C 276 3.07 -40.52 1.52
CA ASN C 276 2.09 -40.11 2.53
C ASN C 276 0.67 -40.43 2.10
N PHE C 277 0.30 -40.10 0.86
CA PHE C 277 -1.08 -40.10 0.41
C PHE C 277 -1.30 -41.14 -0.68
N ALA C 278 -2.56 -41.56 -0.82
CA ALA C 278 -2.96 -42.52 -1.83
C ALA C 278 -4.39 -42.21 -2.26
N ILE C 279 -4.77 -42.74 -3.43
CA ILE C 279 -6.06 -42.45 -4.02
C ILE C 279 -6.73 -43.75 -4.45
N LEU C 280 -8.05 -43.80 -4.35
CA LEU C 280 -8.86 -44.90 -4.85
C LEU C 280 -10.04 -44.29 -5.60
N GLU C 281 -10.06 -44.40 -6.94
CA GLU C 281 -11.09 -43.71 -7.76
C GLU C 281 -12.44 -44.42 -7.66
N ASN C 282 -12.50 -45.71 -7.87
CA ASN C 282 -13.70 -46.51 -7.68
C ASN C 282 -13.28 -47.86 -7.11
N GLY C 283 -12.39 -47.84 -6.12
CA GLY C 283 -11.74 -49.04 -5.64
C GLY C 283 -10.54 -49.46 -6.46
N LYS C 284 -10.20 -48.72 -7.50
CA LYS C 284 -9.06 -48.98 -8.36
C LYS C 284 -7.98 -47.94 -8.09
N PRO C 285 -6.75 -48.34 -7.74
CA PRO C 285 -5.72 -47.34 -7.45
C PRO C 285 -5.50 -46.39 -8.63
N ALA C 286 -5.29 -45.13 -8.30
CA ALA C 286 -5.08 -44.09 -9.30
C ALA C 286 -4.38 -42.91 -8.62
N THR C 287 -4.28 -41.79 -9.33
CA THR C 287 -3.70 -40.57 -8.79
C THR C 287 -4.64 -39.41 -9.10
N ALA C 288 -4.65 -38.43 -8.19
CA ALA C 288 -5.55 -37.30 -8.34
C ALA C 288 -4.94 -36.07 -7.68
N ALA C 289 -5.41 -34.91 -8.12
CA ALA C 289 -5.05 -33.64 -7.52
C ALA C 289 -6.31 -32.80 -7.35
N ALA C 290 -6.37 -32.09 -6.24
CA ALA C 290 -7.53 -31.28 -5.88
C ALA C 290 -7.30 -29.83 -6.30
N ILE C 291 -8.31 -29.24 -6.94
CA ILE C 291 -8.25 -27.88 -7.44
C ILE C 291 -9.10 -27.01 -6.52
N GLN C 292 -8.47 -26.00 -5.92
CA GLN C 292 -9.16 -25.01 -5.11
C GLN C 292 -9.17 -23.67 -5.85
N LEU C 293 -10.07 -22.79 -5.44
CA LEU C 293 -10.24 -21.50 -6.07
C LEU C 293 -9.88 -20.40 -5.08
N SER C 294 -9.29 -19.32 -5.60
CA SER C 294 -8.92 -18.20 -4.76
C SER C 294 -10.18 -17.55 -4.19
N PRO C 295 -10.15 -17.03 -2.97
CA PRO C 295 -11.34 -16.38 -2.41
C PRO C 295 -11.78 -15.20 -3.29
N GLY C 296 -13.00 -15.31 -3.80
CA GLY C 296 -13.56 -14.29 -4.66
C GLY C 296 -13.49 -14.59 -6.15
N ALA C 297 -13.48 -15.86 -6.55
CA ALA C 297 -13.43 -16.25 -7.94
C ALA C 297 -14.71 -17.00 -8.29
N ASN C 298 -14.94 -17.19 -9.59
CA ASN C 298 -16.13 -17.87 -10.08
C ASN C 298 -15.82 -19.34 -10.31
N ALA C 299 -16.68 -20.21 -9.76
CA ALA C 299 -16.43 -21.64 -9.83
C ALA C 299 -16.60 -22.17 -11.24
N VAL C 300 -17.65 -21.73 -11.94
CA VAL C 300 -17.95 -22.30 -13.26
C VAL C 300 -16.83 -21.97 -14.24
N LYS C 301 -16.38 -20.72 -14.26
CA LYS C 301 -15.34 -20.33 -15.21
C LYS C 301 -14.02 -21.03 -14.91
N THR C 302 -13.67 -21.13 -13.63
CA THR C 302 -12.44 -21.83 -13.26
C THR C 302 -12.51 -23.30 -13.64
N ALA C 303 -13.65 -23.95 -13.40
CA ALA C 303 -13.80 -25.35 -13.80
C ALA C 303 -13.72 -25.49 -15.32
N GLU C 304 -14.34 -24.57 -16.07
CA GLU C 304 -14.26 -24.62 -17.52
C GLU C 304 -12.81 -24.49 -17.98
N GLY C 305 -12.05 -23.57 -17.37
CA GLY C 305 -10.66 -23.41 -17.75
C GLY C 305 -9.83 -24.64 -17.44
N VAL C 306 -10.07 -25.25 -16.27
CA VAL C 306 -9.34 -26.46 -15.90
C VAL C 306 -9.65 -27.58 -16.88
N ARG C 307 -10.93 -27.75 -17.22
CA ARG C 307 -11.29 -28.81 -18.17
C ARG C 307 -10.72 -28.53 -19.55
N ALA C 308 -10.66 -27.26 -19.96
CA ALA C 308 -10.05 -26.92 -21.24
C ALA C 308 -8.57 -27.26 -21.24
N LYS C 309 -7.87 -26.93 -20.15
CA LYS C 309 -6.45 -27.28 -20.08
C LYS C 309 -6.26 -28.80 -20.11
N ILE C 310 -7.13 -29.54 -19.41
CA ILE C 310 -7.06 -30.99 -19.46
C ILE C 310 -7.25 -31.47 -20.89
N GLU C 311 -8.24 -30.92 -21.60
CA GLU C 311 -8.45 -31.28 -22.99
C GLU C 311 -7.21 -31.02 -23.83
N GLU C 312 -6.55 -29.88 -23.60
CA GLU C 312 -5.30 -29.60 -24.28
C GLU C 312 -4.27 -30.68 -23.99
N LEU C 313 -4.20 -31.13 -22.73
CA LEU C 313 -3.22 -32.15 -22.36
C LEU C 313 -3.62 -33.55 -22.82
N LYS C 314 -4.81 -33.72 -23.36
CA LYS C 314 -5.21 -35.05 -23.86
C LYS C 314 -4.55 -35.28 -25.22
N LEU C 315 -3.92 -34.27 -25.81
CA LEU C 315 -3.18 -34.45 -27.06
C LEU C 315 -1.87 -35.21 -26.82
N ASN C 316 -1.15 -34.86 -25.77
CA ASN C 316 0.14 -35.46 -25.46
C ASN C 316 0.04 -36.58 -24.43
N LEU C 317 -1.16 -37.01 -24.09
CA LEU C 317 -1.30 -38.09 -23.13
C LEU C 317 -0.68 -39.36 -23.68
N PRO C 318 0.30 -39.96 -22.98
CA PRO C 318 0.83 -41.24 -23.43
C PRO C 318 -0.22 -42.33 -23.33
N GLU C 319 -0.14 -43.29 -24.25
CA GLU C 319 -1.11 -44.39 -24.27
C GLU C 319 -1.07 -45.15 -22.95
N GLY C 320 -2.24 -45.50 -22.43
CA GLY C 320 -2.37 -46.19 -21.17
C GLY C 320 -2.81 -45.30 -20.01
N MET C 321 -2.81 -43.98 -20.20
CA MET C 321 -3.26 -43.04 -19.18
C MET C 321 -4.50 -42.33 -19.68
N GLU C 322 -5.49 -42.18 -18.79
CA GLU C 322 -6.76 -41.55 -19.13
C GLU C 322 -7.13 -40.55 -18.05
N PHE C 323 -7.45 -39.33 -18.46
CA PHE C 323 -7.89 -38.30 -17.53
C PHE C 323 -9.31 -38.59 -17.04
N SER C 324 -9.56 -38.19 -15.79
CA SER C 324 -10.87 -38.35 -15.18
C SER C 324 -11.13 -37.20 -14.21
N ILE C 325 -12.40 -36.84 -14.08
CA ILE C 325 -12.82 -35.79 -13.15
C ILE C 325 -13.97 -36.37 -12.32
N PRO C 326 -13.70 -37.29 -11.39
CA PRO C 326 -14.80 -37.92 -10.66
C PRO C 326 -15.65 -36.95 -9.86
N TYR C 327 -15.04 -35.89 -9.32
CA TYR C 327 -15.72 -34.95 -8.44
C TYR C 327 -15.66 -33.57 -9.04
N ASP C 328 -16.82 -32.93 -9.20
CA ASP C 328 -16.92 -31.60 -9.77
C ASP C 328 -18.19 -30.95 -9.27
N THR C 329 -18.06 -29.77 -8.66
CA THR C 329 -19.21 -29.05 -8.12
C THR C 329 -19.76 -28.00 -9.08
N ALA C 330 -18.98 -27.60 -10.09
CA ALA C 330 -19.42 -26.59 -11.04
C ALA C 330 -20.72 -27.01 -11.73
N PRO C 331 -20.87 -28.26 -12.16
CA PRO C 331 -22.10 -28.64 -12.87
C PRO C 331 -23.37 -28.33 -12.09
N PHE C 332 -23.33 -28.42 -10.77
CA PHE C 332 -24.53 -28.10 -9.98
C PHE C 332 -24.98 -26.67 -10.21
N VAL C 333 -24.04 -25.72 -10.33
CA VAL C 333 -24.41 -24.31 -10.36
C VAL C 333 -25.54 -24.08 -11.35
N LYS C 334 -25.31 -24.43 -12.61
CA LYS C 334 -26.31 -24.17 -13.64
C LYS C 334 -27.65 -24.79 -13.27
N ILE C 335 -27.66 -26.06 -12.86
CA ILE C 335 -28.94 -26.72 -12.62
C ILE C 335 -29.73 -25.98 -11.56
N SER C 336 -29.04 -25.34 -10.61
CA SER C 336 -29.75 -24.52 -9.63
C SER C 336 -30.41 -23.33 -10.30
N ILE C 337 -29.63 -22.55 -11.04
CA ILE C 337 -30.16 -21.31 -11.61
C ILE C 337 -31.36 -21.60 -12.49
N GLU C 338 -31.27 -22.66 -13.24
CA GLU C 338 -32.30 -23.03 -14.22
C GLU C 338 -33.60 -23.36 -13.51
N LYS C 339 -33.61 -23.89 -12.30
CA LYS C 339 -34.80 -24.09 -11.51
C LYS C 339 -35.40 -22.75 -11.08
N VAL C 340 -34.54 -21.84 -10.61
CA VAL C 340 -35.05 -20.54 -10.19
C VAL C 340 -35.74 -19.85 -11.35
N ILE C 341 -35.12 -19.87 -12.54
CA ILE C 341 -35.74 -19.28 -13.71
C ILE C 341 -37.06 -19.98 -14.01
N HIS C 342 -37.11 -21.29 -13.80
CA HIS C 342 -38.38 -22.00 -13.98
C HIS C 342 -39.43 -21.48 -13.01
N THR C 343 -39.03 -21.21 -11.76
CA THR C 343 -39.95 -20.58 -10.82
C THR C 343 -40.18 -19.12 -11.18
N LEU C 344 -39.24 -18.51 -11.92
CA LEU C 344 -39.41 -17.11 -12.32
C LEU C 344 -40.51 -16.99 -13.37
N LEU C 345 -40.31 -17.61 -14.54
CA LEU C 345 -41.30 -17.50 -15.61
C LEU C 345 -42.68 -17.92 -15.11
N GLU C 346 -42.76 -19.05 -14.41
CA GLU C 346 -44.04 -19.49 -13.88
C GLU C 346 -44.70 -18.36 -13.09
N ALA C 347 -43.97 -17.76 -12.15
CA ALA C 347 -44.56 -16.68 -11.38
C ALA C 347 -45.17 -15.64 -12.31
N MET C 348 -44.43 -15.21 -13.32
CA MET C 348 -44.94 -14.19 -14.23
C MET C 348 -46.32 -14.57 -14.75
N VAL C 349 -46.46 -15.79 -15.27
CA VAL C 349 -47.74 -16.14 -15.88
C VAL C 349 -48.84 -16.09 -14.83
N LEU C 350 -48.57 -16.61 -13.63
CA LEU C 350 -49.56 -16.50 -12.58
C LEU C 350 -49.86 -15.04 -12.29
N VAL C 351 -48.81 -14.21 -12.17
CA VAL C 351 -49.04 -12.78 -11.96
C VAL C 351 -49.89 -12.24 -13.09
N PHE C 352 -49.64 -12.68 -14.32
CA PHE C 352 -50.49 -12.28 -15.43
C PHE C 352 -51.91 -12.80 -15.25
N ILE C 353 -52.04 -14.11 -14.99
CA ILE C 353 -53.34 -14.76 -15.08
C ILE C 353 -54.36 -14.02 -14.24
N VAL C 354 -54.10 -13.91 -12.93
CA VAL C 354 -55.07 -13.33 -12.03
C VAL C 354 -55.44 -11.91 -12.47
N MET C 355 -54.46 -11.13 -12.94
CA MET C 355 -54.79 -9.79 -13.40
C MET C 355 -55.91 -9.83 -14.42
N TYR C 356 -55.76 -10.65 -15.45
CA TYR C 356 -56.83 -10.75 -16.45
C TYR C 356 -58.13 -11.16 -15.78
N LEU C 357 -58.07 -12.14 -14.86
CA LEU C 357 -59.28 -12.62 -14.21
C LEU C 357 -60.06 -11.47 -13.57
N PHE C 358 -59.33 -10.46 -13.12
CA PHE C 358 -59.95 -9.29 -12.46
C PHE C 358 -60.34 -8.28 -13.54
N LEU C 359 -59.48 -8.06 -14.54
CA LEU C 359 -59.73 -7.05 -15.56
C LEU C 359 -60.80 -7.51 -16.54
N HIS C 360 -60.92 -8.82 -16.73
CA HIS C 360 -61.85 -9.49 -17.64
C HIS C 360 -61.73 -8.95 -19.07
N ASN C 361 -60.64 -8.26 -19.40
CA ASN C 361 -60.36 -7.78 -20.74
C ASN C 361 -58.86 -7.85 -20.95
N VAL C 362 -58.44 -8.51 -22.04
CA VAL C 362 -57.02 -8.78 -22.24
C VAL C 362 -56.25 -7.47 -22.44
N ARG C 363 -56.80 -6.56 -23.23
CA ARG C 363 -56.03 -5.37 -23.59
C ARG C 363 -55.69 -4.53 -22.37
N TYR C 364 -56.58 -4.48 -21.39
CA TYR C 364 -56.23 -3.82 -20.12
C TYR C 364 -55.08 -4.55 -19.43
N THR C 365 -55.08 -5.88 -19.48
CA THR C 365 -54.07 -6.65 -18.77
C THR C 365 -52.71 -6.57 -19.46
N LEU C 366 -52.67 -6.21 -20.74
CA LEU C 366 -51.38 -6.11 -21.42
C LEU C 366 -50.46 -5.06 -20.78
N ILE C 367 -51.01 -3.90 -20.43
CA ILE C 367 -50.16 -2.79 -19.99
C ILE C 367 -49.32 -3.16 -18.76
N PRO C 368 -49.89 -3.72 -17.70
CA PRO C 368 -49.03 -4.10 -16.55
C PRO C 368 -47.96 -5.12 -16.92
N ALA C 369 -48.25 -6.02 -17.86
CA ALA C 369 -47.32 -7.11 -18.13
C ALA C 369 -45.99 -6.60 -18.69
N ILE C 370 -46.04 -5.65 -19.62
CA ILE C 370 -44.83 -5.19 -20.29
C ILE C 370 -43.89 -4.49 -19.30
N VAL C 371 -44.45 -3.97 -18.21
CA VAL C 371 -43.62 -3.24 -17.25
C VAL C 371 -42.56 -4.14 -16.65
N ALA C 372 -42.93 -5.36 -16.27
CA ALA C 372 -42.00 -6.23 -15.56
C ALA C 372 -40.75 -6.55 -16.37
N PRO C 373 -40.85 -7.11 -17.59
CA PRO C 373 -39.60 -7.50 -18.29
C PRO C 373 -38.61 -6.36 -18.43
N ILE C 374 -39.10 -5.14 -18.70
CA ILE C 374 -38.20 -4.00 -18.84
C ILE C 374 -37.51 -3.71 -17.51
N ALA C 375 -38.26 -3.79 -16.41
CA ALA C 375 -37.68 -3.54 -15.09
C ALA C 375 -36.61 -4.58 -14.77
N LEU C 376 -36.89 -5.85 -15.05
CA LEU C 376 -35.89 -6.89 -14.79
C LEU C 376 -34.66 -6.71 -15.68
N LEU C 377 -34.85 -6.32 -16.93
CA LEU C 377 -33.70 -6.07 -17.81
C LEU C 377 -32.86 -4.91 -17.30
N GLY C 378 -33.50 -3.83 -16.86
CA GLY C 378 -32.77 -2.73 -16.26
C GLY C 378 -32.05 -3.15 -15.00
N THR C 379 -32.66 -4.04 -14.22
CA THR C 379 -31.99 -4.58 -13.04
C THR C 379 -30.74 -5.36 -13.44
N PHE C 380 -30.82 -6.14 -14.52
CA PHE C 380 -29.65 -6.83 -15.03
C PHE C 380 -28.56 -5.85 -15.45
N THR C 381 -28.95 -4.75 -16.09
CA THR C 381 -27.97 -3.74 -16.48
C THR C 381 -27.29 -3.13 -15.26
N VAL C 382 -28.07 -2.82 -14.22
CA VAL C 382 -27.50 -2.23 -13.02
C VAL C 382 -26.58 -3.24 -12.32
N MET C 383 -26.95 -4.52 -12.36
CA MET C 383 -26.05 -5.54 -11.83
C MET C 383 -24.74 -5.60 -12.60
N LEU C 384 -24.81 -5.53 -13.93
CA LEU C 384 -23.60 -5.51 -14.73
C LEU C 384 -22.72 -4.33 -14.36
N LEU C 385 -23.31 -3.15 -14.24
CA LEU C 385 -22.53 -1.96 -13.88
C LEU C 385 -21.93 -2.10 -12.49
N ALA C 386 -22.70 -2.62 -11.53
CA ALA C 386 -22.21 -2.74 -10.16
C ALA C 386 -21.20 -3.88 -10.02
N GLY C 387 -21.31 -4.89 -10.88
CA GLY C 387 -20.45 -6.05 -10.81
C GLY C 387 -21.06 -7.27 -10.18
N PHE C 388 -22.34 -7.20 -9.78
CA PHE C 388 -23.01 -8.35 -9.23
C PHE C 388 -23.13 -9.47 -10.27
N SER C 389 -23.05 -10.70 -9.82
CA SER C 389 -23.18 -11.86 -10.67
C SER C 389 -24.64 -12.34 -10.66
N ILE C 390 -24.94 -13.37 -11.43
CA ILE C 390 -26.25 -14.01 -11.43
C ILE C 390 -26.23 -15.11 -10.39
N ASN C 391 -26.72 -14.81 -9.20
CA ASN C 391 -26.76 -15.75 -8.09
C ASN C 391 -28.18 -16.26 -7.88
N VAL C 392 -28.28 -17.38 -7.16
CA VAL C 392 -29.60 -17.86 -6.75
C VAL C 392 -30.29 -16.84 -5.87
N LEU C 393 -29.51 -16.07 -5.09
CA LEU C 393 -30.09 -15.05 -4.23
C LEU C 393 -30.74 -13.95 -5.04
N THR C 394 -30.03 -13.43 -6.04
CA THR C 394 -30.59 -12.35 -6.86
C THR C 394 -31.80 -12.84 -7.66
N MET C 395 -31.73 -14.06 -8.18
CA MET C 395 -32.87 -14.61 -8.91
C MET C 395 -34.08 -14.82 -8.00
N PHE C 396 -33.85 -15.27 -6.77
CA PHE C 396 -34.96 -15.37 -5.81
C PHE C 396 -35.53 -14.00 -5.50
N GLY C 397 -34.68 -12.99 -5.34
CA GLY C 397 -35.19 -11.64 -5.16
C GLY C 397 -36.03 -11.17 -6.32
N MET C 398 -35.60 -11.51 -7.55
CA MET C 398 -36.38 -11.17 -8.73
C MET C 398 -37.71 -11.89 -8.76
N VAL C 399 -37.74 -13.17 -8.35
CA VAL C 399 -38.99 -13.91 -8.27
C VAL C 399 -39.93 -13.24 -7.28
N LEU C 400 -39.40 -12.83 -6.12
CA LEU C 400 -40.21 -12.08 -5.16
C LEU C 400 -40.70 -10.78 -5.78
N ALA C 401 -39.85 -10.10 -6.54
CA ALA C 401 -40.21 -8.81 -7.10
C ALA C 401 -41.32 -8.91 -8.13
N ILE C 402 -41.37 -10.00 -8.89
CA ILE C 402 -42.34 -10.09 -9.99
C ILE C 402 -43.70 -9.52 -9.58
N GLY C 403 -44.17 -9.88 -8.38
CA GLY C 403 -45.44 -9.36 -7.92
C GLY C 403 -45.42 -7.86 -7.65
N ILE C 404 -44.36 -7.38 -6.99
CA ILE C 404 -44.30 -5.98 -6.58
C ILE C 404 -44.15 -5.06 -7.79
N ILE C 405 -43.40 -5.52 -8.80
CA ILE C 405 -43.04 -4.67 -9.93
C ILE C 405 -44.29 -4.15 -10.64
N VAL C 406 -45.31 -5.00 -10.76
CA VAL C 406 -46.49 -4.64 -11.55
C VAL C 406 -47.52 -3.83 -10.78
N ASP C 407 -47.33 -3.61 -9.48
CA ASP C 407 -48.34 -2.94 -8.68
C ASP C 407 -48.58 -1.52 -9.17
N ASP C 408 -47.51 -0.80 -9.51
CA ASP C 408 -47.66 0.58 -9.96
C ASP C 408 -48.50 0.67 -11.23
N ALA C 409 -48.26 -0.24 -12.18
CA ALA C 409 -49.06 -0.26 -13.39
C ALA C 409 -50.50 -0.68 -13.09
N ILE C 410 -50.68 -1.65 -12.18
CA ILE C 410 -52.03 -2.13 -11.88
C ILE C 410 -52.87 -1.03 -11.26
N VAL C 411 -52.30 -0.22 -10.38
CA VAL C 411 -53.09 0.83 -9.73
C VAL C 411 -53.63 1.79 -10.77
N VAL C 412 -52.76 2.28 -11.65
CA VAL C 412 -53.19 3.23 -12.66
C VAL C 412 -54.16 2.59 -13.64
N VAL C 413 -53.94 1.32 -13.98
CA VAL C 413 -54.83 0.64 -14.91
C VAL C 413 -56.23 0.53 -14.31
N GLU C 414 -56.32 0.14 -13.04
CA GLU C 414 -57.61 0.04 -12.39
C GLU C 414 -58.29 1.40 -12.31
N ASN C 415 -57.54 2.43 -11.93
CA ASN C 415 -58.13 3.76 -11.81
C ASN C 415 -58.67 4.24 -13.16
N VAL C 416 -57.86 4.13 -14.21
CA VAL C 416 -58.30 4.61 -15.52
C VAL C 416 -59.50 3.81 -16.01
N GLU C 417 -59.46 2.48 -15.85
CA GLU C 417 -60.57 1.67 -16.32
C GLU C 417 -61.86 2.03 -15.59
N ARG C 418 -61.79 2.14 -14.26
CA ARG C 418 -63.00 2.44 -13.48
C ARG C 418 -63.54 3.81 -13.84
N ILE C 419 -62.66 4.82 -13.93
CA ILE C 419 -63.13 6.17 -14.18
C ILE C 419 -63.71 6.28 -15.59
N MET C 420 -63.08 5.60 -16.57
CA MET C 420 -63.62 5.58 -17.92
C MET C 420 -64.99 4.91 -17.95
N ALA C 421 -65.13 3.78 -17.28
CA ALA C 421 -66.40 3.06 -17.28
C ALA C 421 -67.50 3.88 -16.64
N THR C 422 -67.18 4.58 -15.55
CA THR C 422 -68.21 5.31 -14.82
C THR C 422 -68.53 6.65 -15.49
N GLU C 423 -67.54 7.52 -15.62
CA GLU C 423 -67.80 8.85 -16.19
C GLU C 423 -68.08 8.76 -17.69
N GLY C 424 -67.37 7.89 -18.40
CA GLY C 424 -67.57 7.75 -19.84
C GLY C 424 -66.88 8.80 -20.68
N LEU C 425 -65.93 9.54 -20.12
CA LEU C 425 -65.22 10.56 -20.88
C LEU C 425 -64.34 9.93 -21.95
N SER C 426 -63.68 10.76 -22.72
CA SER C 426 -62.80 10.28 -23.78
C SER C 426 -61.64 9.49 -23.16
N PRO C 427 -61.15 8.43 -23.83
CA PRO C 427 -60.06 7.65 -23.24
C PRO C 427 -58.84 8.47 -22.90
N LYS C 428 -58.46 9.42 -23.75
CA LYS C 428 -57.20 10.14 -23.56
C LYS C 428 -57.30 11.12 -22.40
N ASP C 429 -58.34 11.96 -22.40
CA ASP C 429 -58.55 12.87 -21.29
C ASP C 429 -58.80 12.11 -19.99
N ALA C 430 -59.56 11.02 -20.07
CA ALA C 430 -59.84 10.22 -18.88
C ALA C 430 -58.56 9.65 -18.28
N THR C 431 -57.66 9.12 -19.13
CA THR C 431 -56.44 8.53 -18.61
C THR C 431 -55.48 9.61 -18.09
N SER C 432 -55.44 10.77 -18.75
CA SER C 432 -54.62 11.86 -18.22
C SER C 432 -55.12 12.29 -16.85
N LYS C 433 -56.44 12.43 -16.69
CA LYS C 433 -56.99 12.78 -15.38
C LYS C 433 -56.64 11.71 -14.35
N ALA C 434 -56.93 10.45 -14.67
CA ALA C 434 -56.63 9.37 -13.73
C ALA C 434 -55.17 9.38 -13.31
N MET C 435 -54.27 9.65 -14.25
CA MET C 435 -52.87 9.82 -13.90
C MET C 435 -52.70 10.97 -12.92
N LYS C 436 -53.44 12.07 -13.13
CA LYS C 436 -53.34 13.20 -12.21
C LYS C 436 -53.72 12.80 -10.80
N GLU C 437 -54.82 12.05 -10.64
CA GLU C 437 -55.24 11.67 -9.28
C GLU C 437 -54.23 10.73 -8.63
N ILE C 438 -53.74 9.73 -9.36
CA ILE C 438 -53.06 8.59 -8.76
C ILE C 438 -51.54 8.76 -8.75
N THR C 439 -51.04 9.97 -9.01
CA THR C 439 -49.59 10.16 -9.03
C THR C 439 -48.99 10.01 -7.64
N SER C 440 -49.56 10.69 -6.64
CA SER C 440 -48.98 10.69 -5.31
C SER C 440 -48.98 9.33 -4.66
N PRO C 441 -50.08 8.57 -4.65
CA PRO C 441 -50.02 7.21 -4.07
C PRO C 441 -48.98 6.34 -4.75
N ILE C 442 -48.87 6.42 -6.07
CA ILE C 442 -47.90 5.59 -6.79
C ILE C 442 -46.48 5.96 -6.38
N ILE C 443 -46.18 7.26 -6.35
CA ILE C 443 -44.81 7.67 -6.02
C ILE C 443 -44.49 7.30 -4.57
N GLY C 444 -45.45 7.47 -3.67
CA GLY C 444 -45.21 7.11 -2.27
C GLY C 444 -44.97 5.63 -2.10
N ILE C 445 -45.80 4.80 -2.75
CA ILE C 445 -45.63 3.35 -2.67
C ILE C 445 -44.26 2.96 -3.21
N THR C 446 -43.88 3.51 -4.36
CA THR C 446 -42.59 3.16 -4.95
C THR C 446 -41.44 3.56 -4.03
N LEU C 447 -41.49 4.77 -3.48
CA LEU C 447 -40.40 5.23 -2.62
C LEU C 447 -40.29 4.36 -1.36
N VAL C 448 -41.42 4.10 -0.70
CA VAL C 448 -41.37 3.32 0.53
C VAL C 448 -40.87 1.90 0.23
N LEU C 449 -41.39 1.28 -0.83
CA LEU C 449 -40.99 -0.08 -1.14
C LEU C 449 -39.50 -0.14 -1.49
N ALA C 450 -38.99 0.88 -2.19
CA ALA C 450 -37.57 0.90 -2.53
C ALA C 450 -36.69 1.21 -1.33
N ALA C 451 -37.22 1.89 -0.31
CA ALA C 451 -36.42 2.33 0.82
C ALA C 451 -36.45 1.37 2.00
N VAL C 452 -37.47 0.52 2.12
CA VAL C 452 -37.52 -0.40 3.26
C VAL C 452 -36.41 -1.43 3.19
N PHE C 453 -35.90 -1.74 2.00
CA PHE C 453 -34.86 -2.75 1.86
C PHE C 453 -33.45 -2.19 2.08
N LEU C 454 -33.28 -0.88 2.19
CA LEU C 454 -31.95 -0.31 2.33
C LEU C 454 -31.29 -0.73 3.65
N PRO C 455 -31.98 -0.61 4.79
CA PRO C 455 -31.30 -0.88 6.07
C PRO C 455 -30.69 -2.26 6.16
N MET C 456 -31.38 -3.30 5.67
CA MET C 456 -30.85 -4.65 5.78
C MET C 456 -29.61 -4.82 4.90
N ALA C 457 -29.47 -3.99 3.88
CA ALA C 457 -28.32 -4.09 2.98
C ALA C 457 -27.01 -3.77 3.68
N PHE C 458 -27.06 -3.05 4.80
CA PHE C 458 -25.85 -2.58 5.48
C PHE C 458 -25.46 -3.44 6.66
N ALA C 459 -26.12 -4.58 6.85
CA ALA C 459 -25.79 -5.47 7.96
C ALA C 459 -24.40 -6.07 7.77
N SER C 460 -23.83 -6.57 8.86
CA SER C 460 -22.50 -7.14 8.86
C SER C 460 -22.57 -8.67 8.72
N GLY C 461 -21.46 -9.26 8.33
CA GLY C 461 -21.37 -10.70 8.18
C GLY C 461 -21.93 -11.18 6.86
N SER C 462 -21.92 -12.51 6.72
CA SER C 462 -22.43 -13.14 5.50
C SER C 462 -23.91 -12.86 5.29
N VAL C 463 -24.70 -12.83 6.36
CA VAL C 463 -26.10 -12.46 6.23
C VAL C 463 -26.23 -11.06 5.63
N GLY C 464 -25.28 -10.18 5.95
CA GLY C 464 -25.27 -8.86 5.32
C GLY C 464 -25.06 -8.94 3.82
N VAL C 465 -24.18 -9.85 3.38
CA VAL C 465 -23.96 -10.02 1.95
C VAL C 465 -25.21 -10.55 1.28
N ILE C 466 -25.88 -11.52 1.91
CA ILE C 466 -27.12 -12.05 1.35
C ILE C 466 -28.17 -10.95 1.25
N TYR C 467 -28.28 -10.12 2.30
CA TYR C 467 -29.21 -9.00 2.27
C TYR C 467 -28.86 -8.04 1.14
N LYS C 468 -27.58 -7.75 0.93
CA LYS C 468 -27.19 -6.88 -0.17
C LYS C 468 -27.62 -7.46 -1.51
N GLN C 469 -27.36 -8.76 -1.72
CA GLN C 469 -27.78 -9.40 -2.96
C GLN C 469 -29.27 -9.26 -3.18
N PHE C 470 -30.07 -9.52 -2.15
CA PHE C 470 -31.52 -9.39 -2.32
C PHE C 470 -31.92 -7.94 -2.59
N THR C 471 -31.38 -7.01 -1.78
CA THR C 471 -31.84 -5.63 -1.82
C THR C 471 -31.51 -4.97 -3.16
N LEU C 472 -30.34 -5.25 -3.73
CA LEU C 472 -30.02 -4.65 -5.01
C LEU C 472 -31.19 -4.86 -5.97
N THR C 473 -31.51 -6.11 -6.25
CA THR C 473 -32.56 -6.41 -7.21
C THR C 473 -33.91 -5.86 -6.73
N MET C 474 -34.25 -6.08 -5.46
CA MET C 474 -35.57 -5.68 -4.98
C MET C 474 -35.79 -4.17 -5.17
N SER C 475 -34.79 -3.36 -4.80
CA SER C 475 -34.97 -1.91 -4.86
C SER C 475 -34.90 -1.41 -6.28
N VAL C 476 -33.94 -1.91 -7.07
CA VAL C 476 -33.76 -1.39 -8.43
C VAL C 476 -34.96 -1.75 -9.29
N SER C 477 -35.50 -2.97 -9.14
CA SER C 477 -36.65 -3.35 -9.94
C SER C 477 -37.86 -2.47 -9.63
N ILE C 478 -38.11 -2.18 -8.36
CA ILE C 478 -39.25 -1.32 -8.03
C ILE C 478 -39.02 0.12 -8.47
N LEU C 479 -37.79 0.63 -8.38
CA LEU C 479 -37.54 1.98 -8.88
C LEU C 479 -37.76 2.06 -10.39
N PHE C 480 -37.27 1.06 -11.13
CA PHE C 480 -37.52 1.02 -12.55
C PHE C 480 -39.01 0.86 -12.85
N SER C 481 -39.73 0.12 -12.01
CA SER C 481 -41.18 0.01 -12.16
C SER C 481 -41.85 1.35 -11.98
N ALA C 482 -41.41 2.14 -10.99
CA ALA C 482 -41.95 3.48 -10.80
C ALA C 482 -41.71 4.33 -12.03
N LEU C 483 -40.48 4.28 -12.56
CA LEU C 483 -40.16 5.05 -13.76
C LEU C 483 -41.06 4.63 -14.91
N LEU C 484 -41.20 3.32 -15.13
CA LEU C 484 -42.04 2.83 -16.22
C LEU C 484 -43.48 3.27 -16.04
N ALA C 485 -44.02 3.13 -14.82
CA ALA C 485 -45.40 3.51 -14.58
C ALA C 485 -45.63 5.00 -14.85
N LEU C 486 -44.68 5.85 -14.44
CA LEU C 486 -44.85 7.27 -14.64
C LEU C 486 -44.63 7.69 -16.09
N ILE C 487 -43.85 6.92 -16.85
CA ILE C 487 -43.42 7.36 -18.17
C ILE C 487 -44.20 6.65 -19.28
N LEU C 488 -44.07 5.32 -19.37
CA LEU C 488 -44.55 4.61 -20.55
C LEU C 488 -46.01 4.18 -20.39
N THR C 489 -46.37 3.65 -19.22
CA THR C 489 -47.70 3.07 -19.06
C THR C 489 -48.82 4.03 -19.46
N PRO C 490 -48.77 5.32 -19.13
CA PRO C 490 -49.90 6.18 -19.51
C PRO C 490 -50.08 6.30 -21.01
N ALA C 491 -49.00 6.59 -21.75
CA ALA C 491 -49.11 6.72 -23.20
C ALA C 491 -49.51 5.40 -23.85
N LEU C 492 -48.92 4.29 -23.40
CA LEU C 492 -49.26 2.99 -23.97
C LEU C 492 -50.73 2.68 -23.73
N CYS C 493 -51.23 2.95 -22.53
CA CYS C 493 -52.64 2.73 -22.23
C CYS C 493 -53.53 3.61 -23.11
N ALA C 494 -53.15 4.88 -23.26
CA ALA C 494 -53.95 5.79 -24.08
C ALA C 494 -54.03 5.31 -25.51
N THR C 495 -52.90 4.85 -26.06
CA THR C 495 -52.89 4.38 -27.44
C THR C 495 -53.68 3.09 -27.60
N ILE C 496 -53.43 2.11 -26.73
CA ILE C 496 -54.02 0.79 -26.91
C ILE C 496 -55.52 0.82 -26.63
N LEU C 497 -55.94 1.55 -25.58
CA LEU C 497 -57.33 1.54 -25.19
C LEU C 497 -58.23 2.03 -26.32
N LYS C 498 -59.36 1.34 -26.50
CA LYS C 498 -60.37 1.71 -27.49
C LYS C 498 -61.70 1.95 -26.78
N PRO C 499 -62.45 2.98 -27.16
CA PRO C 499 -63.75 3.19 -26.50
C PRO C 499 -64.67 2.00 -26.69
N ILE C 500 -65.46 1.72 -25.66
CA ILE C 500 -66.41 0.61 -25.69
C ILE C 500 -67.80 1.12 -25.30
N GLY C 508 -71.57 -13.29 -18.84
CA GLY C 508 -71.35 -14.65 -18.37
C GLY C 508 -70.43 -14.70 -17.17
N PHE C 509 -69.24 -15.30 -17.36
CA PHE C 509 -68.29 -15.41 -16.27
C PHE C 509 -67.85 -14.03 -15.78
N PHE C 510 -67.56 -13.11 -16.71
CA PHE C 510 -67.15 -11.77 -16.33
C PHE C 510 -68.30 -11.02 -15.67
N ALA C 511 -69.53 -11.21 -16.16
CA ALA C 511 -70.68 -10.58 -15.52
C ALA C 511 -70.87 -11.12 -14.10
N TRP C 512 -70.74 -12.43 -13.92
CA TRP C 512 -70.81 -13.00 -12.59
C TRP C 512 -69.75 -12.40 -11.68
N PHE C 513 -68.53 -12.26 -12.21
CA PHE C 513 -67.44 -11.70 -11.40
C PHE C 513 -67.74 -10.26 -11.00
N ASP C 514 -68.25 -9.46 -11.94
CA ASP C 514 -68.54 -8.06 -11.64
C ASP C 514 -69.64 -7.93 -10.59
N ARG C 515 -70.71 -8.73 -10.75
CA ARG C 515 -71.79 -8.66 -9.76
C ARG C 515 -71.33 -9.17 -8.40
N SER C 516 -70.45 -10.17 -8.39
CA SER C 516 -69.88 -10.63 -7.13
C SER C 516 -69.06 -9.53 -6.47
N PHE C 517 -68.29 -8.77 -7.26
CA PHE C 517 -67.52 -7.66 -6.71
C PHE C 517 -68.45 -6.59 -6.15
N ASP C 518 -69.55 -6.30 -6.85
CA ASP C 518 -70.50 -5.31 -6.35
C ASP C 518 -71.11 -5.75 -5.03
N LYS C 519 -71.52 -7.02 -4.94
CA LYS C 519 -72.03 -7.54 -3.67
C LYS C 519 -70.97 -7.47 -2.59
N VAL C 520 -69.72 -7.78 -2.94
CA VAL C 520 -68.64 -7.75 -1.97
C VAL C 520 -68.45 -6.34 -1.43
N THR C 521 -68.49 -5.33 -2.31
CA THR C 521 -68.29 -3.96 -1.84
C THR C 521 -69.47 -3.47 -1.01
N LYS C 522 -70.68 -3.89 -1.35
CA LYS C 522 -71.83 -3.54 -0.51
C LYS C 522 -71.68 -4.12 0.89
N LYS C 523 -71.40 -5.43 0.97
CA LYS C 523 -71.18 -6.06 2.27
C LYS C 523 -70.00 -5.43 2.98
N TYR C 524 -68.99 -4.99 2.22
CA TYR C 524 -67.83 -4.34 2.81
C TYR C 524 -68.21 -3.02 3.47
N GLU C 525 -69.04 -2.22 2.80
CA GLU C 525 -69.50 -0.97 3.40
C GLU C 525 -70.28 -1.24 4.68
N LEU C 526 -71.20 -2.21 4.63
CA LEU C 526 -72.00 -2.53 5.81
C LEU C 526 -71.10 -2.98 6.96
N MET C 527 -70.19 -3.91 6.68
CA MET C 527 -69.31 -4.43 7.72
C MET C 527 -68.39 -3.34 8.26
N LEU C 528 -67.91 -2.45 7.40
CA LEU C 528 -67.05 -1.37 7.86
C LEU C 528 -67.81 -0.45 8.81
N LEU C 529 -69.06 -0.10 8.48
CA LEU C 529 -69.84 0.71 9.40
C LEU C 529 -70.02 -0.03 10.72
N LYS C 530 -70.34 -1.32 10.67
CA LYS C 530 -70.52 -2.09 11.89
C LYS C 530 -69.26 -2.08 12.75
N ILE C 531 -68.09 -2.24 12.12
CA ILE C 531 -66.83 -2.18 12.87
C ILE C 531 -66.65 -0.79 13.48
N ILE C 532 -66.95 0.26 12.70
CA ILE C 532 -66.82 1.62 13.24
C ILE C 532 -67.67 1.78 14.49
N LYS C 533 -68.82 1.10 14.55
CA LYS C 533 -69.61 1.14 15.77
C LYS C 533 -68.80 0.63 16.95
N HIS C 534 -68.03 -0.44 16.76
CA HIS C 534 -67.19 -1.02 17.81
C HIS C 534 -65.72 -0.71 17.56
N THR C 535 -65.24 0.36 18.21
CA THR C 535 -63.87 0.82 17.99
C THR C 535 -62.93 0.29 19.07
N VAL C 536 -63.27 0.52 20.34
CA VAL C 536 -62.38 0.10 21.44
C VAL C 536 -62.13 -1.41 21.40
N PRO C 537 -63.13 -2.27 21.17
CA PRO C 537 -62.82 -3.69 21.02
C PRO C 537 -61.82 -3.98 19.93
N MET C 538 -61.92 -3.29 18.78
CA MET C 538 -60.94 -3.48 17.72
C MET C 538 -59.55 -3.04 18.16
N MET C 539 -59.45 -1.93 18.90
CA MET C 539 -58.13 -1.49 19.38
C MET C 539 -57.54 -2.53 20.33
N VAL C 540 -58.36 -3.06 21.24
CA VAL C 540 -57.87 -4.07 22.18
C VAL C 540 -57.44 -5.32 21.42
N ILE C 541 -58.21 -5.71 20.39
CA ILE C 541 -57.85 -6.88 19.60
C ILE C 541 -56.55 -6.64 18.85
N PHE C 542 -56.33 -5.42 18.37
CA PHE C 542 -55.07 -5.09 17.72
C PHE C 542 -53.90 -5.24 18.69
N LEU C 543 -54.07 -4.75 19.92
CA LEU C 543 -53.02 -4.93 20.92
C LEU C 543 -52.77 -6.41 21.21
N VAL C 544 -53.84 -7.20 21.30
CA VAL C 544 -53.71 -8.63 21.55
C VAL C 544 -52.95 -9.31 20.42
N ILE C 545 -53.28 -8.95 19.18
CA ILE C 545 -52.60 -9.54 18.02
C ILE C 545 -51.13 -9.16 18.03
N THR C 546 -50.82 -7.91 18.39
CA THR C 546 -49.42 -7.50 18.50
C THR C 546 -48.69 -8.32 19.55
N GLY C 547 -49.33 -8.56 20.70
CA GLY C 547 -48.70 -9.37 21.74
C GLY C 547 -48.45 -10.79 21.27
N ILE C 548 -49.44 -11.39 20.62
CA ILE C 548 -49.28 -12.74 20.08
C ILE C 548 -48.15 -12.77 19.05
N THR C 549 -48.08 -11.74 18.22
CA THR C 549 -47.03 -11.66 17.21
C THR C 549 -45.66 -11.63 17.87
N PHE C 550 -45.51 -10.81 18.91
CA PHE C 550 -44.22 -10.74 19.60
C PHE C 550 -43.88 -12.07 20.26
N ALA C 551 -44.87 -12.73 20.87
CA ALA C 551 -44.61 -14.03 21.48
C ALA C 551 -44.15 -15.04 20.44
N GLY C 552 -44.80 -15.07 19.27
CA GLY C 552 -44.37 -15.95 18.21
C GLY C 552 -42.98 -15.61 17.70
N MET C 553 -42.69 -14.31 17.58
CA MET C 553 -41.34 -13.87 17.22
C MET C 553 -40.30 -14.47 18.16
N LYS C 554 -40.54 -14.35 19.47
CA LYS C 554 -39.51 -14.72 20.43
C LYS C 554 -39.40 -16.24 20.60
N TYR C 555 -40.52 -16.95 20.56
CA TYR C 555 -40.53 -18.33 21.02
C TYR C 555 -39.99 -19.29 19.96
N TRP C 556 -40.48 -19.18 18.73
CA TRP C 556 -40.13 -20.17 17.71
C TRP C 556 -38.62 -20.19 17.47
N PRO C 557 -38.01 -21.36 17.38
CA PRO C 557 -36.55 -21.43 17.21
C PRO C 557 -36.09 -20.78 15.91
N THR C 558 -34.78 -20.73 15.74
CA THR C 558 -34.15 -20.04 14.62
C THR C 558 -33.03 -20.89 14.04
N ALA C 559 -32.73 -20.66 12.77
CA ALA C 559 -31.60 -21.28 12.09
C ALA C 559 -31.06 -20.31 11.06
N PHE C 560 -29.99 -20.71 10.38
CA PHE C 560 -29.35 -19.83 9.39
C PHE C 560 -29.85 -20.11 7.98
N MET C 561 -29.62 -21.32 7.48
CA MET C 561 -29.96 -21.67 6.12
C MET C 561 -30.56 -23.07 6.06
N PRO C 562 -31.43 -23.35 5.09
CA PRO C 562 -31.91 -24.73 4.92
C PRO C 562 -30.87 -25.60 4.25
N GLU C 563 -30.86 -26.88 4.60
CA GLU C 563 -29.97 -27.84 3.96
C GLU C 563 -30.46 -28.13 2.54
N GLU C 564 -29.57 -28.70 1.74
CA GLU C 564 -29.87 -28.94 0.33
C GLU C 564 -29.20 -30.22 -0.13
N ASP C 565 -29.73 -30.78 -1.22
CA ASP C 565 -29.17 -31.95 -1.88
C ASP C 565 -28.40 -31.46 -3.10
N GLN C 566 -27.09 -31.31 -2.96
CA GLN C 566 -26.24 -30.76 -4.02
C GLN C 566 -25.62 -31.84 -4.90
N GLY C 567 -26.01 -33.09 -4.72
CA GLY C 567 -25.55 -34.16 -5.60
C GLY C 567 -24.36 -34.95 -5.10
N TRP C 568 -23.87 -34.68 -3.90
CA TRP C 568 -22.72 -35.41 -3.37
C TRP C 568 -22.74 -35.34 -1.85
N PHE C 569 -21.97 -36.21 -1.25
CA PHE C 569 -21.81 -36.19 0.23
C PHE C 569 -20.35 -36.52 0.54
N MET C 570 -19.92 -36.31 1.77
CA MET C 570 -18.53 -36.53 2.17
C MET C 570 -18.48 -37.42 3.40
N THR C 571 -17.65 -38.46 3.34
CA THR C 571 -17.42 -39.35 4.46
C THR C 571 -16.01 -39.17 4.98
N SER C 572 -15.87 -39.04 6.29
CA SER C 572 -14.59 -38.87 6.95
C SER C 572 -14.34 -40.05 7.88
N PHE C 573 -13.18 -40.68 7.74
CA PHE C 573 -12.77 -41.81 8.57
C PHE C 573 -11.61 -41.37 9.44
N GLN C 574 -11.76 -41.53 10.76
CA GLN C 574 -10.75 -41.14 11.74
C GLN C 574 -10.51 -42.33 12.66
N LEU C 575 -9.61 -43.22 12.26
CA LEU C 575 -9.30 -44.41 13.09
C LEU C 575 -8.39 -43.99 14.26
N PRO C 576 -8.08 -44.89 15.21
CA PRO C 576 -7.22 -44.57 16.35
C PRO C 576 -5.77 -44.29 15.93
N SER C 577 -4.99 -43.62 16.75
CA SER C 577 -3.60 -43.22 16.36
C SER C 577 -2.73 -44.44 16.06
N ASP C 578 -2.90 -45.54 16.75
CA ASP C 578 -2.06 -46.74 16.54
C ASP C 578 -2.30 -47.29 15.13
N ALA C 579 -3.43 -46.98 14.52
CA ALA C 579 -3.80 -47.55 13.21
C ALA C 579 -2.84 -47.23 12.07
N THR C 580 -2.44 -48.21 11.29
CA THR C 580 -1.67 -48.01 10.07
C THR C 580 -2.60 -47.77 8.89
N ALA C 581 -2.01 -47.53 7.72
CA ALA C 581 -2.81 -47.27 6.52
C ALA C 581 -3.58 -48.48 6.06
N GLU C 582 -3.15 -49.69 6.43
CA GLU C 582 -3.86 -50.89 5.98
C GLU C 582 -5.25 -50.97 6.60
N ARG C 583 -5.38 -50.64 7.88
CA ARG C 583 -6.69 -50.69 8.53
C ARG C 583 -7.63 -49.64 7.96
N THR C 584 -7.14 -48.43 7.71
CA THR C 584 -7.93 -47.41 7.05
C THR C 584 -8.33 -47.82 5.63
N ARG C 585 -7.43 -48.47 4.90
CA ARG C 585 -7.79 -49.00 3.59
C ARG C 585 -8.88 -50.06 3.71
N ASN C 586 -8.82 -50.90 4.74
CA ASN C 586 -9.88 -51.89 4.95
C ASN C 586 -11.22 -51.21 5.19
N VAL C 587 -11.23 -50.17 6.03
CA VAL C 587 -12.47 -49.47 6.30
C VAL C 587 -13.01 -48.80 5.03
N VAL C 588 -12.13 -48.18 4.26
CA VAL C 588 -12.57 -47.53 3.02
C VAL C 588 -13.07 -48.58 2.03
N ASN C 589 -12.46 -49.76 2.03
CA ASN C 589 -12.93 -50.84 1.17
C ASN C 589 -14.31 -51.31 1.60
N GLN C 590 -14.56 -51.37 2.90
CA GLN C 590 -15.90 -51.70 3.37
C GLN C 590 -16.91 -50.65 2.92
N PHE C 591 -16.52 -49.39 2.96
CA PHE C 591 -17.41 -48.29 2.49
C PHE C 591 -17.64 -48.45 0.99
N GLU C 592 -16.61 -48.78 0.20
CA GLU C 592 -16.80 -48.97 -1.23
C GLU C 592 -17.72 -50.15 -1.52
N ASN C 593 -17.53 -51.25 -0.80
CA ASN C 593 -18.38 -52.42 -0.98
C ASN C 593 -19.83 -52.10 -0.63
N ASN C 594 -20.06 -51.38 0.47
CA ASN C 594 -21.41 -51.07 0.89
C ASN C 594 -22.08 -50.02 0.02
N LEU C 595 -21.31 -49.23 -0.72
CA LEU C 595 -21.90 -48.23 -1.60
C LEU C 595 -22.07 -48.71 -3.04
N LYS C 596 -21.25 -49.64 -3.52
CA LYS C 596 -21.41 -50.08 -4.91
C LYS C 596 -22.78 -50.73 -5.12
N ASP C 597 -23.34 -51.34 -4.09
CA ASP C 597 -24.65 -51.99 -4.23
C ASP C 597 -25.73 -50.96 -4.51
N ASN C 598 -25.65 -49.79 -3.90
CA ASN C 598 -26.67 -48.77 -4.08
C ASN C 598 -26.71 -48.33 -5.55
N PRO C 599 -27.89 -48.12 -6.12
CA PRO C 599 -27.98 -47.71 -7.53
C PRO C 599 -27.81 -46.21 -7.76
N ASP C 600 -27.73 -45.40 -6.70
CA ASP C 600 -27.63 -43.96 -6.84
C ASP C 600 -26.19 -43.45 -6.79
N VAL C 601 -25.21 -44.34 -6.68
CA VAL C 601 -23.81 -43.95 -6.53
C VAL C 601 -23.18 -43.90 -7.92
N LYS C 602 -22.99 -42.69 -8.44
CA LYS C 602 -22.27 -42.54 -9.70
C LYS C 602 -20.79 -42.89 -9.54
N SER C 603 -20.16 -42.34 -8.51
CA SER C 603 -18.74 -42.58 -8.28
C SER C 603 -18.35 -42.06 -6.91
N ASN C 604 -17.58 -42.85 -6.17
CA ASN C 604 -17.04 -42.46 -4.87
C ASN C 604 -15.52 -42.55 -4.92
N THR C 605 -14.86 -41.42 -4.67
CA THR C 605 -13.40 -41.34 -4.70
C THR C 605 -12.87 -41.13 -3.29
N ALA C 606 -11.89 -41.95 -2.91
CA ALA C 606 -11.36 -41.94 -1.55
C ALA C 606 -9.91 -41.46 -1.57
N ILE C 607 -9.62 -40.48 -0.72
CA ILE C 607 -8.26 -39.99 -0.49
C ILE C 607 -7.82 -40.59 0.84
N LEU C 608 -6.78 -41.43 0.80
CA LEU C 608 -6.27 -42.11 1.98
C LEU C 608 -4.98 -41.44 2.43
N GLY C 609 -4.88 -41.19 3.73
CA GLY C 609 -3.73 -40.52 4.31
C GLY C 609 -3.88 -39.03 4.44
N TRP C 610 -4.94 -38.44 3.90
CA TRP C 610 -5.17 -37.00 4.02
C TRP C 610 -6.64 -36.76 4.35
N GLY C 611 -6.89 -35.69 5.10
CA GLY C 611 -8.25 -35.31 5.43
C GLY C 611 -8.27 -33.89 5.97
N PHE C 612 -9.47 -33.34 6.04
CA PHE C 612 -9.64 -32.02 6.63
C PHE C 612 -9.48 -32.09 8.14
N SER C 613 -8.73 -31.18 8.69
CA SER C 613 -8.60 -31.13 10.16
C SER C 613 -7.64 -32.20 10.62
N GLY C 614 -6.87 -32.80 9.76
CA GLY C 614 -5.86 -33.76 10.19
C GLY C 614 -5.32 -34.53 9.00
N ALA C 615 -4.11 -35.04 9.17
CA ALA C 615 -3.44 -35.81 8.14
C ALA C 615 -2.57 -36.89 8.78
N GLY C 616 -2.76 -38.13 8.35
CA GLY C 616 -1.98 -39.24 8.88
C GLY C 616 -2.49 -40.55 8.32
N GLN C 617 -1.81 -41.62 8.71
CA GLN C 617 -2.17 -42.96 8.25
C GLN C 617 -3.53 -43.41 8.78
N ASN C 618 -4.09 -42.73 9.78
CA ASN C 618 -5.37 -43.09 10.36
C ASN C 618 -6.48 -42.11 9.96
N VAL C 619 -6.29 -41.39 8.86
CA VAL C 619 -7.24 -40.40 8.40
C VAL C 619 -7.56 -40.67 6.93
N ALA C 620 -8.84 -40.58 6.58
CA ALA C 620 -9.25 -40.77 5.19
C ALA C 620 -10.49 -39.93 4.92
N VAL C 621 -10.66 -39.56 3.66
CA VAL C 621 -11.83 -38.82 3.21
C VAL C 621 -12.37 -39.51 1.96
N ALA C 622 -13.66 -39.33 1.69
CA ALA C 622 -14.30 -39.91 0.52
C ALA C 622 -15.41 -38.98 0.03
N PHE C 623 -15.36 -38.65 -1.25
CA PHE C 623 -16.39 -37.84 -1.90
C PHE C 623 -17.24 -38.79 -2.75
N THR C 624 -18.53 -38.89 -2.43
CA THR C 624 -19.45 -39.75 -3.16
C THR C 624 -20.44 -38.88 -3.91
N THR C 625 -20.41 -38.96 -5.23
CA THR C 625 -21.38 -38.26 -6.07
C THR C 625 -22.57 -39.16 -6.34
N LEU C 626 -23.69 -38.54 -6.71
CA LEU C 626 -24.93 -39.26 -6.96
C LEU C 626 -25.47 -38.91 -8.33
N LYS C 627 -26.17 -39.85 -8.94
CA LYS C 627 -26.71 -39.65 -10.27
C LYS C 627 -27.64 -38.44 -10.29
N ASP C 628 -27.93 -37.96 -11.49
CA ASP C 628 -28.80 -36.79 -11.64
C ASP C 628 -30.08 -36.98 -10.85
N PHE C 629 -30.68 -35.86 -10.43
CA PHE C 629 -31.75 -35.91 -9.45
C PHE C 629 -32.95 -36.70 -9.97
N LYS C 630 -33.33 -36.49 -11.23
CA LYS C 630 -34.51 -37.14 -11.77
C LYS C 630 -34.33 -38.66 -11.80
N GLU C 631 -33.09 -39.13 -11.81
CA GLU C 631 -32.81 -40.55 -11.98
C GLU C 631 -32.27 -41.19 -10.71
N ARG C 632 -32.85 -40.75 -9.60
CA ARG C 632 -32.46 -41.26 -8.28
C ARG C 632 -33.70 -41.84 -7.61
N THR C 633 -33.56 -42.72 -6.61
CA THR C 633 -34.68 -43.23 -5.84
C THR C 633 -34.41 -42.99 -4.35
N SER C 634 -33.72 -41.91 -4.04
CA SER C 634 -33.38 -41.60 -2.63
C SER C 634 -32.86 -40.17 -2.54
N SER C 635 -32.56 -39.67 -1.36
CA SER C 635 -31.93 -38.39 -1.12
C SER C 635 -30.63 -38.61 -0.37
N ALA C 636 -29.72 -37.63 -0.48
CA ALA C 636 -28.39 -37.77 0.12
C ALA C 636 -28.48 -37.97 1.62
N SER C 637 -29.49 -37.39 2.27
CA SER C 637 -29.62 -37.56 3.72
C SER C 637 -29.83 -39.02 4.09
N LYS C 638 -30.68 -39.72 3.34
CA LYS C 638 -30.92 -41.14 3.62
C LYS C 638 -29.64 -41.95 3.46
N MET C 639 -28.89 -41.69 2.39
CA MET C 639 -27.64 -42.43 2.17
C MET C 639 -26.65 -42.14 3.30
N THR C 640 -26.55 -40.88 3.72
CA THR C 640 -25.66 -40.54 4.83
C THR C 640 -26.08 -41.29 6.09
N SER C 641 -27.37 -41.34 6.37
CA SER C 641 -27.84 -42.03 7.57
C SER C 641 -27.51 -43.52 7.51
N ASP C 642 -27.75 -44.15 6.35
CA ASP C 642 -27.48 -45.59 6.24
C ASP C 642 -26.00 -45.89 6.38
N VAL C 643 -25.14 -45.09 5.72
CA VAL C 643 -23.71 -45.34 5.83
C VAL C 643 -23.24 -45.11 7.26
N ASN C 644 -23.76 -44.07 7.92
CA ASN C 644 -23.39 -43.83 9.32
C ASN C 644 -23.78 -45.03 10.18
N SER C 645 -25.00 -45.54 9.99
CA SER C 645 -25.46 -46.67 10.78
C SER C 645 -24.56 -47.89 10.57
N SER C 646 -24.28 -48.23 9.31
CA SER C 646 -23.47 -49.41 9.03
C SER C 646 -22.06 -49.26 9.58
N MET C 647 -21.47 -48.12 9.37
CA MET C 647 -20.08 -47.97 9.81
C MET C 647 -20.03 -47.95 11.34
N ALA C 648 -20.97 -47.30 12.07
CA ALA C 648 -21.00 -47.42 13.52
C ALA C 648 -21.22 -48.87 13.93
N ASN C 649 -21.94 -49.63 13.11
CA ASN C 649 -22.15 -51.04 13.42
C ASN C 649 -20.83 -51.80 13.41
N SER C 650 -20.07 -51.70 12.32
CA SER C 650 -18.80 -52.41 12.28
C SER C 650 -17.78 -51.87 11.29
N THR C 651 -16.82 -51.07 11.77
CA THR C 651 -15.60 -50.78 11.02
C THR C 651 -14.36 -50.63 11.90
N GLU C 652 -14.47 -50.83 13.21
CA GLU C 652 -13.34 -50.65 14.11
C GLU C 652 -12.76 -49.24 13.98
N GLY C 653 -13.63 -48.25 13.82
CA GLY C 653 -13.19 -46.88 13.67
C GLY C 653 -14.39 -45.94 13.63
N GLU C 654 -14.08 -44.64 13.65
CA GLU C 654 -15.11 -43.61 13.63
C GLU C 654 -15.27 -43.07 12.22
N THR C 655 -16.43 -43.33 11.62
CA THR C 655 -16.75 -42.86 10.28
C THR C 655 -17.98 -41.97 10.35
N MET C 656 -18.00 -40.80 9.76
CA MET C 656 -19.15 -39.92 9.87
C MET C 656 -19.44 -39.31 8.52
N ALA C 657 -20.56 -39.53 7.97
CA ALA C 657 -21.04 -39.09 6.66
C ALA C 657 -21.82 -37.80 6.82
N VAL C 658 -21.46 -36.79 6.04
CA VAL C 658 -22.04 -35.46 6.15
C VAL C 658 -22.46 -34.96 4.77
N LEU C 659 -23.44 -34.07 4.79
CA LEU C 659 -23.94 -33.42 3.60
C LEU C 659 -23.05 -32.22 3.24
N PRO C 660 -23.13 -31.74 2.00
CA PRO C 660 -22.30 -30.60 1.63
C PRO C 660 -22.64 -29.39 2.46
N PRO C 661 -21.68 -28.49 2.68
CA PRO C 661 -21.93 -27.35 3.56
C PRO C 661 -23.06 -26.48 3.05
N ALA C 662 -23.78 -25.86 3.99
CA ALA C 662 -24.91 -25.02 3.63
C ALA C 662 -24.50 -23.93 2.64
N ILE C 663 -23.32 -23.34 2.85
CA ILE C 663 -22.78 -22.34 1.94
C ILE C 663 -21.41 -22.84 1.47
N ASP C 664 -21.02 -22.36 0.30
CA ASP C 664 -19.90 -22.97 -0.43
C ASP C 664 -18.65 -23.06 0.44
N GLU C 665 -18.24 -21.95 1.06
CA GLU C 665 -16.92 -21.88 1.67
C GLU C 665 -16.96 -21.44 3.14
N LEU C 666 -18.15 -21.39 3.76
CA LEU C 666 -18.20 -21.13 5.19
C LEU C 666 -17.58 -22.28 5.98
N GLY C 667 -17.85 -23.51 5.56
CA GLY C 667 -17.28 -24.68 6.21
C GLY C 667 -17.20 -25.82 5.23
N THR C 668 -16.56 -26.90 5.67
CA THR C 668 -16.37 -28.08 4.83
C THR C 668 -17.51 -29.07 4.95
N PHE C 669 -18.42 -28.88 5.90
CA PHE C 669 -19.57 -29.77 6.04
C PHE C 669 -20.67 -29.02 6.78
N SER C 670 -21.86 -29.63 6.80
CA SER C 670 -23.05 -29.03 7.40
C SER C 670 -23.15 -29.45 8.86
N GLY C 671 -23.39 -28.48 9.73
CA GLY C 671 -23.50 -28.74 11.14
C GLY C 671 -23.09 -27.51 11.93
N PHE C 672 -22.95 -27.69 13.24
CA PHE C 672 -22.45 -26.65 14.11
C PHE C 672 -21.04 -27.00 14.58
N SER C 673 -20.17 -26.00 14.53
CA SER C 673 -18.77 -26.13 14.88
C SER C 673 -18.48 -25.27 16.10
N LEU C 674 -17.59 -25.77 16.97
CA LEU C 674 -17.27 -25.10 18.22
C LEU C 674 -15.78 -25.25 18.50
N ARG C 675 -15.23 -24.31 19.25
CA ARG C 675 -13.85 -24.38 19.70
C ARG C 675 -13.83 -24.30 21.22
N LEU C 676 -13.33 -25.35 21.86
CA LEU C 676 -13.25 -25.42 23.31
C LEU C 676 -11.83 -25.03 23.72
N GLN C 677 -11.73 -23.96 24.50
CA GLN C 677 -10.46 -23.29 24.79
C GLN C 677 -10.17 -23.28 26.29
N ASP C 678 -8.88 -23.25 26.61
CA ASP C 678 -8.41 -23.16 27.99
C ASP C 678 -8.07 -21.70 28.27
N ARG C 679 -8.94 -21.01 28.99
CA ARG C 679 -8.80 -19.57 29.22
C ARG C 679 -8.11 -19.25 30.54
N ALA C 680 -7.63 -20.25 31.27
CA ALA C 680 -6.98 -20.02 32.56
C ALA C 680 -5.70 -20.84 32.72
N ASN C 681 -5.07 -21.23 31.61
CA ASN C 681 -3.85 -22.04 31.65
C ASN C 681 -4.07 -23.30 32.48
N LEU C 682 -5.25 -23.90 32.36
CA LEU C 682 -5.62 -25.10 33.16
C LEU C 682 -4.80 -26.29 32.75
N GLY C 683 -4.21 -26.22 31.58
CA GLY C 683 -3.41 -27.32 31.09
C GLY C 683 -4.13 -28.06 29.97
N MET C 684 -3.32 -28.66 29.08
CA MET C 684 -3.90 -29.41 27.98
C MET C 684 -4.76 -30.57 28.49
N PRO C 685 -4.25 -31.46 29.35
CA PRO C 685 -5.09 -32.60 29.79
C PRO C 685 -6.36 -32.17 30.51
N ALA C 686 -6.35 -31.04 31.22
CA ALA C 686 -7.58 -30.60 31.89
C ALA C 686 -8.66 -30.24 30.87
N LEU C 687 -8.29 -29.54 29.80
CA LEU C 687 -9.25 -29.25 28.75
C LEU C 687 -9.64 -30.50 27.99
N LEU C 688 -8.73 -31.47 27.86
CA LEU C 688 -9.09 -32.72 27.19
C LEU C 688 -10.10 -33.52 28.03
N ALA C 689 -9.93 -33.50 29.36
CA ALA C 689 -10.95 -34.10 30.24
C ALA C 689 -12.26 -33.34 30.14
N ALA C 690 -12.20 -32.01 30.02
CA ALA C 690 -13.41 -31.24 29.80
C ALA C 690 -14.10 -31.64 28.50
N GLN C 691 -13.32 -31.88 27.44
CA GLN C 691 -13.91 -32.36 26.19
C GLN C 691 -14.59 -33.71 26.39
N ASP C 692 -13.94 -34.63 27.10
CA ASP C 692 -14.55 -35.93 27.35
C ASP C 692 -15.86 -35.77 28.11
N GLU C 693 -15.87 -34.90 29.13
CA GLU C 693 -17.09 -34.65 29.87
C GLU C 693 -18.18 -34.08 28.98
N LEU C 694 -17.82 -33.13 28.11
CA LEU C 694 -18.80 -32.53 27.21
C LEU C 694 -19.39 -33.57 26.26
N MET C 695 -18.57 -34.45 25.70
CA MET C 695 -19.07 -35.49 24.83
C MET C 695 -19.93 -36.51 25.57
N ALA C 696 -19.61 -36.81 26.82
CA ALA C 696 -20.46 -37.72 27.60
C ALA C 696 -21.87 -37.17 27.73
N MET C 697 -21.98 -35.87 28.02
CA MET C 697 -23.30 -35.23 28.10
C MET C 697 -23.95 -35.10 26.73
N ALA C 698 -23.18 -34.85 25.68
CA ALA C 698 -23.76 -34.72 24.35
C ALA C 698 -24.38 -36.04 23.89
N ALA C 699 -23.72 -37.16 24.19
CA ALA C 699 -24.21 -38.44 23.72
C ALA C 699 -25.62 -38.73 24.24
N LYS C 700 -25.86 -38.45 25.52
CA LYS C 700 -27.15 -38.78 26.12
C LYS C 700 -28.25 -37.84 25.62
N ASN C 701 -27.90 -36.60 25.33
CA ASN C 701 -28.91 -35.62 24.92
C ASN C 701 -29.64 -36.08 23.68
N LYS C 702 -30.95 -35.84 23.64
CA LYS C 702 -31.80 -36.26 22.55
C LYS C 702 -31.90 -35.22 21.43
N LYS C 703 -31.33 -34.02 21.64
CA LYS C 703 -31.34 -32.98 20.64
C LYS C 703 -30.08 -33.00 19.77
N PHE C 704 -29.21 -33.99 19.95
CA PHE C 704 -27.96 -34.08 19.21
C PHE C 704 -27.93 -35.43 18.52
N TYR C 705 -27.96 -35.42 17.19
CA TYR C 705 -27.83 -36.67 16.44
C TYR C 705 -26.50 -37.35 16.78
N MET C 706 -25.39 -36.72 16.41
CA MET C 706 -24.05 -37.20 16.79
C MET C 706 -23.18 -35.98 17.05
N VAL C 707 -22.23 -35.98 17.98
CA VAL C 707 -21.26 -34.93 18.22
C VAL C 707 -19.90 -35.59 18.42
N TRP C 708 -18.86 -35.00 17.82
CA TRP C 708 -17.54 -35.61 17.87
C TRP C 708 -16.48 -34.52 17.82
N ASN C 709 -15.22 -34.95 17.90
CA ASN C 709 -14.07 -34.06 17.82
C ASN C 709 -13.47 -34.15 16.44
N GLU C 710 -13.34 -33.00 15.77
CA GLU C 710 -12.80 -32.96 14.41
C GLU C 710 -11.30 -32.64 14.46
N GLY C 711 -10.55 -33.63 14.95
CA GLY C 711 -9.10 -33.51 15.04
C GLY C 711 -8.49 -34.87 15.32
N LEU C 712 -7.18 -34.93 15.18
CA LEU C 712 -6.48 -36.19 15.39
C LEU C 712 -6.61 -36.63 16.85
N PRO C 713 -6.69 -37.92 17.13
CA PRO C 713 -6.83 -38.38 18.52
C PRO C 713 -5.49 -38.48 19.24
N GLN C 714 -5.56 -38.86 20.52
CA GLN C 714 -4.36 -39.03 21.34
C GLN C 714 -3.46 -40.10 20.75
N GLY C 715 -2.31 -40.28 21.39
CA GLY C 715 -1.38 -41.31 20.95
C GLY C 715 -0.37 -41.65 22.03
N ASP C 716 0.10 -42.89 21.96
CA ASP C 716 1.18 -43.35 22.81
C ASP C 716 2.51 -43.20 22.09
N ASN C 717 3.51 -42.71 22.83
CA ASN C 717 4.82 -42.39 22.29
C ASN C 717 5.89 -43.09 23.12
N ILE C 718 7.01 -43.39 22.48
CA ILE C 718 8.13 -44.06 23.13
C ILE C 718 9.29 -43.08 23.22
N SER C 719 10.02 -43.17 24.33
CA SER C 719 11.21 -42.35 24.55
C SER C 719 12.35 -43.25 24.99
N LEU C 720 13.51 -43.10 24.35
CA LEU C 720 14.69 -43.87 24.69
C LEU C 720 15.66 -42.97 25.45
N LYS C 721 15.92 -43.34 26.70
CA LYS C 721 16.87 -42.57 27.54
C LYS C 721 18.22 -43.28 27.52
N ILE C 722 19.26 -42.62 27.02
CA ILE C 722 20.58 -43.20 26.92
C ILE C 722 21.26 -43.17 28.28
N ASP C 723 21.98 -44.24 28.58
CA ASP C 723 22.77 -44.35 29.81
C ASP C 723 24.21 -44.06 29.46
N ARG C 724 24.67 -42.84 29.78
CA ARG C 724 26.00 -42.43 29.37
C ARG C 724 27.09 -43.08 30.23
N GLU C 725 26.78 -43.39 31.48
CA GLU C 725 27.77 -44.01 32.35
C GLU C 725 28.19 -45.37 31.80
N LYS C 726 27.22 -46.24 31.52
CA LYS C 726 27.54 -47.53 30.92
C LYS C 726 28.10 -47.38 29.51
N LEU C 727 27.65 -46.36 28.77
CA LEU C 727 28.19 -46.14 27.44
C LEU C 727 29.68 -45.84 27.49
N SER C 728 30.10 -45.01 28.45
CA SER C 728 31.52 -44.76 28.63
C SER C 728 32.25 -46.00 29.16
N ALA C 729 31.59 -46.76 30.05
CA ALA C 729 32.20 -47.96 30.59
C ALA C 729 32.52 -48.96 29.47
N LEU C 730 31.60 -49.11 28.51
CA LEU C 730 31.81 -50.04 27.41
C LEU C 730 32.65 -49.45 26.29
N GLY C 731 33.12 -48.21 26.43
CA GLY C 731 34.00 -47.62 25.45
C GLY C 731 33.37 -47.35 24.09
N VAL C 732 32.15 -46.81 24.10
CA VAL C 732 31.47 -46.38 22.89
C VAL C 732 31.12 -44.91 23.03
N LYS C 733 31.42 -44.13 21.99
CA LYS C 733 31.19 -42.69 22.06
C LYS C 733 29.71 -42.38 21.85
N PHE C 734 29.22 -41.38 22.59
CA PHE C 734 27.83 -40.96 22.47
C PHE C 734 27.48 -40.52 21.05
N SER C 735 28.46 -40.01 20.31
CA SER C 735 28.20 -39.56 18.94
C SER C 735 27.71 -40.72 18.08
N ASP C 736 28.30 -41.90 18.24
CA ASP C 736 27.86 -43.05 17.45
C ASP C 736 26.40 -43.39 17.74
N VAL C 737 26.01 -43.40 19.02
CA VAL C 737 24.63 -43.72 19.38
C VAL C 737 23.69 -42.68 18.80
N SER C 738 24.03 -41.40 18.95
CA SER C 738 23.17 -40.35 18.43
C SER C 738 23.01 -40.46 16.93
N ASP C 739 24.11 -40.72 16.21
CA ASP C 739 24.04 -40.84 14.76
C ASP C 739 23.21 -42.04 14.33
N ILE C 740 23.39 -43.19 14.99
CA ILE C 740 22.68 -44.39 14.57
C ILE C 740 21.18 -44.23 14.84
N ILE C 741 20.82 -43.59 15.95
CA ILE C 741 19.42 -43.28 16.19
C ILE C 741 18.89 -42.33 15.12
N SER C 742 19.68 -41.31 14.78
CA SER C 742 19.24 -40.32 13.80
C SER C 742 19.03 -40.96 12.43
N THR C 743 19.81 -41.97 12.10
CA THR C 743 19.76 -42.64 10.80
C THR C 743 19.17 -44.03 10.92
N SER C 744 18.16 -44.18 11.77
CA SER C 744 17.50 -45.46 12.01
C SER C 744 16.07 -45.49 11.49
N MET C 745 15.30 -44.42 11.71
CA MET C 745 13.88 -44.38 11.42
C MET C 745 13.48 -43.04 10.81
N GLY C 746 14.27 -42.55 9.87
CA GLY C 746 13.95 -41.31 9.18
C GLY C 746 14.60 -41.26 7.82
N SER C 747 14.01 -40.44 6.95
CA SER C 747 14.51 -40.27 5.59
C SER C 747 15.61 -39.22 5.55
N MET C 748 16.46 -39.33 4.53
CA MET C 748 17.64 -38.48 4.41
C MET C 748 17.84 -38.11 2.94
N TYR C 749 17.57 -36.85 2.61
CA TYR C 749 17.77 -36.32 1.27
C TYR C 749 19.22 -35.86 1.14
N ILE C 750 19.89 -36.36 0.11
CA ILE C 750 21.34 -36.05 -0.04
C ILE C 750 21.53 -35.08 -1.20
N ASN C 751 21.02 -35.40 -2.38
CA ASN C 751 21.29 -34.59 -3.56
C ASN C 751 20.42 -35.07 -4.71
N ASP C 752 20.42 -34.28 -5.79
CA ASP C 752 19.61 -34.59 -6.95
C ASP C 752 20.44 -35.31 -8.02
N PHE C 753 19.71 -36.02 -8.88
CA PHE C 753 20.37 -36.73 -10.01
C PHE C 753 19.56 -36.41 -11.27
N PRO C 754 20.17 -36.49 -12.47
CA PRO C 754 19.49 -36.08 -13.70
C PRO C 754 18.70 -37.18 -14.39
N ASN C 755 17.45 -37.40 -14.00
CA ASN C 755 16.61 -38.42 -14.61
C ASN C 755 15.75 -37.78 -15.69
N GLN C 756 15.90 -38.26 -16.92
CA GLN C 756 15.02 -37.90 -18.03
C GLN C 756 14.76 -36.39 -18.10
N GLY C 757 15.85 -35.63 -18.03
CA GLY C 757 15.78 -34.19 -18.24
C GLY C 757 15.36 -33.38 -17.03
N ARG C 758 15.13 -34.01 -15.88
CA ARG C 758 14.79 -33.28 -14.67
C ARG C 758 15.60 -33.79 -13.50
N MET C 759 15.81 -32.91 -12.52
CA MET C 759 16.61 -33.20 -11.33
C MET C 759 15.70 -33.82 -10.29
N GLN C 760 15.89 -35.12 -10.02
CA GLN C 760 15.07 -35.85 -9.07
C GLN C 760 15.88 -36.21 -7.83
N GLN C 761 15.21 -36.20 -6.68
CA GLN C 761 15.90 -36.34 -5.40
C GLN C 761 16.51 -37.73 -5.28
N VAL C 762 17.51 -37.83 -4.39
CA VAL C 762 18.09 -39.10 -3.98
C VAL C 762 17.94 -39.18 -2.46
N ILE C 763 17.23 -40.19 -1.99
CA ILE C 763 16.87 -40.30 -0.59
C ILE C 763 17.38 -41.64 -0.06
N VAL C 764 18.06 -41.60 1.09
CA VAL C 764 18.60 -42.79 1.73
C VAL C 764 17.78 -43.07 2.99
N GLN C 765 17.33 -44.31 3.14
CA GLN C 765 16.56 -44.71 4.31
C GLN C 765 16.75 -46.19 4.53
N VAL C 766 16.43 -46.65 5.74
CA VAL C 766 16.58 -48.06 6.08
C VAL C 766 15.42 -48.85 5.47
N GLU C 767 15.58 -50.15 5.34
CA GLU C 767 14.52 -50.99 4.80
C GLU C 767 13.31 -50.96 5.72
N ALA C 768 12.13 -51.09 5.11
CA ALA C 768 10.90 -51.11 5.90
C ALA C 768 10.86 -52.31 6.83
N LYS C 769 11.63 -53.36 6.53
CA LYS C 769 11.64 -54.55 7.38
C LYS C 769 12.36 -54.29 8.71
N SER C 770 13.10 -53.19 8.82
CA SER C 770 13.93 -52.92 9.99
C SER C 770 13.45 -51.70 10.79
N ARG C 771 12.22 -51.27 10.54
CA ARG C 771 11.65 -50.13 11.28
C ARG C 771 10.15 -50.37 11.50
N MET C 772 9.73 -51.62 11.68
CA MET C 772 8.33 -51.91 12.00
C MET C 772 8.06 -51.96 13.49
N GLN C 773 8.93 -52.61 14.26
CA GLN C 773 8.73 -52.77 15.69
C GLN C 773 9.95 -52.25 16.45
N LEU C 774 9.76 -52.11 17.76
CA LEU C 774 10.84 -51.64 18.63
C LEU C 774 12.03 -52.60 18.66
N LYS C 775 11.80 -53.88 18.36
CA LYS C 775 12.90 -54.84 18.39
C LYS C 775 13.98 -54.46 17.39
N ASP C 776 13.56 -54.02 16.19
CA ASP C 776 14.54 -53.66 15.17
C ASP C 776 15.42 -52.51 15.64
N ILE C 777 14.83 -51.51 16.28
CA ILE C 777 15.63 -50.39 16.79
C ILE C 777 16.56 -50.84 17.89
N LEU C 778 16.05 -51.60 18.87
CA LEU C 778 16.91 -52.06 19.95
C LEU C 778 17.91 -53.12 19.52
N ASN C 779 17.79 -53.66 18.31
CA ASN C 779 18.79 -54.59 17.80
C ASN C 779 19.87 -53.91 16.97
N LEU C 780 19.81 -52.59 16.81
CA LEU C 780 20.88 -51.88 16.12
C LEU C 780 22.16 -51.96 16.95
N LYS C 781 23.28 -52.15 16.26
CA LYS C 781 24.57 -52.44 16.91
C LYS C 781 25.54 -51.29 16.62
N VAL C 782 26.35 -50.96 17.62
CA VAL C 782 27.39 -49.94 17.50
C VAL C 782 28.72 -50.54 17.89
N MET C 783 29.77 -50.21 17.14
CA MET C 783 31.13 -50.66 17.41
C MET C 783 31.84 -49.68 18.32
N GLY C 784 32.47 -50.21 19.36
CA GLY C 784 33.37 -49.44 20.21
C GLY C 784 34.82 -49.75 19.91
N SER C 785 35.68 -49.31 20.84
CA SER C 785 37.11 -49.57 20.75
C SER C 785 37.52 -50.88 21.42
N SER C 786 36.56 -51.63 21.97
CA SER C 786 36.84 -52.90 22.61
C SER C 786 36.78 -54.09 21.65
N GLY C 787 36.56 -53.85 20.36
CA GLY C 787 36.44 -54.94 19.43
C GLY C 787 35.13 -55.69 19.52
N GLN C 788 34.10 -55.06 20.07
CA GLN C 788 32.81 -55.70 20.27
C GLN C 788 31.69 -54.75 19.88
N LEU C 789 30.53 -55.32 19.59
CA LEU C 789 29.32 -54.56 19.27
C LEU C 789 28.42 -54.50 20.50
N VAL C 790 27.82 -53.34 20.71
CA VAL C 790 26.81 -53.15 21.74
C VAL C 790 25.49 -52.84 21.06
N SER C 791 24.45 -53.53 21.46
CA SER C 791 23.10 -53.26 20.93
C SER C 791 22.63 -51.97 21.56
N LEU C 792 21.67 -51.30 21.02
CA LEU C 792 21.10 -50.12 21.66
C LEU C 792 20.40 -50.48 22.96
N SER C 793 19.79 -51.67 23.01
CA SER C 793 19.08 -52.08 24.22
C SER C 793 19.97 -52.02 25.45
N GLU C 794 21.27 -52.26 25.25
CA GLU C 794 22.19 -52.26 26.39
C GLU C 794 22.28 -50.89 27.04
N VAL C 795 22.17 -49.83 26.24
CA VAL C 795 22.42 -48.47 26.73
C VAL C 795 21.20 -47.58 26.54
N VAL C 796 20.01 -48.18 26.44
CA VAL C 796 18.77 -47.41 26.37
C VAL C 796 17.70 -48.18 27.12
N THR C 797 16.67 -47.46 27.57
CA THR C 797 15.54 -48.07 28.27
C THR C 797 14.27 -47.47 27.70
N PRO C 798 13.43 -48.24 26.99
CA PRO C 798 12.19 -47.67 26.46
C PRO C 798 11.26 -47.24 27.58
N GLN C 799 10.72 -46.02 27.41
CA GLN C 799 9.74 -45.47 28.38
C GLN C 799 8.50 -45.03 27.61
N TRP C 800 7.31 -45.48 27.98
CA TRP C 800 6.08 -45.17 27.28
C TRP C 800 5.38 -43.98 27.93
N ASN C 801 4.75 -43.17 27.08
CA ASN C 801 3.98 -42.02 27.54
C ASN C 801 2.76 -41.90 26.66
N LYS C 802 1.74 -41.21 27.17
CA LYS C 802 0.53 -40.95 26.41
C LYS C 802 0.35 -39.45 26.31
N ALA C 803 0.37 -38.93 25.08
CA ALA C 803 0.36 -37.48 24.89
C ALA C 803 -0.57 -37.14 23.75
N PRO C 804 -1.14 -35.93 23.74
CA PRO C 804 -1.95 -35.51 22.59
C PRO C 804 -1.12 -35.54 21.32
N GLN C 805 -1.71 -36.06 20.25
CA GLN C 805 -0.96 -36.26 19.02
C GLN C 805 -0.95 -35.00 18.16
N GLN C 806 -1.83 -34.06 18.47
CA GLN C 806 -2.04 -32.84 17.69
C GLN C 806 -2.22 -31.68 18.64
N TYR C 807 -1.86 -30.48 18.18
CA TYR C 807 -2.01 -29.26 18.98
C TYR C 807 -2.70 -28.19 18.15
N ASN C 808 -3.85 -27.75 18.63
CA ASN C 808 -4.64 -26.71 17.97
C ASN C 808 -4.74 -25.49 18.87
N ARG C 809 -4.92 -24.33 18.24
CA ARG C 809 -5.07 -23.06 18.96
C ARG C 809 -6.09 -22.23 18.20
N TYR C 810 -6.86 -21.45 18.95
CA TYR C 810 -7.88 -20.59 18.36
C TYR C 810 -7.99 -19.29 19.14
N ASN C 811 -7.66 -18.17 18.50
CA ASN C 811 -7.66 -16.83 19.08
C ASN C 811 -6.63 -16.72 20.20
N GLY C 812 -5.63 -17.59 20.23
CA GLY C 812 -4.53 -17.49 21.17
C GLY C 812 -4.66 -18.35 22.41
N ARG C 813 -5.59 -19.28 22.43
CA ARG C 813 -5.79 -20.17 23.58
C ARG C 813 -5.76 -21.61 23.10
N PRO C 814 -5.01 -22.49 23.77
CA PRO C 814 -5.04 -23.91 23.37
C PRO C 814 -6.46 -24.41 23.34
N SER C 815 -6.81 -25.13 22.27
CA SER C 815 -8.20 -25.45 22.02
C SER C 815 -8.32 -26.74 21.23
N LEU C 816 -9.52 -27.32 21.28
CA LEU C 816 -9.90 -28.43 20.39
C LEU C 816 -11.17 -28.05 19.64
N SER C 817 -11.32 -28.56 18.45
CA SER C 817 -12.42 -28.14 17.56
C SER C 817 -13.48 -29.20 17.56
N ILE C 818 -14.74 -28.97 17.85
CA ILE C 818 -15.82 -29.97 18.05
C ILE C 818 -16.77 -29.81 16.88
N ALA C 819 -17.53 -30.80 16.49
CA ALA C 819 -18.54 -30.70 15.45
C ALA C 819 -19.77 -31.50 15.84
N GLY C 820 -20.92 -31.07 15.34
CA GLY C 820 -22.16 -31.79 15.60
C GLY C 820 -23.22 -31.48 14.58
N ILE C 821 -24.28 -32.29 14.60
CA ILE C 821 -25.43 -32.12 13.73
C ILE C 821 -26.65 -31.94 14.61
N PRO C 822 -27.58 -31.04 14.28
CA PRO C 822 -28.83 -30.93 15.06
C PRO C 822 -29.78 -32.07 14.71
N ASN C 823 -30.28 -32.75 15.73
CA ASN C 823 -31.22 -33.84 15.51
C ASN C 823 -32.52 -33.31 14.94
N PHE C 824 -33.29 -34.21 14.31
CA PHE C 824 -34.60 -33.84 13.79
C PHE C 824 -35.51 -33.41 14.93
N ASP C 825 -36.24 -32.33 14.69
CA ASP C 825 -37.15 -31.69 15.67
C ASP C 825 -36.35 -30.57 16.30
N THR C 826 -35.04 -30.58 16.12
CA THR C 826 -34.14 -29.62 16.76
C THR C 826 -33.51 -28.74 15.69
N SER C 827 -33.66 -27.43 15.84
CA SER C 827 -33.04 -26.49 14.93
C SER C 827 -31.59 -26.25 15.31
N SER C 828 -30.84 -25.59 14.43
CA SER C 828 -29.45 -25.28 14.74
C SER C 828 -29.34 -24.41 15.97
N GLY C 829 -30.22 -23.40 16.09
CA GLY C 829 -30.17 -22.53 17.25
C GLY C 829 -30.40 -23.28 18.56
N GLU C 830 -31.35 -24.21 18.56
CA GLU C 830 -31.62 -24.98 19.78
C GLU C 830 -30.44 -25.86 20.13
N ALA C 831 -29.81 -26.49 19.13
CA ALA C 831 -28.65 -27.31 19.39
C ALA C 831 -27.50 -26.48 19.97
N MET C 832 -27.25 -25.29 19.42
CA MET C 832 -26.23 -24.42 19.98
C MET C 832 -26.59 -24.01 21.41
N ARG C 833 -27.86 -23.71 21.64
CA ARG C 833 -28.30 -23.34 22.99
C ARG C 833 -27.99 -24.45 23.98
N GLU C 834 -28.40 -25.69 23.67
CA GLU C 834 -28.21 -26.78 24.61
C GLU C 834 -26.73 -27.13 24.76
N MET C 835 -25.99 -26.91 23.72
CA MET C 835 -24.55 -27.22 23.77
C MET C 835 -23.95 -26.17 24.66
N GLU C 836 -24.37 -24.91 24.69
CA GLU C 836 -23.90 -23.90 25.64
C GLU C 836 -24.31 -24.26 27.06
N GLN C 837 -25.55 -24.71 27.25
CA GLN C 837 -25.99 -25.12 28.58
C GLN C 837 -25.10 -26.22 29.15
N LEU C 838 -24.80 -27.24 28.33
CA LEU C 838 -23.95 -28.32 28.80
C LEU C 838 -22.50 -27.90 29.00
N ILE C 839 -22.00 -26.95 28.22
CA ILE C 839 -20.67 -26.41 28.44
C ILE C 839 -20.59 -25.58 29.72
N ALA C 840 -21.68 -24.93 30.13
CA ALA C 840 -21.66 -24.18 31.37
C ALA C 840 -21.26 -25.05 32.56
N LYS C 841 -21.59 -26.35 32.49
CA LYS C 841 -21.27 -27.29 33.56
C LYS C 841 -19.93 -27.96 33.24
N LEU C 842 -18.87 -27.15 33.26
CA LEU C 842 -17.52 -27.63 32.98
C LEU C 842 -16.53 -27.02 33.96
N PRO C 843 -15.34 -27.61 34.10
CA PRO C 843 -14.36 -27.06 35.05
C PRO C 843 -14.11 -25.58 34.83
N LYS C 844 -13.56 -24.94 35.86
CA LYS C 844 -13.25 -23.52 35.79
C LYS C 844 -12.13 -23.27 34.79
N GLY C 845 -12.20 -22.12 34.11
CA GLY C 845 -11.19 -21.73 33.15
C GLY C 845 -11.38 -22.31 31.77
N ILE C 846 -12.43 -23.08 31.54
CA ILE C 846 -12.71 -23.69 30.24
C ILE C 846 -13.83 -22.89 29.58
N GLY C 847 -13.60 -22.41 28.36
CA GLY C 847 -14.58 -21.63 27.65
C GLY C 847 -14.81 -22.18 26.25
N TYR C 848 -15.75 -21.56 25.56
CA TYR C 848 -16.14 -21.98 24.21
C TYR C 848 -16.25 -20.78 23.30
N GLU C 849 -16.09 -21.03 22.00
CA GLU C 849 -16.23 -19.96 20.99
C GLU C 849 -16.84 -20.57 19.72
N TRP C 850 -17.91 -19.96 19.19
CA TRP C 850 -18.57 -20.44 17.99
C TRP C 850 -17.86 -19.88 16.76
N THR C 851 -17.56 -20.76 15.81
CA THR C 851 -16.76 -20.41 14.64
C THR C 851 -17.48 -20.80 13.36
N GLY C 852 -17.08 -20.16 12.27
CA GLY C 852 -17.63 -20.52 10.97
C GLY C 852 -19.12 -20.25 10.89
N ILE C 853 -19.87 -21.27 10.48
CA ILE C 853 -21.30 -21.12 10.26
C ILE C 853 -21.99 -20.69 11.55
N SER C 854 -21.55 -21.24 12.69
CA SER C 854 -22.19 -20.93 13.96
C SER C 854 -22.04 -19.45 14.31
N LEU C 855 -20.85 -18.89 14.07
CA LEU C 855 -20.64 -17.47 14.39
C LEU C 855 -21.58 -16.58 13.58
N GLN C 856 -21.71 -16.86 12.29
CA GLN C 856 -22.59 -16.06 11.45
C GLN C 856 -24.06 -16.27 11.82
N GLU C 857 -24.43 -17.50 12.19
CA GLU C 857 -25.79 -17.74 12.66
C GLU C 857 -26.10 -16.95 13.92
N LYS C 858 -25.17 -16.92 14.88
CA LYS C 858 -25.37 -16.12 16.08
C LYS C 858 -25.46 -14.64 15.75
N GLN C 859 -24.59 -14.17 14.86
CA GLN C 859 -24.62 -12.77 14.46
C GLN C 859 -25.93 -12.39 13.79
N SER C 860 -26.50 -13.28 12.97
CA SER C 860 -27.75 -12.97 12.30
C SER C 860 -28.87 -12.71 13.30
N GLU C 861 -28.95 -13.53 14.34
CA GLU C 861 -29.96 -13.34 15.39
C GLU C 861 -29.55 -12.27 16.41
N SER C 862 -28.31 -11.80 16.36
CA SER C 862 -27.85 -10.76 17.28
C SER C 862 -28.08 -9.35 16.75
N GLN C 863 -28.71 -9.21 15.59
CA GLN C 863 -28.98 -7.90 15.01
C GLN C 863 -30.41 -7.76 14.48
N MET C 864 -31.20 -8.83 14.49
CA MET C 864 -32.51 -8.78 13.85
C MET C 864 -33.38 -7.67 14.44
N ALA C 865 -33.34 -7.51 15.76
CA ALA C 865 -34.12 -6.44 16.39
C ALA C 865 -33.68 -5.08 15.86
N PHE C 866 -32.36 -4.86 15.75
CA PHE C 866 -31.87 -3.58 15.24
C PHE C 866 -32.27 -3.37 13.78
N LEU C 867 -32.20 -4.43 12.97
CA LEU C 867 -32.58 -4.30 11.57
C LEU C 867 -34.06 -3.95 11.44
N LEU C 868 -34.92 -4.64 12.18
CA LEU C 868 -36.35 -4.33 12.13
C LEU C 868 -36.62 -2.91 12.62
N GLY C 869 -35.98 -2.50 13.71
CA GLY C 869 -36.19 -1.16 14.21
C GLY C 869 -35.75 -0.10 13.21
N LEU C 870 -34.59 -0.32 12.58
CA LEU C 870 -34.10 0.65 11.60
C LEU C 870 -35.01 0.71 10.38
N SER C 871 -35.49 -0.44 9.91
CA SER C 871 -36.41 -0.43 8.77
C SER C 871 -37.69 0.30 9.10
N MET C 872 -38.16 0.07 10.32
CA MET C 872 -39.44 0.71 10.71
C MET C 872 -39.20 2.19 10.98
N LEU C 873 -38.12 2.64 11.40
CA LEU C 873 -37.83 4.06 11.53
C LEU C 873 -37.65 4.71 10.16
N VAL C 874 -36.98 4.01 9.24
CA VAL C 874 -36.76 4.56 7.91
C VAL C 874 -38.08 4.78 7.20
N VAL C 875 -38.96 3.77 7.23
CA VAL C 875 -40.26 3.93 6.57
C VAL C 875 -41.06 5.05 7.23
N PHE C 876 -41.04 5.10 8.56
CA PHE C 876 -41.75 6.16 9.28
C PHE C 876 -41.29 7.53 8.81
N LEU C 877 -39.97 7.75 8.84
CA LEU C 877 -39.45 9.08 8.49
C LEU C 877 -39.73 9.41 7.03
N VAL C 878 -39.57 8.43 6.13
CA VAL C 878 -39.82 8.71 4.71
C VAL C 878 -41.27 9.09 4.49
N LEU C 879 -42.20 8.33 5.08
CA LEU C 879 -43.61 8.65 4.89
C LEU C 879 -43.97 10.00 5.50
N ALA C 880 -43.45 10.28 6.71
CA ALA C 880 -43.76 11.55 7.35
C ALA C 880 -43.25 12.72 6.53
N ALA C 881 -42.01 12.62 6.03
CA ALA C 881 -41.46 13.70 5.21
C ALA C 881 -42.24 13.85 3.91
N LEU C 882 -42.59 12.73 3.27
CA LEU C 882 -43.27 12.80 1.99
C LEU C 882 -44.66 13.41 2.14
N TYR C 883 -45.39 13.06 3.20
CA TYR C 883 -46.75 13.51 3.39
C TYR C 883 -46.88 14.58 4.46
N GLU C 884 -45.81 14.91 5.17
CA GLU C 884 -45.79 16.03 6.12
C GLU C 884 -46.94 15.92 7.12
N SER C 885 -47.15 14.72 7.66
CA SER C 885 -48.17 14.50 8.65
C SER C 885 -47.72 13.41 9.61
N TRP C 886 -48.33 13.40 10.81
CA TRP C 886 -48.01 12.43 11.84
C TRP C 886 -48.98 11.27 11.90
N ALA C 887 -50.25 11.50 11.56
CA ALA C 887 -51.24 10.43 11.60
C ALA C 887 -50.93 9.35 10.59
N ILE C 888 -50.51 9.73 9.39
CA ILE C 888 -50.28 8.75 8.33
C ILE C 888 -49.19 7.75 8.71
N PRO C 889 -48.00 8.17 9.14
CA PRO C 889 -46.97 7.17 9.48
C PRO C 889 -47.37 6.24 10.61
N LEU C 890 -47.98 6.77 11.68
CA LEU C 890 -48.39 5.90 12.78
C LEU C 890 -49.47 4.93 12.34
N SER C 891 -50.44 5.41 11.56
CA SER C 891 -51.47 4.50 11.03
C SER C 891 -50.85 3.42 10.17
N VAL C 892 -49.81 3.77 9.41
CA VAL C 892 -49.11 2.76 8.61
C VAL C 892 -48.41 1.76 9.53
N MET C 893 -47.92 2.23 10.67
CA MET C 893 -47.33 1.32 11.66
C MET C 893 -48.33 0.42 12.33
N LEU C 894 -49.61 0.82 12.44
CA LEU C 894 -50.56 0.01 13.18
C LEU C 894 -51.00 -1.23 12.40
N VAL C 895 -50.36 -1.55 11.27
CA VAL C 895 -50.76 -2.69 10.46
C VAL C 895 -49.68 -3.76 10.32
N VAL C 896 -48.41 -3.40 10.46
CA VAL C 896 -47.33 -4.35 10.20
C VAL C 896 -47.30 -5.46 11.25
N PRO C 897 -47.77 -5.24 12.49
CA PRO C 897 -48.00 -6.39 13.36
C PRO C 897 -48.81 -7.50 12.71
N LEU C 898 -49.83 -7.17 11.92
CA LEU C 898 -50.64 -8.19 11.27
C LEU C 898 -49.85 -8.91 10.18
N GLY C 899 -49.02 -8.18 9.44
CA GLY C 899 -48.17 -8.81 8.45
C GLY C 899 -47.20 -9.80 9.07
N ILE C 900 -46.61 -9.43 10.22
CA ILE C 900 -45.74 -10.38 10.92
C ILE C 900 -46.56 -11.55 11.45
N PHE C 901 -47.76 -11.28 11.94
CA PHE C 901 -48.61 -12.33 12.50
C PHE C 901 -48.91 -13.41 11.46
N GLY C 902 -49.28 -12.99 10.25
CA GLY C 902 -49.61 -13.96 9.22
C GLY C 902 -48.45 -14.89 8.90
N ALA C 903 -47.26 -14.32 8.69
CA ALA C 903 -46.10 -15.13 8.37
C ALA C 903 -45.75 -16.05 9.54
N ILE C 904 -45.85 -15.56 10.77
CA ILE C 904 -45.51 -16.38 11.93
C ILE C 904 -46.46 -17.58 12.01
N ILE C 905 -47.76 -17.34 11.86
CA ILE C 905 -48.71 -18.44 11.96
C ILE C 905 -48.49 -19.43 10.82
N ALA C 906 -48.18 -18.93 9.63
CA ALA C 906 -47.92 -19.83 8.51
C ALA C 906 -46.72 -20.71 8.77
N ILE C 907 -45.62 -20.13 9.26
CA ILE C 907 -44.41 -20.93 9.47
C ILE C 907 -44.62 -21.93 10.60
N MET C 908 -45.36 -21.54 11.65
CA MET C 908 -45.68 -22.51 12.69
C MET C 908 -46.53 -23.65 12.14
N SER C 909 -47.49 -23.31 11.27
CA SER C 909 -48.35 -24.34 10.69
C SER C 909 -47.54 -25.33 9.87
N ARG C 910 -46.61 -24.84 9.05
CA ARG C 910 -45.79 -25.71 8.22
C ARG C 910 -44.56 -26.22 8.94
N GLY C 911 -44.22 -25.67 10.10
CA GLY C 911 -43.09 -26.15 10.88
C GLY C 911 -41.74 -25.61 10.46
N LEU C 912 -41.67 -24.80 9.41
CA LEU C 912 -40.39 -24.24 8.99
C LEU C 912 -39.86 -23.29 10.05
N MET C 913 -38.55 -23.38 10.30
CA MET C 913 -37.92 -22.58 11.35
C MET C 913 -37.70 -21.15 10.87
N ASN C 914 -37.39 -20.27 11.82
CA ASN C 914 -37.08 -18.88 11.52
C ASN C 914 -35.65 -18.81 10.99
N ASP C 915 -35.49 -18.39 9.73
CA ASP C 915 -34.20 -18.31 9.10
C ASP C 915 -34.09 -16.98 8.35
N VAL C 916 -32.98 -16.82 7.63
CA VAL C 916 -32.72 -15.56 6.93
C VAL C 916 -33.84 -15.27 5.93
N PHE C 917 -34.21 -16.28 5.13
CA PHE C 917 -35.26 -16.06 4.13
C PHE C 917 -36.53 -15.54 4.80
N PHE C 918 -36.85 -16.05 5.98
CA PHE C 918 -37.97 -15.52 6.73
C PHE C 918 -37.75 -14.05 7.08
N LYS C 919 -36.51 -13.66 7.37
CA LYS C 919 -36.23 -12.27 7.70
C LYS C 919 -36.43 -11.36 6.49
N ILE C 920 -35.95 -11.79 5.33
CA ILE C 920 -36.22 -11.03 4.10
C ILE C 920 -37.72 -10.94 3.86
N GLY C 921 -38.44 -12.03 4.14
CA GLY C 921 -39.88 -11.98 4.02
C GLY C 921 -40.51 -10.95 4.94
N LEU C 922 -40.04 -10.88 6.18
CA LEU C 922 -40.55 -9.87 7.11
C LEU C 922 -40.29 -8.46 6.60
N ILE C 923 -39.06 -8.21 6.10
CA ILE C 923 -38.75 -6.88 5.59
C ILE C 923 -39.63 -6.55 4.40
N THR C 924 -39.85 -7.51 3.50
CA THR C 924 -40.72 -7.27 2.35
C THR C 924 -42.15 -6.98 2.78
N ILE C 925 -42.68 -7.76 3.72
CA ILE C 925 -44.03 -7.54 4.23
C ILE C 925 -44.17 -6.21 4.95
N ILE C 926 -43.11 -5.69 5.55
CA ILE C 926 -43.18 -4.35 6.12
C ILE C 926 -43.58 -3.35 5.04
N GLY C 927 -42.88 -3.38 3.90
CA GLY C 927 -43.20 -2.46 2.82
C GLY C 927 -44.56 -2.74 2.19
N LEU C 928 -44.91 -4.02 2.08
CA LEU C 928 -46.21 -4.36 1.51
C LEU C 928 -47.36 -3.84 2.38
N SER C 929 -47.26 -4.02 3.69
CA SER C 929 -48.28 -3.48 4.59
C SER C 929 -48.27 -1.96 4.58
N ALA C 930 -47.08 -1.36 4.43
CA ALA C 930 -47.02 0.10 4.29
C ALA C 930 -47.80 0.55 3.06
N LYS C 931 -47.65 -0.21 1.96
CA LYS C 931 -48.34 0.12 0.69
C LYS C 931 -49.84 -0.07 0.86
N ASN C 932 -50.29 -1.05 1.63
CA ASN C 932 -51.70 -1.26 1.89
C ASN C 932 -52.28 -0.13 2.73
N ALA C 933 -51.55 0.28 3.76
CA ALA C 933 -52.04 1.35 4.62
C ALA C 933 -52.06 2.69 3.89
N ILE C 934 -51.05 2.96 3.06
CA ILE C 934 -51.00 4.22 2.32
C ILE C 934 -52.19 4.33 1.39
N LEU C 935 -52.48 3.28 0.61
CA LEU C 935 -53.51 3.42 -0.41
C LEU C 935 -54.85 3.86 0.15
N ILE C 936 -55.13 3.58 1.43
CA ILE C 936 -56.39 3.94 2.05
C ILE C 936 -56.28 5.23 2.86
N VAL C 937 -55.22 5.36 3.66
CA VAL C 937 -55.09 6.55 4.50
C VAL C 937 -54.93 7.80 3.65
N GLU C 938 -54.26 7.67 2.50
CA GLU C 938 -54.13 8.80 1.60
C GLU C 938 -55.49 9.37 1.24
N PHE C 939 -56.35 8.54 0.64
CA PHE C 939 -57.63 9.05 0.17
C PHE C 939 -58.50 9.48 1.34
N ALA C 940 -58.35 8.83 2.50
CA ALA C 940 -59.08 9.30 3.68
C ALA C 940 -58.67 10.72 4.05
N LYS C 941 -57.36 10.98 4.08
CA LYS C 941 -56.88 12.32 4.43
C LYS C 941 -57.32 13.35 3.40
N MET C 942 -57.27 13.00 2.11
CA MET C 942 -57.74 13.94 1.10
C MET C 942 -59.23 14.23 1.28
N LEU C 943 -60.05 13.19 1.45
CA LEU C 943 -61.48 13.42 1.66
C LEU C 943 -61.72 14.30 2.88
N LYS C 944 -60.89 14.15 3.91
CA LYS C 944 -60.94 15.09 5.02
C LYS C 944 -60.61 16.50 4.54
N GLU C 945 -59.63 16.62 3.65
CA GLU C 945 -59.25 17.94 3.14
C GLU C 945 -60.40 18.63 2.43
N GLU C 946 -61.13 17.89 1.59
CA GLU C 946 -62.30 18.48 0.94
C GLU C 946 -63.41 18.80 1.93
N GLY C 947 -63.32 18.32 3.17
CA GLY C 947 -64.31 18.59 4.18
C GLY C 947 -65.26 17.45 4.48
N MET C 948 -65.10 16.30 3.83
CA MET C 948 -65.93 15.14 4.15
C MET C 948 -65.69 14.71 5.59
N SER C 949 -66.75 14.27 6.24
CA SER C 949 -66.63 13.80 7.63
C SER C 949 -65.60 12.68 7.70
N LEU C 950 -64.79 12.70 8.76
CA LEU C 950 -63.64 11.79 8.83
C LEU C 950 -64.09 10.33 8.76
N ILE C 951 -65.13 9.96 9.50
CA ILE C 951 -65.59 8.58 9.48
C ILE C 951 -66.20 8.25 8.11
N GLU C 952 -67.09 9.12 7.64
CA GLU C 952 -67.71 8.90 6.33
C GLU C 952 -66.67 9.01 5.22
N ALA C 953 -65.65 9.85 5.41
CA ALA C 953 -64.55 9.91 4.46
C ALA C 953 -63.80 8.59 4.40
N THR C 954 -63.44 8.05 5.57
CA THR C 954 -62.64 6.83 5.63
C THR C 954 -63.41 5.64 5.06
N VAL C 955 -64.69 5.51 5.39
CA VAL C 955 -65.47 4.36 4.92
C VAL C 955 -65.58 4.42 3.40
N ALA C 956 -65.86 5.59 2.85
CA ALA C 956 -65.97 5.73 1.40
C ALA C 956 -64.62 5.50 0.72
N ALA C 957 -63.54 5.98 1.34
CA ALA C 957 -62.21 5.74 0.79
C ALA C 957 -61.89 4.26 0.75
N ALA C 958 -62.24 3.54 1.82
CA ALA C 958 -62.03 2.10 1.84
C ALA C 958 -62.85 1.42 0.75
N LYS C 959 -64.11 1.83 0.59
CA LYS C 959 -64.95 1.22 -0.43
C LYS C 959 -64.36 1.45 -1.82
N LEU C 960 -63.85 2.66 -2.08
CA LEU C 960 -63.33 2.98 -3.40
C LEU C 960 -62.01 2.27 -3.67
N ARG C 961 -61.11 2.23 -2.68
CA ARG C 961 -59.76 1.72 -2.86
C ARG C 961 -59.64 0.24 -2.51
N LEU C 962 -60.75 -0.42 -2.17
CA LEU C 962 -60.69 -1.84 -1.89
C LEU C 962 -60.14 -2.63 -3.08
N ARG C 963 -60.53 -2.25 -4.29
CA ARG C 963 -60.13 -3.04 -5.46
C ARG C 963 -58.62 -3.05 -5.64
N PRO C 964 -57.93 -1.92 -5.82
CA PRO C 964 -56.48 -1.99 -6.09
C PRO C 964 -55.68 -2.67 -4.99
N ILE C 965 -56.09 -2.51 -3.72
CA ILE C 965 -55.40 -3.20 -2.63
C ILE C 965 -55.43 -4.71 -2.87
N LEU C 966 -56.63 -5.24 -3.17
CA LEU C 966 -56.75 -6.65 -3.51
C LEU C 966 -55.94 -6.99 -4.75
N MET C 967 -55.95 -6.11 -5.71
CA MET C 967 -55.28 -6.43 -6.98
C MET C 967 -53.77 -6.56 -6.75
N THR C 968 -53.15 -5.75 -5.91
CA THR C 968 -51.69 -5.81 -5.64
C THR C 968 -51.34 -6.84 -4.57
N SER C 969 -52.22 -7.16 -3.64
CA SER C 969 -51.98 -8.24 -2.68
C SER C 969 -52.07 -9.60 -3.34
N LEU C 970 -53.12 -9.84 -4.12
CA LEU C 970 -53.28 -11.13 -4.75
C LEU C 970 -52.26 -11.34 -5.85
N ALA C 971 -51.85 -10.27 -6.53
CA ALA C 971 -50.78 -10.42 -7.51
C ALA C 971 -49.48 -10.88 -6.86
N PHE C 972 -49.13 -10.31 -5.71
CA PHE C 972 -47.93 -10.77 -5.00
C PHE C 972 -48.09 -12.20 -4.52
N THR C 973 -49.28 -12.54 -4.00
CA THR C 973 -49.50 -13.92 -3.55
C THR C 973 -49.33 -14.90 -4.70
N CYS C 974 -49.81 -14.53 -5.89
CA CYS C 974 -49.65 -15.39 -7.05
C CYS C 974 -48.17 -15.61 -7.35
N GLY C 975 -47.38 -14.54 -7.24
CA GLY C 975 -45.95 -14.69 -7.44
C GLY C 975 -45.31 -15.64 -6.45
N VAL C 976 -45.79 -15.64 -5.21
CA VAL C 976 -45.14 -16.47 -4.20
C VAL C 976 -45.65 -17.93 -4.24
N ILE C 977 -46.86 -18.16 -4.79
CA ILE C 977 -47.38 -19.54 -4.84
C ILE C 977 -46.40 -20.50 -5.51
N PRO C 978 -45.73 -20.16 -6.61
CA PRO C 978 -44.79 -21.13 -7.20
C PRO C 978 -43.77 -21.63 -6.19
N LEU C 979 -43.33 -20.77 -5.28
CA LEU C 979 -42.32 -21.19 -4.30
C LEU C 979 -42.91 -22.11 -3.23
N VAL C 980 -44.10 -21.78 -2.71
CA VAL C 980 -44.64 -22.53 -1.57
C VAL C 980 -44.92 -23.97 -1.98
N ILE C 981 -45.54 -24.16 -3.14
CA ILE C 981 -45.82 -25.51 -3.66
C ILE C 981 -44.70 -25.84 -4.64
N ALA C 982 -43.64 -26.44 -4.11
CA ALA C 982 -42.46 -26.82 -4.89
C ALA C 982 -42.14 -28.29 -4.67
N THR C 983 -41.77 -28.97 -5.75
CA THR C 983 -41.42 -30.39 -5.70
C THR C 983 -39.98 -30.66 -6.13
N GLY C 984 -39.21 -29.60 -6.42
CA GLY C 984 -37.85 -29.79 -6.88
C GLY C 984 -36.86 -30.01 -5.75
N ALA C 985 -35.59 -30.18 -6.14
CA ALA C 985 -34.53 -30.36 -5.16
C ALA C 985 -34.35 -29.11 -4.30
N SER C 986 -34.63 -27.94 -4.86
CA SER C 986 -34.56 -26.68 -4.12
C SER C 986 -35.86 -26.38 -3.39
N SER C 987 -36.67 -27.40 -3.11
CA SER C 987 -37.98 -27.17 -2.50
C SER C 987 -37.85 -26.52 -1.13
N GLU C 988 -36.88 -26.96 -0.33
CA GLU C 988 -36.73 -26.41 1.02
C GLU C 988 -36.42 -24.92 0.98
N THR C 989 -35.47 -24.52 0.14
CA THR C 989 -35.10 -23.12 0.06
C THR C 989 -36.25 -22.26 -0.43
N GLN C 990 -36.99 -22.74 -1.43
CA GLN C 990 -38.13 -21.98 -1.94
C GLN C 990 -39.23 -21.88 -0.90
N HIS C 991 -39.49 -22.96 -0.16
CA HIS C 991 -40.50 -22.91 0.89
C HIS C 991 -40.11 -21.90 1.97
N ALA C 992 -38.86 -21.93 2.41
CA ALA C 992 -38.43 -21.02 3.48
C ALA C 992 -38.64 -19.57 3.10
N LEU C 993 -38.55 -19.26 1.80
CA LEU C 993 -38.70 -17.90 1.31
C LEU C 993 -40.14 -17.57 0.90
N GLY C 994 -40.97 -18.57 0.65
CA GLY C 994 -42.31 -18.32 0.15
C GLY C 994 -43.43 -18.44 1.18
N THR C 995 -43.32 -19.41 2.10
CA THR C 995 -44.40 -19.64 3.04
C THR C 995 -44.64 -18.42 3.92
N GLY C 996 -43.57 -17.85 4.47
CA GLY C 996 -43.73 -16.70 5.35
C GLY C 996 -44.34 -15.51 4.63
N VAL C 997 -43.85 -15.22 3.43
CA VAL C 997 -44.39 -14.07 2.70
C VAL C 997 -45.85 -14.31 2.30
N PHE C 998 -46.18 -15.54 1.91
CA PHE C 998 -47.57 -15.84 1.57
C PHE C 998 -48.49 -15.60 2.76
N GLY C 999 -48.15 -16.17 3.91
CA GLY C 999 -48.96 -15.97 5.09
C GLY C 999 -49.03 -14.51 5.50
N GLY C 1000 -47.90 -13.81 5.43
CA GLY C 1000 -47.88 -12.41 5.82
C GLY C 1000 -48.76 -11.55 4.93
N MET C 1001 -48.68 -11.75 3.61
CA MET C 1001 -49.56 -11.02 2.71
C MET C 1001 -51.02 -11.33 2.97
N ILE C 1002 -51.37 -12.62 3.12
CA ILE C 1002 -52.76 -12.97 3.34
C ILE C 1002 -53.29 -12.26 4.58
N SER C 1003 -52.57 -12.41 5.70
CA SER C 1003 -53.03 -11.81 6.96
C SER C 1003 -53.06 -10.29 6.85
N ALA C 1004 -51.98 -9.70 6.32
CA ALA C 1004 -51.92 -8.24 6.23
C ALA C 1004 -53.11 -7.70 5.47
N THR C 1005 -53.35 -8.20 4.27
CA THR C 1005 -54.44 -7.66 3.45
C THR C 1005 -55.79 -7.91 4.13
N ILE C 1006 -56.06 -9.15 4.55
CA ILE C 1006 -57.39 -9.48 5.04
C ILE C 1006 -57.71 -8.70 6.30
N LEU C 1007 -56.74 -8.61 7.22
CA LEU C 1007 -56.99 -7.88 8.46
C LEU C 1007 -56.95 -6.38 8.24
N ALA C 1008 -56.15 -5.90 7.28
CA ALA C 1008 -56.00 -4.47 7.07
C ALA C 1008 -57.27 -3.88 6.49
N ILE C 1009 -57.87 -4.53 5.49
CA ILE C 1009 -59.08 -3.99 4.88
C ILE C 1009 -60.14 -3.71 5.95
N PHE C 1010 -60.05 -4.40 7.09
CA PHE C 1010 -61.03 -4.18 8.16
C PHE C 1010 -60.52 -3.21 9.21
N PHE C 1011 -59.23 -3.27 9.54
CA PHE C 1011 -58.71 -2.57 10.71
C PHE C 1011 -58.08 -1.22 10.39
N VAL C 1012 -57.42 -1.09 9.23
CA VAL C 1012 -56.67 0.15 8.96
C VAL C 1012 -57.57 1.37 9.05
N PRO C 1013 -58.78 1.38 8.52
CA PRO C 1013 -59.67 2.53 8.77
C PRO C 1013 -59.86 2.80 10.25
N VAL C 1014 -59.99 1.74 11.06
CA VAL C 1014 -60.17 1.93 12.50
C VAL C 1014 -58.92 2.57 13.10
N PHE C 1015 -57.74 2.11 12.67
CA PHE C 1015 -56.51 2.70 13.17
C PHE C 1015 -56.41 4.18 12.80
N PHE C 1016 -56.76 4.52 11.56
CA PHE C 1016 -56.73 5.91 11.13
C PHE C 1016 -57.70 6.76 11.95
N ILE C 1017 -58.91 6.25 12.17
CA ILE C 1017 -59.91 7.00 12.93
C ILE C 1017 -59.43 7.21 14.37
N PHE C 1018 -58.83 6.17 14.96
CA PHE C 1018 -58.39 6.29 16.35
C PHE C 1018 -57.19 7.22 16.48
N ILE C 1019 -56.27 7.20 15.52
CA ILE C 1019 -55.14 8.13 15.59
C ILE C 1019 -55.61 9.56 15.37
N LEU C 1020 -56.58 9.77 14.49
CA LEU C 1020 -57.17 11.10 14.38
C LEU C 1020 -57.86 11.50 15.67
N GLY C 1021 -58.52 10.55 16.33
CA GLY C 1021 -59.11 10.84 17.63
C GLY C 1021 -58.08 11.32 18.63
N ALA C 1022 -56.95 10.62 18.71
CA ALA C 1022 -55.85 11.10 19.54
C ALA C 1022 -55.38 12.47 19.08
N VAL C 1023 -55.47 12.75 17.78
CA VAL C 1023 -55.05 14.04 17.27
C VAL C 1023 -55.89 15.16 17.85
N GLU C 1024 -57.22 15.03 17.80
CA GLU C 1024 -58.02 16.13 18.38
C GLU C 1024 -57.98 16.07 19.90
N LYS C 1025 -57.61 14.93 20.47
CA LYS C 1025 -57.31 14.89 21.90
C LYS C 1025 -56.15 15.81 22.23
N LEU C 1026 -55.10 15.77 21.40
CA LEU C 1026 -54.00 16.72 21.57
C LEU C 1026 -54.48 18.15 21.33
N PHE C 1027 -55.30 18.36 20.31
CA PHE C 1027 -55.78 19.69 19.96
C PHE C 1027 -57.30 19.73 19.98
#